data_2MGS
#
_entry.id   2MGS
#
_entity_poly.entity_id   1
_entity_poly.type   'polypeptide(L)'
_entity_poly.pdbx_seq_one_letter_code
;AGPAAAVLRELRCVCLQTTQGVHPKMISNLQVFAIGPQCSKVEVVASLKNGKEICLDPEAPFLKKVIQKILDGGNKEN
;
_entity_poly.pdbx_strand_id   A,B
#
# COMPACT_ATOMS: atom_id res chain seq x y z
N LEU A 8 14.86 -15.93 17.05
CA LEU A 8 15.76 -15.85 15.88
C LEU A 8 16.25 -17.27 15.49
N ARG A 9 15.36 -17.96 14.80
CA ARG A 9 15.64 -19.34 14.34
C ARG A 9 15.29 -19.52 12.87
N GLU A 10 13.99 -19.40 12.57
CA GLU A 10 13.42 -19.66 11.25
C GLU A 10 12.16 -18.84 11.02
N LEU A 11 12.27 -17.93 10.06
CA LEU A 11 11.16 -17.05 9.67
C LEU A 11 10.91 -17.16 8.16
N ARG A 12 9.62 -17.15 7.84
CA ARG A 12 9.16 -17.33 6.46
C ARG A 12 8.69 -15.98 5.92
N CYS A 13 8.88 -15.76 4.62
CA CYS A 13 8.34 -14.57 3.95
C CYS A 13 6.83 -14.49 4.18
N VAL A 14 6.30 -13.26 4.18
CA VAL A 14 4.84 -13.04 4.34
C VAL A 14 4.04 -13.72 3.21
N CYS A 15 4.68 -13.79 2.05
CA CYS A 15 4.13 -14.42 0.83
C CYS A 15 4.99 -15.58 0.37
N LEU A 16 4.49 -16.78 0.63
CA LEU A 16 5.14 -18.02 0.16
C LEU A 16 4.80 -18.38 -1.30
N GLN A 17 3.59 -18.06 -1.70
CA GLN A 17 3.06 -18.33 -3.04
C GLN A 17 2.85 -17.01 -3.80
N THR A 18 2.34 -17.16 -5.01
CA THR A 18 2.04 -16.03 -5.91
C THR A 18 0.61 -16.13 -6.45
N THR A 19 0.30 -15.25 -7.40
CA THR A 19 -1.01 -15.14 -8.07
C THR A 19 -0.85 -14.45 -9.44
N GLN A 20 -1.77 -14.80 -10.33
CA GLN A 20 -1.89 -14.25 -11.68
C GLN A 20 -3.31 -13.75 -11.97
N GLY A 21 -3.62 -12.63 -11.33
CA GLY A 21 -4.90 -11.96 -11.60
C GLY A 21 -4.79 -11.06 -12.84
N VAL A 22 -5.80 -10.30 -13.26
CA VAL A 22 -7.15 -9.93 -12.74
C VAL A 22 -7.33 -8.43 -13.03
N HIS A 23 -8.39 -7.83 -12.51
CA HIS A 23 -8.61 -6.38 -12.62
C HIS A 23 -8.63 -5.74 -11.22
N PRO A 24 -8.08 -4.53 -11.11
CA PRO A 24 -8.12 -3.69 -9.88
C PRO A 24 -9.53 -3.53 -9.31
N LYS A 25 -10.54 -3.73 -10.15
CA LYS A 25 -11.96 -3.63 -9.78
C LYS A 25 -12.31 -4.47 -8.54
N MET A 26 -11.60 -5.58 -8.35
CA MET A 26 -11.85 -6.45 -7.20
C MET A 26 -11.02 -6.03 -5.98
N ILE A 27 -9.93 -5.30 -6.23
CA ILE A 27 -9.04 -4.83 -5.16
C ILE A 27 -9.60 -3.57 -4.49
N SER A 28 -9.28 -3.39 -3.20
CA SER A 28 -9.72 -2.23 -2.45
C SER A 28 -8.64 -1.75 -1.48
N ASN A 29 -7.84 -2.68 -0.98
CA ASN A 29 -6.76 -2.35 -0.05
C ASN A 29 -5.43 -2.96 -0.50
N LEU A 30 -4.41 -2.12 -0.66
CA LEU A 30 -3.09 -2.59 -1.09
C LEU A 30 -2.04 -2.36 -0.01
N GLN A 31 -1.43 -3.44 0.46
CA GLN A 31 -0.39 -3.35 1.50
C GLN A 31 0.97 -3.73 0.91
N VAL A 32 1.91 -2.80 0.98
CA VAL A 32 3.26 -3.02 0.46
C VAL A 32 4.29 -3.03 1.58
N PHE A 33 5.08 -4.10 1.63
CA PHE A 33 6.11 -4.25 2.66
C PHE A 33 7.50 -4.29 2.03
N ALA A 34 8.45 -3.59 2.66
CA ALA A 34 9.83 -3.56 2.16
C ALA A 34 10.64 -4.75 2.67
N ILE A 35 11.97 -4.59 2.65
CA ILE A 35 12.88 -5.64 3.11
C ILE A 35 12.84 -5.77 4.64
N GLY A 36 12.63 -7.00 5.11
CA GLY A 36 12.56 -7.25 6.54
C GLY A 36 13.54 -8.33 6.99
N PRO A 37 13.49 -8.71 8.28
CA PRO A 37 14.38 -9.74 8.85
C PRO A 37 13.96 -11.16 8.45
N GLN A 38 12.78 -11.28 7.86
CA GLN A 38 12.24 -12.59 7.44
C GLN A 38 12.23 -12.77 5.91
N CYS A 39 12.27 -11.65 5.19
CA CYS A 39 12.22 -11.68 3.74
C CYS A 39 13.05 -10.54 3.14
N SER A 40 14.02 -10.89 2.30
CA SER A 40 14.88 -9.90 1.66
C SER A 40 14.29 -9.43 0.33
N LYS A 41 13.17 -10.04 -0.06
CA LYS A 41 12.50 -9.68 -1.31
C LYS A 41 11.20 -8.94 -1.05
N VAL A 42 10.95 -7.89 -1.83
CA VAL A 42 9.73 -7.11 -1.69
C VAL A 42 8.53 -7.87 -2.26
N GLU A 43 7.44 -7.91 -1.50
CA GLU A 43 6.24 -8.62 -1.92
C GLU A 43 5.02 -7.72 -1.81
N VAL A 44 4.23 -7.64 -2.88
CA VAL A 44 3.04 -6.79 -2.88
C VAL A 44 1.76 -7.57 -2.64
N VAL A 45 1.22 -7.42 -1.44
CA VAL A 45 -0.03 -8.07 -1.04
C VAL A 45 -1.24 -7.15 -1.28
N ALA A 46 -2.38 -7.75 -1.55
CA ALA A 46 -3.64 -7.02 -1.82
C ALA A 46 -4.83 -7.72 -1.16
N SER A 47 -5.84 -6.92 -0.86
CA SER A 47 -7.11 -7.42 -0.28
C SER A 47 -8.29 -7.01 -1.15
N LEU A 48 -9.18 -7.97 -1.42
CA LEU A 48 -10.37 -7.74 -2.22
C LEU A 48 -11.46 -7.05 -1.41
N LYS A 49 -12.54 -6.65 -2.09
CA LYS A 49 -13.66 -5.98 -1.43
C LYS A 49 -14.51 -6.98 -0.66
N ASN A 50 -14.38 -8.26 -1.03
CA ASN A 50 -15.13 -9.33 -0.38
C ASN A 50 -14.55 -9.64 1.00
N GLY A 51 -13.23 -9.50 1.14
CA GLY A 51 -12.58 -9.77 2.40
C GLY A 51 -11.55 -10.88 2.30
N LYS A 52 -10.74 -10.84 1.25
CA LYS A 52 -9.71 -11.86 1.04
C LYS A 52 -8.35 -11.21 0.83
N GLU A 53 -7.29 -11.99 1.06
CA GLU A 53 -5.92 -11.50 0.90
C GLU A 53 -5.10 -12.49 0.07
N ILE A 54 -4.44 -11.96 -0.94
CA ILE A 54 -3.57 -12.77 -1.81
C ILE A 54 -2.19 -12.14 -1.91
N CYS A 55 -1.32 -12.80 -2.66
CA CYS A 55 0.03 -12.32 -2.93
C CYS A 55 0.28 -12.30 -4.43
N LEU A 56 0.92 -11.22 -4.85
CA LEU A 56 1.22 -11.03 -6.26
C LEU A 56 2.74 -11.08 -6.46
N ASP A 57 3.19 -11.46 -7.65
CA ASP A 57 4.63 -11.51 -7.92
C ASP A 57 5.06 -10.32 -8.77
N PRO A 58 5.89 -9.39 -8.21
CA PRO A 58 6.38 -8.19 -8.93
C PRO A 58 7.07 -8.53 -10.25
N GLU A 59 7.43 -9.80 -10.37
CA GLU A 59 8.09 -10.35 -11.57
C GLU A 59 7.21 -10.32 -12.83
N ALA A 60 5.90 -10.14 -12.64
CA ALA A 60 4.96 -10.12 -13.76
C ALA A 60 4.58 -8.66 -14.12
N PRO A 61 4.57 -8.34 -15.42
CA PRO A 61 4.25 -6.99 -15.94
C PRO A 61 2.81 -6.55 -15.66
N PHE A 62 1.87 -7.48 -15.84
CA PHE A 62 0.43 -7.23 -15.55
C PHE A 62 0.20 -6.90 -14.07
N LEU A 63 1.09 -7.40 -13.23
CA LEU A 63 1.03 -7.14 -11.81
C LEU A 63 1.28 -5.67 -11.53
N LYS A 64 2.27 -5.11 -12.22
CA LYS A 64 2.64 -3.70 -12.08
C LYS A 64 1.53 -2.78 -12.58
N LYS A 65 0.71 -3.30 -13.48
CA LYS A 65 -0.43 -2.56 -14.07
C LYS A 65 -1.61 -2.41 -13.12
N VAL A 66 -2.09 -3.55 -12.61
CA VAL A 66 -3.20 -3.54 -11.66
C VAL A 66 -2.81 -2.79 -10.36
N ILE A 67 -1.51 -2.81 -10.00
CA ILE A 67 -1.06 -2.11 -8.80
C ILE A 67 -0.78 -0.64 -9.12
N GLN A 68 -0.55 -0.35 -10.41
CA GLN A 68 -0.35 1.05 -10.83
C GLN A 68 -1.69 1.81 -10.86
N LYS A 69 -2.72 1.17 -11.41
CA LYS A 69 -4.05 1.78 -11.51
C LYS A 69 -4.64 2.14 -10.14
N ILE A 70 -4.31 1.38 -9.11
CA ILE A 70 -4.85 1.65 -7.77
C ILE A 70 -4.00 2.67 -7.02
N LEU A 71 -2.88 3.07 -7.61
CA LEU A 71 -2.00 4.06 -6.98
C LEU A 71 -2.24 5.45 -7.56
N ASP A 72 -2.49 5.51 -8.87
CA ASP A 72 -2.74 6.79 -9.54
C ASP A 72 -4.21 7.18 -9.42
N GLY A 73 -5.08 6.17 -9.35
CA GLY A 73 -6.51 6.43 -9.22
C GLY A 73 -6.89 6.86 -7.82
N GLY A 74 -5.99 6.65 -6.87
CA GLY A 74 -6.24 7.04 -5.50
C GLY A 74 -5.78 8.45 -5.19
N ASN A 75 -5.86 9.32 -6.20
CA ASN A 75 -5.44 10.71 -6.06
C ASN A 75 -6.39 11.63 -6.83
N LYS A 76 -7.11 11.06 -7.79
CA LYS A 76 -8.05 11.83 -8.61
C LYS A 76 -9.34 12.09 -7.84
N GLU A 77 -9.78 11.09 -7.07
CA GLU A 77 -11.00 11.20 -6.28
C GLU A 77 -10.72 11.99 -4.99
N ASN A 78 -11.19 13.23 -4.96
CA ASN A 78 -10.98 14.09 -3.78
C ASN A 78 -12.31 14.42 -3.10
N LEU B 8 -24.72 -0.35 11.39
CA LEU B 8 -24.89 0.75 10.40
C LEU B 8 -25.53 1.98 11.07
N ARG B 9 -24.67 2.70 11.77
CA ARG B 9 -25.08 3.92 12.49
C ARG B 9 -24.14 5.09 12.20
N GLU B 10 -22.89 4.94 12.63
CA GLU B 10 -21.87 6.00 12.57
C GLU B 10 -20.47 5.37 12.48
N LEU B 11 -19.85 5.64 11.35
CA LEU B 11 -18.48 5.16 11.06
C LEU B 11 -17.59 6.34 10.66
N ARG B 12 -16.36 6.27 11.15
CA ARG B 12 -15.37 7.34 10.96
C ARG B 12 -14.34 6.87 9.95
N CYS B 13 -13.83 7.81 9.15
CA CYS B 13 -12.71 7.51 8.23
C CYS B 13 -11.53 6.91 9.02
N VAL B 14 -10.74 6.08 8.35
CA VAL B 14 -9.53 5.47 8.97
C VAL B 14 -8.53 6.55 9.43
N CYS B 15 -8.53 7.66 8.69
CA CYS B 15 -7.68 8.83 8.94
C CYS B 15 -8.52 10.07 9.21
N LEU B 16 -8.57 10.44 10.49
CA LEU B 16 -9.25 11.68 10.91
C LEU B 16 -8.38 12.94 10.75
N GLN B 17 -7.09 12.78 10.95
CA GLN B 17 -6.10 13.84 10.88
C GLN B 17 -5.19 13.63 9.66
N THR B 18 -4.24 14.53 9.53
CA THR B 18 -3.23 14.52 8.45
C THR B 18 -1.80 14.64 9.02
N THR B 19 -0.84 14.80 8.12
CA THR B 19 0.60 14.94 8.41
C THR B 19 1.31 15.64 7.24
N GLN B 20 2.39 16.32 7.60
CA GLN B 20 3.30 17.03 6.69
C GLN B 20 4.75 16.63 6.91
N GLY B 21 5.03 15.40 6.46
CA GLY B 21 6.41 14.92 6.49
C GLY B 21 7.18 15.40 5.23
N VAL B 22 8.44 15.04 4.99
CA VAL B 22 9.42 14.09 5.59
C VAL B 22 10.15 13.40 4.42
N HIS B 23 10.96 12.39 4.70
CA HIS B 23 11.62 11.59 3.67
C HIS B 23 11.16 10.12 3.76
N PRO B 24 11.00 9.47 2.60
CA PRO B 24 10.68 8.02 2.49
C PRO B 24 11.63 7.15 3.30
N LYS B 25 12.82 7.67 3.62
CA LYS B 25 13.85 6.98 4.40
C LYS B 25 13.31 6.40 5.73
N MET B 26 12.27 7.07 6.26
CA MET B 26 11.57 6.62 7.47
C MET B 26 10.40 5.66 7.19
N ILE B 27 9.93 5.64 5.95
CA ILE B 27 8.81 4.79 5.56
C ILE B 27 9.30 3.44 5.03
N SER B 28 8.60 2.36 5.40
CA SER B 28 8.97 1.02 4.95
C SER B 28 7.72 0.18 4.63
N ASN B 29 6.56 0.79 4.74
CA ASN B 29 5.28 0.11 4.45
C ASN B 29 4.25 1.11 3.93
N LEU B 30 3.51 0.70 2.89
CA LEU B 30 2.49 1.56 2.30
C LEU B 30 1.15 0.83 2.20
N GLN B 31 0.11 1.44 2.75
CA GLN B 31 -1.22 0.85 2.72
C GLN B 31 -2.21 1.80 2.03
N VAL B 32 -2.83 1.30 0.95
CA VAL B 32 -3.78 2.09 0.19
C VAL B 32 -5.21 1.66 0.50
N PHE B 33 -6.04 2.60 0.96
CA PHE B 33 -7.42 2.31 1.30
C PHE B 33 -8.37 3.02 0.33
N ALA B 34 -9.31 2.27 -0.24
CA ALA B 34 -10.29 2.83 -1.16
C ALA B 34 -11.54 3.31 -0.45
N ILE B 35 -12.63 3.43 -1.21
CA ILE B 35 -13.91 3.88 -0.67
C ILE B 35 -14.63 2.76 0.08
N GLY B 36 -15.04 3.07 1.31
CA GLY B 36 -15.73 2.08 2.14
C GLY B 36 -16.98 2.66 2.80
N PRO B 37 -17.56 1.95 3.78
CA PRO B 37 -18.75 2.40 4.50
C PRO B 37 -18.46 3.46 5.55
N GLN B 38 -17.18 3.70 5.80
CA GLN B 38 -16.74 4.70 6.78
C GLN B 38 -16.12 5.95 6.15
N CYS B 39 -15.66 5.81 4.90
CA CYS B 39 -15.01 6.91 4.20
C CYS B 39 -15.27 6.85 2.70
N SER B 40 -15.81 7.92 2.14
CA SER B 40 -16.10 7.99 0.71
C SER B 40 -14.96 8.65 -0.04
N LYS B 41 -13.77 8.66 0.57
CA LYS B 41 -12.59 9.25 -0.03
C LYS B 41 -11.38 8.34 0.12
N VAL B 42 -10.44 8.45 -0.81
CA VAL B 42 -9.23 7.63 -0.77
C VAL B 42 -8.17 8.24 0.13
N GLU B 43 -7.68 7.45 1.06
CA GLU B 43 -6.66 7.90 2.01
C GLU B 43 -5.45 6.98 1.98
N VAL B 44 -4.25 7.58 2.02
CA VAL B 44 -3.02 6.79 1.98
C VAL B 44 -2.31 6.79 3.33
N VAL B 45 -2.30 5.62 3.97
CA VAL B 45 -1.65 5.44 5.28
C VAL B 45 -0.27 4.76 5.12
N ALA B 46 0.62 5.07 6.03
CA ALA B 46 2.00 4.51 6.03
C ALA B 46 2.46 4.18 7.45
N SER B 47 3.36 3.23 7.53
CA SER B 47 3.98 2.81 8.81
C SER B 47 5.50 2.92 8.73
N LEU B 48 6.08 3.52 9.77
CA LEU B 48 7.52 3.70 9.85
C LEU B 48 8.22 2.41 10.26
N LYS B 49 9.54 2.39 10.16
CA LYS B 49 10.32 1.21 10.51
C LYS B 49 10.46 1.10 12.04
N ASN B 50 10.13 2.18 12.73
CA ASN B 50 10.21 2.22 14.19
C ASN B 50 8.99 1.56 14.83
N GLY B 51 7.93 1.39 14.03
CA GLY B 51 6.71 0.78 14.55
C GLY B 51 5.62 1.80 14.81
N LYS B 52 5.46 2.74 13.88
CA LYS B 52 4.43 3.78 14.03
C LYS B 52 3.58 3.86 12.76
N GLU B 53 2.40 4.48 12.89
CA GLU B 53 1.48 4.66 11.76
C GLU B 53 0.90 6.07 11.77
N ILE B 54 0.99 6.71 10.63
CA ILE B 54 0.45 8.07 10.46
C ILE B 54 -0.47 8.11 9.23
N CYS B 55 -1.03 9.30 9.00
CA CYS B 55 -1.89 9.56 7.85
C CYS B 55 -1.38 10.77 7.09
N LEU B 56 -1.41 10.64 5.78
CA LEU B 56 -0.93 11.70 4.90
C LEU B 56 -2.11 12.25 4.10
N ASP B 57 -2.04 13.52 3.71
CA ASP B 57 -3.10 14.13 2.92
C ASP B 57 -2.74 14.14 1.43
N PRO B 58 -3.46 13.35 0.60
CA PRO B 58 -3.19 13.25 -0.84
C PRO B 58 -3.44 14.56 -1.59
N GLU B 59 -3.98 15.54 -0.89
CA GLU B 59 -4.27 16.85 -1.47
C GLU B 59 -2.99 17.69 -1.57
N ALA B 60 -1.91 17.25 -0.92
CA ALA B 60 -0.66 18.02 -0.96
C ALA B 60 0.30 17.41 -2.00
N PRO B 61 0.93 18.27 -2.81
CA PRO B 61 1.86 17.86 -3.88
C PRO B 61 3.15 17.21 -3.34
N PHE B 62 3.70 17.78 -2.27
CA PHE B 62 4.90 17.22 -1.60
C PHE B 62 4.65 15.82 -1.06
N LEU B 63 3.39 15.54 -0.74
CA LEU B 63 2.99 14.25 -0.24
C LEU B 63 3.05 13.20 -1.35
N LYS B 64 2.73 13.62 -2.57
CA LYS B 64 2.74 12.75 -3.75
C LYS B 64 4.17 12.36 -4.11
N LYS B 65 5.12 13.20 -3.72
CA LYS B 65 6.56 12.99 -3.97
C LYS B 65 7.17 11.90 -3.10
N VAL B 66 7.02 12.04 -1.79
CA VAL B 66 7.52 11.04 -0.85
C VAL B 66 6.84 9.68 -1.06
N ILE B 67 5.57 9.69 -1.52
CA ILE B 67 4.85 8.44 -1.78
C ILE B 67 5.19 7.91 -3.17
N GLN B 68 5.66 8.79 -4.04
CA GLN B 68 6.09 8.36 -5.38
C GLN B 68 7.46 7.66 -5.31
N LYS B 69 8.34 8.19 -4.48
CA LYS B 69 9.68 7.63 -4.29
C LYS B 69 9.63 6.23 -3.65
N ILE B 70 8.59 5.92 -2.87
CA ILE B 70 8.51 4.58 -2.24
C ILE B 70 8.01 3.54 -3.23
N LEU B 71 7.68 3.97 -4.43
CA LEU B 71 7.21 3.08 -5.48
C LEU B 71 8.33 2.77 -6.46
N ASP B 72 9.22 3.75 -6.66
CA ASP B 72 10.34 3.59 -7.56
C ASP B 72 11.47 2.81 -6.88
N GLY B 73 11.72 3.12 -5.62
CA GLY B 73 12.77 2.44 -4.88
C GLY B 73 12.32 1.09 -4.35
N GLY B 74 11.01 0.86 -4.33
CA GLY B 74 10.48 -0.40 -3.84
C GLY B 74 10.41 -1.48 -4.91
N ASN B 75 10.83 -1.14 -6.12
CA ASN B 75 10.81 -2.09 -7.23
C ASN B 75 12.18 -2.15 -7.91
N LYS B 76 13.12 -1.35 -7.41
CA LYS B 76 14.46 -1.30 -7.97
C LYS B 76 15.31 -2.47 -7.47
N GLU B 77 14.98 -2.97 -6.28
CA GLU B 77 15.71 -4.09 -5.68
C GLU B 77 15.39 -5.40 -6.42
N ASN B 78 16.43 -6.06 -6.92
CA ASN B 78 16.26 -7.31 -7.64
C ASN B 78 16.72 -8.49 -6.78
N LEU A 8 14.08 -16.19 17.35
CA LEU A 8 15.02 -16.08 16.21
C LEU A 8 15.55 -17.48 15.82
N ARG A 9 14.69 -18.18 15.09
CA ARG A 9 15.01 -19.54 14.63
C ARG A 9 14.71 -19.70 13.14
N GLU A 10 13.43 -19.59 12.79
CA GLU A 10 12.92 -19.85 11.43
C GLU A 10 11.65 -19.03 11.17
N LEU A 11 11.80 -18.11 10.23
CA LEU A 11 10.70 -17.24 9.80
C LEU A 11 10.49 -17.33 8.29
N ARG A 12 9.23 -17.32 7.92
CA ARG A 12 8.82 -17.49 6.51
C ARG A 12 8.35 -16.14 5.98
N CYS A 13 8.60 -15.90 4.70
CA CYS A 13 8.07 -14.70 4.02
C CYS A 13 6.53 -14.64 4.19
N VAL A 14 6.01 -13.42 4.19
CA VAL A 14 4.54 -13.21 4.29
C VAL A 14 3.79 -13.89 3.12
N CYS A 15 4.47 -13.93 1.98
CA CYS A 15 3.98 -14.55 0.73
C CYS A 15 4.88 -15.70 0.29
N LEU A 16 4.38 -16.91 0.53
CA LEU A 16 5.06 -18.13 0.06
C LEU A 16 4.79 -18.46 -1.41
N GLN A 17 3.59 -18.16 -1.86
CA GLN A 17 3.11 -18.41 -3.23
C GLN A 17 2.92 -17.08 -3.98
N THR A 18 2.46 -17.22 -5.21
CA THR A 18 2.18 -16.08 -6.10
C THR A 18 0.77 -16.18 -6.69
N THR A 19 0.48 -15.30 -7.65
CA THR A 19 -0.79 -15.19 -8.37
C THR A 19 -0.59 -14.47 -9.71
N GLN A 20 -1.47 -14.82 -10.64
CA GLN A 20 -1.55 -14.25 -11.99
C GLN A 20 -2.95 -13.77 -12.34
N GLY A 21 -3.31 -12.66 -11.68
CA GLY A 21 -4.57 -12.00 -12.00
C GLY A 21 -4.43 -11.08 -13.22
N VAL A 22 -5.44 -10.33 -13.67
CA VAL A 22 -6.81 -9.98 -13.19
C VAL A 22 -6.99 -8.47 -13.46
N HIS A 23 -8.08 -7.89 -12.98
CA HIS A 23 -8.32 -6.46 -13.08
C HIS A 23 -8.41 -5.83 -11.67
N PRO A 24 -7.87 -4.61 -11.52
CA PRO A 24 -7.96 -3.80 -10.28
C PRO A 24 -9.39 -3.66 -9.77
N LYS A 25 -10.38 -3.86 -10.64
CA LYS A 25 -11.81 -3.78 -10.32
C LYS A 25 -12.19 -4.65 -9.11
N MET A 26 -11.43 -5.73 -8.91
CA MET A 26 -11.60 -6.63 -7.76
C MET A 26 -10.78 -6.19 -6.53
N ILE A 27 -9.76 -5.37 -6.74
CA ILE A 27 -8.88 -4.92 -5.64
C ILE A 27 -9.29 -3.53 -5.14
N SER A 28 -9.10 -3.29 -3.83
CA SER A 28 -9.44 -2.01 -3.22
C SER A 28 -8.43 -1.61 -2.14
N ASN A 29 -7.42 -2.46 -1.92
CA ASN A 29 -6.39 -2.18 -0.91
C ASN A 29 -5.02 -2.63 -1.41
N LEU A 30 -4.04 -1.73 -1.31
CA LEU A 30 -2.68 -2.04 -1.74
C LEU A 30 -1.69 -1.85 -0.59
N GLN A 31 -0.86 -2.86 -0.36
CA GLN A 31 0.13 -2.81 0.71
C GLN A 31 1.52 -3.13 0.18
N VAL A 32 2.48 -2.26 0.50
CA VAL A 32 3.86 -2.43 0.06
C VAL A 32 4.77 -2.71 1.26
N PHE A 33 5.31 -3.92 1.31
CA PHE A 33 6.20 -4.33 2.39
C PHE A 33 7.64 -4.51 1.89
N ALA A 34 8.59 -3.94 2.64
CA ALA A 34 10.01 -4.05 2.28
C ALA A 34 10.65 -5.28 2.91
N ILE A 35 11.98 -5.29 2.98
CA ILE A 35 12.74 -6.40 3.56
C ILE A 35 12.58 -6.42 5.08
N GLY A 36 12.21 -7.59 5.61
CA GLY A 36 12.02 -7.72 7.05
C GLY A 36 12.82 -8.87 7.65
N PRO A 37 12.50 -9.27 8.90
CA PRO A 37 13.19 -10.36 9.59
C PRO A 37 12.73 -11.75 9.13
N GLN A 38 11.65 -11.77 8.36
CA GLN A 38 11.08 -13.03 7.85
C GLN A 38 11.31 -13.23 6.34
N CYS A 39 11.59 -12.12 5.63
CA CYS A 39 11.78 -12.17 4.20
C CYS A 39 12.97 -11.31 3.77
N SER A 40 13.71 -11.78 2.78
CA SER A 40 14.87 -11.06 2.27
C SER A 40 14.53 -10.36 0.95
N LYS A 41 13.25 -10.39 0.58
CA LYS A 41 12.78 -9.78 -0.66
C LYS A 41 11.49 -8.99 -0.41
N VAL A 42 11.19 -8.06 -1.32
CA VAL A 42 9.98 -7.25 -1.21
C VAL A 42 8.78 -8.01 -1.79
N GLU A 43 7.66 -7.99 -1.05
CA GLU A 43 6.46 -8.68 -1.49
C GLU A 43 5.25 -7.77 -1.35
N VAL A 44 4.46 -7.67 -2.42
CA VAL A 44 3.28 -6.80 -2.41
C VAL A 44 1.99 -7.58 -2.17
N VAL A 45 1.46 -7.44 -0.96
CA VAL A 45 0.19 -8.09 -0.57
C VAL A 45 -1.00 -7.15 -0.81
N ALA A 46 -2.15 -7.74 -1.08
CA ALA A 46 -3.40 -6.99 -1.33
C ALA A 46 -4.60 -7.69 -0.68
N SER A 47 -5.61 -6.89 -0.36
CA SER A 47 -6.87 -7.40 0.20
C SER A 47 -8.06 -6.96 -0.66
N LEU A 48 -8.94 -7.90 -0.95
CA LEU A 48 -10.11 -7.63 -1.77
C LEU A 48 -11.29 -7.14 -0.93
N LYS A 49 -12.37 -6.77 -1.60
CA LYS A 49 -13.58 -6.27 -0.94
C LYS A 49 -14.42 -7.44 -0.42
N ASN A 50 -14.15 -8.64 -0.92
CA ASN A 50 -14.87 -9.84 -0.51
C ASN A 50 -14.32 -10.40 0.81
N GLY A 51 -13.23 -9.81 1.29
CA GLY A 51 -12.62 -10.26 2.53
C GLY A 51 -11.55 -11.31 2.31
N LYS A 52 -10.91 -11.27 1.14
CA LYS A 52 -9.87 -12.22 0.80
C LYS A 52 -8.52 -11.51 0.63
N GLU A 53 -7.45 -12.29 0.63
CA GLU A 53 -6.09 -11.73 0.46
C GLU A 53 -5.23 -12.72 -0.35
N ILE A 54 -4.55 -12.16 -1.33
CA ILE A 54 -3.63 -12.95 -2.17
C ILE A 54 -2.24 -12.29 -2.21
N CYS A 55 -1.35 -12.94 -2.94
CA CYS A 55 0.02 -12.43 -3.14
C CYS A 55 0.32 -12.39 -4.63
N LEU A 56 0.96 -11.31 -5.01
CA LEU A 56 1.31 -11.08 -6.41
C LEU A 56 2.84 -11.11 -6.55
N ASP A 57 3.34 -11.47 -7.72
CA ASP A 57 4.80 -11.50 -7.94
C ASP A 57 5.23 -10.31 -8.79
N PRO A 58 6.06 -9.39 -8.22
CA PRO A 58 6.56 -8.19 -8.93
C PRO A 58 7.26 -8.54 -10.24
N GLU A 59 7.62 -9.80 -10.37
CA GLU A 59 8.28 -10.35 -11.56
C GLU A 59 7.40 -10.30 -12.82
N ALA A 60 6.10 -10.11 -12.65
CA ALA A 60 5.15 -10.08 -13.77
C ALA A 60 4.80 -8.62 -14.12
N PRO A 61 4.79 -8.29 -15.42
CA PRO A 61 4.50 -6.94 -15.92
C PRO A 61 3.05 -6.49 -15.66
N PHE A 62 2.11 -7.40 -15.85
CA PHE A 62 0.68 -7.15 -15.57
C PHE A 62 0.44 -6.81 -14.09
N LEU A 63 1.33 -7.30 -13.24
CA LEU A 63 1.25 -7.03 -11.82
C LEU A 63 1.48 -5.54 -11.55
N LYS A 64 2.44 -4.96 -12.28
CA LYS A 64 2.77 -3.55 -12.14
C LYS A 64 1.72 -2.66 -12.82
N LYS A 65 0.93 -3.28 -13.69
CA LYS A 65 -0.14 -2.58 -14.44
C LYS A 65 -1.40 -2.35 -13.60
N VAL A 66 -1.91 -3.46 -13.05
CA VAL A 66 -3.08 -3.42 -12.19
C VAL A 66 -2.83 -2.58 -10.93
N ILE A 67 -1.57 -2.52 -10.47
CA ILE A 67 -1.23 -1.73 -9.29
C ILE A 67 -0.93 -0.29 -9.69
N GLN A 68 -0.56 -0.09 -10.97
CA GLN A 68 -0.31 1.26 -11.48
C GLN A 68 -1.62 2.03 -11.67
N LYS A 69 -2.61 1.35 -12.27
CA LYS A 69 -3.93 1.92 -12.56
C LYS A 69 -4.66 2.44 -11.31
N ILE A 70 -4.48 1.77 -10.17
CA ILE A 70 -5.17 2.17 -8.94
C ILE A 70 -4.54 3.43 -8.30
N LEU A 71 -3.47 3.93 -8.91
CA LEU A 71 -2.81 5.13 -8.41
C LEU A 71 -3.30 6.37 -9.16
N ASP A 72 -3.96 6.13 -10.30
CA ASP A 72 -4.49 7.20 -11.13
C ASP A 72 -5.94 7.49 -10.75
N GLY A 73 -6.80 6.49 -10.93
CA GLY A 73 -8.20 6.64 -10.62
C GLY A 73 -8.50 6.51 -9.14
N GLY A 74 -7.55 5.93 -8.39
CA GLY A 74 -7.72 5.76 -6.97
C GLY A 74 -7.33 6.98 -6.16
N ASN A 75 -6.86 8.02 -6.85
CA ASN A 75 -6.45 9.25 -6.19
C ASN A 75 -7.28 10.43 -6.71
N LYS A 76 -7.90 10.24 -7.88
CA LYS A 76 -8.72 11.28 -8.50
C LYS A 76 -10.13 11.27 -7.92
N GLU A 77 -10.51 10.17 -7.26
CA GLU A 77 -11.84 10.05 -6.66
C GLU A 77 -11.98 10.97 -5.45
N ASN A 78 -12.94 11.88 -5.51
CA ASN A 78 -13.18 12.82 -4.42
C ASN A 78 -14.50 12.53 -3.72
N LEU B 8 -24.29 -0.41 12.19
CA LEU B 8 -24.50 0.68 11.19
C LEU B 8 -25.12 1.92 11.88
N ARG B 9 -24.24 2.64 12.55
CA ARG B 9 -24.64 3.86 13.27
C ARG B 9 -23.72 5.04 12.95
N GLU B 10 -22.45 4.89 13.34
CA GLU B 10 -21.43 5.95 13.24
C GLU B 10 -20.04 5.34 13.11
N LEU B 11 -19.45 5.60 11.96
CA LEU B 11 -18.09 5.12 11.63
C LEU B 11 -17.22 6.30 11.19
N ARG B 12 -15.98 6.25 11.65
CA ARG B 12 -15.00 7.32 11.41
C ARG B 12 -14.00 6.85 10.38
N CYS B 13 -13.51 7.78 9.56
CA CYS B 13 -12.43 7.49 8.61
C CYS B 13 -11.22 6.90 9.36
N VAL B 14 -10.45 6.07 8.66
CA VAL B 14 -9.22 5.47 9.25
C VAL B 14 -8.21 6.55 9.67
N CYS B 15 -8.23 7.66 8.93
CA CYS B 15 -7.38 8.83 9.15
C CYS B 15 -8.22 10.08 9.44
N LEU B 16 -8.24 10.44 10.71
CA LEU B 16 -8.91 11.69 11.16
C LEU B 16 -8.06 12.94 10.97
N GLN B 17 -6.76 12.79 11.12
CA GLN B 17 -5.76 13.87 11.01
C GLN B 17 -4.89 13.65 9.76
N THR B 18 -3.95 14.57 9.60
CA THR B 18 -2.98 14.54 8.50
C THR B 18 -1.54 14.67 9.01
N THR B 19 -0.60 14.83 8.08
CA THR B 19 0.84 14.98 8.33
C THR B 19 1.51 15.68 7.13
N GLN B 20 2.60 16.36 7.46
CA GLN B 20 3.47 17.07 6.51
C GLN B 20 4.94 16.68 6.68
N GLY B 21 5.21 15.45 6.23
CA GLY B 21 6.60 14.97 6.21
C GLY B 21 7.32 15.45 4.93
N VAL B 22 8.57 15.09 4.66
CA VAL B 22 9.57 14.15 5.23
C VAL B 22 10.26 13.46 4.03
N HIS B 23 11.09 12.46 4.30
CA HIS B 23 11.71 11.66 3.24
C HIS B 23 11.27 10.19 3.37
N PRO B 24 11.08 9.52 2.21
CA PRO B 24 10.76 8.08 2.11
C PRO B 24 11.74 7.21 2.90
N LYS B 25 12.93 7.74 3.18
CA LYS B 25 14.00 7.05 3.93
C LYS B 25 13.49 6.49 5.28
N MET B 26 12.48 7.15 5.83
CA MET B 26 11.82 6.72 7.07
C MET B 26 10.65 5.74 6.83
N ILE B 27 10.14 5.71 5.60
CA ILE B 27 9.03 4.83 5.24
C ILE B 27 9.53 3.46 4.78
N SER B 28 8.82 2.40 5.20
CA SER B 28 9.18 1.04 4.83
C SER B 28 7.95 0.21 4.50
N ASN B 29 6.77 0.75 4.81
CA ASN B 29 5.50 0.07 4.55
C ASN B 29 4.42 1.05 4.12
N LEU B 30 3.65 0.67 3.10
CA LEU B 30 2.58 1.52 2.58
C LEU B 30 1.24 0.79 2.64
N GLN B 31 0.21 1.49 3.09
CA GLN B 31 -1.13 0.91 3.17
C GLN B 31 -2.15 1.86 2.53
N VAL B 32 -2.72 1.43 1.41
CA VAL B 32 -3.71 2.24 0.69
C VAL B 32 -5.10 1.64 0.81
N PHE B 33 -6.02 2.44 1.34
CA PHE B 33 -7.41 2.02 1.51
C PHE B 33 -8.33 2.88 0.65
N ALA B 34 -9.17 2.24 -0.15
CA ALA B 34 -10.10 2.96 -1.02
C ALA B 34 -11.37 3.38 -0.28
N ILE B 35 -12.44 3.58 -1.04
CA ILE B 35 -13.73 3.98 -0.48
C ILE B 35 -14.38 2.83 0.30
N GLY B 36 -14.64 3.08 1.58
CA GLY B 36 -15.26 2.07 2.42
C GLY B 36 -16.55 2.54 3.07
N PRO B 37 -17.10 1.76 4.02
CA PRO B 37 -18.34 2.10 4.72
C PRO B 37 -18.14 3.16 5.81
N GLN B 38 -16.89 3.50 6.08
CA GLN B 38 -16.57 4.49 7.11
C GLN B 38 -16.00 5.80 6.53
N CYS B 39 -15.48 5.72 5.31
CA CYS B 39 -14.87 6.87 4.66
C CYS B 39 -15.18 6.90 3.18
N SER B 40 -15.57 8.07 2.68
CA SER B 40 -15.90 8.24 1.26
C SER B 40 -14.72 8.86 0.51
N LYS B 41 -13.67 9.22 1.25
CA LYS B 41 -12.49 9.82 0.67
C LYS B 41 -11.29 8.88 0.77
N VAL B 42 -10.41 8.94 -0.22
CA VAL B 42 -9.22 8.09 -0.24
C VAL B 42 -8.12 8.69 0.63
N GLU B 43 -7.56 7.88 1.52
CA GLU B 43 -6.51 8.34 2.42
C GLU B 43 -5.31 7.39 2.38
N VAL B 44 -4.12 7.95 2.19
CA VAL B 44 -2.91 7.13 2.11
C VAL B 44 -2.13 7.12 3.42
N VAL B 45 -2.22 6.00 4.12
CA VAL B 45 -1.50 5.79 5.39
C VAL B 45 -0.14 5.10 5.15
N ALA B 46 0.81 5.40 6.03
CA ALA B 46 2.17 4.83 5.94
C ALA B 46 2.70 4.48 7.34
N SER B 47 3.60 3.51 7.37
CA SER B 47 4.27 3.07 8.61
C SER B 47 5.79 3.18 8.45
N LEU B 48 6.42 3.76 9.46
CA LEU B 48 7.86 3.94 9.49
C LEU B 48 8.56 2.64 9.90
N LYS B 49 9.89 2.64 9.81
CA LYS B 49 10.69 1.47 10.18
C LYS B 49 10.82 1.36 11.69
N ASN B 50 10.50 2.46 12.39
CA ASN B 50 10.58 2.51 13.84
C ASN B 50 9.40 1.78 14.49
N GLY B 51 8.35 1.55 13.71
CA GLY B 51 7.17 0.87 14.23
C GLY B 51 6.02 1.80 14.50
N LYS B 52 5.95 2.89 13.72
CA LYS B 52 4.89 3.87 13.88
C LYS B 52 4.01 3.94 12.63
N GLU B 53 2.85 4.55 12.79
CA GLU B 53 1.88 4.71 11.69
C GLU B 53 1.30 6.13 11.71
N ILE B 54 1.35 6.76 10.56
CA ILE B 54 0.79 8.12 10.41
C ILE B 54 -0.17 8.15 9.21
N CYS B 55 -0.74 9.34 8.99
CA CYS B 55 -1.64 9.58 7.87
C CYS B 55 -1.15 10.79 7.08
N LEU B 56 -1.23 10.66 5.78
CA LEU B 56 -0.77 11.70 4.88
C LEU B 56 -1.99 12.25 4.12
N ASP B 57 -1.91 13.50 3.68
CA ASP B 57 -3.01 14.10 2.91
C ASP B 57 -2.61 14.24 1.44
N PRO B 58 -3.29 13.51 0.52
CA PRO B 58 -3.02 13.57 -0.92
C PRO B 58 -3.17 14.99 -1.49
N GLU B 59 -3.84 15.82 -0.70
CA GLU B 59 -4.09 17.23 -1.03
C GLU B 59 -2.80 18.08 -1.09
N ALA B 60 -1.71 17.58 -0.53
CA ALA B 60 -0.44 18.30 -0.50
C ALA B 60 0.51 17.77 -1.60
N PRO B 61 1.16 18.68 -2.33
CA PRO B 61 2.08 18.35 -3.43
C PRO B 61 3.34 17.59 -2.96
N PHE B 62 3.91 18.03 -1.84
CA PHE B 62 5.08 17.37 -1.22
C PHE B 62 4.79 15.93 -0.83
N LEU B 63 3.51 15.66 -0.59
CA LEU B 63 3.06 14.33 -0.25
C LEU B 63 3.02 13.44 -1.50
N LYS B 64 2.67 14.04 -2.64
CA LYS B 64 2.60 13.33 -3.92
C LYS B 64 3.99 12.98 -4.43
N LYS B 65 5.00 13.65 -3.86
CA LYS B 65 6.41 13.44 -4.23
C LYS B 65 7.03 12.23 -3.53
N VAL B 66 6.94 12.23 -2.20
CA VAL B 66 7.44 11.14 -1.39
C VAL B 66 6.73 9.81 -1.71
N ILE B 67 5.47 9.88 -2.17
CA ILE B 67 4.74 8.65 -2.53
C ILE B 67 5.24 8.12 -3.87
N GLN B 68 5.71 9.02 -4.73
CA GLN B 68 6.30 8.60 -6.01
C GLN B 68 7.69 7.99 -5.79
N LYS B 69 8.47 8.61 -4.91
CA LYS B 69 9.83 8.15 -4.59
C LYS B 69 9.84 6.75 -3.96
N ILE B 70 8.82 6.40 -3.17
CA ILE B 70 8.78 5.08 -2.53
C ILE B 70 8.46 3.99 -3.55
N LEU B 71 7.88 4.39 -4.68
CA LEU B 71 7.55 3.44 -5.75
C LEU B 71 8.73 3.29 -6.70
N ASP B 72 9.54 4.33 -6.78
CA ASP B 72 10.72 4.33 -7.63
C ASP B 72 11.86 3.60 -6.96
N GLY B 73 12.03 3.83 -5.66
CA GLY B 73 13.09 3.16 -4.92
C GLY B 73 12.64 1.86 -4.28
N GLY B 74 11.33 1.61 -4.31
CA GLY B 74 10.78 0.40 -3.72
C GLY B 74 10.89 -0.80 -4.64
N ASN B 75 10.78 -0.57 -5.94
CA ASN B 75 10.86 -1.64 -6.93
C ASN B 75 12.29 -1.78 -7.45
N LYS B 76 13.22 -1.08 -6.81
CA LYS B 76 14.63 -1.12 -7.20
C LYS B 76 15.31 -2.36 -6.61
N GLU B 77 14.69 -2.94 -5.59
CA GLU B 77 15.22 -4.13 -4.93
C GLU B 77 15.04 -5.35 -5.83
N ASN B 78 16.12 -5.74 -6.52
CA ASN B 78 16.07 -6.88 -7.42
C ASN B 78 16.96 -8.01 -6.91
N LEU A 8 14.71 -15.65 16.77
CA LEU A 8 15.62 -15.55 15.61
C LEU A 8 16.13 -16.96 15.22
N ARG A 9 15.24 -17.66 14.52
CA ARG A 9 15.55 -19.03 14.07
C ARG A 9 15.20 -19.21 12.58
N GLU A 10 13.91 -19.10 12.28
CA GLU A 10 13.36 -19.37 10.95
C GLU A 10 12.07 -18.56 10.73
N LEU A 11 12.18 -17.66 9.76
CA LEU A 11 11.07 -16.77 9.37
C LEU A 11 10.82 -16.88 7.86
N ARG A 12 9.54 -16.90 7.53
CA ARG A 12 9.08 -17.07 6.14
C ARG A 12 8.59 -15.73 5.61
N CYS A 13 8.80 -15.51 4.32
CA CYS A 13 8.24 -14.31 3.65
C CYS A 13 6.72 -14.25 3.87
N VAL A 14 6.19 -13.03 3.87
CA VAL A 14 4.72 -12.83 4.02
C VAL A 14 3.93 -13.52 2.88
N CYS A 15 4.57 -13.58 1.73
CA CYS A 15 4.04 -14.21 0.51
C CYS A 15 4.92 -15.37 0.04
N LEU A 16 4.44 -16.57 0.30
CA LEU A 16 5.10 -17.79 -0.17
C LEU A 16 4.78 -18.15 -1.63
N GLN A 17 3.57 -17.85 -2.04
CA GLN A 17 3.04 -18.12 -3.39
C GLN A 17 2.83 -16.80 -4.14
N THR A 18 2.33 -16.95 -5.35
CA THR A 18 2.01 -15.83 -6.25
C THR A 18 0.57 -15.93 -6.79
N THR A 19 0.26 -15.06 -7.74
CA THR A 19 -1.04 -14.96 -8.42
C THR A 19 -0.88 -14.26 -9.78
N GLN A 20 -1.80 -14.62 -10.67
CA GLN A 20 -1.92 -14.07 -12.03
C GLN A 20 -3.35 -13.59 -12.33
N GLY A 21 -3.67 -12.47 -11.69
CA GLY A 21 -4.95 -11.83 -11.96
C GLY A 21 -4.85 -10.91 -13.20
N VAL A 22 -5.87 -10.17 -13.62
CA VAL A 22 -7.23 -9.83 -13.10
C VAL A 22 -7.42 -8.32 -13.38
N HIS A 23 -8.51 -7.74 -12.87
CA HIS A 23 -8.74 -6.29 -12.98
C HIS A 23 -8.78 -5.66 -11.58
N PRO A 24 -8.24 -4.43 -11.45
CA PRO A 24 -8.29 -3.60 -10.23
C PRO A 24 -9.70 -3.46 -9.66
N LYS A 25 -10.71 -3.67 -10.50
CA LYS A 25 -12.13 -3.60 -10.13
C LYS A 25 -12.48 -4.44 -8.90
N MET A 26 -11.71 -5.52 -8.71
CA MET A 26 -11.83 -6.40 -7.53
C MET A 26 -10.97 -5.96 -6.35
N ILE A 27 -9.97 -5.12 -6.61
CA ILE A 27 -9.07 -4.63 -5.57
C ILE A 27 -9.68 -3.46 -4.81
N SER A 28 -9.51 -3.45 -3.49
CA SER A 28 -10.04 -2.38 -2.64
C SER A 28 -8.97 -1.89 -1.67
N ASN A 29 -8.29 -2.83 -1.02
CA ASN A 29 -7.23 -2.50 -0.07
C ASN A 29 -5.90 -3.07 -0.53
N LEU A 30 -4.83 -2.30 -0.35
CA LEU A 30 -3.49 -2.74 -0.77
C LEU A 30 -2.48 -2.51 0.36
N GLN A 31 -1.48 -3.40 0.44
CA GLN A 31 -0.45 -3.28 1.47
C GLN A 31 0.92 -3.56 0.88
N VAL A 32 1.84 -2.62 1.07
CA VAL A 32 3.20 -2.75 0.56
C VAL A 32 4.19 -2.98 1.70
N PHE A 33 4.96 -4.05 1.59
CA PHE A 33 5.94 -4.40 2.61
C PHE A 33 7.35 -4.35 2.02
N ALA A 34 8.21 -3.53 2.63
CA ALA A 34 9.58 -3.40 2.15
C ALA A 34 10.47 -4.52 2.71
N ILE A 35 11.77 -4.25 2.80
CA ILE A 35 12.73 -5.22 3.30
C ILE A 35 12.55 -5.44 4.82
N GLY A 36 12.25 -6.67 5.20
CA GLY A 36 12.05 -7.00 6.60
C GLY A 36 12.97 -8.10 7.09
N PRO A 37 12.80 -8.55 8.35
CA PRO A 37 13.63 -9.60 8.95
C PRO A 37 13.25 -11.01 8.47
N GLN A 38 12.13 -11.11 7.76
CA GLN A 38 11.65 -12.40 7.25
C GLN A 38 11.77 -12.53 5.72
N CYS A 39 11.86 -11.38 5.04
CA CYS A 39 11.93 -11.36 3.58
C CYS A 39 12.77 -10.20 3.08
N SER A 40 13.76 -10.49 2.24
CA SER A 40 14.62 -9.46 1.69
C SER A 40 13.99 -8.85 0.43
N LYS A 41 13.20 -9.66 -0.26
CA LYS A 41 12.52 -9.23 -1.48
C LYS A 41 11.19 -8.55 -1.14
N VAL A 42 10.86 -7.50 -1.89
CA VAL A 42 9.61 -6.79 -1.66
C VAL A 42 8.44 -7.54 -2.29
N GLU A 43 7.36 -7.66 -1.54
CA GLU A 43 6.18 -8.38 -2.01
C GLU A 43 4.93 -7.50 -1.89
N VAL A 44 4.10 -7.52 -2.93
CA VAL A 44 2.89 -6.71 -2.95
C VAL A 44 1.64 -7.55 -2.72
N VAL A 45 0.97 -7.26 -1.61
CA VAL A 45 -0.28 -7.96 -1.24
C VAL A 45 -1.51 -7.07 -1.51
N ALA A 46 -2.62 -7.71 -1.81
CA ALA A 46 -3.89 -7.02 -2.09
C ALA A 46 -5.08 -7.75 -1.47
N SER A 47 -6.13 -6.99 -1.18
CA SER A 47 -7.38 -7.54 -0.63
C SER A 47 -8.56 -7.15 -1.52
N LEU A 48 -9.40 -8.14 -1.82
CA LEU A 48 -10.58 -7.96 -2.65
C LEU A 48 -11.73 -7.38 -1.83
N LYS A 49 -12.82 -7.04 -2.53
CA LYS A 49 -14.00 -6.48 -1.87
C LYS A 49 -14.80 -7.58 -1.16
N ASN A 50 -14.49 -8.83 -1.50
CA ASN A 50 -15.17 -9.98 -0.92
C ASN A 50 -14.55 -10.36 0.43
N GLY A 51 -13.47 -9.67 0.80
CA GLY A 51 -12.80 -9.94 2.06
C GLY A 51 -11.75 -11.02 1.95
N LYS A 52 -10.89 -10.89 0.93
CA LYS A 52 -9.83 -11.87 0.70
C LYS A 52 -8.49 -11.17 0.52
N GLU A 53 -7.41 -11.93 0.69
CA GLU A 53 -6.04 -11.41 0.54
C GLU A 53 -5.20 -12.39 -0.29
N ILE A 54 -4.55 -11.85 -1.29
CA ILE A 54 -3.67 -12.66 -2.17
C ILE A 54 -2.28 -12.00 -2.25
N CYS A 55 -1.41 -12.65 -3.01
CA CYS A 55 -0.06 -12.14 -3.26
C CYS A 55 0.19 -12.11 -4.76
N LEU A 56 0.83 -11.04 -5.17
CA LEU A 56 1.12 -10.83 -6.59
C LEU A 56 2.64 -10.86 -6.78
N ASP A 57 3.09 -11.21 -7.97
CA ASP A 57 4.52 -11.23 -8.25
C ASP A 57 4.92 -10.04 -9.12
N PRO A 58 5.66 -9.06 -8.55
CA PRO A 58 6.11 -7.84 -9.26
C PRO A 58 6.99 -8.18 -10.47
N GLU A 59 7.45 -9.43 -10.47
CA GLU A 59 8.30 -9.98 -11.54
C GLU A 59 7.56 -10.12 -12.89
N ALA A 60 6.24 -10.07 -12.87
CA ALA A 60 5.43 -10.21 -14.08
C ALA A 60 4.96 -8.84 -14.60
N PRO A 61 5.07 -8.60 -15.91
CA PRO A 61 4.69 -7.33 -16.55
C PRO A 61 3.19 -7.03 -16.48
N PHE A 62 2.37 -8.06 -16.69
CA PHE A 62 0.91 -7.96 -16.59
C PHE A 62 0.46 -7.55 -15.18
N LEU A 63 1.32 -7.84 -14.22
CA LEU A 63 1.09 -7.48 -12.85
C LEU A 63 1.40 -6.00 -12.64
N LYS A 64 2.44 -5.53 -13.33
CA LYS A 64 2.86 -4.13 -13.25
C LYS A 64 1.84 -3.20 -13.88
N LYS A 65 0.90 -3.77 -14.63
CA LYS A 65 -0.17 -3.00 -15.28
C LYS A 65 -1.35 -2.69 -14.36
N VAL A 66 -1.92 -3.76 -13.80
CA VAL A 66 -3.04 -3.63 -12.87
C VAL A 66 -2.65 -2.84 -11.61
N ILE A 67 -1.36 -2.86 -11.25
CA ILE A 67 -0.90 -2.10 -10.08
C ILE A 67 -0.78 -0.62 -10.43
N GLN A 68 -0.60 -0.32 -11.72
CA GLN A 68 -0.56 1.08 -12.16
C GLN A 68 -1.96 1.72 -12.08
N LYS A 69 -2.96 0.96 -12.53
CA LYS A 69 -4.35 1.42 -12.54
C LYS A 69 -4.90 1.70 -11.13
N ILE A 70 -4.47 0.93 -10.13
CA ILE A 70 -4.96 1.13 -8.76
C ILE A 70 -4.41 2.42 -8.15
N LEU A 71 -3.26 2.88 -8.66
CA LEU A 71 -2.66 4.11 -8.17
C LEU A 71 -3.28 5.33 -8.84
N ASP A 72 -3.95 5.10 -9.97
CA ASP A 72 -4.59 6.17 -10.72
C ASP A 72 -5.95 6.50 -10.11
N GLY A 73 -6.74 5.46 -9.84
CA GLY A 73 -8.05 5.65 -9.26
C GLY A 73 -8.01 5.87 -7.76
N GLY A 74 -6.89 5.52 -7.14
CA GLY A 74 -6.75 5.70 -5.70
C GLY A 74 -6.14 7.04 -5.34
N ASN A 75 -6.22 8.00 -6.25
CA ASN A 75 -5.67 9.33 -6.03
C ASN A 75 -6.51 10.39 -6.76
N LYS A 76 -7.26 9.96 -7.77
CA LYS A 76 -8.09 10.86 -8.54
C LYS A 76 -9.43 11.15 -7.84
N GLU A 77 -9.87 10.22 -7.00
CA GLU A 77 -11.14 10.38 -6.26
C GLU A 77 -11.03 11.52 -5.24
N ASN A 78 -11.84 12.56 -5.46
CA ASN A 78 -11.84 13.71 -4.56
C ASN A 78 -13.20 13.85 -3.87
N LEU B 8 -24.49 -0.16 11.97
CA LEU B 8 -24.68 0.92 10.98
C LEU B 8 -25.29 2.17 11.66
N ARG B 9 -24.41 2.88 12.34
CA ARG B 9 -24.80 4.11 13.07
C ARG B 9 -23.86 5.27 12.75
N GLU B 10 -22.60 5.10 13.17
CA GLU B 10 -21.57 6.15 13.09
C GLU B 10 -20.18 5.53 12.97
N LEU B 11 -19.57 5.78 11.82
CA LEU B 11 -18.22 5.29 11.53
C LEU B 11 -17.32 6.47 11.10
N ARG B 12 -16.09 6.39 11.58
CA ARG B 12 -15.09 7.45 11.37
C ARG B 12 -14.07 6.97 10.34
N CYS B 13 -13.57 7.89 9.53
CA CYS B 13 -12.47 7.59 8.60
C CYS B 13 -11.28 6.98 9.37
N VAL B 14 -10.51 6.14 8.68
CA VAL B 14 -9.30 5.53 9.29
C VAL B 14 -8.28 6.60 9.74
N CYS B 15 -8.29 7.70 8.98
CA CYS B 15 -7.43 8.87 9.22
C CYS B 15 -8.25 10.12 9.50
N LEU B 16 -8.28 10.50 10.78
CA LEU B 16 -8.94 11.74 11.20
C LEU B 16 -8.07 13.00 11.03
N GLN B 17 -6.78 12.83 11.21
CA GLN B 17 -5.77 13.88 11.11
C GLN B 17 -4.88 13.65 9.87
N THR B 18 -3.92 14.55 9.74
CA THR B 18 -2.94 14.52 8.64
C THR B 18 -1.51 14.64 9.18
N THR B 19 -0.55 14.79 8.28
CA THR B 19 0.89 14.91 8.54
C THR B 19 1.59 15.61 7.36
N GLN B 20 2.68 16.28 7.70
CA GLN B 20 3.57 16.98 6.77
C GLN B 20 5.04 16.56 6.97
N GLY B 21 5.30 15.34 6.53
CA GLY B 21 6.67 14.85 6.52
C GLY B 21 7.42 15.31 5.25
N VAL B 22 8.67 14.94 5.00
CA VAL B 22 9.66 13.98 5.59
C VAL B 22 10.35 13.29 4.40
N HIS B 23 11.17 12.27 4.68
CA HIS B 23 11.80 11.47 3.64
C HIS B 23 11.34 10.01 3.75
N PRO B 24 11.15 9.34 2.59
CA PRO B 24 10.82 7.90 2.48
C PRO B 24 11.78 7.02 3.28
N LYS B 25 12.97 7.53 3.59
CA LYS B 25 14.01 6.83 4.35
C LYS B 25 13.48 6.28 5.69
N MET B 26 12.47 6.95 6.24
CA MET B 26 11.77 6.52 7.46
C MET B 26 10.61 5.55 7.19
N ILE B 27 10.11 5.55 5.97
CA ILE B 27 8.99 4.69 5.59
C ILE B 27 9.45 3.29 5.17
N SER B 28 8.69 2.27 5.56
CA SER B 28 9.02 0.88 5.21
C SER B 28 7.75 0.07 4.94
N ASN B 29 6.60 0.71 5.00
CA ASN B 29 5.32 0.05 4.77
C ASN B 29 4.26 1.05 4.31
N LEU B 30 3.47 0.68 3.30
CA LEU B 30 2.43 1.54 2.77
C LEU B 30 1.09 0.83 2.73
N GLN B 31 0.10 1.38 3.41
CA GLN B 31 -1.24 0.81 3.43
C GLN B 31 -2.22 1.70 2.66
N VAL B 32 -2.88 1.12 1.67
CA VAL B 32 -3.84 1.84 0.85
C VAL B 32 -5.26 1.37 1.16
N PHE B 33 -6.14 2.33 1.40
CA PHE B 33 -7.54 2.04 1.71
C PHE B 33 -8.46 2.84 0.77
N ALA B 34 -9.32 2.13 0.03
CA ALA B 34 -10.24 2.80 -0.89
C ALA B 34 -11.52 3.25 -0.19
N ILE B 35 -12.58 3.43 -0.99
CA ILE B 35 -13.88 3.86 -0.47
C ILE B 35 -14.56 2.75 0.33
N GLY B 36 -14.85 3.05 1.59
CA GLY B 36 -15.51 2.09 2.46
C GLY B 36 -16.76 2.65 3.11
N PRO B 37 -17.34 1.93 4.09
CA PRO B 37 -18.55 2.37 4.80
C PRO B 37 -18.28 3.45 5.85
N GLN B 38 -17.00 3.74 6.07
CA GLN B 38 -16.61 4.75 7.07
C GLN B 38 -15.97 6.00 6.43
N CYS B 39 -15.46 5.84 5.20
CA CYS B 39 -14.78 6.94 4.52
C CYS B 39 -14.94 6.81 3.00
N SER B 40 -15.46 7.86 2.37
CA SER B 40 -15.67 7.86 0.93
C SER B 40 -14.56 8.67 0.23
N LYS B 41 -13.37 8.63 0.81
CA LYS B 41 -12.22 9.35 0.26
C LYS B 41 -10.99 8.45 0.24
N VAL B 42 -10.09 8.69 -0.70
CA VAL B 42 -8.87 7.88 -0.81
C VAL B 42 -7.72 8.51 -0.01
N GLU B 43 -7.26 7.79 1.00
CA GLU B 43 -6.17 8.25 1.85
C GLU B 43 -5.02 7.25 1.83
N VAL B 44 -3.79 7.75 1.78
CA VAL B 44 -2.62 6.89 1.76
C VAL B 44 -1.86 6.96 3.09
N VAL B 45 -1.98 5.88 3.86
CA VAL B 45 -1.31 5.77 5.17
C VAL B 45 0.02 5.00 5.05
N ALA B 46 0.95 5.34 5.92
CA ALA B 46 2.28 4.71 5.95
C ALA B 46 2.75 4.47 7.38
N SER B 47 3.61 3.47 7.54
CA SER B 47 4.23 3.14 8.84
C SER B 47 5.75 3.16 8.73
N LEU B 48 6.37 3.79 9.72
CA LEU B 48 7.82 3.92 9.79
C LEU B 48 8.45 2.58 10.21
N LYS B 49 9.78 2.51 10.12
CA LYS B 49 10.51 1.31 10.50
C LYS B 49 10.65 1.21 12.01
N ASN B 50 10.43 2.34 12.69
CA ASN B 50 10.52 2.39 14.15
C ASN B 50 9.32 1.71 14.82
N GLY B 51 8.25 1.54 14.05
CA GLY B 51 7.05 0.90 14.58
C GLY B 51 5.94 1.89 14.84
N LYS B 52 5.81 2.89 13.97
CA LYS B 52 4.77 3.91 14.12
C LYS B 52 3.94 4.04 12.86
N GLU B 53 2.69 4.46 13.03
CA GLU B 53 1.75 4.64 11.91
C GLU B 53 1.19 6.07 11.93
N ILE B 54 1.26 6.69 10.78
CA ILE B 54 0.71 8.06 10.62
C ILE B 54 -0.22 8.10 9.41
N CYS B 55 -0.76 9.29 9.17
CA CYS B 55 -1.65 9.55 8.04
C CYS B 55 -1.14 10.76 7.26
N LEU B 56 -1.19 10.62 5.96
CA LEU B 56 -0.71 11.67 5.06
C LEU B 56 -1.91 12.23 4.28
N ASP B 57 -1.79 13.47 3.83
CA ASP B 57 -2.84 14.08 3.04
C ASP B 57 -2.48 14.06 1.56
N PRO B 58 -3.18 13.24 0.74
CA PRO B 58 -2.93 13.13 -0.70
C PRO B 58 -3.19 14.45 -1.42
N GLU B 59 -3.86 15.34 -0.72
CA GLU B 59 -4.19 16.69 -1.20
C GLU B 59 -2.95 17.60 -1.38
N ALA B 60 -1.84 17.23 -0.78
CA ALA B 60 -0.61 18.02 -0.85
C ALA B 60 0.35 17.43 -1.89
N PRO B 61 0.95 18.29 -2.73
CA PRO B 61 1.88 17.88 -3.80
C PRO B 61 3.18 17.27 -3.28
N PHE B 62 3.73 17.87 -2.22
CA PHE B 62 4.95 17.36 -1.55
C PHE B 62 4.75 15.94 -1.00
N LEU B 63 3.50 15.63 -0.70
CA LEU B 63 3.14 14.32 -0.18
C LEU B 63 3.08 13.30 -1.32
N LYS B 64 2.71 13.77 -2.51
CA LYS B 64 2.61 12.91 -3.71
C LYS B 64 4.01 12.57 -4.23
N LYS B 65 4.99 13.32 -3.77
CA LYS B 65 6.41 13.13 -4.14
C LYS B 65 7.09 12.00 -3.38
N VAL B 66 7.05 12.10 -2.06
CA VAL B 66 7.63 11.10 -1.17
C VAL B 66 6.93 9.74 -1.33
N ILE B 67 5.63 9.73 -1.70
CA ILE B 67 4.92 8.47 -1.90
C ILE B 67 5.37 7.82 -3.20
N GLN B 68 5.90 8.62 -4.12
CA GLN B 68 6.44 8.07 -5.38
C GLN B 68 7.74 7.28 -5.10
N LYS B 69 8.60 7.87 -4.26
CA LYS B 69 9.89 7.28 -3.90
C LYS B 69 9.78 6.03 -3.02
N ILE B 70 8.69 5.89 -2.25
CA ILE B 70 8.54 4.71 -1.40
C ILE B 70 8.28 3.44 -2.23
N LEU B 71 7.67 3.63 -3.40
CA LEU B 71 7.39 2.53 -4.29
C LEU B 71 8.51 2.39 -5.32
N ASP B 72 9.44 3.34 -5.30
CA ASP B 72 10.58 3.35 -6.20
C ASP B 72 11.78 2.68 -5.53
N GLY B 73 12.04 3.03 -4.28
CA GLY B 73 13.14 2.46 -3.55
C GLY B 73 12.81 1.09 -2.99
N GLY B 74 11.52 0.87 -2.73
CA GLY B 74 11.07 -0.40 -2.20
C GLY B 74 10.59 -1.33 -3.29
N ASN B 75 11.37 -1.42 -4.37
CA ASN B 75 11.04 -2.27 -5.50
C ASN B 75 12.26 -2.47 -6.39
N LYS B 76 13.19 -1.51 -6.33
CA LYS B 76 14.41 -1.57 -7.12
C LYS B 76 15.41 -2.56 -6.52
N GLU B 77 15.48 -2.58 -5.18
CA GLU B 77 16.39 -3.47 -4.49
C GLU B 77 15.83 -4.89 -4.42
N ASN B 78 16.66 -5.86 -4.78
CA ASN B 78 16.25 -7.26 -4.77
C ASN B 78 16.56 -7.91 -3.43
N LEU A 8 13.84 -14.63 17.54
CA LEU A 8 14.79 -14.59 16.41
C LEU A 8 15.31 -16.01 16.10
N ARG A 9 14.45 -16.75 15.41
CA ARG A 9 14.78 -18.13 15.02
C ARG A 9 14.48 -18.37 13.53
N GLU A 10 13.20 -18.28 13.16
CA GLU A 10 12.71 -18.60 11.82
C GLU A 10 11.45 -17.78 11.51
N LEU A 11 11.60 -16.93 10.52
CA LEU A 11 10.51 -16.07 10.04
C LEU A 11 10.33 -16.24 8.53
N ARG A 12 9.06 -16.25 8.14
CA ARG A 12 8.66 -16.49 6.75
C ARG A 12 8.21 -15.17 6.15
N CYS A 13 8.47 -14.99 4.85
CA CYS A 13 7.94 -13.83 4.10
C CYS A 13 6.42 -13.75 4.25
N VAL A 14 5.89 -12.53 4.18
CA VAL A 14 4.42 -12.31 4.26
C VAL A 14 3.68 -13.04 3.12
N CYS A 15 4.37 -13.16 1.99
CA CYS A 15 3.89 -13.84 0.78
C CYS A 15 4.78 -15.01 0.41
N LEU A 16 4.27 -16.20 0.69
CA LEU A 16 4.96 -17.45 0.30
C LEU A 16 4.70 -17.87 -1.16
N GLN A 17 3.50 -17.58 -1.63
CA GLN A 17 3.04 -17.91 -2.98
C GLN A 17 2.86 -16.61 -3.80
N THR A 18 2.41 -16.82 -5.03
CA THR A 18 2.15 -15.73 -5.98
C THR A 18 0.74 -15.85 -6.59
N THR A 19 0.47 -15.01 -7.59
CA THR A 19 -0.80 -14.94 -8.32
C THR A 19 -0.58 -14.30 -9.70
N GLN A 20 -1.46 -14.69 -10.62
CA GLN A 20 -1.52 -14.20 -12.00
C GLN A 20 -2.92 -13.73 -12.38
N GLY A 21 -3.28 -12.58 -11.80
CA GLY A 21 -4.53 -11.94 -12.15
C GLY A 21 -4.37 -11.08 -13.42
N VAL A 22 -5.37 -10.36 -13.92
CA VAL A 22 -6.76 -9.97 -13.47
C VAL A 22 -6.93 -8.48 -13.82
N HIS A 23 -8.02 -7.87 -13.39
CA HIS A 23 -8.24 -6.44 -13.56
C HIS A 23 -8.34 -5.74 -12.19
N PRO A 24 -7.80 -4.51 -12.10
CA PRO A 24 -7.89 -3.64 -10.91
C PRO A 24 -9.33 -3.47 -10.42
N LYS A 25 -10.31 -3.71 -11.29
CA LYS A 25 -11.74 -3.60 -10.99
C LYS A 25 -12.14 -4.40 -9.73
N MET A 26 -11.39 -5.47 -9.47
CA MET A 26 -11.57 -6.31 -8.27
C MET A 26 -10.76 -5.82 -7.06
N ILE A 27 -9.74 -4.99 -7.31
CA ILE A 27 -8.88 -4.48 -6.24
C ILE A 27 -9.36 -3.12 -5.73
N SER A 28 -9.28 -2.90 -4.41
CA SER A 28 -9.71 -1.65 -3.81
C SER A 28 -8.74 -1.20 -2.70
N ASN A 29 -7.68 -1.98 -2.50
CA ASN A 29 -6.68 -1.66 -1.46
C ASN A 29 -5.33 -2.29 -1.82
N LEU A 30 -4.26 -1.49 -1.75
CA LEU A 30 -2.92 -1.99 -2.07
C LEU A 30 -1.94 -1.72 -0.93
N GLN A 31 -1.35 -2.79 -0.41
CA GLN A 31 -0.39 -2.69 0.68
C GLN A 31 1.02 -2.99 0.18
N VAL A 32 1.94 -2.03 0.39
CA VAL A 32 3.32 -2.19 -0.04
C VAL A 32 4.21 -2.59 1.13
N PHE A 33 4.81 -3.77 1.04
CA PHE A 33 5.70 -4.27 2.08
C PHE A 33 7.15 -4.19 1.64
N ALA A 34 7.98 -3.51 2.44
CA ALA A 34 9.40 -3.36 2.12
C ALA A 34 10.23 -4.50 2.72
N ILE A 35 11.52 -4.26 2.88
CA ILE A 35 12.45 -5.25 3.42
C ILE A 35 12.32 -5.31 4.96
N GLY A 36 12.08 -6.52 5.47
CA GLY A 36 11.94 -6.71 6.90
C GLY A 36 12.84 -7.81 7.45
N PRO A 37 12.64 -8.21 8.71
CA PRO A 37 13.42 -9.26 9.37
C PRO A 37 13.01 -10.66 8.92
N GLN A 38 11.88 -10.75 8.21
CA GLN A 38 11.36 -12.04 7.74
C GLN A 38 11.52 -12.22 6.21
N CYS A 39 11.67 -11.11 5.50
CA CYS A 39 11.78 -11.14 4.05
C CYS A 39 12.82 -10.15 3.55
N SER A 40 13.74 -10.63 2.72
CA SER A 40 14.79 -9.78 2.16
C SER A 40 14.33 -9.17 0.84
N LYS A 41 13.29 -9.75 0.25
CA LYS A 41 12.75 -9.27 -1.02
C LYS A 41 11.43 -8.52 -0.79
N VAL A 42 11.19 -7.49 -1.61
CA VAL A 42 9.96 -6.70 -1.50
C VAL A 42 8.80 -7.43 -2.18
N GLU A 43 7.68 -7.50 -1.49
CA GLU A 43 6.49 -8.16 -2.02
C GLU A 43 5.28 -7.23 -1.99
N VAL A 44 4.44 -7.34 -3.00
CA VAL A 44 3.26 -6.48 -3.10
C VAL A 44 1.97 -7.27 -2.90
N VAL A 45 1.31 -7.01 -1.78
CA VAL A 45 0.02 -7.66 -1.45
C VAL A 45 -1.17 -6.74 -1.76
N ALA A 46 -2.35 -7.34 -1.93
CA ALA A 46 -3.54 -6.57 -2.25
C ALA A 46 -4.81 -7.22 -1.71
N SER A 47 -5.84 -6.40 -1.50
CA SER A 47 -7.12 -6.87 -0.99
C SER A 47 -8.23 -6.60 -1.99
N LEU A 48 -9.17 -7.53 -2.11
CA LEU A 48 -10.30 -7.39 -3.02
C LEU A 48 -11.49 -6.74 -2.31
N LYS A 49 -12.48 -6.33 -3.12
CA LYS A 49 -13.69 -5.70 -2.58
C LYS A 49 -14.57 -6.74 -1.88
N ASN A 50 -14.38 -8.01 -2.24
CA ASN A 50 -15.13 -9.10 -1.64
C ASN A 50 -14.66 -9.39 -0.22
N GLY A 51 -13.42 -9.01 0.07
CA GLY A 51 -12.87 -9.22 1.39
C GLY A 51 -11.82 -10.32 1.41
N LYS A 52 -11.01 -10.37 0.36
CA LYS A 52 -9.96 -11.39 0.25
C LYS A 52 -8.59 -10.73 0.10
N GLU A 53 -7.54 -11.51 0.38
CA GLU A 53 -6.16 -11.00 0.26
C GLU A 53 -5.30 -12.02 -0.49
N ILE A 54 -4.60 -11.52 -1.49
CA ILE A 54 -3.68 -12.36 -2.28
C ILE A 54 -2.29 -11.71 -2.34
N CYS A 55 -1.40 -12.40 -3.03
CA CYS A 55 -0.03 -11.92 -3.24
C CYS A 55 0.29 -11.95 -4.73
N LEU A 56 0.95 -10.89 -5.16
CA LEU A 56 1.30 -10.74 -6.56
C LEU A 56 2.83 -10.79 -6.69
N ASP A 57 3.33 -11.24 -7.83
CA ASP A 57 4.77 -11.30 -8.06
C ASP A 57 5.22 -10.08 -8.86
N PRO A 58 6.06 -9.20 -8.27
CA PRO A 58 6.55 -7.98 -8.93
C PRO A 58 7.48 -8.28 -10.12
N GLU A 59 7.80 -9.55 -10.30
CA GLU A 59 8.66 -9.98 -11.39
C GLU A 59 7.89 -10.05 -12.70
N ALA A 60 6.56 -9.98 -12.64
CA ALA A 60 5.75 -10.05 -13.85
C ALA A 60 5.34 -8.64 -14.32
N PRO A 61 5.47 -8.37 -15.63
CA PRO A 61 5.15 -7.05 -16.22
C PRO A 61 3.66 -6.69 -16.13
N PHE A 62 2.80 -7.68 -16.39
CA PHE A 62 1.33 -7.50 -16.29
C PHE A 62 0.91 -7.12 -14.86
N LEU A 63 1.71 -7.52 -13.90
CA LEU A 63 1.46 -7.21 -12.51
C LEU A 63 1.76 -5.74 -12.22
N LYS A 64 2.77 -5.20 -12.92
CA LYS A 64 3.16 -3.80 -12.76
C LYS A 64 2.11 -2.86 -13.38
N LYS A 65 1.30 -3.42 -14.26
CA LYS A 65 0.22 -2.68 -14.94
C LYS A 65 -1.01 -2.49 -14.05
N VAL A 66 -1.57 -3.61 -13.60
CA VAL A 66 -2.74 -3.61 -12.74
C VAL A 66 -2.49 -2.81 -11.45
N ILE A 67 -1.23 -2.77 -10.98
CA ILE A 67 -0.90 -2.01 -9.78
C ILE A 67 -0.76 -0.53 -10.12
N GLN A 68 -0.35 -0.23 -11.37
CA GLN A 68 -0.25 1.17 -11.80
C GLN A 68 -1.65 1.82 -11.86
N LYS A 69 -2.63 1.08 -12.38
CA LYS A 69 -4.00 1.59 -12.50
C LYS A 69 -4.63 1.94 -11.15
N ILE A 70 -4.30 1.18 -10.09
CA ILE A 70 -4.87 1.45 -8.77
C ILE A 70 -4.09 2.52 -8.01
N LEU A 71 -3.03 3.04 -8.64
CA LEU A 71 -2.20 4.07 -8.01
C LEU A 71 -2.47 5.43 -8.66
N ASP A 72 -2.71 5.41 -9.97
CA ASP A 72 -2.98 6.63 -10.74
C ASP A 72 -4.45 7.00 -10.61
N GLY A 73 -5.32 5.99 -10.64
CA GLY A 73 -6.75 6.22 -10.52
C GLY A 73 -7.15 6.66 -9.13
N GLY A 74 -6.31 6.36 -8.13
CA GLY A 74 -6.59 6.75 -6.76
C GLY A 74 -6.39 8.23 -6.55
N ASN A 75 -5.47 8.82 -7.31
CA ASN A 75 -5.19 10.25 -7.22
C ASN A 75 -6.14 11.04 -8.11
N LYS A 76 -6.65 10.37 -9.15
CA LYS A 76 -7.58 11.00 -10.08
C LYS A 76 -8.97 11.08 -9.47
N GLU A 77 -9.31 10.12 -8.61
CA GLU A 77 -10.62 10.09 -7.95
C GLU A 77 -10.59 10.96 -6.70
N ASN A 78 -11.49 11.94 -6.65
CA ASN A 78 -11.58 12.84 -5.50
C ASN A 78 -12.87 12.60 -4.73
N LEU B 8 -24.33 -0.76 12.54
CA LEU B 8 -24.52 0.32 11.54
C LEU B 8 -25.13 1.57 12.22
N ARG B 9 -24.25 2.29 12.90
CA ARG B 9 -24.64 3.51 13.63
C ARG B 9 -23.70 4.67 13.30
N GLU B 10 -22.43 4.52 13.70
CA GLU B 10 -21.41 5.57 13.61
C GLU B 10 -20.02 4.95 13.48
N LEU B 11 -19.43 5.20 12.33
CA LEU B 11 -18.07 4.72 12.01
C LEU B 11 -17.19 5.89 11.58
N ARG B 12 -15.95 5.82 12.05
CA ARG B 12 -14.96 6.90 11.82
C ARG B 12 -13.95 6.40 10.79
N CYS B 13 -13.46 7.33 9.97
CA CYS B 13 -12.37 7.02 9.02
C CYS B 13 -11.17 6.43 9.78
N VAL B 14 -10.41 5.59 9.09
CA VAL B 14 -9.19 4.98 9.68
C VAL B 14 -8.17 6.05 10.11
N CYS B 15 -8.18 7.16 9.37
CA CYS B 15 -7.31 8.33 9.59
C CYS B 15 -8.14 9.58 9.89
N LEU B 16 -8.16 9.95 11.16
CA LEU B 16 -8.82 11.19 11.60
C LEU B 16 -7.96 12.45 11.41
N GLN B 17 -6.67 12.28 11.58
CA GLN B 17 -5.67 13.34 11.46
C GLN B 17 -4.78 13.11 10.23
N THR B 18 -3.83 14.02 10.07
CA THR B 18 -2.86 14.00 8.97
C THR B 18 -1.42 14.11 9.49
N THR B 19 -0.48 14.27 8.57
CA THR B 19 0.97 14.40 8.82
C THR B 19 1.65 15.09 7.63
N GLN B 20 2.74 15.76 7.95
CA GLN B 20 3.62 16.47 7.02
C GLN B 20 5.09 16.06 7.20
N GLY B 21 5.36 14.84 6.75
CA GLY B 21 6.74 14.35 6.73
C GLY B 21 7.46 14.81 5.46
N VAL B 22 8.71 14.45 5.19
CA VAL B 22 9.71 13.50 5.77
C VAL B 22 10.39 12.79 4.58
N HIS B 23 11.22 11.79 4.85
CA HIS B 23 11.84 10.99 3.79
C HIS B 23 11.37 9.52 3.91
N PRO B 24 11.18 8.86 2.75
CA PRO B 24 10.86 7.42 2.65
C PRO B 24 11.83 6.54 3.44
N LYS B 25 13.02 7.05 3.74
CA LYS B 25 14.07 6.36 4.49
C LYS B 25 13.56 5.79 5.83
N MET B 26 12.56 6.46 6.41
CA MET B 26 11.97 6.03 7.68
C MET B 26 10.63 5.34 7.46
N ILE B 27 10.46 4.70 6.29
CA ILE B 27 9.22 3.99 5.95
C ILE B 27 9.52 2.56 5.50
N SER B 28 8.61 1.62 5.83
CA SER B 28 8.80 0.21 5.44
C SER B 28 7.47 -0.45 5.06
N ASN B 29 6.39 0.33 5.02
CA ASN B 29 5.07 -0.20 4.66
C ASN B 29 4.12 0.94 4.28
N LEU B 30 3.30 0.70 3.24
CA LEU B 30 2.34 1.70 2.77
C LEU B 30 1.02 1.04 2.39
N GLN B 31 -0.02 1.29 3.19
CA GLN B 31 -1.34 0.71 2.92
C GLN B 31 -2.28 1.77 2.34
N VAL B 32 -2.74 1.52 1.11
CA VAL B 32 -3.65 2.44 0.43
C VAL B 32 -5.08 1.90 0.40
N PHE B 33 -5.90 2.38 1.34
CA PHE B 33 -7.30 1.94 1.44
C PHE B 33 -8.22 2.92 0.73
N ALA B 34 -9.25 2.39 0.07
CA ALA B 34 -10.21 3.23 -0.64
C ALA B 34 -11.43 3.54 0.24
N ILE B 35 -12.55 3.85 -0.41
CA ILE B 35 -13.79 4.17 0.30
C ILE B 35 -14.43 2.93 0.91
N GLY B 36 -14.70 2.99 2.21
CA GLY B 36 -15.31 1.86 2.91
C GLY B 36 -16.56 2.27 3.67
N PRO B 37 -17.04 1.41 4.61
CA PRO B 37 -18.24 1.68 5.40
C PRO B 37 -17.96 2.69 6.52
N GLN B 38 -16.70 3.01 6.71
CA GLN B 38 -16.31 3.96 7.77
C GLN B 38 -15.81 5.31 7.22
N CYS B 39 -15.36 5.29 5.97
CA CYS B 39 -14.82 6.49 5.35
C CYS B 39 -15.36 6.68 3.94
N SER B 40 -15.69 7.92 3.60
CA SER B 40 -16.20 8.24 2.28
C SER B 40 -15.09 8.88 1.42
N LYS B 41 -13.84 8.70 1.83
CA LYS B 41 -12.70 9.28 1.11
C LYS B 41 -11.48 8.35 1.20
N VAL B 42 -10.57 8.50 0.24
CA VAL B 42 -9.35 7.70 0.21
C VAL B 42 -8.29 8.28 1.16
N GLU B 43 -7.65 7.41 1.93
CA GLU B 43 -6.65 7.85 2.90
C GLU B 43 -5.39 6.98 2.80
N VAL B 44 -4.24 7.62 2.70
CA VAL B 44 -2.98 6.89 2.58
C VAL B 44 -2.22 6.81 3.90
N VAL B 45 -2.25 5.62 4.50
CA VAL B 45 -1.54 5.34 5.76
C VAL B 45 -0.14 4.76 5.49
N ALA B 46 0.76 5.03 6.42
CA ALA B 46 2.15 4.55 6.33
C ALA B 46 2.68 4.11 7.69
N SER B 47 3.64 3.19 7.66
CA SER B 47 4.31 2.70 8.86
C SER B 47 5.82 2.90 8.76
N LEU B 48 6.39 3.42 9.84
CA LEU B 48 7.83 3.70 9.92
C LEU B 48 8.61 2.44 10.29
N LYS B 49 9.94 2.58 10.31
CA LYS B 49 10.83 1.47 10.65
C LYS B 49 10.87 1.26 12.17
N ASN B 50 10.51 2.30 12.91
CA ASN B 50 10.50 2.24 14.38
C ASN B 50 9.39 1.35 14.89
N GLY B 51 8.31 1.25 14.13
CA GLY B 51 7.18 0.42 14.52
C GLY B 51 5.92 1.23 14.76
N LYS B 52 5.95 2.50 14.34
CA LYS B 52 4.81 3.39 14.50
C LYS B 52 4.03 3.56 13.21
N GLU B 53 2.75 3.90 13.33
CA GLU B 53 1.90 4.10 12.17
C GLU B 53 1.28 5.50 12.19
N ILE B 54 1.39 6.17 11.05
CA ILE B 54 0.85 7.54 10.90
C ILE B 54 -0.11 7.58 9.69
N CYS B 55 -0.67 8.77 9.47
CA CYS B 55 -1.56 9.02 8.34
C CYS B 55 -1.06 10.24 7.57
N LEU B 56 -1.12 10.10 6.26
CA LEU B 56 -0.66 11.14 5.36
C LEU B 56 -1.86 11.70 4.60
N ASP B 57 -1.79 12.96 4.16
CA ASP B 57 -2.88 13.56 3.39
C ASP B 57 -2.47 13.71 1.93
N PRO B 58 -3.18 13.03 0.99
CA PRO B 58 -2.88 13.10 -0.45
C PRO B 58 -2.98 14.53 -1.00
N GLU B 59 -3.60 15.38 -0.20
CA GLU B 59 -3.78 16.81 -0.51
C GLU B 59 -2.46 17.61 -0.55
N ALA B 60 -1.40 17.03 0.01
CA ALA B 60 -0.09 17.69 0.06
C ALA B 60 0.83 17.15 -1.04
N PRO B 61 1.53 18.04 -1.75
CA PRO B 61 2.45 17.69 -2.86
C PRO B 61 3.67 16.87 -2.40
N PHE B 62 4.25 17.27 -1.26
CA PHE B 62 5.39 16.55 -0.65
C PHE B 62 5.03 15.10 -0.30
N LEU B 63 3.75 14.89 -0.03
CA LEU B 63 3.24 13.58 0.31
C LEU B 63 3.28 12.68 -0.92
N LYS B 64 2.89 13.23 -2.07
CA LYS B 64 2.88 12.49 -3.33
C LYS B 64 4.28 12.05 -3.73
N LYS B 65 5.28 12.80 -3.27
CA LYS B 65 6.70 12.52 -3.54
C LYS B 65 7.25 11.36 -2.71
N VAL B 66 7.11 11.46 -1.39
CA VAL B 66 7.55 10.41 -0.49
C VAL B 66 6.79 9.10 -0.74
N ILE B 67 5.53 9.20 -1.21
CA ILE B 67 4.75 7.99 -1.50
C ILE B 67 5.05 7.50 -2.91
N GLN B 68 5.57 8.39 -3.75
CA GLN B 68 5.97 7.98 -5.11
C GLN B 68 7.29 7.20 -5.08
N LYS B 69 8.25 7.68 -4.29
CA LYS B 69 9.57 7.05 -4.18
C LYS B 69 9.51 5.61 -3.66
N ILE B 70 8.51 5.30 -2.83
CA ILE B 70 8.38 3.94 -2.29
C ILE B 70 7.61 3.01 -3.23
N LEU B 71 6.98 3.59 -4.25
CA LEU B 71 6.24 2.80 -5.22
C LEU B 71 7.17 2.28 -6.31
N ASP B 72 8.13 3.13 -6.71
CA ASP B 72 9.09 2.77 -7.73
C ASP B 72 10.23 1.96 -7.12
N GLY B 73 10.46 2.15 -5.82
CA GLY B 73 11.51 1.44 -5.12
C GLY B 73 11.16 -0.03 -4.93
N GLY B 74 9.87 -0.33 -4.87
CA GLY B 74 9.42 -1.71 -4.71
C GLY B 74 9.45 -2.47 -6.02
N ASN B 75 9.52 -1.72 -7.12
CA ASN B 75 9.57 -2.32 -8.45
C ASN B 75 11.02 -2.47 -8.89
N LYS B 76 11.88 -1.61 -8.37
CA LYS B 76 13.30 -1.64 -8.69
C LYS B 76 14.01 -2.80 -7.99
N GLU B 77 13.56 -3.10 -6.77
CA GLU B 77 14.15 -4.20 -6.00
C GLU B 77 13.71 -5.55 -6.56
N ASN B 78 14.69 -6.32 -7.02
CA ASN B 78 14.41 -7.64 -7.60
C ASN B 78 14.79 -8.74 -6.63
N LEU A 8 14.30 -14.93 17.16
CA LEU A 8 15.22 -14.88 16.01
C LEU A 8 15.74 -16.30 15.69
N ARG A 9 14.87 -17.03 15.00
CA ARG A 9 15.17 -18.42 14.60
C ARG A 9 14.85 -18.65 13.12
N GLU A 10 13.56 -18.54 12.79
CA GLU A 10 13.04 -18.86 11.45
C GLU A 10 11.77 -18.04 11.16
N LEU A 11 11.91 -17.19 10.18
CA LEU A 11 10.81 -16.32 9.72
C LEU A 11 10.59 -16.48 8.22
N ARG A 12 9.32 -16.49 7.86
CA ARG A 12 8.89 -16.72 6.46
C ARG A 12 8.42 -15.38 5.88
N CYS A 13 8.65 -15.21 4.58
CA CYS A 13 8.12 -14.04 3.85
C CYS A 13 6.60 -13.96 4.04
N VAL A 14 6.08 -12.74 3.99
CA VAL A 14 4.62 -12.52 4.09
C VAL A 14 3.85 -13.24 2.97
N CYS A 15 4.51 -13.36 1.82
CA CYS A 15 4.00 -14.02 0.62
C CYS A 15 4.88 -15.20 0.23
N LEU A 16 4.37 -16.39 0.52
CA LEU A 16 5.05 -17.64 0.10
C LEU A 16 4.76 -18.05 -1.35
N GLN A 17 3.55 -17.76 -1.79
CA GLN A 17 3.05 -18.07 -3.14
C GLN A 17 2.87 -16.77 -3.95
N THR A 18 2.39 -16.98 -5.17
CA THR A 18 2.10 -15.88 -6.11
C THR A 18 0.68 -16.00 -6.69
N THR A 19 0.39 -15.16 -7.68
CA THR A 19 -0.89 -15.08 -8.39
C THR A 19 -0.70 -14.43 -9.77
N GLN A 20 -1.59 -14.82 -10.66
CA GLN A 20 -1.68 -14.31 -12.04
C GLN A 20 -3.10 -13.84 -12.39
N GLY A 21 -3.43 -12.69 -11.80
CA GLY A 21 -4.70 -12.04 -12.12
C GLY A 21 -4.56 -11.18 -13.39
N VAL A 22 -5.57 -10.45 -13.86
CA VAL A 22 -6.93 -10.07 -13.39
C VAL A 22 -7.11 -8.57 -13.72
N HIS A 23 -8.19 -7.96 -13.26
CA HIS A 23 -8.41 -6.52 -13.43
C HIS A 23 -8.48 -5.83 -12.05
N PRO A 24 -7.94 -4.61 -11.96
CA PRO A 24 -8.00 -3.74 -10.77
C PRO A 24 -9.43 -3.57 -10.24
N LYS A 25 -10.42 -3.80 -11.10
CA LYS A 25 -11.85 -3.69 -10.77
C LYS A 25 -12.23 -4.49 -9.51
N MET A 26 -11.47 -5.56 -9.26
CA MET A 26 -11.62 -6.40 -8.07
C MET A 26 -10.79 -5.92 -6.86
N ILE A 27 -9.77 -5.11 -7.13
CA ILE A 27 -8.89 -4.61 -6.08
C ILE A 27 -9.48 -3.38 -5.39
N SER A 28 -9.43 -3.36 -4.06
CA SER A 28 -9.97 -2.25 -3.27
C SER A 28 -9.04 -1.91 -2.09
N ASN A 29 -7.82 -2.44 -2.13
CA ASN A 29 -6.83 -2.20 -1.07
C ASN A 29 -5.45 -2.68 -1.52
N LEU A 30 -4.44 -1.84 -1.31
CA LEU A 30 -3.07 -2.17 -1.71
C LEU A 30 -2.10 -2.02 -0.53
N GLN A 31 -1.18 -2.97 -0.40
CA GLN A 31 -0.20 -2.95 0.67
C GLN A 31 1.21 -3.13 0.11
N VAL A 32 2.06 -2.12 0.31
CA VAL A 32 3.44 -2.17 -0.18
C VAL A 32 4.41 -2.51 0.95
N PHE A 33 5.02 -3.69 0.85
CA PHE A 33 5.98 -4.15 1.84
C PHE A 33 7.39 -4.16 1.27
N ALA A 34 8.30 -3.39 1.88
CA ALA A 34 9.69 -3.33 1.42
C ALA A 34 10.56 -4.39 2.09
N ILE A 35 11.87 -4.16 2.09
CA ILE A 35 12.82 -5.07 2.70
C ILE A 35 12.67 -5.09 4.22
N GLY A 36 12.35 -6.27 4.76
CA GLY A 36 12.18 -6.40 6.19
C GLY A 36 13.08 -7.46 6.79
N PRO A 37 12.93 -7.75 8.10
CA PRO A 37 13.74 -8.75 8.80
C PRO A 37 13.30 -10.18 8.50
N GLN A 38 12.17 -10.32 7.82
CA GLN A 38 11.66 -11.66 7.47
C GLN A 38 11.75 -11.96 5.97
N CYS A 39 11.84 -10.92 5.16
CA CYS A 39 11.89 -11.07 3.71
C CYS A 39 12.70 -9.95 3.06
N SER A 40 13.74 -10.34 2.31
CA SER A 40 14.58 -9.36 1.62
C SER A 40 14.16 -9.21 0.16
N LYS A 41 12.85 -9.23 -0.07
CA LYS A 41 12.30 -9.11 -1.41
C LYS A 41 11.07 -8.22 -1.40
N VAL A 42 10.92 -7.39 -2.43
CA VAL A 42 9.78 -6.50 -2.54
C VAL A 42 8.58 -7.23 -3.15
N GLU A 43 7.51 -7.35 -2.38
CA GLU A 43 6.30 -8.02 -2.84
C GLU A 43 5.09 -7.12 -2.67
N VAL A 44 4.21 -7.11 -3.67
CA VAL A 44 3.01 -6.28 -3.62
C VAL A 44 1.76 -7.13 -3.40
N VAL A 45 1.16 -6.96 -2.23
CA VAL A 45 -0.08 -7.68 -1.86
C VAL A 45 -1.31 -6.77 -2.01
N ALA A 46 -2.44 -7.38 -2.30
CA ALA A 46 -3.72 -6.66 -2.48
C ALA A 46 -4.88 -7.44 -1.86
N SER A 47 -5.91 -6.70 -1.48
CA SER A 47 -7.15 -7.28 -0.93
C SER A 47 -8.36 -6.82 -1.74
N LEU A 48 -9.20 -7.80 -2.06
CA LEU A 48 -10.41 -7.55 -2.84
C LEU A 48 -11.51 -6.94 -1.95
N LYS A 49 -12.63 -6.57 -2.58
CA LYS A 49 -13.75 -5.99 -1.85
C LYS A 49 -14.58 -7.08 -1.16
N ASN A 50 -14.33 -8.33 -1.55
CA ASN A 50 -15.04 -9.47 -0.98
C ASN A 50 -14.39 -9.92 0.33
N GLY A 51 -13.33 -9.22 0.73
CA GLY A 51 -12.63 -9.56 1.97
C GLY A 51 -11.61 -10.65 1.77
N LYS A 52 -10.87 -10.58 0.66
CA LYS A 52 -9.85 -11.58 0.35
C LYS A 52 -8.48 -10.92 0.15
N GLU A 53 -7.43 -11.65 0.47
CA GLU A 53 -6.06 -11.15 0.33
C GLU A 53 -5.21 -12.17 -0.44
N ILE A 54 -4.53 -11.67 -1.46
CA ILE A 54 -3.63 -12.51 -2.28
C ILE A 54 -2.25 -11.86 -2.36
N CYS A 55 -1.36 -12.55 -3.07
CA CYS A 55 0.00 -12.08 -3.31
C CYS A 55 0.29 -12.10 -4.80
N LEU A 56 0.94 -11.05 -5.24
CA LEU A 56 1.27 -10.89 -6.65
C LEU A 56 2.79 -10.94 -6.81
N ASP A 57 3.25 -11.35 -7.98
CA ASP A 57 4.69 -11.38 -8.24
C ASP A 57 5.10 -10.16 -9.07
N PRO A 58 5.87 -9.22 -8.46
CA PRO A 58 6.34 -8.00 -9.15
C PRO A 58 7.24 -8.33 -10.33
N GLU A 59 7.70 -9.58 -10.34
CA GLU A 59 8.56 -10.11 -11.41
C GLU A 59 7.86 -10.20 -12.78
N ALA A 60 6.53 -10.12 -12.78
CA ALA A 60 5.75 -10.21 -14.01
C ALA A 60 5.32 -8.81 -14.49
N PRO A 61 5.46 -8.54 -15.79
CA PRO A 61 5.11 -7.24 -16.41
C PRO A 61 3.62 -6.91 -16.35
N PHE A 62 2.78 -7.91 -16.61
CA PHE A 62 1.31 -7.78 -16.52
C PHE A 62 0.85 -7.41 -15.11
N LEU A 63 1.67 -7.77 -14.14
CA LEU A 63 1.40 -7.47 -12.76
C LEU A 63 1.85 -6.04 -12.43
N LYS A 64 2.91 -5.59 -13.10
CA LYS A 64 3.45 -4.23 -12.90
C LYS A 64 2.53 -3.18 -13.54
N LYS A 65 1.61 -3.67 -14.36
CA LYS A 65 0.62 -2.82 -15.05
C LYS A 65 -0.60 -2.51 -14.20
N VAL A 66 -1.26 -3.57 -13.73
CA VAL A 66 -2.43 -3.45 -12.87
C VAL A 66 -2.11 -2.73 -11.56
N ILE A 67 -0.84 -2.79 -11.11
CA ILE A 67 -0.45 -2.10 -9.87
C ILE A 67 -0.42 -0.59 -10.10
N GLN A 68 -0.10 -0.17 -11.33
CA GLN A 68 -0.14 1.26 -11.65
C GLN A 68 -1.59 1.78 -11.69
N LYS A 69 -2.47 0.99 -12.33
CA LYS A 69 -3.88 1.35 -12.44
C LYS A 69 -4.58 1.53 -11.09
N ILE A 70 -4.23 0.68 -10.11
CA ILE A 70 -4.85 0.78 -8.78
C ILE A 70 -4.30 1.98 -8.00
N LEU A 71 -3.09 2.41 -8.35
CA LEU A 71 -2.45 3.55 -7.69
C LEU A 71 -3.00 4.85 -8.26
N ASP A 72 -3.36 4.84 -9.55
CA ASP A 72 -3.90 6.02 -10.21
C ASP A 72 -5.38 6.19 -9.85
N GLY A 73 -6.07 5.07 -9.69
CA GLY A 73 -7.48 5.10 -9.34
C GLY A 73 -7.70 5.46 -7.88
N GLY A 74 -6.71 5.16 -7.04
CA GLY A 74 -6.81 5.47 -5.63
C GLY A 74 -6.21 6.83 -5.31
N ASN A 75 -6.05 7.65 -6.33
CA ASN A 75 -5.49 8.99 -6.17
C ASN A 75 -6.37 10.01 -6.91
N LYS A 76 -7.01 9.55 -7.99
CA LYS A 76 -7.88 10.40 -8.79
C LYS A 76 -9.33 10.30 -8.29
N GLU A 77 -9.53 9.48 -7.25
CA GLU A 77 -10.85 9.28 -6.66
C GLU A 77 -11.31 10.56 -5.95
N ASN A 78 -12.32 11.22 -6.51
CA ASN A 78 -12.85 12.45 -5.95
C ASN A 78 -14.23 12.23 -5.33
N LEU B 8 -24.70 0.07 12.23
CA LEU B 8 -24.85 1.15 11.23
C LEU B 8 -25.45 2.41 11.90
N ARG B 9 -24.57 3.12 12.58
CA ARG B 9 -24.95 4.34 13.30
C ARG B 9 -23.98 5.49 13.00
N GLU B 10 -22.73 5.31 13.43
CA GLU B 10 -21.69 6.34 13.34
C GLU B 10 -20.31 5.70 13.24
N LEU B 11 -19.68 5.93 12.11
CA LEU B 11 -18.33 5.42 11.82
C LEU B 11 -17.42 6.58 11.40
N ARG B 12 -16.19 6.49 11.89
CA ARG B 12 -15.17 7.53 11.68
C ARG B 12 -14.16 7.03 10.66
N CYS B 13 -13.63 7.94 9.86
CA CYS B 13 -12.52 7.62 8.94
C CYS B 13 -11.35 7.00 9.72
N VAL B 14 -10.60 6.15 9.04
CA VAL B 14 -9.40 5.51 9.66
C VAL B 14 -8.36 6.57 10.11
N CYS B 15 -8.34 7.67 9.36
CA CYS B 15 -7.46 8.82 9.60
C CYS B 15 -8.27 10.09 9.87
N LEU B 16 -8.31 10.46 11.14
CA LEU B 16 -8.96 11.72 11.56
C LEU B 16 -8.07 12.96 11.39
N GLN B 17 -6.78 12.77 11.58
CA GLN B 17 -5.75 13.81 11.49
C GLN B 17 -4.85 13.57 10.26
N THR B 18 -3.89 14.46 10.13
CA THR B 18 -2.89 14.40 9.04
C THR B 18 -1.46 14.50 9.59
N THR B 19 -0.50 14.64 8.69
CA THR B 19 0.95 14.74 8.97
C THR B 19 1.66 15.42 7.78
N GLN B 20 2.76 16.07 8.13
CA GLN B 20 3.68 16.76 7.22
C GLN B 20 5.14 16.32 7.42
N GLY B 21 5.38 15.08 6.98
CA GLY B 21 6.75 14.57 7.00
C GLY B 21 7.52 15.01 5.74
N VAL B 22 8.77 14.63 5.49
CA VAL B 22 9.73 13.66 6.10
C VAL B 22 10.42 12.95 4.91
N HIS B 23 11.22 11.93 5.20
CA HIS B 23 11.85 11.10 4.16
C HIS B 23 11.35 9.65 4.28
N PRO B 24 11.17 8.99 3.12
CA PRO B 24 10.83 7.55 3.01
C PRO B 24 11.76 6.66 3.83
N LYS B 25 12.96 7.15 4.13
CA LYS B 25 13.98 6.43 4.92
C LYS B 25 13.43 5.89 6.25
N MET B 26 12.42 6.58 6.78
CA MET B 26 11.71 6.17 8.00
C MET B 26 10.53 5.22 7.74
N ILE B 27 10.05 5.20 6.50
CA ILE B 27 8.91 4.37 6.12
C ILE B 27 9.36 3.06 5.45
N SER B 28 8.56 1.99 5.59
CA SER B 28 8.88 0.71 4.99
C SER B 28 7.61 -0.03 4.54
N ASN B 29 6.45 0.48 4.95
CA ASN B 29 5.17 -0.13 4.60
C ASN B 29 4.13 0.93 4.23
N LEU B 30 3.39 0.70 3.14
CA LEU B 30 2.37 1.63 2.68
C LEU B 30 1.03 0.91 2.51
N GLN B 31 0.05 1.29 3.32
CA GLN B 31 -1.28 0.70 3.25
C GLN B 31 -2.28 1.66 2.61
N VAL B 32 -2.82 1.26 1.47
CA VAL B 32 -3.79 2.06 0.74
C VAL B 32 -5.19 1.48 0.86
N PHE B 33 -6.13 2.29 1.34
CA PHE B 33 -7.51 1.87 1.51
C PHE B 33 -8.44 2.66 0.59
N ALA B 34 -9.39 1.96 -0.03
CA ALA B 34 -10.34 2.61 -0.94
C ALA B 34 -11.59 3.08 -0.21
N ILE B 35 -12.72 3.09 -0.93
CA ILE B 35 -14.00 3.52 -0.37
C ILE B 35 -14.55 2.51 0.64
N GLY B 36 -14.93 3.01 1.81
CA GLY B 36 -15.47 2.15 2.86
C GLY B 36 -16.72 2.72 3.51
N PRO B 37 -17.31 1.99 4.48
CA PRO B 37 -18.53 2.44 5.19
C PRO B 37 -18.24 3.54 6.22
N GLN B 38 -16.97 3.75 6.51
CA GLN B 38 -16.54 4.77 7.48
C GLN B 38 -15.91 6.00 6.81
N CYS B 39 -15.44 5.83 5.58
CA CYS B 39 -14.77 6.91 4.86
C CYS B 39 -14.92 6.73 3.36
N SER B 40 -15.62 7.68 2.72
CA SER B 40 -15.82 7.63 1.28
C SER B 40 -14.57 8.06 0.53
N LYS B 41 -13.76 8.89 1.19
CA LYS B 41 -12.51 9.38 0.61
C LYS B 41 -11.39 8.39 0.84
N VAL B 42 -10.46 8.30 -0.12
CA VAL B 42 -9.34 7.39 0.00
C VAL B 42 -8.24 7.99 0.89
N GLU B 43 -7.75 7.20 1.83
CA GLU B 43 -6.70 7.64 2.75
C GLU B 43 -5.51 6.70 2.71
N VAL B 44 -4.31 7.26 2.72
CA VAL B 44 -3.08 6.47 2.68
C VAL B 44 -2.35 6.47 4.02
N VAL B 45 -2.36 5.31 4.68
CA VAL B 45 -1.68 5.17 5.98
C VAL B 45 -0.30 4.46 5.80
N ALA B 46 0.62 4.80 6.69
CA ALA B 46 1.98 4.23 6.67
C ALA B 46 2.47 3.94 8.08
N SER B 47 3.38 2.97 8.17
CA SER B 47 4.02 2.59 9.45
C SER B 47 5.55 2.69 9.33
N LEU B 48 6.15 3.31 10.33
CA LEU B 48 7.59 3.49 10.39
C LEU B 48 8.29 2.20 10.78
N LYS B 49 9.61 2.19 10.71
CA LYS B 49 10.40 1.01 11.07
C LYS B 49 10.52 0.88 12.59
N ASN B 50 10.09 1.91 13.31
CA ASN B 50 10.14 1.92 14.76
C ASN B 50 8.88 1.28 15.35
N GLY B 51 7.90 1.00 14.50
CA GLY B 51 6.66 0.40 14.95
C GLY B 51 5.60 1.44 15.25
N LYS B 52 5.57 2.49 14.43
CA LYS B 52 4.60 3.57 14.59
C LYS B 52 3.73 3.70 13.35
N GLU B 53 2.55 4.27 13.50
CA GLU B 53 1.62 4.46 12.38
C GLU B 53 1.07 5.89 12.38
N ILE B 54 1.17 6.52 11.23
CA ILE B 54 0.66 7.89 11.06
C ILE B 54 -0.28 7.95 9.84
N CYS B 55 -0.80 9.14 9.60
CA CYS B 55 -1.67 9.41 8.46
C CYS B 55 -1.14 10.61 7.69
N LEU B 56 -1.17 10.46 6.38
CA LEU B 56 -0.68 11.51 5.48
C LEU B 56 -1.85 12.08 4.70
N ASP B 57 -1.73 13.33 4.26
CA ASP B 57 -2.78 13.94 3.46
C ASP B 57 -2.39 13.93 1.98
N PRO B 58 -3.10 13.13 1.14
CA PRO B 58 -2.82 13.03 -0.31
C PRO B 58 -3.00 14.37 -1.01
N GLU B 59 -3.67 15.27 -0.32
CA GLU B 59 -3.95 16.63 -0.79
C GLU B 59 -2.68 17.50 -0.95
N ALA B 60 -1.58 17.07 -0.34
CA ALA B 60 -0.31 17.80 -0.39
C ALA B 60 0.64 17.19 -1.44
N PRO B 61 1.26 18.04 -2.26
CA PRO B 61 2.19 17.60 -3.33
C PRO B 61 3.46 16.92 -2.80
N PHE B 62 4.02 17.49 -1.72
CA PHE B 62 5.22 16.92 -1.06
C PHE B 62 4.95 15.52 -0.51
N LEU B 63 3.69 15.25 -0.20
CA LEU B 63 3.29 13.97 0.31
C LEU B 63 3.30 12.91 -0.79
N LYS B 64 3.02 13.36 -2.03
CA LYS B 64 3.02 12.47 -3.19
C LYS B 64 4.44 12.11 -3.60
N LYS B 65 5.39 12.94 -3.17
CA LYS B 65 6.82 12.76 -3.45
C LYS B 65 7.46 11.63 -2.62
N VAL B 66 7.33 11.74 -1.29
CA VAL B 66 7.85 10.71 -0.40
C VAL B 66 7.17 9.36 -0.64
N ILE B 67 5.90 9.36 -1.09
CA ILE B 67 5.20 8.10 -1.39
C ILE B 67 5.52 7.64 -2.80
N GLN B 68 5.98 8.55 -3.64
CA GLN B 68 6.39 8.18 -5.01
C GLN B 68 7.76 7.48 -4.98
N LYS B 69 8.69 8.02 -4.18
CA LYS B 69 10.05 7.47 -4.07
C LYS B 69 10.06 5.99 -3.66
N ILE B 70 9.10 5.56 -2.84
CA ILE B 70 9.04 4.16 -2.40
C ILE B 70 8.48 3.24 -3.47
N LEU B 71 7.76 3.81 -4.43
CA LEU B 71 7.18 3.01 -5.51
C LEU B 71 8.26 2.59 -6.49
N ASP B 72 9.24 3.46 -6.69
CA ASP B 72 10.37 3.18 -7.59
C ASP B 72 11.37 2.24 -6.92
N GLY B 73 11.55 2.43 -5.61
CA GLY B 73 12.47 1.59 -4.86
C GLY B 73 11.93 0.20 -4.65
N GLY B 74 10.60 0.06 -4.72
CA GLY B 74 9.97 -1.24 -4.54
C GLY B 74 9.74 -1.96 -5.85
N ASN B 75 10.44 -1.51 -6.89
CA ASN B 75 10.34 -2.10 -8.22
C ASN B 75 11.73 -2.39 -8.79
N LYS B 76 12.69 -1.54 -8.44
CA LYS B 76 14.06 -1.69 -8.92
C LYS B 76 14.79 -2.77 -8.12
N GLU B 77 14.32 -3.03 -6.89
CA GLU B 77 14.93 -4.03 -6.03
C GLU B 77 14.69 -5.43 -6.60
N ASN B 78 15.78 -6.17 -6.84
CA ASN B 78 15.68 -7.52 -7.38
C ASN B 78 16.00 -8.56 -6.31
N LEU A 8 14.66 -16.05 17.04
CA LEU A 8 15.57 -15.92 15.88
C LEU A 8 16.09 -17.32 15.47
N ARG A 9 15.23 -18.01 14.75
CA ARG A 9 15.53 -19.37 14.26
C ARG A 9 15.19 -19.51 12.78
N GLU A 10 13.90 -19.41 12.46
CA GLU A 10 13.36 -19.65 11.12
C GLU A 10 12.09 -18.83 10.91
N LEU A 11 12.19 -17.91 9.97
CA LEU A 11 11.08 -17.02 9.59
C LEU A 11 10.84 -17.10 8.07
N ARG A 12 9.56 -17.10 7.74
CA ARG A 12 9.12 -17.25 6.34
C ARG A 12 8.63 -15.90 5.83
N CYS A 13 8.84 -15.63 4.55
CA CYS A 13 8.28 -14.44 3.90
C CYS A 13 6.77 -14.38 4.11
N VAL A 14 6.23 -13.16 4.14
CA VAL A 14 4.77 -12.96 4.28
C VAL A 14 3.98 -13.62 3.12
N CYS A 15 4.64 -13.66 1.97
CA CYS A 15 4.12 -14.27 0.73
C CYS A 15 4.99 -15.41 0.25
N LEU A 16 4.51 -16.62 0.48
CA LEU A 16 5.19 -17.83 -0.02
C LEU A 16 4.87 -18.16 -1.49
N GLN A 17 3.67 -17.85 -1.90
CA GLN A 17 3.15 -18.09 -3.25
C GLN A 17 2.94 -16.75 -3.98
N THR A 18 2.44 -16.88 -5.20
CA THR A 18 2.14 -15.73 -6.07
C THR A 18 0.70 -15.82 -6.63
N THR A 19 0.39 -14.93 -7.57
CA THR A 19 -0.90 -14.82 -8.25
C THR A 19 -0.74 -14.09 -9.59
N GLN A 20 -1.64 -14.43 -10.50
CA GLN A 20 -1.76 -13.85 -11.85
C GLN A 20 -3.18 -13.37 -12.13
N GLY A 21 -3.52 -12.26 -11.47
CA GLY A 21 -4.79 -11.61 -11.74
C GLY A 21 -4.69 -10.67 -12.96
N VAL A 22 -5.71 -9.92 -13.37
CA VAL A 22 -7.06 -9.58 -12.85
C VAL A 22 -7.26 -8.07 -13.09
N HIS A 23 -8.35 -7.51 -12.58
CA HIS A 23 -8.59 -6.07 -12.66
C HIS A 23 -8.63 -5.46 -11.24
N PRO A 24 -8.09 -4.23 -11.08
CA PRO A 24 -8.16 -3.44 -9.85
C PRO A 24 -9.57 -3.31 -9.28
N LYS A 25 -10.58 -3.51 -10.14
CA LYS A 25 -12.00 -3.43 -9.78
C LYS A 25 -12.35 -4.31 -8.57
N MET A 26 -11.59 -5.39 -8.40
CA MET A 26 -11.71 -6.30 -7.25
C MET A 26 -10.86 -5.88 -6.04
N ILE A 27 -9.86 -5.04 -6.28
CA ILE A 27 -8.97 -4.59 -5.21
C ILE A 27 -9.44 -3.26 -4.60
N SER A 28 -9.20 -3.07 -3.30
CA SER A 28 -9.62 -1.85 -2.62
C SER A 28 -8.54 -1.38 -1.63
N ASN A 29 -7.77 -2.32 -1.09
CA ASN A 29 -6.73 -2.00 -0.13
C ASN A 29 -5.38 -2.56 -0.58
N LEU A 30 -4.33 -1.75 -0.40
CA LEU A 30 -2.98 -2.16 -0.77
C LEU A 30 -2.05 -2.12 0.44
N GLN A 31 -1.10 -3.05 0.47
CA GLN A 31 -0.12 -3.13 1.55
C GLN A 31 1.27 -3.47 1.00
N VAL A 32 2.09 -2.43 0.84
CA VAL A 32 3.45 -2.60 0.30
C VAL A 32 4.45 -2.82 1.42
N PHE A 33 4.96 -4.05 1.52
CA PHE A 33 5.94 -4.39 2.56
C PHE A 33 7.35 -4.46 1.97
N ALA A 34 8.28 -3.73 2.57
CA ALA A 34 9.66 -3.72 2.10
C ALA A 34 10.50 -4.81 2.79
N ILE A 35 11.76 -4.49 3.07
CA ILE A 35 12.67 -5.43 3.71
C ILE A 35 12.31 -5.66 5.17
N GLY A 36 12.20 -6.93 5.57
CA GLY A 36 11.86 -7.26 6.93
C GLY A 36 12.75 -8.35 7.50
N PRO A 37 12.52 -8.76 8.77
CA PRO A 37 13.31 -9.80 9.44
C PRO A 37 12.93 -11.21 8.97
N GLN A 38 11.86 -11.29 8.19
CA GLN A 38 11.39 -12.58 7.67
C GLN A 38 11.59 -12.74 6.15
N CYS A 39 11.74 -11.61 5.46
CA CYS A 39 11.90 -11.61 4.01
C CYS A 39 12.88 -10.53 3.58
N SER A 40 13.84 -10.91 2.74
CA SER A 40 14.85 -9.97 2.25
C SER A 40 14.35 -9.24 0.99
N LYS A 41 13.39 -9.85 0.30
CA LYS A 41 12.84 -9.26 -0.91
C LYS A 41 11.50 -8.57 -0.61
N VAL A 42 11.16 -7.57 -1.41
CA VAL A 42 9.92 -6.84 -1.21
C VAL A 42 8.74 -7.59 -1.83
N GLU A 43 7.62 -7.61 -1.10
CA GLU A 43 6.42 -8.30 -1.56
C GLU A 43 5.20 -7.40 -1.37
N VAL A 44 4.32 -7.38 -2.37
CA VAL A 44 3.13 -6.54 -2.30
C VAL A 44 1.86 -7.35 -2.05
N VAL A 45 1.27 -7.17 -0.88
CA VAL A 45 0.01 -7.86 -0.51
C VAL A 45 -1.19 -6.91 -0.64
N ALA A 46 -2.34 -7.49 -0.95
CA ALA A 46 -3.60 -6.74 -1.12
C ALA A 46 -4.78 -7.50 -0.51
N SER A 47 -5.79 -6.74 -0.11
CA SER A 47 -7.04 -7.30 0.43
C SER A 47 -8.25 -6.80 -0.36
N LEU A 48 -9.11 -7.74 -0.73
CA LEU A 48 -10.31 -7.43 -1.49
C LEU A 48 -11.41 -6.91 -0.56
N LYS A 49 -12.48 -6.39 -1.16
CA LYS A 49 -13.61 -5.86 -0.40
C LYS A 49 -14.49 -7.01 0.12
N ASN A 50 -14.25 -8.21 -0.39
CA ASN A 50 -15.01 -9.39 0.00
C ASN A 50 -14.40 -10.02 1.26
N GLY A 51 -13.21 -9.57 1.65
CA GLY A 51 -12.56 -10.10 2.82
C GLY A 51 -11.53 -11.18 2.49
N LYS A 52 -10.78 -10.95 1.42
CA LYS A 52 -9.76 -11.89 0.98
C LYS A 52 -8.40 -11.21 0.85
N GLU A 53 -7.34 -12.01 0.89
CA GLU A 53 -5.97 -11.48 0.75
C GLU A 53 -5.12 -12.45 -0.09
N ILE A 54 -4.47 -11.88 -1.08
CA ILE A 54 -3.59 -12.66 -1.95
C ILE A 54 -2.19 -12.00 -2.02
N CYS A 55 -1.32 -12.63 -2.78
CA CYS A 55 0.04 -12.12 -3.01
C CYS A 55 0.30 -12.05 -4.51
N LEU A 56 0.94 -10.97 -4.90
CA LEU A 56 1.24 -10.73 -6.31
C LEU A 56 2.76 -10.75 -6.49
N ASP A 57 3.20 -11.11 -7.68
CA ASP A 57 4.62 -11.14 -7.98
C ASP A 57 5.01 -9.89 -8.77
N PRO A 58 5.75 -8.96 -8.13
CA PRO A 58 6.18 -7.70 -8.77
C PRO A 58 7.20 -7.95 -9.89
N GLU A 59 7.63 -9.19 -10.03
CA GLU A 59 8.60 -9.56 -11.05
C GLU A 59 7.93 -9.74 -12.41
N ALA A 60 6.59 -9.71 -12.43
CA ALA A 60 5.86 -9.84 -13.70
C ALA A 60 5.37 -8.47 -14.18
N PRO A 61 5.55 -8.19 -15.48
CA PRO A 61 5.16 -6.91 -16.10
C PRO A 61 3.65 -6.65 -16.09
N PHE A 62 2.88 -7.70 -16.39
CA PHE A 62 1.40 -7.65 -16.37
C PHE A 62 0.86 -7.30 -14.98
N LEU A 63 1.64 -7.64 -13.96
CA LEU A 63 1.27 -7.33 -12.59
C LEU A 63 1.59 -5.87 -12.26
N LYS A 64 2.56 -5.30 -12.99
CA LYS A 64 2.96 -3.91 -12.79
C LYS A 64 1.95 -2.96 -13.45
N LYS A 65 1.14 -3.51 -14.34
CA LYS A 65 0.09 -2.76 -15.05
C LYS A 65 -1.15 -2.51 -14.20
N VAL A 66 -1.72 -3.60 -13.69
CA VAL A 66 -2.90 -3.53 -12.83
C VAL A 66 -2.62 -2.68 -11.57
N ILE A 67 -1.36 -2.61 -11.14
CA ILE A 67 -1.02 -1.80 -9.96
C ILE A 67 -0.82 -0.34 -10.37
N GLN A 68 -0.59 -0.11 -11.67
CA GLN A 68 -0.47 1.27 -12.17
C GLN A 68 -1.84 1.96 -12.19
N LYS A 69 -2.85 1.21 -12.62
CA LYS A 69 -4.24 1.70 -12.70
C LYS A 69 -4.79 2.19 -11.35
N ILE A 70 -4.28 1.64 -10.24
CA ILE A 70 -4.77 2.05 -8.92
C ILE A 70 -4.14 3.37 -8.48
N LEU A 71 -3.05 3.74 -9.15
CA LEU A 71 -2.35 4.99 -8.86
C LEU A 71 -2.84 6.10 -9.78
N ASP A 72 -2.98 5.77 -11.07
CA ASP A 72 -3.45 6.71 -12.08
C ASP A 72 -4.94 6.94 -11.92
N GLY A 73 -5.69 5.85 -11.74
CA GLY A 73 -7.13 5.95 -11.57
C GLY A 73 -7.52 6.50 -10.22
N GLY A 74 -6.66 6.28 -9.23
CA GLY A 74 -6.93 6.77 -7.88
C GLY A 74 -6.67 8.26 -7.74
N ASN A 75 -5.84 8.80 -8.61
CA ASN A 75 -5.52 10.22 -8.59
C ASN A 75 -6.55 11.02 -9.37
N LYS A 76 -7.13 10.39 -10.40
CA LYS A 76 -8.14 11.04 -11.23
C LYS A 76 -9.53 10.96 -10.58
N GLU A 77 -9.66 10.06 -9.60
CA GLU A 77 -10.93 9.88 -8.89
C GLU A 77 -11.31 11.15 -8.13
N ASN A 78 -12.45 11.73 -8.51
CA ASN A 78 -12.93 12.95 -7.87
C ASN A 78 -14.22 12.72 -7.09
N LEU B 8 -24.33 -0.53 12.15
CA LEU B 8 -24.54 0.58 11.18
C LEU B 8 -25.15 1.80 11.89
N ARG B 9 -24.27 2.51 12.57
CA ARG B 9 -24.67 3.71 13.32
C ARG B 9 -23.73 4.89 13.03
N GLU B 10 -22.47 4.73 13.41
CA GLU B 10 -21.45 5.78 13.34
C GLU B 10 -20.05 5.18 13.20
N LEU B 11 -19.46 5.45 12.05
CA LEU B 11 -18.11 4.99 11.73
C LEU B 11 -17.23 6.16 11.32
N ARG B 12 -15.99 6.10 11.78
CA ARG B 12 -15.00 7.17 11.57
C ARG B 12 -14.00 6.71 10.53
N CYS B 13 -13.51 7.65 9.73
CA CYS B 13 -12.41 7.37 8.77
C CYS B 13 -11.21 6.77 9.52
N VAL B 14 -10.45 5.95 8.81
CA VAL B 14 -9.22 5.32 9.39
C VAL B 14 -8.21 6.40 9.84
N CYS B 15 -8.22 7.52 9.12
CA CYS B 15 -7.37 8.69 9.37
C CYS B 15 -8.21 9.93 9.68
N LEU B 16 -8.22 10.27 10.96
CA LEU B 16 -8.89 11.51 11.42
C LEU B 16 -8.03 12.77 11.25
N GLN B 17 -6.74 12.60 11.41
CA GLN B 17 -5.73 13.68 11.33
C GLN B 17 -4.85 13.48 10.07
N THR B 18 -3.91 14.38 9.94
CA THR B 18 -2.94 14.38 8.84
C THR B 18 -1.49 14.50 9.36
N THR B 19 -0.56 14.67 8.44
CA THR B 19 0.88 14.81 8.69
C THR B 19 1.56 15.53 7.52
N GLN B 20 2.66 16.20 7.85
CA GLN B 20 3.53 16.93 6.93
C GLN B 20 5.00 16.52 7.10
N GLY B 21 5.27 15.31 6.63
CA GLY B 21 6.65 14.82 6.60
C GLY B 21 7.38 15.32 5.33
N VAL B 22 8.63 14.96 5.06
CA VAL B 22 9.63 14.00 5.62
C VAL B 22 10.31 13.34 4.41
N HIS B 23 11.15 12.33 4.66
CA HIS B 23 11.76 11.54 3.60
C HIS B 23 11.31 10.07 3.68
N PRO B 24 11.12 9.43 2.52
CA PRO B 24 10.81 7.99 2.38
C PRO B 24 11.78 7.10 3.16
N LYS B 25 12.97 7.62 3.45
CA LYS B 25 14.02 6.91 4.19
C LYS B 25 13.52 6.32 5.53
N MET B 26 12.50 6.98 6.10
CA MET B 26 11.82 6.52 7.33
C MET B 26 10.65 5.55 7.05
N ILE B 27 10.15 5.57 5.83
CA ILE B 27 9.01 4.71 5.46
C ILE B 27 9.48 3.36 4.93
N SER B 28 8.77 2.29 5.33
CA SER B 28 9.11 0.94 4.90
C SER B 28 7.85 0.15 4.53
N ASN B 29 6.69 0.81 4.60
CA ASN B 29 5.41 0.17 4.28
C ASN B 29 4.41 1.22 3.79
N LEU B 30 3.73 0.92 2.68
CA LEU B 30 2.74 1.85 2.12
C LEU B 30 1.39 1.17 1.94
N GLN B 31 0.36 1.75 2.52
CA GLN B 31 -0.99 1.22 2.42
C GLN B 31 -1.93 2.18 1.71
N VAL B 32 -2.64 1.68 0.70
CA VAL B 32 -3.58 2.51 -0.05
C VAL B 32 -5.02 2.08 0.22
N PHE B 33 -5.74 2.92 0.95
CA PHE B 33 -7.13 2.63 1.30
C PHE B 33 -8.08 3.42 0.42
N ALA B 34 -9.00 2.71 -0.26
CA ALA B 34 -9.97 3.36 -1.13
C ALA B 34 -11.22 3.78 -0.35
N ILE B 35 -12.29 4.09 -1.07
CA ILE B 35 -13.54 4.50 -0.46
C ILE B 35 -14.26 3.31 0.17
N GLY B 36 -14.58 3.44 1.46
CA GLY B 36 -15.26 2.37 2.17
C GLY B 36 -16.58 2.82 2.78
N PRO B 37 -17.19 1.98 3.64
CA PRO B 37 -18.46 2.28 4.31
C PRO B 37 -18.31 3.25 5.47
N GLN B 38 -17.05 3.53 5.84
CA GLN B 38 -16.76 4.44 6.96
C GLN B 38 -16.14 5.78 6.50
N CYS B 39 -15.55 5.76 5.31
CA CYS B 39 -14.89 6.94 4.78
C CYS B 39 -15.15 7.11 3.29
N SER B 40 -15.65 8.28 2.93
CA SER B 40 -15.94 8.58 1.54
C SER B 40 -14.74 9.27 0.88
N LYS B 41 -13.64 9.35 1.63
CA LYS B 41 -12.41 9.98 1.13
C LYS B 41 -11.24 8.99 1.15
N VAL B 42 -10.36 9.09 0.16
CA VAL B 42 -9.19 8.21 0.08
C VAL B 42 -8.07 8.74 0.97
N GLU B 43 -7.48 7.83 1.76
CA GLU B 43 -6.41 8.20 2.70
C GLU B 43 -5.29 7.17 2.64
N VAL B 44 -4.06 7.65 2.48
CA VAL B 44 -2.91 6.76 2.39
C VAL B 44 -2.14 6.66 3.71
N VAL B 45 -2.31 5.53 4.37
CA VAL B 45 -1.63 5.23 5.64
C VAL B 45 -0.31 4.46 5.40
N ALA B 46 0.60 4.57 6.36
CA ALA B 46 1.90 3.93 6.23
C ALA B 46 2.45 3.48 7.58
N SER B 47 3.32 2.46 7.55
CA SER B 47 3.93 1.94 8.77
C SER B 47 5.45 1.98 8.65
N LEU B 48 6.10 2.51 9.69
CA LEU B 48 7.56 2.60 9.72
C LEU B 48 8.16 1.27 10.20
N LYS B 49 9.46 1.10 9.96
CA LYS B 49 10.15 -0.11 10.38
C LYS B 49 10.41 -0.08 11.89
N ASN B 50 10.30 1.11 12.47
CA ASN B 50 10.51 1.30 13.90
C ASN B 50 9.30 0.81 14.70
N GLY B 51 8.13 0.81 14.06
CA GLY B 51 6.92 0.36 14.72
C GLY B 51 5.93 1.48 14.96
N LYS B 52 5.76 2.33 13.95
CA LYS B 52 4.83 3.46 14.06
C LYS B 52 3.92 3.55 12.83
N GLU B 53 2.82 4.28 12.96
CA GLU B 53 1.87 4.48 11.86
C GLU B 53 1.29 5.89 11.91
N ILE B 54 1.35 6.55 10.77
CA ILE B 54 0.80 7.91 10.64
C ILE B 54 -0.16 7.98 9.44
N CYS B 55 -0.72 9.16 9.25
CA CYS B 55 -1.61 9.43 8.11
C CYS B 55 -1.12 10.66 7.37
N LEU B 56 -1.18 10.55 6.06
CA LEU B 56 -0.73 11.62 5.17
C LEU B 56 -1.94 12.18 4.41
N ASP B 57 -1.90 13.45 4.02
CA ASP B 57 -3.01 14.02 3.26
C ASP B 57 -2.66 14.13 1.77
N PRO B 58 -3.21 13.24 0.91
CA PRO B 58 -2.95 13.25 -0.55
C PRO B 58 -3.20 14.62 -1.19
N GLU B 59 -3.95 15.43 -0.47
CA GLU B 59 -4.32 16.80 -0.90
C GLU B 59 -3.10 17.74 -1.05
N ALA B 60 -1.97 17.36 -0.47
CA ALA B 60 -0.76 18.18 -0.51
C ALA B 60 0.22 17.65 -1.58
N PRO B 61 0.79 18.56 -2.38
CA PRO B 61 1.72 18.21 -3.48
C PRO B 61 3.05 17.60 -2.97
N PHE B 62 3.59 18.16 -1.90
CA PHE B 62 4.81 17.65 -1.25
C PHE B 62 4.64 16.22 -0.75
N LEU B 63 3.39 15.86 -0.47
CA LEU B 63 3.07 14.52 -0.02
C LEU B 63 2.99 13.58 -1.22
N LYS B 64 2.55 14.11 -2.37
CA LYS B 64 2.44 13.34 -3.60
C LYS B 64 3.82 13.01 -4.19
N LYS B 65 4.82 13.70 -3.69
CA LYS B 65 6.22 13.51 -4.12
C LYS B 65 6.90 12.32 -3.43
N VAL B 66 6.89 12.33 -2.10
CA VAL B 66 7.48 11.23 -1.33
C VAL B 66 6.73 9.91 -1.59
N ILE B 67 5.43 9.99 -1.95
CA ILE B 67 4.65 8.78 -2.24
C ILE B 67 5.05 8.22 -3.60
N GLN B 68 5.60 9.08 -4.46
CA GLN B 68 6.08 8.62 -5.78
C GLN B 68 7.42 7.87 -5.62
N LYS B 69 8.32 8.43 -4.80
CA LYS B 69 9.64 7.83 -4.57
C LYS B 69 9.56 6.43 -3.96
N ILE B 70 8.54 6.17 -3.13
CA ILE B 70 8.40 4.87 -2.49
C ILE B 70 7.75 3.84 -3.43
N LEU B 71 7.16 4.31 -4.52
CA LEU B 71 6.53 3.42 -5.49
C LEU B 71 7.57 2.74 -6.36
N ASP B 72 8.63 3.47 -6.69
CA ASP B 72 9.71 2.92 -7.51
C ASP B 72 10.72 2.17 -6.65
N GLY B 73 10.93 2.66 -5.43
CA GLY B 73 11.87 2.04 -4.52
C GLY B 73 11.34 0.74 -3.93
N GLY B 74 10.02 0.60 -3.89
CA GLY B 74 9.40 -0.60 -3.37
C GLY B 74 9.13 -1.63 -4.43
N ASN B 75 9.74 -1.45 -5.60
CA ASN B 75 9.56 -2.37 -6.72
C ASN B 75 10.92 -2.78 -7.29
N LYS B 76 11.87 -1.86 -7.26
CA LYS B 76 13.22 -2.12 -7.78
C LYS B 76 14.05 -2.91 -6.77
N GLU B 77 13.67 -2.86 -5.50
CA GLU B 77 14.37 -3.58 -4.44
C GLU B 77 14.22 -5.09 -4.63
N ASN B 78 15.35 -5.77 -4.87
CA ASN B 78 15.34 -7.21 -5.07
C ASN B 78 16.17 -7.92 -4.01
N LEU A 8 13.68 -15.43 17.52
CA LEU A 8 14.60 -15.38 16.37
C LEU A 8 15.09 -16.79 16.02
N ARG A 9 14.21 -17.50 15.32
CA ARG A 9 14.48 -18.88 14.89
C ARG A 9 14.16 -19.09 13.42
N GLU A 10 12.87 -18.95 13.08
CA GLU A 10 12.33 -19.24 11.75
C GLU A 10 11.09 -18.40 11.48
N LEU A 11 11.23 -17.52 10.52
CA LEU A 11 10.13 -16.62 10.08
C LEU A 11 9.91 -16.76 8.57
N ARG A 12 8.64 -16.74 8.21
CA ARG A 12 8.20 -16.94 6.82
C ARG A 12 7.75 -15.60 6.26
N CYS A 13 7.98 -15.39 4.96
CA CYS A 13 7.47 -14.21 4.26
C CYS A 13 5.95 -14.11 4.45
N VAL A 14 5.44 -12.88 4.42
CA VAL A 14 3.98 -12.64 4.54
C VAL A 14 3.19 -13.33 3.41
N CYS A 15 3.85 -13.43 2.26
CA CYS A 15 3.33 -14.06 1.04
C CYS A 15 4.19 -15.25 0.62
N LEU A 16 3.67 -16.44 0.89
CA LEU A 16 4.32 -17.69 0.45
C LEU A 16 4.02 -18.08 -1.00
N GLN A 17 2.82 -17.75 -1.44
CA GLN A 17 2.31 -18.04 -2.79
C GLN A 17 2.14 -16.72 -3.57
N THR A 18 1.65 -16.88 -4.80
CA THR A 18 1.39 -15.77 -5.71
C THR A 18 -0.04 -15.85 -6.28
N THR A 19 -0.33 -15.00 -7.26
CA THR A 19 -1.61 -14.89 -7.96
C THR A 19 -1.42 -14.21 -9.33
N GLN A 20 -2.32 -14.56 -10.24
CA GLN A 20 -2.41 -14.04 -11.60
C GLN A 20 -3.81 -13.54 -11.94
N GLY A 21 -4.12 -12.40 -11.31
CA GLY A 21 -5.38 -11.73 -11.62
C GLY A 21 -5.25 -10.84 -12.88
N VAL A 22 -6.24 -10.09 -13.33
CA VAL A 22 -7.59 -9.69 -12.84
C VAL A 22 -7.76 -8.19 -13.16
N HIS A 23 -8.83 -7.57 -12.68
CA HIS A 23 -9.02 -6.13 -12.82
C HIS A 23 -9.07 -5.47 -11.43
N PRO A 24 -8.51 -4.25 -11.32
CA PRO A 24 -8.56 -3.40 -10.11
C PRO A 24 -9.98 -3.22 -9.57
N LYS A 25 -10.99 -3.42 -10.43
CA LYS A 25 -12.41 -3.29 -10.09
C LYS A 25 -12.80 -4.11 -8.84
N MET A 26 -12.09 -5.23 -8.62
CA MET A 26 -12.35 -6.08 -7.47
C MET A 26 -11.38 -5.78 -6.31
N ILE A 27 -10.27 -5.11 -6.62
CA ILE A 27 -9.26 -4.77 -5.61
C ILE A 27 -9.56 -3.41 -4.95
N SER A 28 -9.31 -3.32 -3.64
CA SER A 28 -9.55 -2.09 -2.89
C SER A 28 -8.59 -1.97 -1.70
N ASN A 29 -7.41 -2.57 -1.82
CA ASN A 29 -6.40 -2.52 -0.75
C ASN A 29 -5.02 -2.90 -1.29
N LEU A 30 -3.97 -2.36 -0.67
CA LEU A 30 -2.59 -2.64 -1.08
C LEU A 30 -1.64 -2.46 0.10
N GLN A 31 -0.60 -3.28 0.17
CA GLN A 31 0.39 -3.20 1.24
C GLN A 31 1.79 -3.46 0.72
N VAL A 32 2.67 -2.48 0.87
CA VAL A 32 4.06 -2.61 0.41
C VAL A 32 5.01 -2.81 1.59
N PHE A 33 5.32 -4.07 1.87
CA PHE A 33 6.22 -4.42 2.97
C PHE A 33 7.65 -4.52 2.47
N ALA A 34 8.58 -3.82 3.12
CA ALA A 34 9.99 -3.86 2.74
C ALA A 34 10.69 -5.10 3.31
N ILE A 35 12.02 -5.07 3.29
CA ILE A 35 12.83 -6.18 3.80
C ILE A 35 12.78 -6.24 5.33
N GLY A 36 12.38 -7.40 5.86
CA GLY A 36 12.29 -7.59 7.28
C GLY A 36 13.00 -8.85 7.75
N PRO A 37 12.74 -9.30 8.99
CA PRO A 37 13.36 -10.51 9.55
C PRO A 37 12.72 -11.80 9.04
N GLN A 38 11.61 -11.66 8.32
CA GLN A 38 10.90 -12.83 7.77
C GLN A 38 11.01 -12.94 6.25
N CYS A 39 11.30 -11.82 5.61
CA CYS A 39 11.38 -11.78 4.15
C CYS A 39 12.51 -10.88 3.69
N SER A 40 13.31 -11.37 2.75
CA SER A 40 14.41 -10.60 2.20
C SER A 40 14.01 -9.92 0.89
N LYS A 41 12.70 -9.85 0.64
CA LYS A 41 12.18 -9.24 -0.59
C LYS A 41 10.86 -8.51 -0.33
N VAL A 42 10.57 -7.50 -1.15
CA VAL A 42 9.33 -6.74 -1.03
C VAL A 42 8.19 -7.49 -1.73
N GLU A 43 7.02 -7.52 -1.07
CA GLU A 43 5.87 -8.21 -1.63
C GLU A 43 4.61 -7.36 -1.46
N VAL A 44 3.87 -7.18 -2.54
CA VAL A 44 2.66 -6.36 -2.51
C VAL A 44 1.39 -7.20 -2.41
N VAL A 45 0.81 -7.19 -1.23
CA VAL A 45 -0.46 -7.91 -0.96
C VAL A 45 -1.68 -6.99 -1.15
N ALA A 46 -2.78 -7.59 -1.54
CA ALA A 46 -4.05 -6.87 -1.77
C ALA A 46 -5.25 -7.67 -1.25
N SER A 47 -6.30 -6.93 -0.89
CA SER A 47 -7.57 -7.52 -0.44
C SER A 47 -8.73 -7.04 -1.31
N LEU A 48 -9.57 -7.99 -1.72
CA LEU A 48 -10.73 -7.68 -2.53
C LEU A 48 -11.80 -6.99 -1.70
N LYS A 49 -12.76 -6.35 -2.38
CA LYS A 49 -13.85 -5.66 -1.70
C LYS A 49 -14.82 -6.66 -1.06
N ASN A 50 -14.75 -7.92 -1.52
CA ASN A 50 -15.60 -8.98 -0.99
C ASN A 50 -15.06 -9.50 0.34
N GLY A 51 -13.75 -9.37 0.54
CA GLY A 51 -13.13 -9.84 1.77
C GLY A 51 -12.17 -10.98 1.54
N LYS A 52 -11.32 -10.86 0.52
CA LYS A 52 -10.35 -11.91 0.19
C LYS A 52 -8.96 -11.33 -0.02
N GLU A 53 -8.07 -11.57 0.95
CA GLU A 53 -6.69 -11.08 0.86
C GLU A 53 -5.82 -12.06 0.09
N ILE A 54 -5.18 -11.55 -0.96
CA ILE A 54 -4.29 -12.39 -1.79
C ILE A 54 -2.90 -11.77 -1.87
N CYS A 55 -2.03 -12.45 -2.60
CA CYS A 55 -0.65 -11.99 -2.84
C CYS A 55 -0.38 -12.00 -4.33
N LEU A 56 0.28 -10.93 -4.75
CA LEU A 56 0.62 -10.76 -6.16
C LEU A 56 2.14 -10.83 -6.33
N ASP A 57 2.63 -11.25 -7.49
CA ASP A 57 4.08 -11.31 -7.71
C ASP A 57 4.55 -10.11 -8.54
N PRO A 58 5.26 -9.13 -7.92
CA PRO A 58 5.77 -7.92 -8.62
C PRO A 58 6.59 -8.26 -9.86
N GLU A 59 7.04 -9.50 -9.91
CA GLU A 59 7.84 -10.04 -11.02
C GLU A 59 7.09 -10.07 -12.38
N ALA A 60 5.77 -9.95 -12.33
CA ALA A 60 4.94 -9.98 -13.53
C ALA A 60 4.54 -8.55 -13.96
N PRO A 61 4.66 -8.26 -15.26
CA PRO A 61 4.34 -6.93 -15.83
C PRO A 61 2.86 -6.56 -15.72
N PHE A 62 1.99 -7.52 -15.98
CA PHE A 62 0.52 -7.34 -15.85
C PHE A 62 0.12 -6.99 -14.42
N LEU A 63 0.94 -7.44 -13.48
CA LEU A 63 0.71 -7.17 -12.07
C LEU A 63 0.93 -5.68 -11.77
N LYS A 64 1.93 -5.11 -12.44
CA LYS A 64 2.29 -3.70 -12.27
C LYS A 64 1.21 -2.79 -12.87
N LYS A 65 0.43 -3.34 -13.79
CA LYS A 65 -0.67 -2.63 -14.47
C LYS A 65 -1.90 -2.46 -13.59
N VAL A 66 -2.42 -3.58 -13.07
CA VAL A 66 -3.58 -3.54 -12.19
C VAL A 66 -3.27 -2.77 -10.90
N ILE A 67 -2.00 -2.77 -10.46
CA ILE A 67 -1.62 -2.03 -9.25
C ILE A 67 -1.32 -0.57 -9.60
N GLN A 68 -1.02 -0.32 -10.86
CA GLN A 68 -0.79 1.07 -11.32
C GLN A 68 -2.13 1.83 -11.45
N LYS A 69 -3.13 1.14 -11.99
CA LYS A 69 -4.47 1.71 -12.19
C LYS A 69 -5.15 2.10 -10.87
N ILE A 70 -4.86 1.39 -9.78
CA ILE A 70 -5.47 1.70 -8.48
C ILE A 70 -4.87 2.97 -7.88
N LEU A 71 -3.70 3.36 -8.38
CA LEU A 71 -3.02 4.55 -7.90
C LEU A 71 -3.36 5.75 -8.79
N ASP A 72 -3.68 5.46 -10.06
CA ASP A 72 -4.02 6.49 -11.03
C ASP A 72 -5.48 6.91 -10.85
N GLY A 73 -6.35 5.93 -10.65
CA GLY A 73 -7.76 6.21 -10.46
C GLY A 73 -8.10 6.52 -9.02
N GLY A 74 -7.21 6.13 -8.11
CA GLY A 74 -7.43 6.39 -6.69
C GLY A 74 -7.19 7.84 -6.32
N ASN A 75 -6.16 8.43 -6.92
CA ASN A 75 -5.83 9.84 -6.66
C ASN A 75 -6.83 10.76 -7.34
N LYS A 76 -7.53 10.24 -8.34
CA LYS A 76 -8.53 11.01 -9.07
C LYS A 76 -9.81 11.16 -8.24
N GLU A 77 -10.01 10.21 -7.32
CA GLU A 77 -11.19 10.23 -6.45
C GLU A 77 -10.99 11.28 -5.35
N ASN A 78 -11.72 12.39 -5.47
CA ASN A 78 -11.63 13.47 -4.49
C ASN A 78 -12.91 13.59 -3.68
N LEU B 8 -23.92 -1.16 11.61
CA LEU B 8 -24.12 -0.07 10.62
C LEU B 8 -24.79 1.14 11.30
N ARG B 9 -23.93 1.88 11.99
CA ARG B 9 -24.37 3.09 12.72
C ARG B 9 -23.46 4.27 12.43
N GLU B 10 -22.19 4.16 12.85
CA GLU B 10 -21.20 5.24 12.79
C GLU B 10 -19.79 4.66 12.69
N LEU B 11 -19.18 4.93 11.55
CA LEU B 11 -17.81 4.48 11.25
C LEU B 11 -16.94 5.69 10.84
N ARG B 12 -15.72 5.65 11.33
CA ARG B 12 -14.75 6.75 11.12
C ARG B 12 -13.72 6.30 10.11
N CYS B 13 -13.23 7.24 9.31
CA CYS B 13 -12.12 6.98 8.38
C CYS B 13 -10.91 6.41 9.17
N VAL B 14 -10.12 5.59 8.47
CA VAL B 14 -8.89 5.01 9.08
C VAL B 14 -7.91 6.11 9.54
N CYS B 15 -7.94 7.22 8.81
CA CYS B 15 -7.11 8.41 9.05
C CYS B 15 -7.98 9.63 9.34
N LEU B 16 -8.03 9.99 10.62
CA LEU B 16 -8.74 11.21 11.05
C LEU B 16 -7.90 12.50 10.90
N GLN B 17 -6.61 12.36 11.09
CA GLN B 17 -5.63 13.45 11.00
C GLN B 17 -4.72 13.27 9.78
N THR B 18 -3.80 14.20 9.64
CA THR B 18 -2.80 14.20 8.56
C THR B 18 -1.37 14.36 9.11
N THR B 19 -0.42 14.54 8.21
CA THR B 19 1.01 14.72 8.49
C THR B 19 1.70 15.44 7.32
N GLN B 20 2.77 16.14 7.67
CA GLN B 20 3.65 16.87 6.76
C GLN B 20 5.12 16.50 6.95
N GLY B 21 5.42 15.28 6.50
CA GLY B 21 6.81 14.84 6.51
C GLY B 21 7.56 15.33 5.25
N VAL B 22 8.83 15.00 5.00
CA VAL B 22 9.83 14.08 5.60
C VAL B 22 10.56 13.40 4.41
N HIS B 23 11.40 12.42 4.68
CA HIS B 23 12.06 11.64 3.64
C HIS B 23 11.64 10.16 3.72
N PRO B 24 11.49 9.50 2.57
CA PRO B 24 11.21 8.06 2.44
C PRO B 24 12.18 7.20 3.25
N LYS B 25 13.35 7.74 3.56
CA LYS B 25 14.41 7.06 4.33
C LYS B 25 13.89 6.48 5.66
N MET B 26 12.86 7.12 6.20
CA MET B 26 12.17 6.66 7.42
C MET B 26 11.02 5.67 7.14
N ILE B 27 10.54 5.64 5.90
CA ILE B 27 9.45 4.74 5.52
C ILE B 27 9.98 3.36 5.13
N SER B 28 9.35 2.31 5.66
CA SER B 28 9.75 0.93 5.38
C SER B 28 8.53 0.02 5.22
N ASN B 29 7.36 0.64 5.10
CA ASN B 29 6.10 -0.11 4.94
C ASN B 29 4.97 0.84 4.51
N LEU B 30 4.18 0.40 3.53
CA LEU B 30 3.07 1.20 3.03
C LEU B 30 1.77 0.42 3.08
N GLN B 31 0.67 1.11 3.38
CA GLN B 31 -0.65 0.48 3.45
C GLN B 31 -1.69 1.39 2.81
N VAL B 32 -2.11 1.04 1.60
CA VAL B 32 -3.09 1.81 0.86
C VAL B 32 -4.50 1.26 1.06
N PHE B 33 -5.45 2.15 1.35
CA PHE B 33 -6.83 1.76 1.57
C PHE B 33 -7.75 2.56 0.63
N ALA B 34 -8.58 1.85 -0.14
CA ALA B 34 -9.50 2.51 -1.06
C ALA B 34 -10.83 2.84 -0.40
N ILE B 35 -11.88 2.93 -1.20
CA ILE B 35 -13.22 3.26 -0.71
C ILE B 35 -13.78 2.13 0.15
N GLY B 36 -14.13 2.46 1.39
CA GLY B 36 -14.68 1.47 2.30
C GLY B 36 -15.99 1.92 2.93
N PRO B 37 -16.52 1.15 3.89
CA PRO B 37 -17.77 1.47 4.58
C PRO B 37 -17.60 2.56 5.64
N GLN B 38 -16.35 2.92 5.92
CA GLN B 38 -16.05 3.95 6.92
C GLN B 38 -15.52 5.25 6.31
N CYS B 39 -14.99 5.16 5.10
CA CYS B 39 -14.41 6.31 4.42
C CYS B 39 -14.72 6.27 2.93
N SER B 40 -15.28 7.37 2.42
CA SER B 40 -15.63 7.46 1.00
C SER B 40 -14.40 7.82 0.17
N LYS B 41 -13.52 8.63 0.75
CA LYS B 41 -12.29 9.05 0.08
C LYS B 41 -11.14 8.10 0.40
N VAL B 42 -10.20 7.96 -0.53
CA VAL B 42 -9.06 7.08 -0.34
C VAL B 42 -8.00 7.76 0.53
N GLU B 43 -7.37 6.97 1.40
CA GLU B 43 -6.33 7.48 2.29
C GLU B 43 -5.09 6.61 2.25
N VAL B 44 -3.92 7.24 2.22
CA VAL B 44 -2.66 6.50 2.16
C VAL B 44 -1.91 6.54 3.50
N VAL B 45 -1.91 5.41 4.18
CA VAL B 45 -1.21 5.26 5.47
C VAL B 45 0.19 4.64 5.27
N ALA B 46 1.10 5.00 6.15
CA ALA B 46 2.49 4.49 6.11
C ALA B 46 3.02 4.20 7.52
N SER B 47 3.96 3.27 7.59
CA SER B 47 4.64 2.91 8.84
C SER B 47 6.15 3.07 8.71
N LEU B 48 6.74 3.70 9.72
CA LEU B 48 8.17 3.94 9.76
C LEU B 48 8.93 2.69 10.22
N LYS B 49 10.25 2.75 10.15
CA LYS B 49 11.09 1.63 10.57
C LYS B 49 11.23 1.57 12.09
N ASN B 50 10.76 2.63 12.75
CA ASN B 50 10.81 2.73 14.21
C ASN B 50 9.62 2.02 14.84
N GLY B 51 8.74 1.48 14.00
CA GLY B 51 7.56 0.77 14.50
C GLY B 51 6.40 1.70 14.77
N LYS B 52 6.23 2.70 13.90
CA LYS B 52 5.14 3.67 14.04
C LYS B 52 4.31 3.74 12.77
N GLU B 53 3.11 4.27 12.91
CA GLU B 53 2.16 4.43 11.78
C GLU B 53 1.56 5.85 11.80
N ILE B 54 1.62 6.49 10.66
CA ILE B 54 1.05 7.83 10.50
C ILE B 54 0.11 7.87 9.28
N CYS B 55 -0.47 9.03 9.06
CA CYS B 55 -1.35 9.28 7.91
C CYS B 55 -0.87 10.51 7.17
N LEU B 56 -0.91 10.38 5.86
CA LEU B 56 -0.46 11.45 4.97
C LEU B 56 -1.67 11.97 4.18
N ASP B 57 -1.59 13.23 3.75
CA ASP B 57 -2.67 13.81 2.96
C ASP B 57 -2.25 13.87 1.49
N PRO B 58 -2.90 13.06 0.61
CA PRO B 58 -2.60 13.04 -0.84
C PRO B 58 -2.88 14.38 -1.49
N GLU B 59 -3.63 15.20 -0.76
CA GLU B 59 -4.00 16.55 -1.20
C GLU B 59 -2.80 17.52 -1.30
N ALA B 60 -1.67 17.16 -0.70
CA ALA B 60 -0.47 17.99 -0.71
C ALA B 60 0.53 17.48 -1.76
N PRO B 61 1.11 18.40 -2.54
CA PRO B 61 2.08 18.08 -3.60
C PRO B 61 3.39 17.48 -3.08
N PHE B 62 3.90 18.05 -1.99
CA PHE B 62 5.13 17.56 -1.32
C PHE B 62 4.96 16.11 -0.83
N LEU B 63 3.72 15.73 -0.56
CA LEU B 63 3.40 14.40 -0.13
C LEU B 63 3.37 13.44 -1.33
N LYS B 64 2.96 13.97 -2.48
CA LYS B 64 2.88 13.20 -3.73
C LYS B 64 4.28 12.83 -4.24
N LYS B 65 5.27 13.57 -3.76
CA LYS B 65 6.68 13.35 -4.13
C LYS B 65 7.32 12.17 -3.38
N VAL B 66 7.26 12.21 -2.06
CA VAL B 66 7.80 11.12 -1.24
C VAL B 66 7.07 9.81 -1.52
N ILE B 67 5.76 9.88 -1.83
CA ILE B 67 5.00 8.66 -2.13
C ILE B 67 5.41 8.09 -3.49
N GLN B 68 5.93 8.96 -4.35
CA GLN B 68 6.44 8.51 -5.65
C GLN B 68 7.79 7.81 -5.49
N LYS B 69 8.66 8.41 -4.67
CA LYS B 69 10.00 7.88 -4.41
C LYS B 69 9.97 6.48 -3.77
N ILE B 70 8.95 6.19 -2.96
CA ILE B 70 8.85 4.87 -2.32
C ILE B 70 8.34 3.81 -3.29
N LEU B 71 7.72 4.26 -4.38
CA LEU B 71 7.19 3.35 -5.40
C LEU B 71 8.24 3.12 -6.49
N ASP B 72 9.04 4.15 -6.75
CA ASP B 72 10.09 4.07 -7.75
C ASP B 72 11.32 3.36 -7.19
N GLY B 73 11.65 3.68 -5.94
CA GLY B 73 12.80 3.07 -5.28
C GLY B 73 12.59 1.59 -5.00
N GLY B 74 11.34 1.21 -4.75
CA GLY B 74 11.01 -0.18 -4.47
C GLY B 74 10.95 -1.02 -5.73
N ASN B 75 10.82 -0.35 -6.88
CA ASN B 75 10.75 -1.03 -8.17
C ASN B 75 12.15 -1.19 -8.76
N LYS B 76 13.06 -0.31 -8.37
CA LYS B 76 14.43 -0.33 -8.86
C LYS B 76 15.34 -1.14 -7.92
N GLU B 77 14.75 -1.69 -6.87
CA GLU B 77 15.51 -2.47 -5.89
C GLU B 77 15.96 -3.80 -6.52
N ASN B 78 17.26 -3.91 -6.77
CA ASN B 78 17.83 -5.10 -7.38
C ASN B 78 18.77 -5.83 -6.44
N LEU A 8 14.16 -15.72 17.26
CA LEU A 8 15.09 -15.66 16.10
C LEU A 8 15.57 -17.08 15.73
N ARG A 9 14.68 -17.78 15.04
CA ARG A 9 14.97 -19.16 14.61
C ARG A 9 14.63 -19.35 13.12
N GLU A 10 13.34 -19.22 12.81
CA GLU A 10 12.79 -19.50 11.47
C GLU A 10 11.55 -18.67 11.22
N LEU A 11 11.67 -17.77 10.25
CA LEU A 11 10.59 -16.88 9.83
C LEU A 11 10.35 -17.00 8.32
N ARG A 12 9.07 -16.98 7.97
CA ARG A 12 8.62 -17.18 6.58
C ARG A 12 8.17 -15.84 6.04
N CYS A 13 8.39 -15.63 4.73
CA CYS A 13 7.87 -14.44 4.04
C CYS A 13 6.36 -14.34 4.24
N VAL A 14 5.85 -13.11 4.23
CA VAL A 14 4.39 -12.87 4.36
C VAL A 14 3.59 -13.55 3.22
N CYS A 15 4.24 -13.65 2.06
CA CYS A 15 3.71 -14.28 0.85
C CYS A 15 4.57 -15.47 0.41
N LEU A 16 4.05 -16.66 0.68
CA LEU A 16 4.71 -17.90 0.23
C LEU A 16 4.39 -18.28 -1.22
N GLN A 17 3.19 -17.95 -1.64
CA GLN A 17 2.67 -18.23 -2.99
C GLN A 17 2.49 -16.91 -3.77
N THR A 18 2.00 -17.08 -4.99
CA THR A 18 1.73 -15.95 -5.90
C THR A 18 0.29 -16.04 -6.46
N THR A 19 0.01 -15.17 -7.43
CA THR A 19 -1.28 -15.06 -8.12
C THR A 19 -1.10 -14.38 -9.50
N GLN A 20 -2.01 -14.72 -10.39
CA GLN A 20 -2.10 -14.19 -11.75
C GLN A 20 -3.52 -13.69 -12.07
N GLY A 21 -3.82 -12.55 -11.45
CA GLY A 21 -5.08 -11.88 -11.75
C GLY A 21 -4.95 -11.00 -12.99
N VAL A 22 -5.96 -10.24 -13.43
CA VAL A 22 -7.31 -9.85 -12.93
C VAL A 22 -7.47 -8.34 -13.25
N HIS A 23 -8.54 -7.73 -12.76
CA HIS A 23 -8.75 -6.29 -12.88
C HIS A 23 -8.78 -5.63 -11.49
N PRO A 24 -8.23 -4.41 -11.38
CA PRO A 24 -8.27 -3.57 -10.16
C PRO A 24 -9.68 -3.39 -9.62
N LYS A 25 -10.69 -3.59 -10.46
CA LYS A 25 -12.11 -3.47 -10.12
C LYS A 25 -12.49 -4.30 -8.87
N MET A 26 -11.74 -5.39 -8.66
CA MET A 26 -11.89 -6.26 -7.48
C MET A 26 -11.04 -5.81 -6.28
N ILE A 27 -10.02 -5.01 -6.54
CA ILE A 27 -9.11 -4.53 -5.49
C ILE A 27 -9.53 -3.16 -4.97
N SER A 28 -9.24 -2.89 -3.69
CA SER A 28 -9.58 -1.61 -3.08
C SER A 28 -8.49 -1.15 -2.11
N ASN A 29 -7.66 -2.09 -1.64
CA ASN A 29 -6.59 -1.76 -0.70
C ASN A 29 -5.30 -2.50 -1.08
N LEU A 30 -4.18 -1.78 -1.04
CA LEU A 30 -2.87 -2.37 -1.37
C LEU A 30 -1.85 -2.06 -0.29
N GLN A 31 -1.13 -3.09 0.16
CA GLN A 31 -0.11 -2.93 1.19
C GLN A 31 1.26 -3.36 0.64
N VAL A 32 2.24 -2.48 0.77
CA VAL A 32 3.59 -2.75 0.28
C VAL A 32 4.56 -2.95 1.45
N PHE A 33 5.05 -4.18 1.60
CA PHE A 33 5.98 -4.53 2.66
C PHE A 33 7.41 -4.58 2.13
N ALA A 34 8.34 -3.98 2.86
CA ALA A 34 9.75 -3.98 2.45
C ALA A 34 10.53 -5.16 3.05
N ILE A 35 11.86 -5.01 3.08
CA ILE A 35 12.74 -6.05 3.61
C ILE A 35 12.66 -6.11 5.15
N GLY A 36 12.41 -7.32 5.66
CA GLY A 36 12.31 -7.52 7.10
C GLY A 36 13.09 -8.73 7.57
N PRO A 37 12.86 -9.19 8.82
CA PRO A 37 13.54 -10.36 9.39
C PRO A 37 12.98 -11.68 8.88
N GLN A 38 11.87 -11.61 8.15
CA GLN A 38 11.21 -12.81 7.61
C GLN A 38 11.35 -12.92 6.08
N CYS A 39 11.60 -11.79 5.43
CA CYS A 39 11.69 -11.76 3.98
C CYS A 39 12.68 -10.69 3.52
N SER A 40 13.60 -11.07 2.63
CA SER A 40 14.60 -10.14 2.12
C SER A 40 14.18 -9.61 0.75
N LYS A 41 12.87 -9.61 0.50
CA LYS A 41 12.33 -9.14 -0.77
C LYS A 41 11.03 -8.37 -0.55
N VAL A 42 10.70 -7.49 -1.51
CA VAL A 42 9.47 -6.71 -1.42
C VAL A 42 8.29 -7.48 -2.01
N GLU A 43 7.17 -7.51 -1.27
CA GLU A 43 5.99 -8.22 -1.74
C GLU A 43 4.75 -7.33 -1.59
N VAL A 44 3.97 -7.23 -2.67
CA VAL A 44 2.78 -6.39 -2.65
C VAL A 44 1.50 -7.20 -2.44
N VAL A 45 0.96 -7.09 -1.25
CA VAL A 45 -0.30 -7.78 -0.87
C VAL A 45 -1.52 -6.86 -1.10
N ALA A 46 -2.65 -7.47 -1.39
CA ALA A 46 -3.90 -6.75 -1.64
C ALA A 46 -5.09 -7.48 -1.02
N SER A 47 -6.12 -6.72 -0.68
CA SER A 47 -7.39 -7.25 -0.14
C SER A 47 -8.57 -6.82 -1.01
N LEU A 48 -9.42 -7.79 -1.33
CA LEU A 48 -10.60 -7.54 -2.14
C LEU A 48 -11.71 -6.92 -1.30
N LYS A 49 -12.73 -6.39 -1.97
CA LYS A 49 -13.85 -5.77 -1.27
C LYS A 49 -14.80 -6.83 -0.70
N ASN A 50 -14.53 -8.09 -1.03
CA ASN A 50 -15.35 -9.20 -0.56
C ASN A 50 -14.81 -9.75 0.76
N GLY A 51 -13.63 -9.25 1.17
CA GLY A 51 -13.04 -9.69 2.42
C GLY A 51 -12.02 -10.80 2.22
N LYS A 52 -11.14 -10.62 1.25
CA LYS A 52 -10.10 -11.62 0.95
C LYS A 52 -8.74 -10.95 0.79
N GLU A 53 -7.69 -11.76 0.88
CA GLU A 53 -6.30 -11.28 0.73
C GLU A 53 -5.48 -12.28 -0.08
N ILE A 54 -4.81 -11.77 -1.08
CA ILE A 54 -3.93 -12.61 -1.92
C ILE A 54 -2.53 -11.98 -2.01
N CYS A 55 -1.66 -12.66 -2.74
CA CYS A 55 -0.30 -12.19 -2.99
C CYS A 55 -0.03 -12.18 -4.48
N LEU A 56 0.63 -11.13 -4.90
CA LEU A 56 0.95 -10.94 -6.32
C LEU A 56 2.47 -11.01 -6.49
N ASP A 57 2.96 -11.42 -7.65
CA ASP A 57 4.41 -11.47 -7.87
C ASP A 57 4.85 -10.31 -8.77
N PRO A 58 5.43 -9.23 -8.18
CA PRO A 58 5.91 -8.04 -8.93
C PRO A 58 6.87 -8.41 -10.07
N GLU A 59 7.41 -9.61 -9.98
CA GLU A 59 8.34 -10.16 -10.97
C GLU A 59 7.71 -10.35 -12.37
N ALA A 60 6.39 -10.34 -12.45
CA ALA A 60 5.68 -10.52 -13.72
C ALA A 60 5.21 -9.16 -14.29
N PRO A 61 5.42 -8.96 -15.60
CA PRO A 61 5.06 -7.71 -16.29
C PRO A 61 3.55 -7.45 -16.32
N PHE A 62 2.77 -8.50 -16.59
CA PHE A 62 1.30 -8.42 -16.59
C PHE A 62 0.75 -8.00 -15.23
N LEU A 63 1.51 -8.29 -14.18
CA LEU A 63 1.12 -7.91 -12.83
C LEU A 63 1.51 -6.45 -12.56
N LYS A 64 2.55 -6.00 -13.25
CA LYS A 64 3.05 -4.62 -13.11
C LYS A 64 2.18 -3.64 -13.92
N LYS A 65 1.35 -4.19 -14.79
CA LYS A 65 0.44 -3.42 -15.64
C LYS A 65 -0.81 -2.95 -14.90
N VAL A 66 -1.55 -3.92 -14.34
CA VAL A 66 -2.76 -3.63 -13.58
C VAL A 66 -2.46 -2.75 -12.36
N ILE A 67 -1.25 -2.84 -11.80
CA ILE A 67 -0.89 -2.03 -10.65
C ILE A 67 -0.58 -0.59 -11.08
N GLN A 68 -0.29 -0.40 -12.38
CA GLN A 68 -0.07 0.95 -12.91
C GLN A 68 -1.39 1.75 -12.89
N LYS A 69 -2.47 1.10 -13.30
CA LYS A 69 -3.79 1.74 -13.35
C LYS A 69 -4.37 2.10 -11.98
N ILE A 70 -3.92 1.42 -10.91
CA ILE A 70 -4.43 1.71 -9.57
C ILE A 70 -3.86 3.00 -9.01
N LEU A 71 -2.81 3.50 -9.64
CA LEU A 71 -2.17 4.74 -9.21
C LEU A 71 -2.78 5.94 -9.93
N ASP A 72 -3.68 5.65 -10.87
CA ASP A 72 -4.35 6.68 -11.64
C ASP A 72 -5.77 6.91 -11.11
N GLY A 73 -6.58 5.86 -11.13
CA GLY A 73 -7.95 5.96 -10.66
C GLY A 73 -8.06 5.85 -9.14
N GLY A 74 -6.99 5.39 -8.50
CA GLY A 74 -6.99 5.22 -7.05
C GLY A 74 -6.69 6.51 -6.31
N ASN A 75 -6.28 7.55 -7.04
CA ASN A 75 -5.96 8.83 -6.45
C ASN A 75 -6.94 9.90 -6.93
N LYS A 76 -7.78 9.54 -7.90
CA LYS A 76 -8.77 10.45 -8.46
C LYS A 76 -10.01 10.53 -7.57
N GLU A 77 -10.34 9.43 -6.90
CA GLU A 77 -11.51 9.39 -6.02
C GLU A 77 -11.28 10.21 -4.76
N ASN A 78 -11.98 11.33 -4.66
CA ASN A 78 -11.85 12.22 -3.51
C ASN A 78 -13.17 12.34 -2.76
N LEU B 8 -24.47 -0.61 12.18
CA LEU B 8 -24.67 0.49 11.22
C LEU B 8 -25.30 1.71 11.92
N ARG B 9 -24.43 2.43 12.62
CA ARG B 9 -24.83 3.63 13.37
C ARG B 9 -23.90 4.80 13.08
N GLU B 10 -22.64 4.65 13.48
CA GLU B 10 -21.63 5.72 13.42
C GLU B 10 -20.23 5.11 13.29
N LEU B 11 -19.63 5.40 12.15
CA LEU B 11 -18.28 4.94 11.82
C LEU B 11 -17.39 6.12 11.42
N ARG B 12 -16.16 6.06 11.90
CA ARG B 12 -15.18 7.14 11.70
C ARG B 12 -14.16 6.69 10.66
N CYS B 13 -13.67 7.64 9.86
CA CYS B 13 -12.57 7.37 8.91
C CYS B 13 -11.38 6.76 9.66
N VAL B 14 -10.60 5.95 8.95
CA VAL B 14 -9.38 5.34 9.54
C VAL B 14 -8.37 6.41 10.00
N CYS B 15 -8.39 7.53 9.28
CA CYS B 15 -7.55 8.71 9.53
C CYS B 15 -8.38 9.95 9.85
N LEU B 16 -8.41 10.28 11.14
CA LEU B 16 -9.08 11.50 11.60
C LEU B 16 -8.23 12.77 11.45
N GLN B 17 -6.93 12.62 11.61
CA GLN B 17 -5.95 13.69 11.54
C GLN B 17 -5.06 13.50 10.29
N THR B 18 -4.11 14.43 10.17
CA THR B 18 -3.14 14.43 9.07
C THR B 18 -1.70 14.54 9.60
N THR B 19 -0.75 14.73 8.68
CA THR B 19 0.69 14.88 8.95
C THR B 19 1.37 15.60 7.78
N GLN B 20 2.46 16.27 8.13
CA GLN B 20 3.34 17.02 7.21
C GLN B 20 4.80 16.61 7.38
N GLY B 21 5.08 15.40 6.91
CA GLY B 21 6.46 14.93 6.89
C GLY B 21 7.19 15.43 5.63
N VAL B 22 8.45 15.08 5.36
CA VAL B 22 9.45 14.13 5.92
C VAL B 22 10.14 13.47 4.71
N HIS B 23 10.98 12.46 4.96
CA HIS B 23 11.61 11.69 3.89
C HIS B 23 11.17 10.22 3.97
N PRO B 24 10.98 9.58 2.80
CA PRO B 24 10.68 8.14 2.66
C PRO B 24 11.65 7.25 3.43
N LYS B 25 12.84 7.77 3.74
CA LYS B 25 13.89 7.06 4.48
C LYS B 25 13.38 6.47 5.81
N MET B 26 12.35 7.12 6.38
CA MET B 26 11.67 6.65 7.59
C MET B 26 10.52 5.68 7.32
N ILE B 27 10.02 5.67 6.09
CA ILE B 27 8.90 4.81 5.71
C ILE B 27 9.38 3.53 5.01
N SER B 28 8.77 2.39 5.36
CA SER B 28 9.13 1.12 4.75
C SER B 28 7.89 0.28 4.42
N ASN B 29 6.72 0.89 4.53
CA ASN B 29 5.45 0.21 4.26
C ASN B 29 4.42 1.19 3.71
N LEU B 30 3.89 0.90 2.53
CA LEU B 30 2.88 1.75 1.89
C LEU B 30 1.51 1.09 1.95
N GLN B 31 0.49 1.90 2.26
CA GLN B 31 -0.88 1.39 2.34
C GLN B 31 -1.85 2.31 1.62
N VAL B 32 -2.38 1.83 0.49
CA VAL B 32 -3.32 2.60 -0.32
C VAL B 32 -4.76 2.18 -0.02
N PHE B 33 -5.44 2.97 0.79
CA PHE B 33 -6.82 2.69 1.17
C PHE B 33 -7.79 3.52 0.32
N ALA B 34 -8.77 2.86 -0.28
CA ALA B 34 -9.76 3.55 -1.10
C ALA B 34 -11.01 3.89 -0.30
N ILE B 35 -12.10 4.22 -1.00
CA ILE B 35 -13.36 4.57 -0.36
C ILE B 35 -14.02 3.33 0.24
N GLY B 36 -14.34 3.40 1.54
CA GLY B 36 -14.96 2.28 2.22
C GLY B 36 -16.32 2.62 2.80
N PRO B 37 -16.89 1.74 3.64
CA PRO B 37 -18.21 1.95 4.27
C PRO B 37 -18.14 2.92 5.45
N GLN B 38 -16.93 3.27 5.87
CA GLN B 38 -16.73 4.18 7.00
C GLN B 38 -16.17 5.56 6.58
N CYS B 39 -15.56 5.60 5.40
CA CYS B 39 -14.95 6.83 4.90
C CYS B 39 -15.21 6.99 3.40
N SER B 40 -15.64 8.18 3.00
CA SER B 40 -15.91 8.46 1.60
C SER B 40 -14.76 9.25 0.96
N LYS B 41 -13.53 8.81 1.23
CA LYS B 41 -12.34 9.46 0.70
C LYS B 41 -11.12 8.54 0.80
N VAL B 42 -10.17 8.69 -0.12
CA VAL B 42 -8.96 7.88 -0.11
C VAL B 42 -7.95 8.47 0.87
N GLU B 43 -7.30 7.60 1.66
CA GLU B 43 -6.33 8.06 2.64
C GLU B 43 -5.08 7.18 2.60
N VAL B 44 -3.91 7.81 2.51
CA VAL B 44 -2.65 7.07 2.44
C VAL B 44 -1.94 7.01 3.79
N VAL B 45 -2.00 5.83 4.40
CA VAL B 45 -1.33 5.59 5.69
C VAL B 45 0.08 4.99 5.48
N ALA B 46 0.95 5.27 6.42
CA ALA B 46 2.35 4.78 6.38
C ALA B 46 2.84 4.37 7.77
N SER B 47 3.79 3.44 7.78
CA SER B 47 4.43 2.98 9.03
C SER B 47 5.94 3.16 8.96
N LEU B 48 6.49 3.70 10.04
CA LEU B 48 7.92 3.95 10.15
C LEU B 48 8.67 2.68 10.54
N LYS B 49 10.00 2.76 10.55
CA LYS B 49 10.83 1.62 10.91
C LYS B 49 10.88 1.44 12.43
N ASN B 50 10.41 2.45 13.15
CA ASN B 50 10.38 2.41 14.61
C ASN B 50 9.13 1.69 15.12
N GLY B 51 8.24 1.33 14.19
CA GLY B 51 7.01 0.65 14.57
C GLY B 51 5.89 1.61 14.87
N LYS B 52 5.76 2.66 14.06
CA LYS B 52 4.72 3.67 14.24
C LYS B 52 3.85 3.78 13.00
N GLU B 53 2.66 4.33 13.18
CA GLU B 53 1.70 4.53 12.06
C GLU B 53 1.11 5.94 12.12
N ILE B 54 1.18 6.61 10.98
CA ILE B 54 0.63 7.96 10.85
C ILE B 54 -0.33 8.03 9.65
N CYS B 55 -0.89 9.22 9.46
CA CYS B 55 -1.79 9.49 8.33
C CYS B 55 -1.29 10.72 7.59
N LEU B 56 -1.35 10.62 6.27
CA LEU B 56 -0.89 11.70 5.40
C LEU B 56 -2.10 12.26 4.65
N ASP B 57 -2.03 13.52 4.25
CA ASP B 57 -3.13 14.13 3.49
C ASP B 57 -2.80 14.17 2.00
N PRO B 58 -3.52 13.38 1.15
CA PRO B 58 -3.29 13.33 -0.31
C PRO B 58 -3.39 14.71 -0.97
N GLU B 59 -4.00 15.63 -0.23
CA GLU B 59 -4.19 17.02 -0.65
C GLU B 59 -2.87 17.81 -0.82
N ALA B 60 -1.79 17.28 -0.25
CA ALA B 60 -0.49 17.95 -0.32
C ALA B 60 0.40 17.30 -1.40
N PRO B 61 1.06 18.14 -2.22
CA PRO B 61 1.93 17.68 -3.32
C PRO B 61 3.16 16.91 -2.84
N PHE B 62 3.80 17.40 -1.77
CA PHE B 62 4.96 16.73 -1.15
C PHE B 62 4.62 15.33 -0.65
N LEU B 63 3.34 15.14 -0.34
CA LEU B 63 2.84 13.86 0.13
C LEU B 63 2.88 12.84 -1.00
N LYS B 64 2.61 13.30 -2.22
CA LYS B 64 2.59 12.45 -3.40
C LYS B 64 4.02 12.24 -3.95
N LYS B 65 4.94 13.07 -3.45
CA LYS B 65 6.36 13.02 -3.83
C LYS B 65 7.13 11.91 -3.13
N VAL B 66 7.06 11.92 -1.80
CA VAL B 66 7.70 10.92 -0.97
C VAL B 66 7.14 9.52 -1.25
N ILE B 67 5.87 9.44 -1.68
CA ILE B 67 5.25 8.15 -1.99
C ILE B 67 5.52 7.78 -3.45
N GLN B 68 5.83 8.78 -4.28
CA GLN B 68 6.18 8.53 -5.68
C GLN B 68 7.59 7.96 -5.80
N LYS B 69 8.53 8.53 -5.04
CA LYS B 69 9.93 8.10 -5.05
C LYS B 69 10.13 6.65 -4.61
N ILE B 70 9.27 6.14 -3.74
CA ILE B 70 9.40 4.75 -3.27
C ILE B 70 8.96 3.74 -4.33
N LEU B 71 8.37 4.23 -5.42
CA LEU B 71 7.92 3.36 -6.51
C LEU B 71 9.05 3.12 -7.51
N ASP B 72 9.88 4.14 -7.72
CA ASP B 72 11.00 4.03 -8.66
C ASP B 72 12.19 3.38 -7.98
N GLY B 73 12.44 3.75 -6.73
CA GLY B 73 13.54 3.19 -5.97
C GLY B 73 13.22 1.82 -5.43
N GLY B 74 11.93 1.51 -5.32
CA GLY B 74 11.50 0.22 -4.81
C GLY B 74 11.63 -0.89 -5.86
N ASN B 75 11.54 -0.51 -7.13
CA ASN B 75 11.65 -1.46 -8.22
C ASN B 75 13.13 -1.73 -8.54
N LYS B 76 13.99 -0.84 -8.09
CA LYS B 76 15.43 -0.97 -8.31
C LYS B 76 16.03 -2.01 -7.38
N GLU B 77 15.32 -2.29 -6.27
CA GLU B 77 15.78 -3.27 -5.30
C GLU B 77 15.62 -4.69 -5.88
N ASN B 78 16.75 -5.29 -6.25
CA ASN B 78 16.74 -6.63 -6.83
C ASN B 78 17.49 -7.62 -5.93
N LEU A 8 14.02 -15.53 17.33
CA LEU A 8 14.95 -15.42 16.18
C LEU A 8 15.50 -16.83 15.81
N ARG A 9 14.65 -17.54 15.09
CA ARG A 9 14.98 -18.90 14.63
C ARG A 9 14.67 -19.08 13.15
N GLU A 10 13.39 -18.99 12.82
CA GLU A 10 12.86 -19.27 11.47
C GLU A 10 11.58 -18.47 11.21
N LEU A 11 11.70 -17.58 10.26
CA LEU A 11 10.58 -16.72 9.84
C LEU A 11 10.37 -16.83 8.32
N ARG A 12 9.10 -16.85 7.96
CA ARG A 12 8.68 -17.04 6.56
C ARG A 12 8.18 -15.70 6.02
N CYS A 13 8.41 -15.46 4.73
CA CYS A 13 7.86 -14.29 4.05
C CYS A 13 6.33 -14.25 4.24
N VAL A 14 5.78 -13.04 4.22
CA VAL A 14 4.31 -12.85 4.34
C VAL A 14 3.55 -13.55 3.18
N CYS A 15 4.22 -13.60 2.04
CA CYS A 15 3.73 -14.24 0.80
C CYS A 15 4.65 -15.38 0.37
N LEU A 16 4.17 -16.59 0.60
CA LEU A 16 4.87 -17.80 0.15
C LEU A 16 4.60 -18.17 -1.31
N GLN A 17 3.39 -17.88 -1.76
CA GLN A 17 2.90 -18.15 -3.11
C GLN A 17 2.68 -16.84 -3.87
N THR A 18 2.22 -16.99 -5.10
CA THR A 18 1.90 -15.88 -6.00
C THR A 18 0.49 -16.00 -6.58
N THR A 19 0.18 -15.13 -7.54
CA THR A 19 -1.11 -15.06 -8.25
C THR A 19 -0.93 -14.34 -9.61
N GLN A 20 -1.81 -14.72 -10.52
CA GLN A 20 -1.91 -14.17 -11.87
C GLN A 20 -3.33 -13.72 -12.21
N GLY A 21 -3.70 -12.60 -11.56
CA GLY A 21 -4.98 -11.97 -11.87
C GLY A 21 -4.86 -11.05 -13.12
N VAL A 22 -5.88 -10.34 -13.55
CA VAL A 22 -7.26 -10.00 -13.07
C VAL A 22 -7.47 -8.50 -13.36
N HIS A 23 -8.57 -7.93 -12.86
CA HIS A 23 -8.82 -6.50 -12.97
C HIS A 23 -8.91 -5.86 -11.57
N PRO A 24 -8.40 -4.63 -11.44
CA PRO A 24 -8.49 -3.81 -10.21
C PRO A 24 -9.92 -3.69 -9.68
N LYS A 25 -10.90 -3.91 -10.54
CA LYS A 25 -12.33 -3.86 -10.22
C LYS A 25 -12.70 -4.71 -8.99
N MET A 26 -11.91 -5.78 -8.79
CA MET A 26 -12.05 -6.67 -7.62
C MET A 26 -11.22 -6.21 -6.41
N ILE A 27 -10.24 -5.36 -6.64
CA ILE A 27 -9.36 -4.87 -5.58
C ILE A 27 -9.82 -3.53 -5.03
N SER A 28 -9.60 -3.30 -3.73
CA SER A 28 -9.99 -2.05 -3.08
C SER A 28 -8.97 -1.65 -2.01
N ASN A 29 -7.85 -2.38 -1.95
CA ASN A 29 -6.80 -2.10 -0.96
C ASN A 29 -5.47 -2.69 -1.42
N LEU A 30 -4.40 -1.90 -1.31
CA LEU A 30 -3.06 -2.34 -1.70
C LEU A 30 -2.08 -2.12 -0.57
N GLN A 31 -1.15 -3.06 -0.39
CA GLN A 31 -0.14 -2.94 0.66
C GLN A 31 1.24 -3.34 0.14
N VAL A 32 2.16 -2.38 0.15
CA VAL A 32 3.53 -2.60 -0.33
C VAL A 32 4.49 -2.72 0.85
N PHE A 33 4.92 -3.95 1.11
CA PHE A 33 5.86 -4.23 2.21
C PHE A 33 7.30 -4.26 1.70
N ALA A 34 8.21 -3.67 2.47
CA ALA A 34 9.62 -3.65 2.08
C ALA A 34 10.42 -4.73 2.83
N ILE A 35 11.65 -4.39 3.21
CA ILE A 35 12.52 -5.33 3.92
C ILE A 35 12.13 -5.47 5.39
N GLY A 36 11.96 -6.73 5.81
CA GLY A 36 11.59 -7.02 7.19
C GLY A 36 12.39 -8.18 7.75
N PRO A 37 12.11 -8.59 9.00
CA PRO A 37 12.81 -9.71 9.66
C PRO A 37 12.35 -11.07 9.16
N GLN A 38 11.29 -11.08 8.35
CA GLN A 38 10.74 -12.32 7.79
C GLN A 38 10.97 -12.46 6.27
N CYS A 39 11.19 -11.33 5.61
CA CYS A 39 11.38 -11.31 4.17
C CYS A 39 12.23 -10.12 3.74
N SER A 40 13.25 -10.39 2.93
CA SER A 40 14.14 -9.33 2.47
C SER A 40 13.79 -8.95 1.02
N LYS A 41 12.49 -8.92 0.72
CA LYS A 41 12.03 -8.58 -0.62
C LYS A 41 10.67 -7.87 -0.56
N VAL A 42 10.37 -7.08 -1.59
CA VAL A 42 9.12 -6.34 -1.65
C VAL A 42 7.99 -7.21 -2.20
N GLU A 43 6.86 -7.26 -1.48
CA GLU A 43 5.73 -8.06 -1.91
C GLU A 43 4.45 -7.22 -1.88
N VAL A 44 3.69 -7.25 -2.97
CA VAL A 44 2.47 -6.47 -3.07
C VAL A 44 1.23 -7.32 -2.83
N VAL A 45 0.64 -7.13 -1.65
CA VAL A 45 -0.60 -7.84 -1.25
C VAL A 45 -1.84 -6.99 -1.60
N ALA A 46 -2.94 -7.70 -1.87
CA ALA A 46 -4.22 -7.05 -2.21
C ALA A 46 -5.40 -7.78 -1.56
N SER A 47 -6.47 -7.03 -1.33
CA SER A 47 -7.72 -7.57 -0.77
C SER A 47 -8.89 -7.28 -1.70
N LEU A 48 -9.69 -8.31 -1.95
CA LEU A 48 -10.86 -8.21 -2.80
C LEU A 48 -12.06 -7.66 -2.04
N LYS A 49 -13.12 -7.33 -2.76
CA LYS A 49 -14.34 -6.79 -2.16
C LYS A 49 -15.13 -7.90 -1.46
N ASN A 50 -14.80 -9.16 -1.81
CA ASN A 50 -15.47 -10.31 -1.22
C ASN A 50 -14.93 -10.61 0.17
N GLY A 51 -13.82 -9.98 0.53
CA GLY A 51 -13.22 -10.18 1.83
C GLY A 51 -12.12 -11.23 1.82
N LYS A 52 -11.26 -11.16 0.80
CA LYS A 52 -10.16 -12.11 0.67
C LYS A 52 -8.83 -11.40 0.51
N GLU A 53 -7.75 -12.14 0.71
CA GLU A 53 -6.38 -11.60 0.60
C GLU A 53 -5.51 -12.58 -0.22
N ILE A 54 -4.84 -12.01 -1.21
CA ILE A 54 -3.93 -12.80 -2.05
C ILE A 54 -2.55 -12.12 -2.10
N CYS A 55 -1.66 -12.75 -2.84
CA CYS A 55 -0.30 -12.23 -3.05
C CYS A 55 -0.01 -12.20 -4.55
N LEU A 56 0.62 -11.11 -4.95
CA LEU A 56 0.94 -10.89 -6.35
C LEU A 56 2.47 -10.90 -6.50
N ASP A 57 2.95 -11.25 -7.69
CA ASP A 57 4.40 -11.25 -7.93
C ASP A 57 4.80 -10.01 -8.74
N PRO A 58 5.57 -9.08 -8.13
CA PRO A 58 6.04 -7.85 -8.79
C PRO A 58 6.86 -8.13 -10.05
N GLU A 59 7.30 -9.38 -10.13
CA GLU A 59 8.09 -9.89 -11.27
C GLU A 59 7.31 -9.92 -12.60
N ALA A 60 5.99 -9.83 -12.52
CA ALA A 60 5.14 -9.87 -13.71
C ALA A 60 4.69 -8.44 -14.12
N PRO A 61 4.77 -8.13 -15.41
CA PRO A 61 4.41 -6.80 -15.96
C PRO A 61 2.93 -6.47 -15.81
N PHE A 62 2.06 -7.45 -16.06
CA PHE A 62 0.60 -7.30 -15.90
C PHE A 62 0.22 -6.97 -14.45
N LEU A 63 1.08 -7.40 -13.54
CA LEU A 63 0.87 -7.16 -12.12
C LEU A 63 1.13 -5.70 -11.78
N LYS A 64 2.09 -5.10 -12.48
CA LYS A 64 2.45 -3.69 -12.27
C LYS A 64 1.38 -2.76 -12.86
N LYS A 65 0.59 -3.32 -13.78
CA LYS A 65 -0.51 -2.61 -14.45
C LYS A 65 -1.76 -2.48 -13.58
N VAL A 66 -2.27 -3.61 -13.10
CA VAL A 66 -3.43 -3.62 -12.23
C VAL A 66 -3.14 -2.86 -10.91
N ILE A 67 -1.88 -2.86 -10.46
CA ILE A 67 -1.52 -2.13 -9.24
C ILE A 67 -1.24 -0.67 -9.55
N GLN A 68 -0.94 -0.37 -10.81
CA GLN A 68 -0.73 1.02 -11.23
C GLN A 68 -2.08 1.75 -11.36
N LYS A 69 -3.05 1.07 -11.95
CA LYS A 69 -4.40 1.62 -12.16
C LYS A 69 -5.09 2.04 -10.86
N ILE A 70 -4.81 1.32 -9.77
CA ILE A 70 -5.43 1.64 -8.47
C ILE A 70 -4.74 2.82 -7.79
N LEU A 71 -3.56 3.19 -8.29
CA LEU A 71 -2.82 4.32 -7.75
C LEU A 71 -3.17 5.59 -8.52
N ASP A 72 -3.41 5.44 -9.81
CA ASP A 72 -3.76 6.57 -10.68
C ASP A 72 -5.24 6.92 -10.53
N GLY A 73 -6.06 5.89 -10.32
CA GLY A 73 -7.50 6.10 -10.16
C GLY A 73 -7.84 6.71 -8.82
N GLY A 74 -6.97 6.50 -7.83
CA GLY A 74 -7.19 7.05 -6.50
C GLY A 74 -6.98 8.55 -6.45
N ASN A 75 -6.14 9.05 -7.35
CA ASN A 75 -5.85 10.49 -7.40
C ASN A 75 -7.01 11.26 -8.04
N LYS A 76 -7.76 10.57 -8.89
CA LYS A 76 -8.90 11.19 -9.58
C LYS A 76 -10.20 10.95 -8.79
N GLU A 77 -10.09 10.21 -7.69
CA GLU A 77 -11.24 9.92 -6.84
C GLU A 77 -11.67 11.16 -6.07
N ASN A 78 -12.91 11.59 -6.28
CA ASN A 78 -13.44 12.77 -5.60
C ASN A 78 -14.91 12.56 -5.23
N LEU B 8 -24.05 -0.58 12.21
CA LEU B 8 -24.25 0.52 11.25
C LEU B 8 -24.86 1.75 11.96
N ARG B 9 -23.98 2.45 12.64
CA ARG B 9 -24.36 3.67 13.39
C ARG B 9 -23.43 4.84 13.09
N GLU B 10 -22.16 4.67 13.47
CA GLU B 10 -21.14 5.73 13.39
C GLU B 10 -19.75 5.12 13.24
N LEU B 11 -19.17 5.39 12.08
CA LEU B 11 -17.82 4.92 11.74
C LEU B 11 -16.93 6.10 11.33
N ARG B 12 -15.69 6.03 11.78
CA ARG B 12 -14.71 7.10 11.57
C ARG B 12 -13.71 6.64 10.51
N CYS B 13 -13.23 7.59 9.71
CA CYS B 13 -12.14 7.31 8.75
C CYS B 13 -10.94 6.70 9.48
N VAL B 14 -10.17 5.88 8.77
CA VAL B 14 -8.94 5.26 9.34
C VAL B 14 -7.92 6.33 9.78
N CYS B 15 -7.95 7.45 9.06
CA CYS B 15 -7.10 8.62 9.30
C CYS B 15 -7.93 9.87 9.62
N LEU B 16 -7.92 10.21 10.90
CA LEU B 16 -8.59 11.44 11.37
C LEU B 16 -7.73 12.70 11.21
N GLN B 17 -6.43 12.53 11.35
CA GLN B 17 -5.44 13.60 11.25
C GLN B 17 -4.57 13.41 10.00
N THR B 18 -3.62 14.32 9.85
CA THR B 18 -2.66 14.32 8.75
C THR B 18 -1.21 14.43 9.26
N THR B 19 -0.28 14.60 8.33
CA THR B 19 1.16 14.74 8.57
C THR B 19 1.84 15.46 7.38
N GLN B 20 2.93 16.12 7.72
CA GLN B 20 3.80 16.85 6.79
C GLN B 20 5.27 16.45 6.94
N GLY B 21 5.54 15.23 6.47
CA GLY B 21 6.91 14.74 6.43
C GLY B 21 7.63 15.24 5.16
N VAL B 22 8.88 14.89 4.87
CA VAL B 22 9.88 13.93 5.43
C VAL B 22 10.56 13.26 4.21
N HIS B 23 11.39 12.24 4.45
CA HIS B 23 12.00 11.46 3.37
C HIS B 23 11.54 9.99 3.46
N PRO B 24 11.34 9.36 2.30
CA PRO B 24 11.03 7.91 2.17
C PRO B 24 12.00 7.02 2.94
N LYS B 25 13.19 7.53 3.22
CA LYS B 25 14.26 6.83 3.96
C LYS B 25 13.76 6.24 5.29
N MET B 26 12.75 6.89 5.86
CA MET B 26 12.09 6.44 7.10
C MET B 26 10.92 5.48 6.84
N ILE B 27 10.40 5.48 5.62
CA ILE B 27 9.26 4.62 5.24
C ILE B 27 9.73 3.22 4.85
N SER B 28 9.00 2.21 5.31
CA SER B 28 9.33 0.81 5.02
C SER B 28 8.07 -0.01 4.71
N ASN B 29 6.94 0.68 4.56
CA ASN B 29 5.66 0.01 4.28
C ASN B 29 4.62 1.05 3.84
N LEU B 30 3.83 0.70 2.82
CA LEU B 30 2.80 1.59 2.30
C LEU B 30 1.48 0.87 2.12
N GLN B 31 0.39 1.50 2.55
CA GLN B 31 -0.94 0.89 2.42
C GLN B 31 -1.91 1.90 1.81
N VAL B 32 -2.45 1.56 0.64
CA VAL B 32 -3.39 2.42 -0.06
C VAL B 32 -4.81 1.88 0.05
N PHE B 33 -5.66 2.62 0.77
CA PHE B 33 -7.05 2.24 0.97
C PHE B 33 -7.97 3.06 0.07
N ALA B 34 -8.92 2.40 -0.58
CA ALA B 34 -9.86 3.08 -1.45
C ALA B 34 -11.14 3.44 -0.70
N ILE B 35 -12.25 3.58 -1.43
CA ILE B 35 -13.53 3.91 -0.84
C ILE B 35 -14.07 2.74 0.00
N GLY B 36 -14.26 2.99 1.29
CA GLY B 36 -14.77 1.97 2.18
C GLY B 36 -16.07 2.37 2.86
N PRO B 37 -16.60 1.52 3.75
CA PRO B 37 -17.84 1.78 4.48
C PRO B 37 -17.68 2.80 5.61
N GLN B 38 -16.43 3.14 5.91
CA GLN B 38 -16.14 4.10 6.99
C GLN B 38 -15.58 5.44 6.47
N CYS B 39 -15.04 5.42 5.26
CA CYS B 39 -14.44 6.60 4.67
C CYS B 39 -14.53 6.57 3.14
N SER B 40 -15.08 7.63 2.57
CA SER B 40 -15.21 7.73 1.11
C SER B 40 -14.07 8.56 0.53
N LYS B 41 -12.90 8.45 1.14
CA LYS B 41 -11.72 9.18 0.70
C LYS B 41 -10.48 8.29 0.70
N VAL B 42 -9.60 8.48 -0.28
CA VAL B 42 -8.37 7.72 -0.37
C VAL B 42 -7.30 8.28 0.58
N GLU B 43 -6.80 7.43 1.47
CA GLU B 43 -5.80 7.85 2.44
C GLU B 43 -4.59 6.92 2.39
N VAL B 44 -3.40 7.50 2.29
CA VAL B 44 -2.17 6.71 2.22
C VAL B 44 -1.45 6.63 3.55
N VAL B 45 -1.55 5.47 4.17
CA VAL B 45 -0.88 5.18 5.46
C VAL B 45 0.50 4.53 5.24
N ALA B 46 1.40 4.78 6.17
CA ALA B 46 2.77 4.24 6.12
C ALA B 46 3.25 3.81 7.51
N SER B 47 4.16 2.85 7.52
CA SER B 47 4.79 2.35 8.76
C SER B 47 6.31 2.49 8.68
N LEU B 48 6.89 3.02 9.74
CA LEU B 48 8.34 3.21 9.82
C LEU B 48 9.02 1.92 10.23
N LYS B 49 10.35 1.90 10.17
CA LYS B 49 11.13 0.73 10.55
C LYS B 49 11.20 0.59 12.07
N ASN B 50 10.88 1.68 12.76
CA ASN B 50 10.91 1.72 14.22
C ASN B 50 9.61 1.14 14.79
N GLY B 51 8.61 0.96 13.93
CA GLY B 51 7.33 0.42 14.36
C GLY B 51 6.31 1.50 14.65
N LYS B 52 6.15 2.43 13.71
CA LYS B 52 5.20 3.53 13.85
C LYS B 52 4.31 3.65 12.62
N GLU B 53 3.12 4.20 12.81
CA GLU B 53 2.16 4.40 11.72
C GLU B 53 1.59 5.81 11.77
N ILE B 54 1.63 6.47 10.63
CA ILE B 54 1.09 7.84 10.50
C ILE B 54 0.12 7.90 9.32
N CYS B 55 -0.44 9.08 9.12
CA CYS B 55 -1.35 9.37 8.01
C CYS B 55 -0.87 10.59 7.25
N LEU B 56 -0.93 10.47 5.94
CA LEU B 56 -0.48 11.55 5.06
C LEU B 56 -1.69 12.12 4.31
N ASP B 57 -1.66 13.38 3.92
CA ASP B 57 -2.78 13.96 3.16
C ASP B 57 -2.44 14.05 1.68
N PRO B 58 -3.00 13.14 0.83
CA PRO B 58 -2.75 13.12 -0.63
C PRO B 58 -3.04 14.47 -1.29
N GLU B 59 -3.79 15.30 -0.58
CA GLU B 59 -4.17 16.64 -1.03
C GLU B 59 -2.96 17.60 -1.20
N ALA B 60 -1.82 17.25 -0.62
CA ALA B 60 -0.61 18.08 -0.70
C ALA B 60 0.35 17.54 -1.77
N PRO B 61 0.90 18.44 -2.60
CA PRO B 61 1.82 18.08 -3.70
C PRO B 61 3.15 17.50 -3.20
N PHE B 62 3.70 18.09 -2.14
CA PHE B 62 4.94 17.60 -1.51
C PHE B 62 4.79 16.17 -0.98
N LEU B 63 3.56 15.82 -0.62
CA LEU B 63 3.27 14.49 -0.12
C LEU B 63 3.28 13.48 -1.26
N LYS B 64 2.90 13.93 -2.46
CA LYS B 64 2.87 13.09 -3.65
C LYS B 64 4.29 12.72 -4.09
N LYS B 65 5.25 13.57 -3.73
CA LYS B 65 6.68 13.39 -4.04
C LYS B 65 7.34 12.27 -3.23
N VAL B 66 7.25 12.38 -1.91
CA VAL B 66 7.79 11.37 -1.02
C VAL B 66 7.11 10.01 -1.22
N ILE B 67 5.82 10.01 -1.65
CA ILE B 67 5.11 8.76 -1.89
C ILE B 67 5.39 8.27 -3.30
N GLN B 68 5.82 9.18 -4.18
CA GLN B 68 6.20 8.79 -5.55
C GLN B 68 7.57 8.10 -5.56
N LYS B 69 8.50 8.64 -4.77
CA LYS B 69 9.86 8.11 -4.66
C LYS B 69 9.91 6.68 -4.10
N ILE B 70 8.96 6.30 -3.25
CA ILE B 70 8.96 4.95 -2.67
C ILE B 70 8.55 3.90 -3.71
N LEU B 71 7.98 4.36 -4.82
CA LEU B 71 7.56 3.46 -5.89
C LEU B 71 8.72 3.23 -6.86
N ASP B 72 9.74 4.07 -6.77
CA ASP B 72 10.91 3.95 -7.64
C ASP B 72 12.08 3.35 -6.87
N GLY B 73 12.43 3.99 -5.75
CA GLY B 73 13.53 3.51 -4.93
C GLY B 73 13.18 2.25 -4.17
N GLY B 74 11.88 2.09 -3.87
CA GLY B 74 11.43 0.91 -3.16
C GLY B 74 11.35 -0.32 -4.04
N ASN B 75 11.21 -0.09 -5.34
CA ASN B 75 11.12 -1.18 -6.31
C ASN B 75 12.52 -1.52 -6.85
N LYS B 76 13.51 -0.75 -6.42
CA LYS B 76 14.89 -0.97 -6.84
C LYS B 76 15.53 -2.09 -6.03
N GLU B 77 14.89 -2.45 -4.93
CA GLU B 77 15.38 -3.51 -4.06
C GLU B 77 15.15 -4.87 -4.71
N ASN B 78 16.23 -5.54 -5.11
CA ASN B 78 16.14 -6.85 -5.74
C ASN B 78 16.79 -7.92 -4.88
N LEU A 8 13.90 -15.03 17.24
CA LEU A 8 14.82 -14.99 16.08
C LEU A 8 15.32 -16.41 15.76
N ARG A 9 14.45 -17.14 15.07
CA ARG A 9 14.74 -18.53 14.67
C ARG A 9 14.42 -18.76 13.19
N GLU A 10 13.13 -18.64 12.85
CA GLU A 10 12.60 -18.95 11.52
C GLU A 10 11.34 -18.13 11.25
N LEU A 11 11.47 -17.27 10.26
CA LEU A 11 10.38 -16.39 9.81
C LEU A 11 10.15 -16.56 8.30
N ARG A 12 8.89 -16.56 7.95
CA ARG A 12 8.45 -16.79 6.56
C ARG A 12 7.98 -15.46 5.97
N CYS A 13 8.22 -15.27 4.67
CA CYS A 13 7.69 -14.10 3.95
C CYS A 13 6.17 -14.02 4.14
N VAL A 14 5.64 -12.79 4.08
CA VAL A 14 4.18 -12.56 4.21
C VAL A 14 3.41 -13.29 3.07
N CYS A 15 4.07 -13.40 1.93
CA CYS A 15 3.55 -14.06 0.73
C CYS A 15 4.43 -15.24 0.32
N LEU A 16 3.92 -16.43 0.61
CA LEU A 16 4.59 -17.68 0.20
C LEU A 16 4.28 -18.09 -1.25
N GLN A 17 3.09 -17.79 -1.70
CA GLN A 17 2.58 -18.10 -3.04
C GLN A 17 2.40 -16.80 -3.85
N THR A 18 1.92 -17.00 -5.07
CA THR A 18 1.63 -15.90 -6.01
C THR A 18 0.21 -16.01 -6.57
N THR A 19 -0.08 -15.17 -7.56
CA THR A 19 -1.37 -15.08 -8.27
C THR A 19 -1.17 -14.43 -9.65
N GLN A 20 -2.07 -14.80 -10.55
CA GLN A 20 -2.17 -14.31 -11.92
C GLN A 20 -3.58 -13.83 -12.27
N GLY A 21 -3.90 -12.68 -11.66
CA GLY A 21 -5.17 -12.03 -11.99
C GLY A 21 -5.04 -11.16 -13.26
N VAL A 22 -6.04 -10.42 -13.72
CA VAL A 22 -7.40 -10.04 -13.25
C VAL A 22 -7.58 -8.54 -13.58
N HIS A 23 -8.66 -7.93 -13.12
CA HIS A 23 -8.87 -6.49 -13.28
C HIS A 23 -8.93 -5.80 -11.90
N PRO A 24 -8.38 -4.58 -11.81
CA PRO A 24 -8.44 -3.71 -10.62
C PRO A 24 -9.86 -3.54 -10.09
N LYS A 25 -10.86 -3.76 -10.94
CA LYS A 25 -12.29 -3.65 -10.60
C LYS A 25 -12.66 -4.45 -9.34
N MET A 26 -11.91 -5.53 -9.11
CA MET A 26 -12.06 -6.37 -7.90
C MET A 26 -11.23 -5.90 -6.71
N ILE A 27 -10.20 -5.09 -6.98
CA ILE A 27 -9.31 -4.57 -5.93
C ILE A 27 -9.87 -3.31 -5.28
N SER A 28 -9.61 -3.16 -3.97
CA SER A 28 -10.09 -2.00 -3.21
C SER A 28 -9.13 -1.63 -2.08
N ASN A 29 -7.99 -2.30 -2.02
CA ASN A 29 -6.99 -2.05 -0.98
C ASN A 29 -5.60 -2.51 -1.43
N LEU A 30 -4.58 -1.72 -1.12
CA LEU A 30 -3.21 -2.04 -1.48
C LEU A 30 -2.30 -1.97 -0.24
N GLN A 31 -1.48 -3.00 -0.06
CA GLN A 31 -0.55 -3.05 1.06
C GLN A 31 0.84 -3.42 0.57
N VAL A 32 1.79 -2.50 0.74
CA VAL A 32 3.16 -2.73 0.30
C VAL A 32 4.12 -2.81 1.49
N PHE A 33 4.93 -3.88 1.50
CA PHE A 33 5.90 -4.10 2.56
C PHE A 33 7.31 -4.17 1.96
N ALA A 34 8.24 -3.40 2.53
CA ALA A 34 9.62 -3.40 2.05
C ALA A 34 10.45 -4.48 2.74
N ILE A 35 11.76 -4.24 2.83
CA ILE A 35 12.69 -5.17 3.48
C ILE A 35 12.41 -5.29 4.97
N GLY A 36 12.05 -6.49 5.42
CA GLY A 36 11.77 -6.72 6.82
C GLY A 36 12.55 -7.90 7.38
N PRO A 37 12.27 -8.28 8.64
CA PRO A 37 12.96 -9.40 9.30
C PRO A 37 12.45 -10.76 8.84
N GLN A 38 11.36 -10.76 8.06
CA GLN A 38 10.76 -12.00 7.56
C GLN A 38 10.94 -12.18 6.05
N CYS A 39 11.16 -11.08 5.34
CA CYS A 39 11.30 -11.12 3.89
C CYS A 39 12.09 -9.92 3.36
N SER A 40 13.18 -10.20 2.65
CA SER A 40 14.00 -9.15 2.09
C SER A 40 13.71 -8.98 0.60
N LYS A 41 12.44 -8.74 0.29
CA LYS A 41 12.00 -8.59 -1.09
C LYS A 41 10.78 -7.67 -1.16
N VAL A 42 10.69 -6.88 -2.23
CA VAL A 42 9.57 -5.97 -2.42
C VAL A 42 8.38 -6.70 -3.07
N GLU A 43 7.32 -6.90 -2.30
CA GLU A 43 6.13 -7.58 -2.79
C GLU A 43 4.90 -6.69 -2.62
N VAL A 44 4.05 -6.65 -3.65
CA VAL A 44 2.85 -5.84 -3.61
C VAL A 44 1.59 -6.70 -3.42
N VAL A 45 1.05 -6.64 -2.22
CA VAL A 45 -0.17 -7.40 -1.87
C VAL A 45 -1.43 -6.52 -2.01
N ALA A 46 -2.54 -7.16 -2.33
CA ALA A 46 -3.83 -6.48 -2.51
C ALA A 46 -4.98 -7.30 -1.92
N SER A 47 -6.03 -6.59 -1.53
CA SER A 47 -7.26 -7.22 -1.00
C SER A 47 -8.48 -6.79 -1.81
N LEU A 48 -9.30 -7.77 -2.15
CA LEU A 48 -10.52 -7.55 -2.93
C LEU A 48 -11.62 -6.95 -2.05
N LYS A 49 -12.69 -6.49 -2.69
CA LYS A 49 -13.82 -5.90 -1.98
C LYS A 49 -14.74 -7.00 -1.42
N ASN A 50 -14.47 -8.24 -1.81
CA ASN A 50 -15.25 -9.38 -1.35
C ASN A 50 -14.79 -9.85 0.02
N GLY A 51 -13.75 -9.21 0.55
CA GLY A 51 -13.22 -9.59 1.86
C GLY A 51 -12.17 -10.66 1.76
N LYS A 52 -11.34 -10.60 0.73
CA LYS A 52 -10.28 -11.58 0.52
C LYS A 52 -8.93 -10.90 0.32
N GLU A 53 -7.87 -11.64 0.61
CA GLU A 53 -6.49 -11.16 0.47
C GLU A 53 -5.65 -12.17 -0.31
N ILE A 54 -4.97 -11.68 -1.32
CA ILE A 54 -4.08 -12.51 -2.14
C ILE A 54 -2.69 -11.88 -2.23
N CYS A 55 -1.82 -12.57 -2.95
CA CYS A 55 -0.45 -12.10 -3.19
C CYS A 55 -0.17 -12.12 -4.69
N LEU A 56 0.48 -11.06 -5.13
CA LEU A 56 0.82 -10.90 -6.54
C LEU A 56 2.33 -10.96 -6.70
N ASP A 57 2.83 -11.40 -7.85
CA ASP A 57 4.29 -11.43 -8.06
C ASP A 57 4.74 -10.24 -8.91
N PRO A 58 5.33 -9.18 -8.27
CA PRO A 58 5.81 -7.98 -8.97
C PRO A 58 6.76 -8.30 -10.12
N GLU A 59 7.29 -9.51 -10.09
CA GLU A 59 8.23 -10.02 -11.10
C GLU A 59 7.59 -10.15 -12.51
N ALA A 60 6.27 -10.12 -12.58
CA ALA A 60 5.56 -10.25 -13.85
C ALA A 60 5.11 -8.86 -14.37
N PRO A 61 5.32 -8.61 -15.66
CA PRO A 61 4.96 -7.32 -16.31
C PRO A 61 3.45 -7.05 -16.34
N PHE A 62 2.67 -8.10 -16.64
CA PHE A 62 1.18 -8.01 -16.64
C PHE A 62 0.64 -7.63 -15.26
N LEU A 63 1.38 -8.02 -14.22
CA LEU A 63 0.99 -7.72 -12.86
C LEU A 63 1.23 -6.24 -12.54
N LYS A 64 2.25 -5.66 -13.19
CA LYS A 64 2.59 -4.26 -13.01
C LYS A 64 1.49 -3.34 -13.55
N LYS A 65 0.75 -3.86 -14.51
CA LYS A 65 -0.37 -3.14 -15.15
C LYS A 65 -1.61 -3.02 -14.24
N VAL A 66 -2.09 -4.15 -13.76
CA VAL A 66 -3.23 -4.17 -12.85
C VAL A 66 -2.91 -3.43 -11.54
N ILE A 67 -1.62 -3.42 -11.12
CA ILE A 67 -1.23 -2.71 -9.90
C ILE A 67 -0.96 -1.25 -10.21
N GLN A 68 -0.69 -0.94 -11.48
CA GLN A 68 -0.50 0.46 -11.90
C GLN A 68 -1.85 1.19 -11.98
N LYS A 69 -2.85 0.49 -12.48
CA LYS A 69 -4.21 1.04 -12.60
C LYS A 69 -4.84 1.34 -11.24
N ILE A 70 -4.46 0.62 -10.19
CA ILE A 70 -5.04 0.87 -8.86
C ILE A 70 -4.46 2.14 -8.23
N LEU A 71 -3.39 2.65 -8.83
CA LEU A 71 -2.75 3.87 -8.35
C LEU A 71 -3.29 5.08 -9.08
N ASP A 72 -3.68 4.88 -10.35
CA ASP A 72 -4.23 5.96 -11.16
C ASP A 72 -5.72 6.14 -10.85
N GLY A 73 -6.42 5.03 -10.70
CA GLY A 73 -7.85 5.08 -10.39
C GLY A 73 -8.11 5.59 -8.99
N GLY A 74 -7.18 5.32 -8.07
CA GLY A 74 -7.32 5.78 -6.70
C GLY A 74 -7.05 7.26 -6.55
N ASN A 75 -6.19 7.79 -7.42
CA ASN A 75 -5.84 9.21 -7.41
C ASN A 75 -6.90 10.03 -8.14
N LYS A 76 -7.59 9.37 -9.07
CA LYS A 76 -8.64 10.03 -9.84
C LYS A 76 -9.90 10.20 -8.99
N GLU A 77 -10.06 9.33 -8.00
CA GLU A 77 -11.21 9.39 -7.09
C GLU A 77 -11.04 10.56 -6.13
N ASN A 78 -11.94 11.55 -6.24
CA ASN A 78 -11.88 12.73 -5.38
C ASN A 78 -13.01 12.71 -4.36
N LEU B 8 -24.30 -0.60 12.12
CA LEU B 8 -24.48 0.49 11.13
C LEU B 8 -25.12 1.72 11.80
N ARG B 9 -24.26 2.45 12.50
CA ARG B 9 -24.67 3.66 13.22
C ARG B 9 -23.73 4.83 12.92
N GLU B 10 -22.48 4.68 13.35
CA GLU B 10 -21.47 5.74 13.29
C GLU B 10 -20.06 5.14 13.19
N LEU B 11 -19.44 5.40 12.05
CA LEU B 11 -18.08 4.93 11.76
C LEU B 11 -17.19 6.10 11.35
N ARG B 12 -15.96 6.05 11.84
CA ARG B 12 -14.98 7.12 11.64
C ARG B 12 -13.94 6.64 10.63
N CYS B 13 -13.44 7.58 9.83
CA CYS B 13 -12.32 7.29 8.90
C CYS B 13 -11.14 6.70 9.69
N VAL B 14 -10.36 5.86 9.01
CA VAL B 14 -9.15 5.27 9.62
C VAL B 14 -8.15 6.35 10.08
N CYS B 15 -8.14 7.45 9.34
CA CYS B 15 -7.31 8.63 9.59
C CYS B 15 -8.14 9.86 9.87
N LEU B 16 -8.19 10.23 11.15
CA LEU B 16 -8.87 11.46 11.57
C LEU B 16 -8.01 12.73 11.41
N GLN B 17 -6.72 12.57 11.61
CA GLN B 17 -5.72 13.64 11.52
C GLN B 17 -4.82 13.43 10.29
N THR B 18 -3.86 14.35 10.17
CA THR B 18 -2.87 14.32 9.09
C THR B 18 -1.44 14.45 9.65
N THR B 19 -0.48 14.62 8.74
CA THR B 19 0.95 14.76 9.03
C THR B 19 1.66 15.46 7.86
N GLN B 20 2.74 16.14 8.20
CA GLN B 20 3.64 16.86 7.30
C GLN B 20 5.11 16.46 7.51
N GLY B 21 5.39 15.24 7.05
CA GLY B 21 6.76 14.76 7.07
C GLY B 21 7.53 15.23 5.81
N VAL B 22 8.78 14.88 5.56
CA VAL B 22 9.77 13.93 6.16
C VAL B 22 10.48 13.25 4.98
N HIS B 23 11.31 12.24 5.27
CA HIS B 23 11.96 11.45 4.21
C HIS B 23 11.50 9.97 4.32
N PRO B 24 11.34 9.32 3.16
CA PRO B 24 11.03 7.88 3.04
C PRO B 24 11.98 7.00 3.85
N LYS B 25 13.17 7.53 4.16
CA LYS B 25 14.21 6.83 4.95
C LYS B 25 13.67 6.26 6.26
N MET B 26 12.65 6.92 6.81
CA MET B 26 11.95 6.48 8.03
C MET B 26 10.78 5.50 7.74
N ILE B 27 10.30 5.49 6.50
CA ILE B 27 9.19 4.64 6.11
C ILE B 27 9.67 3.28 5.59
N SER B 28 8.87 2.23 5.79
CA SER B 28 9.20 0.89 5.35
C SER B 28 7.95 0.09 4.96
N ASN B 29 6.80 0.78 4.95
CA ASN B 29 5.52 0.15 4.61
C ASN B 29 4.51 1.21 4.15
N LEU B 30 3.82 0.91 3.04
CA LEU B 30 2.82 1.83 2.50
C LEU B 30 1.50 1.12 2.24
N GLN B 31 0.43 1.59 2.86
CA GLN B 31 -0.90 1.01 2.69
C GLN B 31 -1.87 2.02 2.11
N VAL B 32 -2.44 1.68 0.95
CA VAL B 32 -3.40 2.56 0.27
C VAL B 32 -4.80 1.95 0.28
N PHE B 33 -5.68 2.52 1.08
CA PHE B 33 -7.06 2.06 1.20
C PHE B 33 -7.99 2.93 0.35
N ALA B 34 -8.98 2.30 -0.27
CA ALA B 34 -9.94 3.03 -1.10
C ALA B 34 -11.21 3.35 -0.31
N ILE B 35 -12.33 3.51 -1.01
CA ILE B 35 -13.61 3.81 -0.37
C ILE B 35 -14.12 2.62 0.43
N GLY B 36 -14.36 2.86 1.72
CA GLY B 36 -14.85 1.81 2.60
C GLY B 36 -16.14 2.19 3.30
N PRO B 37 -16.62 1.36 4.24
CA PRO B 37 -17.85 1.62 5.00
C PRO B 37 -17.67 2.66 6.10
N GLN B 38 -16.42 3.07 6.33
CA GLN B 38 -16.11 4.06 7.37
C GLN B 38 -15.61 5.39 6.81
N CYS B 39 -15.10 5.35 5.58
CA CYS B 39 -14.53 6.54 4.94
C CYS B 39 -14.77 6.52 3.43
N SER B 40 -15.25 7.63 2.89
CA SER B 40 -15.51 7.73 1.46
C SER B 40 -14.39 8.51 0.77
N LYS B 41 -13.17 8.37 1.29
CA LYS B 41 -12.02 9.08 0.74
C LYS B 41 -10.75 8.21 0.84
N VAL B 42 -9.82 8.41 -0.09
CA VAL B 42 -8.57 7.66 -0.09
C VAL B 42 -7.58 8.26 0.90
N GLU B 43 -6.99 7.41 1.74
CA GLU B 43 -6.02 7.87 2.74
C GLU B 43 -4.78 6.97 2.72
N VAL B 44 -3.61 7.60 2.65
CA VAL B 44 -2.36 6.84 2.60
C VAL B 44 -1.67 6.79 3.96
N VAL B 45 -1.74 5.62 4.58
CA VAL B 45 -1.10 5.36 5.88
C VAL B 45 0.31 4.76 5.70
N ALA B 46 1.18 5.04 6.64
CA ALA B 46 2.57 4.54 6.63
C ALA B 46 3.03 4.13 8.02
N SER B 47 3.98 3.20 8.05
CA SER B 47 4.59 2.73 9.31
C SER B 47 6.11 2.91 9.27
N LEU B 48 6.64 3.46 10.34
CA LEU B 48 8.08 3.70 10.46
C LEU B 48 8.80 2.42 10.88
N LYS B 49 10.13 2.43 10.80
CA LYS B 49 10.94 1.28 11.18
C LYS B 49 11.02 1.14 12.70
N ASN B 50 10.62 2.20 13.41
CA ASN B 50 10.64 2.20 14.86
C ASN B 50 9.40 1.52 15.43
N GLY B 51 8.31 1.53 14.65
CA GLY B 51 7.08 0.91 15.10
C GLY B 51 5.97 1.92 15.33
N LYS B 52 5.91 2.95 14.50
CA LYS B 52 4.90 3.99 14.63
C LYS B 52 4.08 4.14 13.35
N GLU B 53 2.77 4.29 13.50
CA GLU B 53 1.87 4.45 12.36
C GLU B 53 1.26 5.85 12.36
N ILE B 54 1.39 6.53 11.22
CA ILE B 54 0.83 7.89 11.06
C ILE B 54 -0.10 7.94 9.84
N CYS B 55 -0.64 9.12 9.62
CA CYS B 55 -1.52 9.36 8.47
C CYS B 55 -1.01 10.58 7.71
N LEU B 56 -1.04 10.45 6.40
CA LEU B 56 -0.57 11.51 5.52
C LEU B 56 -1.76 12.07 4.72
N ASP B 57 -1.72 13.32 4.31
CA ASP B 57 -2.82 13.88 3.52
C ASP B 57 -2.42 13.98 2.04
N PRO B 58 -3.09 13.21 1.14
CA PRO B 58 -2.81 13.20 -0.31
C PRO B 58 -2.85 14.61 -0.92
N GLU B 59 -3.47 15.52 -0.19
CA GLU B 59 -3.63 16.93 -0.58
C GLU B 59 -2.28 17.68 -0.69
N ALA B 60 -1.24 17.12 -0.10
CA ALA B 60 0.10 17.75 -0.12
C ALA B 60 0.99 17.11 -1.19
N PRO B 61 1.70 17.93 -1.95
CA PRO B 61 2.60 17.49 -3.04
C PRO B 61 3.80 16.67 -2.55
N PHE B 62 4.40 17.12 -1.44
CA PHE B 62 5.53 16.41 -0.81
C PHE B 62 5.13 15.01 -0.35
N LEU B 63 3.86 14.85 -0.07
CA LEU B 63 3.31 13.57 0.35
C LEU B 63 3.38 12.57 -0.79
N LYS B 64 3.03 13.02 -1.99
CA LYS B 64 3.05 12.19 -3.20
C LYS B 64 4.48 11.83 -3.60
N LYS B 65 5.43 12.65 -3.16
CA LYS B 65 6.86 12.46 -3.44
C LYS B 65 7.49 11.35 -2.58
N VAL B 66 7.36 11.47 -1.27
CA VAL B 66 7.88 10.47 -0.35
C VAL B 66 7.20 9.11 -0.57
N ILE B 67 5.93 9.11 -1.02
CA ILE B 67 5.22 7.85 -1.28
C ILE B 67 5.54 7.35 -2.68
N GLN B 68 6.00 8.25 -3.55
CA GLN B 68 6.40 7.85 -4.91
C GLN B 68 7.78 7.15 -4.87
N LYS B 69 8.70 7.71 -4.09
CA LYS B 69 10.06 7.15 -3.96
C LYS B 69 10.08 5.74 -3.39
N ILE B 70 9.09 5.40 -2.55
CA ILE B 70 9.04 4.06 -1.94
C ILE B 70 8.33 3.05 -2.85
N LEU B 71 7.93 3.50 -4.03
CA LEU B 71 7.26 2.62 -5.00
C LEU B 71 8.11 2.47 -6.25
N ASP B 72 8.78 3.55 -6.63
CA ASP B 72 9.64 3.55 -7.82
C ASP B 72 11.02 3.03 -7.46
N GLY B 73 11.53 3.45 -6.32
CA GLY B 73 12.85 3.01 -5.87
C GLY B 73 12.87 1.54 -5.49
N GLY B 74 11.70 1.00 -5.16
CA GLY B 74 11.59 -0.40 -4.80
C GLY B 74 11.73 -1.32 -6.01
N ASN B 75 11.37 -0.80 -7.18
CA ASN B 75 11.45 -1.55 -8.42
C ASN B 75 12.89 -1.60 -8.92
N LYS B 76 13.68 -0.60 -8.50
CA LYS B 76 15.09 -0.52 -8.88
C LYS B 76 15.95 -1.42 -7.99
N GLU B 77 15.40 -1.79 -6.84
CA GLU B 77 16.10 -2.66 -5.89
C GLU B 77 16.20 -4.07 -6.44
N ASN B 78 17.44 -4.54 -6.67
CA ASN B 78 17.65 -5.88 -7.21
C ASN B 78 18.43 -6.76 -6.23
N LEU A 8 14.00 -14.70 17.55
CA LEU A 8 14.93 -14.62 16.41
C LEU A 8 15.49 -16.03 16.08
N ARG A 9 14.64 -16.77 15.39
CA ARG A 9 14.98 -18.16 14.98
C ARG A 9 14.67 -18.39 13.50
N GLU A 10 13.39 -18.31 13.15
CA GLU A 10 12.88 -18.64 11.81
C GLU A 10 11.59 -17.86 11.54
N LEU A 11 11.71 -16.99 10.54
CA LEU A 11 10.58 -16.15 10.09
C LEU A 11 10.38 -16.31 8.59
N ARG A 12 9.11 -16.35 8.22
CA ARG A 12 8.69 -16.58 6.82
C ARG A 12 8.20 -15.27 6.24
N CYS A 13 8.43 -15.08 4.95
CA CYS A 13 7.88 -13.93 4.22
C CYS A 13 6.35 -13.88 4.39
N VAL A 14 5.78 -12.68 4.34
CA VAL A 14 4.32 -12.50 4.45
C VAL A 14 3.57 -13.24 3.31
N CYS A 15 4.25 -13.33 2.17
CA CYS A 15 3.77 -14.00 0.97
C CYS A 15 4.68 -15.16 0.56
N LEU A 16 4.21 -16.36 0.84
CA LEU A 16 4.92 -17.58 0.43
C LEU A 16 4.65 -17.99 -1.03
N GLN A 17 3.43 -17.73 -1.48
CA GLN A 17 2.96 -18.05 -2.82
C GLN A 17 2.73 -16.76 -3.63
N THR A 18 2.27 -16.97 -4.85
CA THR A 18 1.96 -15.87 -5.79
C THR A 18 0.54 -16.03 -6.37
N THR A 19 0.24 -15.19 -7.36
CA THR A 19 -1.05 -15.14 -8.08
C THR A 19 -0.86 -14.48 -9.46
N GLN A 20 -1.74 -14.89 -10.36
CA GLN A 20 -1.85 -14.39 -11.73
C GLN A 20 -3.27 -13.95 -12.08
N GLY A 21 -3.63 -12.81 -11.48
CA GLY A 21 -4.91 -12.20 -11.82
C GLY A 21 -4.80 -11.33 -13.09
N VAL A 22 -5.83 -10.62 -13.55
CA VAL A 22 -7.20 -10.28 -13.08
C VAL A 22 -7.42 -8.79 -13.42
N HIS A 23 -8.52 -8.21 -12.96
CA HIS A 23 -8.78 -6.78 -13.12
C HIS A 23 -8.87 -6.10 -11.73
N PRO A 24 -8.37 -4.86 -11.64
CA PRO A 24 -8.46 -4.00 -10.45
C PRO A 24 -9.89 -3.87 -9.93
N LYS A 25 -10.88 -4.12 -10.78
CA LYS A 25 -12.31 -4.05 -10.46
C LYS A 25 -12.67 -4.88 -9.20
N MET A 26 -11.88 -5.93 -8.96
CA MET A 26 -12.02 -6.78 -7.77
C MET A 26 -11.21 -6.28 -6.56
N ILE A 27 -10.21 -5.43 -6.82
CA ILE A 27 -9.35 -4.91 -5.75
C ILE A 27 -9.89 -3.57 -5.21
N SER A 28 -9.69 -3.35 -3.91
CA SER A 28 -10.15 -2.12 -3.27
C SER A 28 -9.20 -1.68 -2.16
N ASN A 29 -8.07 -2.38 -2.03
CA ASN A 29 -7.07 -2.08 -1.00
C ASN A 29 -5.72 -2.73 -1.35
N LEU A 30 -4.68 -1.91 -1.38
CA LEU A 30 -3.33 -2.41 -1.70
C LEU A 30 -2.42 -2.30 -0.48
N GLN A 31 -1.42 -3.18 -0.42
CA GLN A 31 -0.46 -3.18 0.69
C GLN A 31 0.93 -3.55 0.17
N VAL A 32 1.95 -2.84 0.67
CA VAL A 32 3.33 -3.09 0.25
C VAL A 32 4.21 -3.30 1.47
N PHE A 33 5.01 -4.36 1.44
CA PHE A 33 5.92 -4.69 2.53
C PHE A 33 7.37 -4.67 2.05
N ALA A 34 8.20 -3.83 2.67
CA ALA A 34 9.60 -3.74 2.28
C ALA A 34 10.44 -4.79 2.99
N ILE A 35 11.76 -4.58 3.03
CA ILE A 35 12.68 -5.50 3.67
C ILE A 35 12.52 -5.49 5.18
N GLY A 36 12.15 -6.65 5.74
CA GLY A 36 11.96 -6.77 7.18
C GLY A 36 12.73 -7.93 7.77
N PRO A 37 12.40 -8.35 9.00
CA PRO A 37 13.07 -9.46 9.68
C PRO A 37 12.57 -10.83 9.20
N GLN A 38 11.52 -10.82 8.37
CA GLN A 38 10.95 -12.07 7.87
C GLN A 38 11.15 -12.25 6.35
N CYS A 39 11.38 -11.14 5.65
CA CYS A 39 11.53 -11.16 4.20
C CYS A 39 12.57 -10.14 3.74
N SER A 40 13.12 -10.36 2.56
CA SER A 40 14.11 -9.45 2.00
C SER A 40 13.71 -9.02 0.59
N LYS A 41 12.40 -8.95 0.36
CA LYS A 41 11.87 -8.56 -0.94
C LYS A 41 10.60 -7.72 -0.79
N VAL A 42 10.38 -6.81 -1.75
CA VAL A 42 9.20 -5.96 -1.73
C VAL A 42 7.99 -6.71 -2.30
N GLU A 43 7.22 -7.32 -1.43
CA GLU A 43 6.04 -8.08 -1.82
C GLU A 43 4.85 -7.18 -1.80
N VAL A 44 3.96 -7.34 -2.78
CA VAL A 44 2.76 -6.52 -2.87
C VAL A 44 1.49 -7.34 -2.66
N VAL A 45 0.94 -7.23 -1.47
CA VAL A 45 -0.32 -7.92 -1.10
C VAL A 45 -1.54 -7.00 -1.32
N ALA A 46 -2.66 -7.62 -1.63
CA ALA A 46 -3.92 -6.89 -1.88
C ALA A 46 -5.11 -7.64 -1.25
N SER A 47 -6.14 -6.87 -0.93
CA SER A 47 -7.41 -7.41 -0.39
C SER A 47 -8.59 -6.98 -1.26
N LEU A 48 -9.44 -7.96 -1.57
CA LEU A 48 -10.63 -7.72 -2.38
C LEU A 48 -11.74 -7.13 -1.54
N LYS A 49 -12.78 -6.62 -2.20
CA LYS A 49 -13.92 -6.04 -1.51
C LYS A 49 -14.84 -7.13 -0.96
N ASN A 50 -14.59 -8.37 -1.39
CA ASN A 50 -15.39 -9.51 -0.95
C ASN A 50 -14.93 -10.01 0.42
N GLY A 51 -13.71 -9.63 0.81
CA GLY A 51 -13.17 -10.04 2.10
C GLY A 51 -12.10 -11.11 1.96
N LYS A 52 -11.22 -10.95 0.96
CA LYS A 52 -10.15 -11.91 0.73
C LYS A 52 -8.81 -11.20 0.57
N GLU A 53 -7.72 -11.95 0.76
CA GLU A 53 -6.37 -11.41 0.63
C GLU A 53 -5.48 -12.40 -0.15
N ILE A 54 -4.81 -11.88 -1.15
CA ILE A 54 -3.90 -12.69 -1.97
C ILE A 54 -2.52 -12.00 -2.04
N CYS A 55 -1.62 -12.66 -2.75
CA CYS A 55 -0.27 -12.15 -2.98
C CYS A 55 0.03 -12.15 -4.47
N LEU A 56 0.65 -11.08 -4.91
CA LEU A 56 0.98 -10.90 -6.32
C LEU A 56 2.50 -10.92 -6.46
N ASP A 57 2.99 -11.31 -7.63
CA ASP A 57 4.44 -11.30 -7.87
C ASP A 57 4.84 -10.04 -8.64
N PRO A 58 5.56 -9.10 -7.97
CA PRO A 58 6.01 -7.83 -8.60
C PRO A 58 6.91 -8.09 -9.80
N GLU A 59 7.41 -9.31 -9.87
CA GLU A 59 8.28 -9.77 -10.96
C GLU A 59 7.58 -9.81 -12.34
N ALA A 60 6.25 -9.76 -12.34
CA ALA A 60 5.47 -9.80 -13.57
C ALA A 60 5.02 -8.39 -13.99
N PRO A 61 5.16 -8.05 -15.28
CA PRO A 61 4.79 -6.73 -15.82
C PRO A 61 3.29 -6.43 -15.74
N PHE A 62 2.48 -7.43 -16.07
CA PHE A 62 1.00 -7.34 -15.98
C PHE A 62 0.53 -7.04 -14.56
N LEU A 63 1.35 -7.45 -13.60
CA LEU A 63 1.06 -7.22 -12.21
C LEU A 63 1.40 -5.78 -11.82
N LYS A 64 2.43 -5.23 -12.45
CA LYS A 64 2.88 -3.86 -12.19
C LYS A 64 1.89 -2.84 -12.80
N LYS A 65 1.10 -3.33 -13.75
CA LYS A 65 0.08 -2.52 -14.43
C LYS A 65 -1.20 -2.33 -13.61
N VAL A 66 -1.81 -3.46 -13.23
CA VAL A 66 -3.02 -3.45 -12.42
C VAL A 66 -2.80 -2.72 -11.08
N ILE A 67 -1.56 -2.75 -10.57
CA ILE A 67 -1.25 -2.05 -9.32
C ILE A 67 -1.03 -0.57 -9.58
N GLN A 68 -0.58 -0.23 -10.79
CA GLN A 68 -0.40 1.19 -11.16
C GLN A 68 -1.77 1.88 -11.31
N LYS A 69 -2.72 1.18 -11.94
CA LYS A 69 -4.06 1.71 -12.17
C LYS A 69 -4.80 2.01 -10.86
N ILE A 70 -4.57 1.21 -9.81
CA ILE A 70 -5.24 1.43 -8.53
C ILE A 70 -4.57 2.53 -7.72
N LEU A 71 -3.40 2.98 -8.17
CA LEU A 71 -2.66 4.04 -7.50
C LEU A 71 -3.00 5.39 -8.13
N ASP A 72 -3.27 5.37 -9.43
CA ASP A 72 -3.62 6.57 -10.17
C ASP A 72 -5.10 6.91 -9.98
N GLY A 73 -5.94 5.87 -9.99
CA GLY A 73 -7.37 6.06 -9.82
C GLY A 73 -7.73 6.66 -8.47
N GLY A 74 -6.90 6.40 -7.46
CA GLY A 74 -7.15 6.93 -6.14
C GLY A 74 -6.85 8.41 -6.04
N ASN A 75 -5.86 8.86 -6.81
CA ASN A 75 -5.47 10.27 -6.82
C ASN A 75 -6.35 11.07 -7.79
N LYS A 76 -7.17 10.37 -8.56
CA LYS A 76 -8.06 11.02 -9.53
C LYS A 76 -9.43 11.27 -8.92
N GLU A 77 -9.71 10.63 -7.78
CA GLU A 77 -10.99 10.79 -7.09
C GLU A 77 -11.11 12.21 -6.51
N ASN A 78 -12.00 13.01 -7.08
CA ASN A 78 -12.20 14.39 -6.63
C ASN A 78 -13.59 14.60 -6.04
N LEU B 8 -24.07 -0.80 12.01
CA LEU B 8 -24.26 0.32 11.06
C LEU B 8 -24.86 1.55 11.78
N ARG B 9 -23.98 2.24 12.47
CA ARG B 9 -24.37 3.44 13.24
C ARG B 9 -23.42 4.61 12.96
N GLU B 10 -22.15 4.44 13.35
CA GLU B 10 -21.13 5.49 13.29
C GLU B 10 -19.74 4.86 13.14
N LEU B 11 -19.14 5.16 11.99
CA LEU B 11 -17.79 4.67 11.66
C LEU B 11 -16.90 5.85 11.27
N ARG B 12 -15.67 5.77 11.73
CA ARG B 12 -14.67 6.84 11.53
C ARG B 12 -13.67 6.37 10.49
N CYS B 13 -13.17 7.33 9.70
CA CYS B 13 -12.08 7.05 8.74
C CYS B 13 -10.88 6.43 9.49
N VAL B 14 -10.12 5.61 8.76
CA VAL B 14 -8.91 4.97 9.33
C VAL B 14 -7.88 6.04 9.80
N CYS B 15 -7.89 7.16 9.10
CA CYS B 15 -7.03 8.32 9.35
C CYS B 15 -7.85 9.57 9.68
N LEU B 16 -7.86 9.89 10.97
CA LEU B 16 -8.52 11.12 11.44
C LEU B 16 -7.65 12.39 11.30
N GLN B 17 -6.36 12.20 11.45
CA GLN B 17 -5.35 13.27 11.38
C GLN B 17 -4.48 13.08 10.13
N THR B 18 -3.52 13.99 10.00
CA THR B 18 -2.54 13.98 8.90
C THR B 18 -1.11 14.08 9.42
N THR B 19 -0.16 14.26 8.51
CA THR B 19 1.28 14.39 8.76
C THR B 19 1.96 15.12 7.59
N GLN B 20 3.06 15.77 7.95
CA GLN B 20 3.95 16.50 7.03
C GLN B 20 5.42 16.09 7.19
N GLY B 21 5.66 14.87 6.71
CA GLY B 21 7.04 14.38 6.68
C GLY B 21 7.78 14.87 5.42
N VAL B 22 9.02 14.52 5.13
CA VAL B 22 10.02 13.55 5.69
C VAL B 22 10.70 12.88 4.47
N HIS B 23 11.52 11.87 4.70
CA HIS B 23 12.14 11.09 3.63
C HIS B 23 11.67 9.63 3.70
N PRO B 24 11.47 9.00 2.52
CA PRO B 24 11.15 7.56 2.38
C PRO B 24 12.11 6.66 3.14
N LYS B 25 13.30 7.16 3.44
CA LYS B 25 14.36 6.43 4.17
C LYS B 25 13.85 5.84 5.50
N MET B 26 12.84 6.48 6.10
CA MET B 26 12.27 6.01 7.35
C MET B 26 11.12 5.03 7.12
N ILE B 27 10.53 5.07 5.92
CA ILE B 27 9.41 4.20 5.55
C ILE B 27 9.88 2.78 5.25
N SER B 28 9.06 1.79 5.62
CA SER B 28 9.38 0.38 5.39
C SER B 28 8.11 -0.43 5.11
N ASN B 29 7.00 0.28 4.90
CA ASN B 29 5.70 -0.36 4.63
C ASN B 29 4.70 0.68 4.11
N LEU B 30 3.90 0.28 3.12
CA LEU B 30 2.90 1.17 2.54
C LEU B 30 1.54 0.47 2.47
N GLN B 31 0.47 1.23 2.65
CA GLN B 31 -0.89 0.69 2.59
C GLN B 31 -1.83 1.68 1.90
N VAL B 32 -2.50 1.21 0.85
CA VAL B 32 -3.44 2.04 0.10
C VAL B 32 -4.88 1.62 0.37
N PHE B 33 -5.69 2.58 0.82
CA PHE B 33 -7.09 2.34 1.13
C PHE B 33 -7.99 3.11 0.18
N ALA B 34 -9.14 2.52 -0.17
CA ALA B 34 -10.09 3.17 -1.07
C ALA B 34 -11.37 3.55 -0.33
N ILE B 35 -12.44 3.79 -1.08
CA ILE B 35 -13.73 4.16 -0.51
C ILE B 35 -14.38 2.96 0.19
N GLY B 36 -14.61 3.09 1.50
CA GLY B 36 -15.22 2.02 2.27
C GLY B 36 -16.45 2.47 3.02
N PRO B 37 -16.96 1.65 3.95
CA PRO B 37 -18.15 1.96 4.75
C PRO B 37 -17.86 2.93 5.89
N GLN B 38 -16.57 3.20 6.13
CA GLN B 38 -16.17 4.12 7.20
C GLN B 38 -15.59 5.45 6.68
N CYS B 39 -15.14 5.44 5.43
CA CYS B 39 -14.52 6.62 4.83
C CYS B 39 -14.89 6.75 3.36
N SER B 40 -15.21 7.97 2.94
CA SER B 40 -15.58 8.23 1.55
C SER B 40 -14.41 8.85 0.79
N LYS B 41 -13.23 8.80 1.41
CA LYS B 41 -12.02 9.36 0.82
C LYS B 41 -10.86 8.36 0.92
N VAL B 42 -9.98 8.38 -0.08
CA VAL B 42 -8.83 7.49 -0.09
C VAL B 42 -7.71 8.05 0.80
N GLU B 43 -7.15 7.19 1.63
CA GLU B 43 -6.08 7.59 2.54
C GLU B 43 -4.93 6.59 2.50
N VAL B 44 -3.70 7.11 2.41
CA VAL B 44 -2.53 6.24 2.36
C VAL B 44 -1.77 6.23 3.68
N VAL B 45 -1.81 5.07 4.33
CA VAL B 45 -1.10 4.86 5.62
C VAL B 45 0.23 4.11 5.40
N ALA B 46 1.19 4.38 6.27
CA ALA B 46 2.51 3.76 6.21
C ALA B 46 3.03 3.41 7.60
N SER B 47 3.89 2.40 7.65
CA SER B 47 4.55 1.97 8.90
C SER B 47 6.06 2.00 8.75
N LEU B 48 6.72 2.57 9.75
CA LEU B 48 8.17 2.67 9.77
C LEU B 48 8.81 1.36 10.22
N LYS B 49 10.13 1.30 10.21
CA LYS B 49 10.86 0.11 10.62
C LYS B 49 10.92 0.01 12.15
N ASN B 50 10.62 1.13 12.82
CA ASN B 50 10.64 1.18 14.27
C ASN B 50 9.37 0.56 14.87
N GLY B 51 8.30 0.55 14.08
CA GLY B 51 7.04 0.00 14.55
C GLY B 51 5.98 1.05 14.77
N LYS B 52 6.06 2.13 14.00
CA LYS B 52 5.10 3.23 14.11
C LYS B 52 4.30 3.41 12.83
N GLU B 53 3.03 3.78 12.97
CA GLU B 53 2.15 3.99 11.83
C GLU B 53 1.55 5.39 11.86
N ILE B 54 1.68 6.09 10.74
CA ILE B 54 1.14 7.47 10.62
C ILE B 54 0.17 7.55 9.42
N CYS B 55 -0.36 8.74 9.24
CA CYS B 55 -1.27 9.04 8.12
C CYS B 55 -0.76 10.27 7.38
N LEU B 56 -0.83 10.17 6.07
CA LEU B 56 -0.36 11.24 5.20
C LEU B 56 -1.56 11.84 4.45
N ASP B 57 -1.47 13.10 4.07
CA ASP B 57 -2.55 13.70 3.30
C ASP B 57 -2.17 13.76 1.82
N PRO B 58 -2.81 12.91 0.97
CA PRO B 58 -2.54 12.87 -0.48
C PRO B 58 -2.88 14.18 -1.17
N GLU B 59 -3.63 15.00 -0.44
CA GLU B 59 -4.07 16.33 -0.89
C GLU B 59 -2.91 17.33 -1.05
N ALA B 60 -1.75 17.02 -0.46
CA ALA B 60 -0.59 17.90 -0.52
C ALA B 60 0.41 17.40 -1.58
N PRO B 61 0.93 18.33 -2.40
CA PRO B 61 1.88 18.02 -3.48
C PRO B 61 3.23 17.49 -2.98
N PHE B 62 3.75 18.10 -1.91
CA PHE B 62 5.00 17.66 -1.26
C PHE B 62 4.90 16.22 -0.73
N LEU B 63 3.69 15.81 -0.40
CA LEU B 63 3.45 14.47 0.09
C LEU B 63 3.45 13.48 -1.08
N LYS B 64 3.05 13.96 -2.26
CA LYS B 64 3.00 13.14 -3.47
C LYS B 64 4.41 12.74 -3.91
N LYS B 65 5.39 13.53 -3.50
CA LYS B 65 6.81 13.30 -3.81
C LYS B 65 7.43 12.14 -3.02
N VAL B 66 7.32 12.22 -1.69
CA VAL B 66 7.83 11.15 -0.83
C VAL B 66 7.09 9.83 -1.09
N ILE B 67 5.82 9.89 -1.51
CA ILE B 67 5.06 8.67 -1.80
C ILE B 67 5.33 8.22 -3.24
N GLN B 68 5.80 9.14 -4.08
CA GLN B 68 6.17 8.78 -5.45
C GLN B 68 7.51 8.03 -5.48
N LYS B 69 8.46 8.51 -4.69
CA LYS B 69 9.80 7.90 -4.59
C LYS B 69 9.77 6.46 -4.10
N ILE B 70 8.81 6.12 -3.22
CA ILE B 70 8.72 4.76 -2.70
C ILE B 70 8.10 3.80 -3.72
N LEU B 71 7.52 4.36 -4.77
CA LEU B 71 6.91 3.55 -5.82
C LEU B 71 7.90 3.31 -6.96
N ASP B 72 8.82 4.24 -7.13
CA ASP B 72 9.84 4.13 -8.18
C ASP B 72 11.02 3.32 -7.68
N GLY B 73 11.53 3.68 -6.52
CA GLY B 73 12.66 2.98 -5.94
C GLY B 73 12.27 1.63 -5.36
N GLY B 74 10.99 1.51 -4.98
CA GLY B 74 10.50 0.26 -4.44
C GLY B 74 10.26 -0.79 -5.51
N ASN B 75 10.16 -0.33 -6.76
CA ASN B 75 9.94 -1.22 -7.89
C ASN B 75 11.27 -1.73 -8.43
N LYS B 76 12.31 -0.90 -8.27
CA LYS B 76 13.65 -1.26 -8.74
C LYS B 76 14.39 -2.07 -7.67
N GLU B 77 13.74 -2.27 -6.52
CA GLU B 77 14.32 -3.03 -5.41
C GLU B 77 14.35 -4.53 -5.76
N ASN B 78 15.54 -5.04 -6.02
CA ASN B 78 15.71 -6.45 -6.37
C ASN B 78 16.50 -7.19 -5.30
N LEU A 8 14.68 -15.22 17.12
CA LEU A 8 15.60 -15.13 15.96
C LEU A 8 16.11 -16.55 15.59
N ARG A 9 15.24 -17.26 14.89
CA ARG A 9 15.55 -18.63 14.45
C ARG A 9 15.21 -18.82 12.97
N GLU A 10 13.92 -18.72 12.66
CA GLU A 10 13.38 -19.01 11.32
C GLU A 10 12.10 -18.20 11.08
N LEU A 11 12.22 -17.30 10.11
CA LEU A 11 11.11 -16.43 9.69
C LEU A 11 10.88 -16.55 8.18
N ARG A 12 9.60 -16.57 7.84
CA ARG A 12 9.16 -16.76 6.44
C ARG A 12 8.68 -15.42 5.90
N CYS A 13 8.89 -15.21 4.60
CA CYS A 13 8.35 -14.02 3.91
C CYS A 13 6.83 -13.96 4.12
N VAL A 14 6.29 -12.74 4.10
CA VAL A 14 4.82 -12.53 4.24
C VAL A 14 4.05 -13.23 3.10
N CYS A 15 4.70 -13.31 1.94
CA CYS A 15 4.18 -13.95 0.73
C CYS A 15 5.06 -15.11 0.29
N LEU A 16 4.57 -16.31 0.55
CA LEU A 16 5.25 -17.54 0.10
C LEU A 16 4.94 -17.91 -1.36
N GLN A 17 3.73 -17.61 -1.78
CA GLN A 17 3.22 -17.89 -3.12
C GLN A 17 3.01 -16.58 -3.90
N THR A 18 2.52 -16.76 -5.12
CA THR A 18 2.22 -15.64 -6.03
C THR A 18 0.79 -15.75 -6.59
N THR A 19 0.48 -14.88 -7.55
CA THR A 19 -0.82 -14.79 -8.25
C THR A 19 -0.64 -14.11 -9.61
N GLN A 20 -1.54 -14.47 -10.51
CA GLN A 20 -1.65 -13.94 -11.87
C GLN A 20 -3.07 -13.47 -12.19
N GLY A 21 -3.41 -12.34 -11.55
CA GLY A 21 -4.67 -11.69 -11.85
C GLY A 21 -4.56 -10.79 -13.10
N VAL A 22 -5.58 -10.05 -13.53
CA VAL A 22 -6.94 -9.70 -13.03
C VAL A 22 -7.13 -8.19 -13.33
N HIS A 23 -8.22 -7.61 -12.84
CA HIS A 23 -8.46 -6.17 -12.97
C HIS A 23 -8.51 -5.51 -11.57
N PRO A 24 -7.97 -4.29 -11.46
CA PRO A 24 -8.03 -3.45 -10.24
C PRO A 24 -9.44 -3.30 -9.69
N LYS A 25 -10.45 -3.52 -10.55
CA LYS A 25 -11.88 -3.44 -10.19
C LYS A 25 -12.23 -4.27 -8.95
N MET A 26 -11.51 -5.36 -8.74
CA MET A 26 -11.74 -6.24 -7.60
C MET A 26 -10.94 -5.79 -6.37
N ILE A 27 -9.88 -5.02 -6.62
CA ILE A 27 -9.01 -4.52 -5.55
C ILE A 27 -9.60 -3.27 -4.89
N SER A 28 -9.38 -3.13 -3.58
CA SER A 28 -9.86 -1.98 -2.83
C SER A 28 -8.84 -1.57 -1.76
N ASN A 29 -7.85 -2.42 -1.54
CA ASN A 29 -6.81 -2.15 -0.54
C ASN A 29 -5.45 -2.71 -1.00
N LEU A 30 -4.40 -1.94 -0.78
CA LEU A 30 -3.05 -2.35 -1.17
C LEU A 30 -2.10 -2.29 0.02
N GLN A 31 -1.12 -3.19 0.05
CA GLN A 31 -0.14 -3.24 1.12
C GLN A 31 1.26 -3.48 0.56
N VAL A 32 2.11 -2.46 0.64
CA VAL A 32 3.48 -2.56 0.13
C VAL A 32 4.46 -2.85 1.28
N PHE A 33 5.00 -4.06 1.29
CA PHE A 33 5.95 -4.46 2.32
C PHE A 33 7.39 -4.43 1.78
N ALA A 34 8.25 -3.69 2.47
CA ALA A 34 9.65 -3.59 2.07
C ALA A 34 10.52 -4.66 2.73
N ILE A 35 11.82 -4.40 2.83
CA ILE A 35 12.77 -5.34 3.43
C ILE A 35 12.59 -5.38 4.96
N GLY A 36 12.42 -6.60 5.48
CA GLY A 36 12.24 -6.79 6.91
C GLY A 36 13.12 -7.91 7.45
N PRO A 37 12.86 -8.37 8.68
CA PRO A 37 13.63 -9.45 9.31
C PRO A 37 13.20 -10.83 8.83
N GLN A 38 12.12 -10.88 8.06
CA GLN A 38 11.60 -12.16 7.55
C GLN A 38 11.76 -12.30 6.02
N CYS A 39 11.91 -11.18 5.35
CA CYS A 39 12.01 -11.17 3.89
C CYS A 39 12.94 -10.07 3.41
N SER A 40 13.66 -10.33 2.32
CA SER A 40 14.57 -9.35 1.75
C SER A 40 14.14 -8.99 0.32
N LYS A 41 12.94 -9.43 -0.05
CA LYS A 41 12.41 -9.17 -1.38
C LYS A 41 11.15 -8.32 -1.31
N VAL A 42 11.05 -7.33 -2.19
CA VAL A 42 9.89 -6.45 -2.24
C VAL A 42 8.70 -7.18 -2.88
N GLU A 43 7.60 -7.25 -2.14
CA GLU A 43 6.41 -7.94 -2.63
C GLU A 43 5.17 -7.09 -2.37
N VAL A 44 4.35 -6.90 -3.39
CA VAL A 44 3.15 -6.09 -3.27
C VAL A 44 1.89 -6.93 -3.10
N VAL A 45 1.39 -6.94 -1.87
CA VAL A 45 0.15 -7.66 -1.52
C VAL A 45 -1.08 -6.74 -1.63
N ALA A 46 -2.21 -7.35 -1.95
CA ALA A 46 -3.50 -6.63 -2.08
C ALA A 46 -4.66 -7.42 -1.49
N SER A 47 -5.68 -6.70 -1.07
CA SER A 47 -6.92 -7.30 -0.53
C SER A 47 -8.13 -6.81 -1.31
N LEU A 48 -8.99 -7.77 -1.67
CA LEU A 48 -10.21 -7.48 -2.42
C LEU A 48 -11.28 -6.87 -1.51
N LYS A 49 -12.39 -6.45 -2.12
CA LYS A 49 -13.49 -5.85 -1.37
C LYS A 49 -14.34 -6.93 -0.69
N ASN A 50 -14.14 -8.18 -1.11
CA ASN A 50 -14.88 -9.31 -0.55
C ASN A 50 -14.28 -9.75 0.78
N GLY A 51 -13.11 -9.21 1.10
CA GLY A 51 -12.44 -9.56 2.36
C GLY A 51 -11.40 -10.63 2.17
N LYS A 52 -10.72 -10.62 1.03
CA LYS A 52 -9.68 -11.59 0.72
C LYS A 52 -8.34 -10.91 0.53
N GLU A 53 -7.26 -11.66 0.78
CA GLU A 53 -5.89 -11.15 0.63
C GLU A 53 -5.05 -12.14 -0.18
N ILE A 54 -4.39 -11.60 -1.18
CA ILE A 54 -3.50 -12.42 -2.03
C ILE A 54 -2.11 -11.76 -2.12
N CYS A 55 -1.24 -12.43 -2.86
CA CYS A 55 0.12 -11.92 -3.10
C CYS A 55 0.39 -11.91 -4.60
N LEU A 56 1.03 -10.84 -5.02
CA LEU A 56 1.33 -10.64 -6.43
C LEU A 56 2.86 -10.67 -6.61
N ASP A 57 3.33 -11.07 -7.78
CA ASP A 57 4.76 -11.09 -8.05
C ASP A 57 5.17 -9.84 -8.84
N PRO A 58 5.93 -8.91 -8.20
CA PRO A 58 6.39 -7.67 -8.85
C PRO A 58 7.25 -7.94 -10.08
N GLU A 59 7.72 -9.18 -10.16
CA GLU A 59 8.54 -9.67 -11.27
C GLU A 59 7.79 -9.69 -12.63
N ALA A 60 6.47 -9.61 -12.60
CA ALA A 60 5.66 -9.65 -13.81
C ALA A 60 5.23 -8.23 -14.21
N PRO A 61 5.33 -7.90 -15.50
CA PRO A 61 4.98 -6.58 -16.05
C PRO A 61 3.48 -6.24 -15.94
N PHE A 62 2.64 -7.24 -16.22
CA PHE A 62 1.17 -7.09 -16.10
C PHE A 62 0.75 -6.78 -14.66
N LEU A 63 1.59 -7.18 -13.73
CA LEU A 63 1.36 -6.93 -12.32
C LEU A 63 1.68 -5.47 -11.98
N LYS A 64 2.68 -4.92 -12.67
CA LYS A 64 3.10 -3.53 -12.46
C LYS A 64 2.06 -2.56 -13.06
N LYS A 65 1.20 -3.09 -13.90
CA LYS A 65 0.13 -2.30 -14.54
C LYS A 65 -1.09 -2.10 -13.63
N VAL A 66 -1.65 -3.20 -13.15
CA VAL A 66 -2.80 -3.17 -12.26
C VAL A 66 -2.48 -2.42 -10.96
N ILE A 67 -1.20 -2.41 -10.55
CA ILE A 67 -0.80 -1.70 -9.34
C ILE A 67 -0.72 -0.20 -9.62
N GLN A 68 -0.44 0.17 -10.88
CA GLN A 68 -0.42 1.58 -11.27
C GLN A 68 -1.85 2.15 -11.29
N LYS A 69 -2.78 1.37 -11.86
CA LYS A 69 -4.17 1.78 -11.98
C LYS A 69 -4.85 2.02 -10.63
N ILE A 70 -4.48 1.26 -9.60
CA ILE A 70 -5.09 1.42 -8.28
C ILE A 70 -4.55 2.66 -7.56
N LEU A 71 -3.44 3.19 -8.05
CA LEU A 71 -2.83 4.38 -7.47
C LEU A 71 -3.25 5.63 -8.25
N ASP A 72 -3.56 5.44 -9.53
CA ASP A 72 -3.99 6.52 -10.39
C ASP A 72 -5.47 6.82 -10.18
N GLY A 73 -6.26 5.76 -9.95
CA GLY A 73 -7.67 5.91 -9.72
C GLY A 73 -7.98 6.44 -8.33
N GLY A 74 -7.05 6.22 -7.40
CA GLY A 74 -7.22 6.70 -6.04
C GLY A 74 -7.00 8.20 -5.93
N ASN A 75 -6.11 8.72 -6.77
CA ASN A 75 -5.81 10.16 -6.79
C ASN A 75 -6.86 10.92 -7.58
N LYS A 76 -7.79 10.18 -8.18
CA LYS A 76 -8.87 10.78 -8.98
C LYS A 76 -10.09 11.04 -8.10
N GLU A 77 -10.34 10.15 -7.15
CA GLU A 77 -11.49 10.28 -6.25
C GLU A 77 -11.22 11.36 -5.20
N ASN A 78 -12.03 12.42 -5.24
CA ASN A 78 -11.88 13.52 -4.30
C ASN A 78 -12.98 13.49 -3.23
N LEU B 8 -24.85 -0.06 12.25
CA LEU B 8 -25.01 1.00 11.22
C LEU B 8 -25.62 2.27 11.86
N ARG B 9 -24.73 2.99 12.52
CA ARG B 9 -25.12 4.25 13.20
C ARG B 9 -24.15 5.39 12.86
N GLU B 10 -22.89 5.23 13.27
CA GLU B 10 -21.85 6.26 13.16
C GLU B 10 -20.48 5.62 13.08
N LEU B 11 -19.86 5.82 11.93
CA LEU B 11 -18.51 5.31 11.65
C LEU B 11 -17.60 6.45 11.19
N ARG B 12 -16.37 6.38 11.68
CA ARG B 12 -15.36 7.43 11.43
C ARG B 12 -14.34 6.89 10.43
N CYS B 13 -13.82 7.78 9.59
CA CYS B 13 -12.72 7.43 8.67
C CYS B 13 -11.55 6.84 9.46
N VAL B 14 -10.79 5.97 8.82
CA VAL B 14 -9.58 5.36 9.45
C VAL B 14 -8.55 6.43 9.85
N CYS B 15 -8.55 7.51 9.08
CA CYS B 15 -7.67 8.68 9.27
C CYS B 15 -8.48 9.95 9.51
N LEU B 16 -8.50 10.36 10.77
CA LEU B 16 -9.16 11.63 11.15
C LEU B 16 -8.27 12.87 10.94
N GLN B 17 -6.98 12.68 11.13
CA GLN B 17 -5.96 13.72 11.00
C GLN B 17 -5.07 13.45 9.78
N THR B 18 -4.11 14.33 9.61
CA THR B 18 -3.12 14.26 8.52
C THR B 18 -1.67 14.37 9.07
N THR B 19 -0.72 14.48 8.15
CA THR B 19 0.72 14.60 8.42
C THR B 19 1.44 15.24 7.22
N GLN B 20 2.53 15.91 7.54
CA GLN B 20 3.44 16.57 6.59
C GLN B 20 4.90 16.14 6.80
N GLY B 21 5.15 14.90 6.40
CA GLY B 21 6.52 14.39 6.43
C GLY B 21 7.28 14.80 5.15
N VAL B 22 8.52 14.41 4.91
CA VAL B 22 9.49 13.46 5.54
C VAL B 22 10.18 12.72 4.37
N HIS B 23 10.99 11.71 4.69
CA HIS B 23 11.61 10.86 3.68
C HIS B 23 11.13 9.40 3.83
N PRO B 24 10.94 8.70 2.70
CA PRO B 24 10.60 7.27 2.64
C PRO B 24 11.53 6.40 3.48
N LYS B 25 12.73 6.90 3.75
CA LYS B 25 13.77 6.22 4.56
C LYS B 25 13.23 5.72 5.91
N MET B 26 12.21 6.42 6.42
CA MET B 26 11.51 6.04 7.67
C MET B 26 10.33 5.08 7.43
N ILE B 27 9.85 5.03 6.19
CA ILE B 27 8.70 4.18 5.85
C ILE B 27 9.18 2.81 5.36
N SER B 28 8.45 1.76 5.75
CA SER B 28 8.78 0.40 5.34
C SER B 28 7.53 -0.39 4.96
N ASN B 29 6.36 0.22 5.18
CA ASN B 29 5.09 -0.42 4.86
C ASN B 29 4.05 0.62 4.45
N LEU B 30 3.29 0.32 3.40
CA LEU B 30 2.26 1.22 2.90
C LEU B 30 0.91 0.50 2.79
N GLN B 31 -0.17 1.23 3.05
CA GLN B 31 -1.51 0.68 2.97
C GLN B 31 -2.45 1.67 2.27
N VAL B 32 -2.86 1.31 1.04
CA VAL B 32 -3.74 2.18 0.26
C VAL B 32 -5.20 1.76 0.41
N PHE B 33 -6.07 2.75 0.52
CA PHE B 33 -7.51 2.50 0.66
C PHE B 33 -8.30 3.25 -0.39
N ALA B 34 -9.17 2.55 -1.12
CA ALA B 34 -9.98 3.17 -2.15
C ALA B 34 -11.29 3.72 -1.57
N ILE B 35 -12.34 2.89 -1.59
CA ILE B 35 -13.64 3.31 -1.07
C ILE B 35 -14.14 2.32 -0.01
N GLY B 36 -14.46 2.85 1.16
CA GLY B 36 -14.94 2.02 2.25
C GLY B 36 -16.34 2.39 2.70
N PRO B 37 -16.97 1.56 3.56
CA PRO B 37 -18.32 1.82 4.06
C PRO B 37 -18.34 2.85 5.19
N GLN B 38 -17.15 3.24 5.65
CA GLN B 38 -17.03 4.22 6.73
C GLN B 38 -16.44 5.57 6.28
N CYS B 39 -15.73 5.54 5.15
CA CYS B 39 -15.08 6.73 4.62
C CYS B 39 -15.30 6.86 3.12
N SER B 40 -15.32 8.10 2.63
CA SER B 40 -15.53 8.35 1.20
C SER B 40 -14.21 8.69 0.51
N LYS B 41 -13.51 9.70 1.04
CA LYS B 41 -12.25 10.14 0.46
C LYS B 41 -11.14 9.11 0.73
N VAL B 42 -10.23 8.97 -0.23
CA VAL B 42 -9.13 8.03 -0.10
C VAL B 42 -8.08 8.54 0.89
N GLU B 43 -7.55 7.64 1.70
CA GLU B 43 -6.54 8.00 2.68
C GLU B 43 -5.40 6.99 2.66
N VAL B 44 -4.17 7.48 2.58
CA VAL B 44 -3.00 6.61 2.54
C VAL B 44 -2.30 6.48 3.89
N VAL B 45 -2.49 5.34 4.50
CA VAL B 45 -1.87 5.02 5.81
C VAL B 45 -0.53 4.28 5.61
N ALA B 46 0.37 4.48 6.56
CA ALA B 46 1.71 3.83 6.53
C ALA B 46 2.12 3.38 7.93
N SER B 47 2.98 2.37 7.96
CA SER B 47 3.55 1.83 9.20
C SER B 47 5.08 1.86 9.15
N LEU B 48 5.68 2.36 10.22
CA LEU B 48 7.14 2.44 10.31
C LEU B 48 7.72 1.11 10.76
N LYS B 49 9.05 1.00 10.71
CA LYS B 49 9.75 -0.22 11.10
C LYS B 49 9.85 -0.32 12.63
N ASN B 50 9.69 0.81 13.31
CA ASN B 50 9.77 0.86 14.77
C ASN B 50 8.45 0.41 15.40
N GLY B 51 7.36 0.57 14.65
CA GLY B 51 6.05 0.18 15.16
C GLY B 51 5.13 1.37 15.30
N LYS B 52 5.23 2.31 14.37
CA LYS B 52 4.37 3.50 14.40
C LYS B 52 3.49 3.56 13.16
N GLU B 53 2.38 4.27 13.26
CA GLU B 53 1.44 4.42 12.13
C GLU B 53 0.90 5.86 12.09
N ILE B 54 0.99 6.45 10.93
CA ILE B 54 0.46 7.81 10.71
C ILE B 54 -0.47 7.83 9.50
N CYS B 55 -1.00 9.02 9.23
CA CYS B 55 -1.88 9.24 8.08
C CYS B 55 -1.35 10.42 7.27
N LEU B 56 -1.40 10.24 5.98
CA LEU B 56 -0.90 11.26 5.05
C LEU B 56 -2.09 11.81 4.24
N ASP B 57 -1.97 13.03 3.76
CA ASP B 57 -3.03 13.62 2.95
C ASP B 57 -2.64 13.61 1.47
N PRO B 58 -3.32 12.77 0.64
CA PRO B 58 -3.03 12.66 -0.80
C PRO B 58 -3.26 13.99 -1.53
N GLU B 59 -3.94 14.89 -0.83
CA GLU B 59 -4.25 16.23 -1.33
C GLU B 59 -3.01 17.13 -1.49
N ALA B 60 -1.90 16.75 -0.87
CA ALA B 60 -0.66 17.53 -0.93
C ALA B 60 0.31 16.93 -1.95
N PRO B 61 0.93 17.78 -2.77
CA PRO B 61 1.87 17.36 -3.83
C PRO B 61 3.16 16.74 -3.29
N PHE B 62 3.70 17.33 -2.22
CA PHE B 62 4.90 16.81 -1.53
C PHE B 62 4.68 15.41 -0.98
N LEU B 63 3.41 15.08 -0.70
CA LEU B 63 3.04 13.77 -0.21
C LEU B 63 3.09 12.73 -1.33
N LYS B 64 2.88 13.21 -2.57
CA LYS B 64 2.90 12.35 -3.75
C LYS B 64 4.35 12.07 -4.18
N LYS B 65 5.28 12.78 -3.57
CA LYS B 65 6.72 12.63 -3.85
C LYS B 65 7.34 11.41 -3.16
N VAL B 66 7.17 11.37 -1.83
CA VAL B 66 7.67 10.26 -1.03
C VAL B 66 7.03 8.93 -1.44
N ILE B 67 5.81 8.97 -1.99
CA ILE B 67 5.14 7.75 -2.45
C ILE B 67 5.70 7.31 -3.80
N GLN B 68 6.24 8.26 -4.55
CA GLN B 68 6.88 7.94 -5.84
C GLN B 68 8.24 7.24 -5.60
N LYS B 69 9.01 7.77 -4.65
CA LYS B 69 10.32 7.22 -4.31
C LYS B 69 10.26 5.76 -3.86
N ILE B 70 9.20 5.37 -3.15
CA ILE B 70 9.08 3.99 -2.68
C ILE B 70 8.70 3.04 -3.81
N LEU B 71 8.18 3.58 -4.90
CA LEU B 71 7.80 2.79 -6.07
C LEU B 71 9.02 2.53 -6.95
N ASP B 72 9.94 3.49 -6.95
CA ASP B 72 11.16 3.40 -7.75
C ASP B 72 12.15 2.45 -7.09
N GLY B 73 12.32 2.60 -5.78
CA GLY B 73 13.23 1.75 -5.03
C GLY B 73 12.64 0.38 -4.74
N GLY B 74 11.31 0.28 -4.87
CA GLY B 74 10.63 -0.98 -4.63
C GLY B 74 10.47 -1.81 -5.89
N ASN B 75 11.15 -1.40 -6.95
CA ASN B 75 11.09 -2.11 -8.22
C ASN B 75 12.50 -2.51 -8.68
N LYS B 76 13.48 -1.68 -8.33
CA LYS B 76 14.87 -1.93 -8.70
C LYS B 76 15.54 -2.84 -7.68
N GLU B 77 14.87 -3.06 -6.54
CA GLU B 77 15.39 -3.92 -5.49
C GLU B 77 15.41 -5.37 -5.95
N ASN B 78 16.61 -5.91 -6.14
CA ASN B 78 16.77 -7.29 -6.60
C ASN B 78 17.35 -8.17 -5.50
N LEU A 8 14.46 -16.09 17.23
CA LEU A 8 15.39 -15.98 16.08
C LEU A 8 15.92 -17.38 15.68
N ARG A 9 15.05 -18.09 14.98
CA ARG A 9 15.37 -19.44 14.51
C ARG A 9 15.03 -19.61 13.02
N GLU A 10 13.74 -19.52 12.70
CA GLU A 10 13.22 -19.77 11.36
C GLU A 10 11.94 -18.97 11.13
N LEU A 11 12.06 -18.05 10.17
CA LEU A 11 10.94 -17.19 9.77
C LEU A 11 10.71 -17.28 8.26
N ARG A 12 9.43 -17.30 7.91
CA ARG A 12 8.99 -17.46 6.51
C ARG A 12 8.51 -16.12 5.98
N CYS A 13 8.73 -15.88 4.70
CA CYS A 13 8.18 -14.69 4.02
C CYS A 13 6.65 -14.63 4.23
N VAL A 14 6.11 -13.41 4.23
CA VAL A 14 4.65 -13.23 4.37
C VAL A 14 3.87 -13.91 3.21
N CYS A 15 4.53 -13.96 2.06
CA CYS A 15 4.02 -14.57 0.83
C CYS A 15 4.91 -15.72 0.38
N LEU A 16 4.42 -16.93 0.62
CA LEU A 16 5.11 -18.15 0.14
C LEU A 16 4.81 -18.50 -1.32
N GLN A 17 3.60 -18.20 -1.75
CA GLN A 17 3.09 -18.47 -3.10
C GLN A 17 2.89 -17.13 -3.85
N THR A 18 2.40 -17.29 -5.07
CA THR A 18 2.09 -16.16 -5.96
C THR A 18 0.66 -16.26 -6.53
N THR A 19 0.36 -15.38 -7.48
CA THR A 19 -0.94 -15.29 -8.18
C THR A 19 -0.76 -14.57 -9.52
N GLN A 20 -1.65 -14.93 -10.44
CA GLN A 20 -1.77 -14.37 -11.78
C GLN A 20 -3.19 -13.90 -12.10
N GLY A 21 -3.53 -12.79 -11.45
CA GLY A 21 -4.81 -12.14 -11.73
C GLY A 21 -4.70 -11.22 -12.97
N VAL A 22 -5.72 -10.48 -13.39
CA VAL A 22 -7.08 -10.15 -12.89
C VAL A 22 -7.28 -8.63 -13.17
N HIS A 23 -8.37 -8.06 -12.67
CA HIS A 23 -8.62 -6.62 -12.77
C HIS A 23 -8.68 -5.99 -11.36
N PRO A 24 -8.14 -4.77 -11.23
CA PRO A 24 -8.21 -3.95 -9.99
C PRO A 24 -9.64 -3.83 -9.45
N LYS A 25 -10.64 -4.03 -10.30
CA LYS A 25 -12.06 -3.96 -9.95
C LYS A 25 -12.42 -4.82 -8.72
N MET A 26 -11.65 -5.89 -8.54
CA MET A 26 -11.77 -6.79 -7.37
C MET A 26 -10.94 -6.34 -6.16
N ILE A 27 -9.93 -5.52 -6.41
CA ILE A 27 -9.03 -5.05 -5.35
C ILE A 27 -9.46 -3.68 -4.82
N SER A 28 -9.35 -3.51 -3.50
CA SER A 28 -9.72 -2.26 -2.86
C SER A 28 -8.69 -1.87 -1.78
N ASN A 29 -7.65 -2.69 -1.64
CA ASN A 29 -6.61 -2.43 -0.64
C ASN A 29 -5.26 -2.94 -1.13
N LEU A 30 -4.24 -2.09 -1.02
CA LEU A 30 -2.89 -2.45 -1.44
C LEU A 30 -1.93 -2.39 -0.25
N GLN A 31 -0.95 -3.28 -0.24
CA GLN A 31 0.04 -3.33 0.85
C GLN A 31 1.43 -3.59 0.29
N VAL A 32 2.34 -2.63 0.53
CA VAL A 32 3.72 -2.74 0.05
C VAL A 32 4.67 -2.98 1.22
N PHE A 33 5.12 -4.22 1.36
CA PHE A 33 6.02 -4.60 2.42
C PHE A 33 7.47 -4.66 1.92
N ALA A 34 8.37 -3.96 2.61
CA ALA A 34 9.78 -3.95 2.22
C ALA A 34 10.54 -5.13 2.83
N ILE A 35 11.85 -4.96 2.98
CA ILE A 35 12.71 -6.01 3.54
C ILE A 35 12.52 -6.12 5.05
N GLY A 36 12.31 -7.35 5.52
CA GLY A 36 12.11 -7.58 6.94
C GLY A 36 12.99 -8.69 7.48
N PRO A 37 12.78 -9.10 8.75
CA PRO A 37 13.56 -10.16 9.40
C PRO A 37 13.14 -11.56 8.95
N GLN A 38 12.03 -11.64 8.21
CA GLN A 38 11.51 -12.92 7.73
C GLN A 38 11.66 -13.10 6.21
N CYS A 39 11.79 -11.97 5.51
CA CYS A 39 11.89 -12.00 4.06
C CYS A 39 12.92 -11.01 3.57
N SER A 40 13.73 -11.43 2.60
CA SER A 40 14.77 -10.56 2.04
C SER A 40 14.26 -9.83 0.80
N LYS A 41 13.20 -10.35 0.18
CA LYS A 41 12.64 -9.76 -1.02
C LYS A 41 11.33 -9.03 -0.71
N VAL A 42 11.01 -8.03 -1.52
CA VAL A 42 9.78 -7.26 -1.35
C VAL A 42 8.58 -8.00 -1.95
N GLU A 43 7.47 -8.02 -1.22
CA GLU A 43 6.27 -8.70 -1.67
C GLU A 43 5.05 -7.81 -1.49
N VAL A 44 4.25 -7.68 -2.55
CA VAL A 44 3.06 -6.83 -2.50
C VAL A 44 1.78 -7.63 -2.29
N VAL A 45 1.25 -7.55 -1.09
CA VAL A 45 -0.01 -8.23 -0.71
C VAL A 45 -1.22 -7.29 -0.89
N ALA A 46 -2.35 -7.88 -1.19
CA ALA A 46 -3.61 -7.14 -1.40
C ALA A 46 -4.80 -7.88 -0.78
N SER A 47 -5.82 -7.10 -0.42
CA SER A 47 -7.08 -7.64 0.14
C SER A 47 -8.27 -7.17 -0.71
N LEU A 48 -9.13 -8.13 -1.03
CA LEU A 48 -10.32 -7.86 -1.82
C LEU A 48 -11.43 -7.26 -0.94
N LYS A 49 -12.52 -6.85 -1.59
CA LYS A 49 -13.65 -6.26 -0.87
C LYS A 49 -14.52 -7.35 -0.24
N ASN A 50 -14.32 -8.59 -0.69
CA ASN A 50 -15.09 -9.72 -0.18
C ASN A 50 -14.50 -10.24 1.13
N GLY A 51 -13.26 -9.82 1.43
CA GLY A 51 -12.61 -10.26 2.65
C GLY A 51 -11.58 -11.35 2.41
N LYS A 52 -10.89 -11.25 1.27
CA LYS A 52 -9.86 -12.24 0.92
C LYS A 52 -8.51 -11.57 0.76
N GLU A 53 -7.44 -12.35 0.88
CA GLU A 53 -6.08 -11.83 0.75
C GLU A 53 -5.22 -12.81 -0.08
N ILE A 54 -4.56 -12.25 -1.07
CA ILE A 54 -3.66 -13.04 -1.93
C ILE A 54 -2.28 -12.38 -2.00
N CYS A 55 -1.40 -13.01 -2.74
CA CYS A 55 -0.04 -12.51 -2.97
C CYS A 55 0.23 -12.46 -4.47
N LEU A 56 0.87 -11.38 -4.87
CA LEU A 56 1.18 -11.16 -6.27
C LEU A 56 2.70 -11.18 -6.44
N ASP A 57 3.20 -11.56 -7.61
CA ASP A 57 4.66 -11.56 -7.83
C ASP A 57 5.10 -10.26 -8.51
N PRO A 58 5.80 -9.35 -7.78
CA PRO A 58 6.29 -8.07 -8.32
C PRO A 58 7.13 -8.23 -9.59
N GLU A 59 7.58 -9.46 -9.80
CA GLU A 59 8.40 -9.84 -10.96
C GLU A 59 7.65 -9.71 -12.31
N ALA A 60 6.32 -9.61 -12.26
CA ALA A 60 5.50 -9.50 -13.46
C ALA A 60 5.08 -8.04 -13.70
N PRO A 61 5.19 -7.59 -14.96
CA PRO A 61 4.86 -6.21 -15.36
C PRO A 61 3.37 -5.86 -15.20
N PHE A 62 2.51 -6.81 -15.59
CA PHE A 62 1.05 -6.67 -15.44
C PHE A 62 0.63 -6.50 -13.98
N LEU A 63 1.48 -7.01 -13.09
CA LEU A 63 1.26 -6.90 -11.66
C LEU A 63 1.47 -5.45 -11.19
N LYS A 64 2.36 -4.74 -11.88
CA LYS A 64 2.67 -3.34 -11.56
C LYS A 64 1.71 -2.40 -12.31
N LYS A 65 0.94 -2.98 -13.22
CA LYS A 65 -0.06 -2.23 -14.00
C LYS A 65 -1.39 -2.05 -13.27
N VAL A 66 -1.96 -3.18 -12.84
CA VAL A 66 -3.21 -3.20 -12.08
C VAL A 66 -3.11 -2.31 -10.83
N ILE A 67 -1.89 -2.12 -10.31
CA ILE A 67 -1.70 -1.27 -9.13
C ILE A 67 -1.70 0.21 -9.52
N GLN A 68 -1.41 0.49 -10.79
CA GLN A 68 -1.45 1.88 -11.28
C GLN A 68 -2.90 2.39 -11.36
N LYS A 69 -3.79 1.55 -11.87
CA LYS A 69 -5.20 1.90 -12.02
C LYS A 69 -5.86 2.30 -10.69
N ILE A 70 -5.50 1.63 -9.60
CA ILE A 70 -6.09 1.94 -8.29
C ILE A 70 -5.53 3.25 -7.72
N LEU A 71 -4.35 3.64 -8.18
CA LEU A 71 -3.72 4.88 -7.72
C LEU A 71 -4.24 6.07 -8.52
N ASP A 72 -4.74 5.79 -9.72
CA ASP A 72 -5.29 6.84 -10.60
C ASP A 72 -6.66 7.30 -10.09
N GLY A 73 -7.44 6.34 -9.60
CA GLY A 73 -8.77 6.66 -9.09
C GLY A 73 -8.72 7.39 -7.76
N GLY A 74 -7.57 7.31 -7.09
CA GLY A 74 -7.39 7.97 -5.82
C GLY A 74 -6.93 9.41 -5.96
N ASN A 75 -6.57 9.78 -7.18
CA ASN A 75 -6.11 11.13 -7.48
C ASN A 75 -7.26 11.98 -8.00
N LYS A 76 -8.21 11.34 -8.66
CA LYS A 76 -9.37 12.03 -9.21
C LYS A 76 -10.45 12.23 -8.16
N GLU A 77 -10.48 11.35 -7.15
CA GLU A 77 -11.45 11.43 -6.07
C GLU A 77 -11.14 12.61 -5.16
N ASN A 78 -12.04 13.58 -5.13
CA ASN A 78 -11.86 14.77 -4.31
C ASN A 78 -12.92 14.84 -3.22
N LEU B 8 -24.51 -0.15 11.72
CA LEU B 8 -24.68 0.93 10.72
C LEU B 8 -25.28 2.18 11.40
N ARG B 9 -24.40 2.89 12.07
CA ARG B 9 -24.78 4.11 12.79
C ARG B 9 -23.83 5.27 12.47
N GLU B 10 -22.57 5.10 12.88
CA GLU B 10 -21.54 6.15 12.79
C GLU B 10 -20.15 5.51 12.68
N LEU B 11 -19.56 5.76 11.53
CA LEU B 11 -18.20 5.27 11.22
C LEU B 11 -17.29 6.43 10.80
N ARG B 12 -16.06 6.35 11.27
CA ARG B 12 -15.07 7.41 11.05
C ARG B 12 -14.05 6.91 10.02
N CYS B 13 -13.55 7.83 9.21
CA CYS B 13 -12.45 7.51 8.27
C CYS B 13 -11.27 6.91 9.04
N VAL B 14 -10.50 6.06 8.35
CA VAL B 14 -9.29 5.44 8.96
C VAL B 14 -8.27 6.51 9.40
N CYS B 15 -8.26 7.62 8.65
CA CYS B 15 -7.39 8.78 8.87
C CYS B 15 -8.22 10.03 9.15
N LEU B 16 -8.23 10.41 10.42
CA LEU B 16 -8.90 11.66 10.86
C LEU B 16 -8.02 12.91 10.67
N GLN B 17 -6.72 12.73 10.84
CA GLN B 17 -5.71 13.78 10.74
C GLN B 17 -4.82 13.55 9.50
N THR B 18 -3.87 14.45 9.35
CA THR B 18 -2.89 14.40 8.26
C THR B 18 -1.44 14.50 8.79
N THR B 19 -0.50 14.65 7.87
CA THR B 19 0.95 14.78 8.14
C THR B 19 1.65 15.46 6.95
N GLN B 20 2.74 16.12 7.28
CA GLN B 20 3.63 16.82 6.35
C GLN B 20 5.10 16.39 6.54
N GLY B 21 5.35 15.16 6.10
CA GLY B 21 6.72 14.66 6.10
C GLY B 21 7.47 15.11 4.82
N VAL B 22 8.72 14.75 4.56
CA VAL B 22 9.70 13.79 5.15
C VAL B 22 10.39 13.09 3.96
N HIS B 23 11.20 12.07 4.25
CA HIS B 23 11.83 11.25 3.20
C HIS B 23 11.34 9.80 3.32
N PRO B 24 11.16 9.13 2.17
CA PRO B 24 10.83 7.69 2.06
C PRO B 24 11.77 6.80 2.86
N LYS B 25 12.98 7.31 3.16
CA LYS B 25 14.01 6.61 3.92
C LYS B 25 13.48 6.06 5.27
N MET B 26 12.48 6.74 5.81
CA MET B 26 11.79 6.31 7.04
C MET B 26 10.60 5.36 6.79
N ILE B 27 10.11 5.34 5.56
CA ILE B 27 8.98 4.48 5.20
C ILE B 27 9.45 3.08 4.81
N SER B 28 8.73 2.06 5.30
CA SER B 28 9.09 0.67 5.01
C SER B 28 7.85 -0.16 4.69
N ASN B 29 6.67 0.44 4.81
CA ASN B 29 5.42 -0.25 4.52
C ASN B 29 4.36 0.74 4.04
N LEU B 30 3.52 0.30 3.10
CA LEU B 30 2.47 1.15 2.56
C LEU B 30 1.13 0.41 2.53
N GLN B 31 0.05 1.14 2.76
CA GLN B 31 -1.29 0.58 2.74
C GLN B 31 -2.27 1.54 2.06
N VAL B 32 -2.71 1.18 0.86
CA VAL B 32 -3.63 2.02 0.11
C VAL B 32 -5.08 1.55 0.30
N PHE B 33 -5.84 2.32 1.06
CA PHE B 33 -7.24 2.00 1.32
C PHE B 33 -8.16 2.84 0.43
N ALA B 34 -9.01 2.18 -0.33
CA ALA B 34 -9.93 2.86 -1.23
C ALA B 34 -11.20 3.29 -0.49
N ILE B 35 -12.27 3.53 -1.25
CA ILE B 35 -13.55 3.96 -0.69
C ILE B 35 -14.21 2.81 0.08
N GLY B 36 -14.47 3.05 1.37
CA GLY B 36 -15.09 2.03 2.20
C GLY B 36 -16.40 2.49 2.81
N PRO B 37 -16.94 1.72 3.77
CA PRO B 37 -18.21 2.04 4.45
C PRO B 37 -18.04 3.12 5.52
N GLN B 38 -16.79 3.48 5.80
CA GLN B 38 -16.51 4.51 6.82
C GLN B 38 -15.95 5.81 6.23
N CYS B 39 -15.42 5.73 5.02
CA CYS B 39 -14.83 6.89 4.37
C CYS B 39 -15.18 6.92 2.88
N SER B 40 -15.57 8.09 2.39
CA SER B 40 -15.93 8.25 0.99
C SER B 40 -14.70 8.63 0.16
N LYS B 41 -13.67 9.12 0.84
CA LYS B 41 -12.43 9.53 0.19
C LYS B 41 -11.33 8.51 0.44
N VAL B 42 -10.45 8.32 -0.53
CA VAL B 42 -9.34 7.38 -0.40
C VAL B 42 -8.24 7.98 0.47
N GLU B 43 -7.66 7.15 1.34
CA GLU B 43 -6.61 7.60 2.24
C GLU B 43 -5.42 6.64 2.22
N VAL B 44 -4.23 7.19 2.14
CA VAL B 44 -3.01 6.38 2.09
C VAL B 44 -2.26 6.40 3.41
N VAL B 45 -2.22 5.23 4.05
CA VAL B 45 -1.51 5.07 5.34
C VAL B 45 -0.15 4.36 5.12
N ALA B 46 0.79 4.69 6.00
CA ALA B 46 2.15 4.11 5.95
C ALA B 46 2.67 3.80 7.35
N SER B 47 3.57 2.83 7.41
CA SER B 47 4.23 2.44 8.66
C SER B 47 5.75 2.52 8.52
N LEU B 48 6.38 3.14 9.51
CA LEU B 48 7.83 3.31 9.53
C LEU B 48 8.51 2.04 10.01
N LYS B 49 9.84 2.06 10.00
CA LYS B 49 10.63 0.91 10.45
C LYS B 49 10.69 0.86 11.98
N ASN B 50 10.31 1.96 12.62
CA ASN B 50 10.31 2.05 14.08
C ASN B 50 9.03 1.48 14.66
N GLY B 51 8.10 1.08 13.78
CA GLY B 51 6.83 0.53 14.23
C GLY B 51 5.78 1.59 14.49
N LYS B 52 5.73 2.59 13.61
CA LYS B 52 4.78 3.69 13.74
C LYS B 52 3.91 3.80 12.48
N GLU B 53 2.71 4.32 12.66
CA GLU B 53 1.76 4.50 11.54
C GLU B 53 1.21 5.93 11.55
N ILE B 54 1.29 6.55 10.40
CA ILE B 54 0.76 7.92 10.23
C ILE B 54 -0.20 7.97 9.03
N CYS B 55 -0.73 9.16 8.80
CA CYS B 55 -1.62 9.42 7.66
C CYS B 55 -1.11 10.62 6.89
N LEU B 56 -1.16 10.49 5.58
CA LEU B 56 -0.68 11.53 4.68
C LEU B 56 -1.88 12.09 3.90
N ASP B 57 -1.76 13.34 3.47
CA ASP B 57 -2.82 13.96 2.68
C ASP B 57 -2.41 14.00 1.21
N PRO B 58 -3.02 13.15 0.37
CA PRO B 58 -2.71 13.08 -1.06
C PRO B 58 -3.18 14.31 -1.81
N GLU B 59 -3.87 15.20 -1.09
CA GLU B 59 -4.38 16.44 -1.66
C GLU B 59 -3.26 17.47 -1.76
N ALA B 60 -2.11 17.18 -1.15
CA ALA B 60 -0.96 18.11 -1.21
C ALA B 60 0.08 17.62 -2.24
N PRO B 61 0.57 18.54 -3.07
CA PRO B 61 1.55 18.25 -4.14
C PRO B 61 2.91 17.77 -3.59
N PHE B 62 3.39 18.43 -2.53
CA PHE B 62 4.64 18.05 -1.85
C PHE B 62 4.58 16.62 -1.29
N LEU B 63 3.38 16.16 -0.98
CA LEU B 63 3.19 14.82 -0.48
C LEU B 63 3.14 13.82 -1.64
N LYS B 64 2.66 14.28 -2.80
CA LYS B 64 2.57 13.45 -4.00
C LYS B 64 3.96 13.20 -4.61
N LYS B 65 4.91 14.04 -4.19
CA LYS B 65 6.32 13.95 -4.64
C LYS B 65 7.10 12.85 -3.91
N VAL B 66 7.14 12.97 -2.58
CA VAL B 66 7.83 12.01 -1.73
C VAL B 66 7.26 10.60 -1.88
N ILE B 67 5.95 10.49 -2.21
CA ILE B 67 5.35 9.17 -2.39
C ILE B 67 5.80 8.55 -3.70
N GLN B 68 6.28 9.38 -4.63
CA GLN B 68 6.81 8.87 -5.89
C GLN B 68 8.10 8.06 -5.65
N LYS B 69 8.95 8.58 -4.76
CA LYS B 69 10.21 7.95 -4.42
C LYS B 69 10.05 6.67 -3.57
N ILE B 70 8.92 6.52 -2.87
CA ILE B 70 8.71 5.32 -2.04
C ILE B 70 8.49 4.09 -2.90
N LEU B 71 8.02 4.30 -4.13
CA LEU B 71 7.79 3.21 -5.06
C LEU B 71 8.94 3.08 -6.05
N ASP B 72 9.93 3.97 -5.91
CA ASP B 72 11.09 3.98 -6.80
C ASP B 72 12.26 3.28 -6.12
N GLY B 73 12.36 3.44 -4.80
CA GLY B 73 13.45 2.83 -4.06
C GLY B 73 13.19 1.35 -3.78
N GLY B 74 11.93 0.95 -3.86
CA GLY B 74 11.58 -0.44 -3.62
C GLY B 74 11.55 -1.28 -4.88
N ASN B 75 11.57 -0.62 -6.02
CA ASN B 75 11.54 -1.31 -7.31
C ASN B 75 12.96 -1.50 -7.86
N LYS B 76 13.85 -0.57 -7.53
CA LYS B 76 15.22 -0.62 -7.99
C LYS B 76 16.06 -1.59 -7.13
N GLU B 77 15.55 -1.90 -5.94
CA GLU B 77 16.24 -2.82 -5.03
C GLU B 77 16.22 -4.24 -5.59
N ASN B 78 17.40 -4.77 -5.91
CA ASN B 78 17.52 -6.12 -6.45
C ASN B 78 18.15 -7.05 -5.43
N LEU A 8 14.84 -15.23 17.22
CA LEU A 8 15.75 -15.14 16.05
C LEU A 8 16.27 -16.55 15.68
N ARG A 9 15.40 -17.27 15.00
CA ARG A 9 15.72 -18.65 14.57
C ARG A 9 15.37 -18.86 13.09
N GLU A 10 14.07 -18.77 12.78
CA GLU A 10 13.52 -19.07 11.46
C GLU A 10 12.23 -18.27 11.23
N LEU A 11 12.33 -17.39 10.26
CA LEU A 11 11.20 -16.53 9.85
C LEU A 11 10.94 -16.67 8.34
N ARG A 12 9.66 -16.69 8.02
CA ARG A 12 9.20 -16.91 6.63
C ARG A 12 8.70 -15.58 6.09
N CYS A 13 8.89 -15.38 4.79
CA CYS A 13 8.32 -14.20 4.09
C CYS A 13 6.80 -14.15 4.32
N VAL A 14 6.25 -12.94 4.30
CA VAL A 14 4.79 -12.75 4.45
C VAL A 14 4.00 -13.46 3.34
N CYS A 15 4.64 -13.54 2.17
CA CYS A 15 4.11 -14.19 0.97
C CYS A 15 5.00 -15.34 0.52
N LEU A 16 4.53 -16.55 0.80
CA LEU A 16 5.21 -17.78 0.34
C LEU A 16 4.89 -18.16 -1.11
N GLN A 17 3.68 -17.88 -1.52
CA GLN A 17 3.15 -18.18 -2.85
C GLN A 17 2.91 -16.87 -3.63
N THR A 18 2.41 -17.06 -4.84
CA THR A 18 2.08 -15.94 -5.76
C THR A 18 0.65 -16.08 -6.30
N THR A 19 0.31 -15.23 -7.26
CA THR A 19 -0.99 -15.16 -7.93
C THR A 19 -0.84 -14.47 -9.31
N GLN A 20 -1.74 -14.86 -10.19
CA GLN A 20 -1.88 -14.34 -11.56
C GLN A 20 -3.32 -13.89 -11.86
N GLY A 21 -3.65 -12.75 -11.23
CA GLY A 21 -4.94 -12.13 -11.50
C GLY A 21 -4.86 -11.23 -12.76
N VAL A 22 -5.89 -10.51 -13.19
CA VAL A 22 -7.25 -10.17 -12.67
C VAL A 22 -7.47 -8.67 -12.99
N HIS A 23 -8.55 -8.09 -12.48
CA HIS A 23 -8.80 -6.65 -12.61
C HIS A 23 -8.84 -5.99 -11.21
N PRO A 24 -8.32 -4.76 -11.12
CA PRO A 24 -8.38 -3.92 -9.91
C PRO A 24 -9.79 -3.78 -9.34
N LYS A 25 -10.80 -4.01 -10.17
CA LYS A 25 -12.21 -3.95 -9.81
C LYS A 25 -12.55 -4.78 -8.55
N MET A 26 -11.77 -5.84 -8.35
CA MET A 26 -11.87 -6.71 -7.17
C MET A 26 -11.01 -6.23 -5.98
N ILE A 27 -10.02 -5.40 -6.26
CA ILE A 27 -9.12 -4.89 -5.23
C ILE A 27 -9.59 -3.54 -4.68
N SER A 28 -9.35 -3.30 -3.40
CA SER A 28 -9.74 -2.05 -2.75
C SER A 28 -8.68 -1.57 -1.77
N ASN A 29 -7.76 -2.47 -1.39
CA ASN A 29 -6.70 -2.13 -0.46
C ASN A 29 -5.37 -2.74 -0.91
N LEU A 30 -4.30 -1.95 -0.81
CA LEU A 30 -2.96 -2.40 -1.20
C LEU A 30 -1.98 -2.24 -0.05
N GLN A 31 -1.00 -3.14 0.01
CA GLN A 31 0.02 -3.10 1.07
C GLN A 31 1.39 -3.44 0.50
N VAL A 32 2.27 -2.44 0.43
CA VAL A 32 3.62 -2.63 -0.09
C VAL A 32 4.61 -2.88 1.02
N PHE A 33 4.89 -4.16 1.28
CA PHE A 33 5.84 -4.54 2.33
C PHE A 33 7.26 -4.63 1.77
N ALA A 34 8.18 -3.91 2.40
CA ALA A 34 9.57 -3.91 1.97
C ALA A 34 10.38 -5.02 2.66
N ILE A 35 11.70 -4.86 2.65
CA ILE A 35 12.61 -5.83 3.27
C ILE A 35 12.48 -5.80 4.80
N GLY A 36 12.31 -6.98 5.39
CA GLY A 36 12.20 -7.08 6.84
C GLY A 36 13.07 -8.17 7.42
N PRO A 37 12.85 -8.56 8.69
CA PRO A 37 13.61 -9.61 9.36
C PRO A 37 13.19 -11.01 8.94
N GLN A 38 12.10 -11.10 8.18
CA GLN A 38 11.56 -12.38 7.72
C GLN A 38 11.73 -12.59 6.20
N CYS A 39 11.89 -11.49 5.47
CA CYS A 39 12.01 -11.54 4.02
C CYS A 39 13.10 -10.60 3.52
N SER A 40 13.80 -11.03 2.48
CA SER A 40 14.87 -10.23 1.89
C SER A 40 14.43 -9.64 0.56
N LYS A 41 13.16 -9.81 0.23
CA LYS A 41 12.59 -9.31 -1.01
C LYS A 41 11.28 -8.56 -0.77
N VAL A 42 10.99 -7.59 -1.62
CA VAL A 42 9.76 -6.81 -1.51
C VAL A 42 8.56 -7.60 -2.06
N GLU A 43 7.45 -7.58 -1.34
CA GLU A 43 6.26 -8.31 -1.76
C GLU A 43 5.02 -7.42 -1.62
N VAL A 44 4.22 -7.33 -2.68
CA VAL A 44 3.03 -6.51 -2.66
C VAL A 44 1.76 -7.32 -2.44
N VAL A 45 1.23 -7.22 -1.23
CA VAL A 45 -0.02 -7.90 -0.83
C VAL A 45 -1.24 -6.99 -1.04
N ALA A 46 -2.37 -7.62 -1.32
CA ALA A 46 -3.64 -6.91 -1.56
C ALA A 46 -4.82 -7.64 -0.92
N SER A 47 -5.85 -6.88 -0.59
CA SER A 47 -7.09 -7.42 -0.02
C SER A 47 -8.30 -7.01 -0.87
N LEU A 48 -9.15 -7.99 -1.15
CA LEU A 48 -10.36 -7.76 -1.94
C LEU A 48 -11.45 -7.11 -1.10
N LYS A 49 -12.50 -6.65 -1.77
CA LYS A 49 -13.62 -6.02 -1.08
C LYS A 49 -14.53 -7.07 -0.42
N ASN A 50 -14.39 -8.32 -0.86
CA ASN A 50 -15.18 -9.42 -0.32
C ASN A 50 -14.65 -9.85 1.05
N GLY A 51 -13.35 -9.68 1.26
CA GLY A 51 -12.74 -10.05 2.52
C GLY A 51 -11.72 -11.16 2.35
N LYS A 52 -10.83 -10.99 1.38
CA LYS A 52 -9.79 -11.99 1.11
C LYS A 52 -8.44 -11.31 0.90
N GLU A 53 -7.37 -12.05 1.15
CA GLU A 53 -6.00 -11.52 0.98
C GLU A 53 -5.15 -12.50 0.17
N ILE A 54 -4.51 -11.98 -0.84
CA ILE A 54 -3.63 -12.78 -1.71
C ILE A 54 -2.25 -12.10 -1.81
N CYS A 55 -1.38 -12.76 -2.56
CA CYS A 55 -0.02 -12.25 -2.82
C CYS A 55 0.22 -12.23 -4.33
N LEU A 56 0.84 -11.16 -4.76
CA LEU A 56 1.13 -10.96 -6.17
C LEU A 56 2.65 -10.98 -6.37
N ASP A 57 3.14 -11.39 -7.53
CA ASP A 57 4.58 -11.39 -7.79
C ASP A 57 4.99 -10.17 -8.62
N PRO A 58 5.69 -9.18 -8.02
CA PRO A 58 6.15 -7.96 -8.71
C PRO A 58 6.94 -8.26 -9.99
N GLU A 59 7.41 -9.49 -10.07
CA GLU A 59 8.19 -9.99 -11.21
C GLU A 59 7.39 -10.01 -12.54
N ALA A 60 6.07 -9.93 -12.45
CA ALA A 60 5.21 -9.96 -13.63
C ALA A 60 4.77 -8.54 -14.02
N PRO A 61 4.83 -8.22 -15.32
CA PRO A 61 4.46 -6.89 -15.85
C PRO A 61 2.97 -6.55 -15.68
N PHE A 62 2.10 -7.54 -15.93
CA PHE A 62 0.65 -7.40 -15.75
C PHE A 62 0.29 -7.07 -14.29
N LEU A 63 1.18 -7.46 -13.41
CA LEU A 63 1.01 -7.18 -12.01
C LEU A 63 1.17 -5.69 -11.75
N LYS A 64 2.14 -5.08 -12.43
CA LYS A 64 2.42 -3.65 -12.30
C LYS A 64 1.26 -2.81 -12.83
N LYS A 65 0.36 -3.44 -13.58
CA LYS A 65 -0.81 -2.78 -14.17
C LYS A 65 -1.99 -2.67 -13.18
N VAL A 66 -2.40 -3.81 -12.64
CA VAL A 66 -3.48 -3.83 -11.66
C VAL A 66 -3.11 -3.05 -10.39
N ILE A 67 -1.80 -3.00 -10.05
CA ILE A 67 -1.37 -2.25 -8.88
C ILE A 67 -1.17 -0.79 -9.24
N GLN A 68 -0.98 -0.50 -10.53
CA GLN A 68 -0.84 0.89 -10.98
C GLN A 68 -2.22 1.59 -10.99
N LYS A 69 -3.24 0.87 -11.49
CA LYS A 69 -4.60 1.40 -11.57
C LYS A 69 -5.21 1.71 -10.20
N ILE A 70 -4.76 1.02 -9.15
CA ILE A 70 -5.31 1.26 -7.81
C ILE A 70 -4.57 2.37 -7.09
N LEU A 71 -3.54 2.91 -7.72
CA LEU A 71 -2.77 4.01 -7.14
C LEU A 71 -3.16 5.33 -7.77
N ASP A 72 -3.41 5.30 -9.08
CA ASP A 72 -3.79 6.48 -9.83
C ASP A 72 -5.30 6.66 -9.81
N GLY A 73 -6.02 5.54 -9.84
CA GLY A 73 -7.47 5.57 -9.82
C GLY A 73 -8.03 6.04 -8.49
N GLY A 74 -7.35 5.65 -7.41
CA GLY A 74 -7.78 6.06 -6.08
C GLY A 74 -7.50 7.52 -5.82
N ASN A 75 -6.32 7.98 -6.26
CA ASN A 75 -5.94 9.38 -6.08
C ASN A 75 -6.81 10.31 -6.93
N LYS A 76 -7.37 9.76 -8.00
CA LYS A 76 -8.23 10.53 -8.90
C LYS A 76 -9.60 10.77 -8.25
N GLU A 77 -10.13 9.76 -7.57
CA GLU A 77 -11.42 9.87 -6.91
C GLU A 77 -11.31 10.67 -5.62
N ASN A 78 -12.09 11.74 -5.52
CA ASN A 78 -12.06 12.60 -4.34
C ASN A 78 -13.26 12.31 -3.44
N LEU B 8 -24.85 -0.09 11.42
CA LEU B 8 -24.98 1.02 10.46
C LEU B 8 -25.59 2.26 11.16
N ARG B 9 -24.70 2.94 11.88
CA ARG B 9 -25.08 4.16 12.63
C ARG B 9 -24.11 5.30 12.36
N GLU B 10 -22.86 5.10 12.79
CA GLU B 10 -21.81 6.13 12.76
C GLU B 10 -20.43 5.48 12.66
N LEU B 11 -19.80 5.74 11.53
CA LEU B 11 -18.45 5.24 11.23
C LEU B 11 -17.52 6.40 10.86
N ARG B 12 -16.30 6.29 11.36
CA ARG B 12 -15.27 7.34 11.20
C ARG B 12 -14.25 6.85 10.17
N CYS B 13 -13.71 7.79 9.39
CA CYS B 13 -12.60 7.49 8.47
C CYS B 13 -11.44 6.84 9.25
N VAL B 14 -10.68 6.00 8.56
CA VAL B 14 -9.49 5.35 9.17
C VAL B 14 -8.46 6.38 9.65
N CYS B 15 -8.42 7.50 8.94
CA CYS B 15 -7.54 8.65 9.21
C CYS B 15 -8.35 9.91 9.53
N LEU B 16 -8.39 10.25 10.81
CA LEU B 16 -9.04 11.49 11.26
C LEU B 16 -8.14 12.73 11.13
N GLN B 17 -6.85 12.52 11.32
CA GLN B 17 -5.82 13.57 11.28
C GLN B 17 -4.91 13.36 10.05
N THR B 18 -3.93 14.24 9.95
CA THR B 18 -2.94 14.22 8.88
C THR B 18 -1.51 14.28 9.45
N THR B 19 -0.54 14.44 8.55
CA THR B 19 0.91 14.53 8.85
C THR B 19 1.64 15.25 7.70
N GLN B 20 2.74 15.88 8.08
CA GLN B 20 3.66 16.59 7.19
C GLN B 20 5.12 16.13 7.39
N GLY B 21 5.36 14.91 6.92
CA GLY B 21 6.72 14.39 6.93
C GLY B 21 7.51 14.88 5.68
N VAL B 22 8.76 14.49 5.44
CA VAL B 22 9.71 13.50 6.02
C VAL B 22 10.41 12.82 4.83
N HIS B 23 11.19 11.78 5.09
CA HIS B 23 11.83 10.99 4.03
C HIS B 23 11.33 9.54 4.09
N PRO B 24 11.15 8.91 2.92
CA PRO B 24 10.80 7.48 2.76
C PRO B 24 11.73 6.56 3.56
N LYS B 25 12.92 7.03 3.89
CA LYS B 25 13.93 6.29 4.66
C LYS B 25 13.37 5.71 5.96
N MET B 26 12.36 6.39 6.51
CA MET B 26 11.64 5.94 7.71
C MET B 26 10.45 5.00 7.41
N ILE B 27 9.98 5.04 6.16
CA ILE B 27 8.83 4.22 5.77
C ILE B 27 9.28 2.89 5.14
N SER B 28 8.52 1.83 5.40
CA SER B 28 8.84 0.51 4.87
C SER B 28 7.57 -0.24 4.45
N ASN B 29 6.42 0.43 4.54
CA ASN B 29 5.14 -0.17 4.17
C ASN B 29 4.16 0.89 3.66
N LEU B 30 3.59 0.64 2.48
CA LEU B 30 2.62 1.56 1.90
C LEU B 30 1.23 0.94 1.81
N GLN B 31 0.32 1.43 2.63
CA GLN B 31 -1.05 0.93 2.64
C GLN B 31 -1.98 1.90 1.93
N VAL B 32 -2.73 1.39 0.96
CA VAL B 32 -3.66 2.21 0.19
C VAL B 32 -5.11 1.79 0.43
N PHE B 33 -5.94 2.75 0.79
CA PHE B 33 -7.35 2.49 1.04
C PHE B 33 -8.23 3.30 0.09
N ALA B 34 -9.10 2.59 -0.65
CA ALA B 34 -10.00 3.25 -1.60
C ALA B 34 -11.33 3.62 -0.93
N ILE B 35 -12.43 3.44 -1.66
CA ILE B 35 -13.76 3.76 -1.15
C ILE B 35 -14.25 2.71 -0.15
N GLY B 36 -14.66 3.17 1.02
CA GLY B 36 -15.14 2.27 2.05
C GLY B 36 -16.46 2.72 2.65
N PRO B 37 -17.07 1.91 3.53
CA PRO B 37 -18.35 2.22 4.18
C PRO B 37 -18.18 3.25 5.30
N GLN B 38 -16.94 3.55 5.65
CA GLN B 38 -16.64 4.51 6.72
C GLN B 38 -16.05 5.83 6.20
N CYS B 39 -15.48 5.78 5.00
CA CYS B 39 -14.83 6.95 4.41
C CYS B 39 -15.03 6.97 2.89
N SER B 40 -15.44 8.12 2.37
CA SER B 40 -15.66 8.28 0.94
C SER B 40 -14.37 8.66 0.22
N LYS B 41 -13.58 9.52 0.86
CA LYS B 41 -12.31 9.96 0.30
C LYS B 41 -11.22 8.94 0.57
N VAL B 42 -10.29 8.78 -0.38
CA VAL B 42 -9.20 7.84 -0.22
C VAL B 42 -8.12 8.40 0.72
N GLU B 43 -7.58 7.52 1.55
CA GLU B 43 -6.53 7.91 2.50
C GLU B 43 -5.39 6.91 2.46
N VAL B 44 -4.17 7.42 2.38
CA VAL B 44 -2.99 6.56 2.32
C VAL B 44 -2.27 6.48 3.67
N VAL B 45 -2.36 5.33 4.30
CA VAL B 45 -1.70 5.08 5.60
C VAL B 45 -0.37 4.32 5.39
N ALA B 46 0.56 4.56 6.30
CA ALA B 46 1.89 3.93 6.27
C ALA B 46 2.36 3.54 7.68
N SER B 47 3.21 2.53 7.72
CA SER B 47 3.82 2.05 8.98
C SER B 47 5.35 2.08 8.87
N LEU B 48 5.98 2.62 9.91
CA LEU B 48 7.43 2.72 9.97
C LEU B 48 8.04 1.37 10.35
N LYS B 49 9.37 1.26 10.19
CA LYS B 49 10.07 0.03 10.52
C LYS B 49 10.20 -0.13 12.03
N ASN B 50 9.99 0.96 12.76
CA ASN B 50 10.07 0.96 14.21
C ASN B 50 8.82 0.35 14.84
N GLY B 51 7.69 0.48 14.14
CA GLY B 51 6.44 -0.06 14.65
C GLY B 51 5.40 1.00 14.91
N LYS B 52 5.36 2.02 14.04
CA LYS B 52 4.40 3.10 14.19
C LYS B 52 3.55 3.26 12.93
N GLU B 53 2.41 3.91 13.07
CA GLU B 53 1.49 4.14 11.94
C GLU B 53 0.96 5.58 11.98
N ILE B 54 1.07 6.24 10.85
CA ILE B 54 0.56 7.63 10.73
C ILE B 54 -0.36 7.73 9.49
N CYS B 55 -0.88 8.93 9.30
CA CYS B 55 -1.73 9.24 8.15
C CYS B 55 -1.19 10.46 7.42
N LEU B 56 -1.21 10.36 6.11
CA LEU B 56 -0.70 11.42 5.26
C LEU B 56 -1.87 12.03 4.47
N ASP B 57 -1.73 13.28 4.07
CA ASP B 57 -2.76 13.92 3.27
C ASP B 57 -2.34 13.97 1.80
N PRO B 58 -2.99 13.15 0.93
CA PRO B 58 -2.68 13.11 -0.51
C PRO B 58 -2.96 14.45 -1.19
N GLU B 59 -3.70 15.29 -0.46
CA GLU B 59 -4.08 16.63 -0.92
C GLU B 59 -2.88 17.61 -1.02
N ALA B 60 -1.76 17.25 -0.40
CA ALA B 60 -0.56 18.09 -0.41
C ALA B 60 0.45 17.58 -1.45
N PRO B 61 1.03 18.50 -2.23
CA PRO B 61 2.00 18.17 -3.29
C PRO B 61 3.32 17.58 -2.76
N PHE B 62 3.81 18.17 -1.66
CA PHE B 62 5.04 17.68 -0.97
C PHE B 62 4.87 16.24 -0.47
N LEU B 63 3.63 15.85 -0.22
CA LEU B 63 3.34 14.51 0.22
C LEU B 63 3.32 13.54 -0.97
N LYS B 64 3.04 14.10 -2.15
CA LYS B 64 2.99 13.32 -3.40
C LYS B 64 4.41 13.09 -3.95
N LYS B 65 5.36 13.81 -3.38
CA LYS B 65 6.77 13.71 -3.78
C LYS B 65 7.48 12.48 -3.20
N VAL B 66 7.43 12.37 -1.87
CA VAL B 66 8.04 11.25 -1.16
C VAL B 66 7.39 9.92 -1.59
N ILE B 67 6.12 9.95 -2.02
CA ILE B 67 5.45 8.73 -2.47
C ILE B 67 5.87 8.39 -3.91
N GLN B 68 6.34 9.40 -4.64
CA GLN B 68 6.85 9.16 -6.00
C GLN B 68 8.20 8.42 -5.94
N LYS B 69 9.07 8.85 -5.02
CA LYS B 69 10.40 8.28 -4.84
C LYS B 69 10.37 6.79 -4.46
N ILE B 70 9.31 6.34 -3.79
CA ILE B 70 9.21 4.94 -3.37
C ILE B 70 8.73 4.05 -4.51
N LEU B 71 8.34 4.65 -5.62
CA LEU B 71 7.87 3.90 -6.78
C LEU B 71 9.01 3.63 -7.76
N ASP B 72 9.95 4.58 -7.82
CA ASP B 72 11.11 4.46 -8.71
C ASP B 72 12.26 3.78 -7.98
N GLY B 73 12.44 4.14 -6.72
CA GLY B 73 13.50 3.56 -5.92
C GLY B 73 13.18 2.13 -5.49
N GLY B 74 11.88 1.83 -5.44
CA GLY B 74 11.45 0.49 -5.06
C GLY B 74 11.55 -0.49 -6.22
N ASN B 75 11.72 0.04 -7.43
CA ASN B 75 11.84 -0.79 -8.62
C ASN B 75 13.27 -1.31 -8.79
N LYS B 76 14.22 -0.64 -8.13
CA LYS B 76 15.62 -1.03 -8.20
C LYS B 76 15.89 -2.23 -7.29
N GLU B 77 14.99 -2.45 -6.33
CA GLU B 77 15.12 -3.58 -5.40
C GLU B 77 14.83 -4.89 -6.13
N ASN B 78 15.87 -5.68 -6.36
CA ASN B 78 15.75 -6.95 -7.05
C ASN B 78 15.95 -8.12 -6.09
N LEU A 8 14.37 -16.03 17.21
CA LEU A 8 15.30 -15.88 16.07
C LEU A 8 15.85 -17.27 15.66
N ARG A 9 15.00 -17.97 14.92
CA ARG A 9 15.34 -19.32 14.44
C ARG A 9 15.04 -19.46 12.94
N GLU A 10 13.75 -19.37 12.61
CA GLU A 10 13.23 -19.62 11.25
C GLU A 10 11.96 -18.82 11.01
N LEU A 11 12.07 -17.89 10.08
CA LEU A 11 10.95 -17.02 9.68
C LEU A 11 10.74 -17.10 8.17
N ARG A 12 9.47 -17.12 7.80
CA ARG A 12 9.06 -17.27 6.39
C ARG A 12 8.55 -15.92 5.89
N CYS A 13 8.79 -15.66 4.60
CA CYS A 13 8.23 -14.46 3.95
C CYS A 13 6.71 -14.43 4.13
N VAL A 14 6.15 -13.22 4.14
CA VAL A 14 4.68 -13.05 4.26
C VAL A 14 3.93 -13.72 3.09
N CYS A 15 4.61 -13.74 1.94
CA CYS A 15 4.12 -14.34 0.69
C CYS A 15 5.03 -15.47 0.23
N LEU A 16 4.56 -16.69 0.44
CA LEU A 16 5.27 -17.88 -0.05
C LEU A 16 4.98 -18.22 -1.52
N GLN A 17 3.78 -17.93 -1.95
CA GLN A 17 3.30 -18.17 -3.32
C GLN A 17 3.08 -16.83 -4.05
N THR A 18 2.62 -16.97 -5.28
CA THR A 18 2.30 -15.82 -6.16
C THR A 18 0.89 -15.93 -6.74
N THR A 19 0.58 -15.04 -7.68
CA THR A 19 -0.71 -14.95 -8.38
C THR A 19 -0.52 -14.21 -9.72
N GLN A 20 -1.40 -14.56 -10.65
CA GLN A 20 -1.49 -13.98 -11.99
C GLN A 20 -2.92 -13.52 -12.32
N GLY A 21 -3.28 -12.42 -11.65
CA GLY A 21 -4.57 -11.79 -11.95
C GLY A 21 -4.45 -10.84 -13.16
N VAL A 22 -5.47 -10.11 -13.59
CA VAL A 22 -6.85 -9.80 -13.10
C VAL A 22 -7.07 -8.29 -13.35
N HIS A 23 -8.17 -7.74 -12.85
CA HIS A 23 -8.43 -6.30 -12.92
C HIS A 23 -8.52 -5.70 -11.50
N PRO A 24 -8.01 -4.47 -11.34
CA PRO A 24 -8.10 -3.67 -10.10
C PRO A 24 -9.54 -3.58 -9.56
N LYS A 25 -10.52 -3.78 -10.44
CA LYS A 25 -11.94 -3.73 -10.11
C LYS A 25 -12.31 -4.62 -8.91
N MET A 26 -11.53 -5.69 -8.73
CA MET A 26 -11.67 -6.61 -7.58
C MET A 26 -10.84 -6.17 -6.34
N ILE A 27 -9.84 -5.33 -6.58
CA ILE A 27 -8.97 -4.85 -5.51
C ILE A 27 -9.57 -3.64 -4.79
N SER A 28 -9.38 -3.58 -3.47
CA SER A 28 -9.92 -2.48 -2.66
C SER A 28 -8.91 -2.03 -1.60
N ASN A 29 -7.86 -2.83 -1.39
CA ASN A 29 -6.84 -2.51 -0.39
C ASN A 29 -5.47 -3.02 -0.86
N LEU A 30 -4.43 -2.24 -0.58
CA LEU A 30 -3.07 -2.61 -0.97
C LEU A 30 -2.14 -2.50 0.24
N GLN A 31 -1.16 -3.41 0.31
CA GLN A 31 -0.18 -3.42 1.39
C GLN A 31 1.21 -3.70 0.84
N VAL A 32 2.04 -2.65 0.79
CA VAL A 32 3.41 -2.78 0.28
C VAL A 32 4.39 -2.97 1.42
N PHE A 33 5.03 -4.13 1.47
CA PHE A 33 6.00 -4.45 2.51
C PHE A 33 7.40 -4.55 1.92
N ALA A 34 8.36 -3.85 2.54
CA ALA A 34 9.74 -3.88 2.08
C ALA A 34 10.53 -5.02 2.73
N ILE A 35 11.85 -4.87 2.76
CA ILE A 35 12.73 -5.87 3.35
C ILE A 35 12.60 -5.89 4.87
N GLY A 36 12.34 -7.07 5.43
CA GLY A 36 12.19 -7.19 6.88
C GLY A 36 13.06 -8.28 7.47
N PRO A 37 12.78 -8.70 8.72
CA PRO A 37 13.54 -9.74 9.41
C PRO A 37 13.12 -11.15 9.02
N GLN A 38 12.07 -11.25 8.22
CA GLN A 38 11.56 -12.56 7.77
C GLN A 38 11.71 -12.78 6.26
N CYS A 39 11.82 -11.69 5.52
CA CYS A 39 11.92 -11.75 4.07
C CYS A 39 12.98 -10.81 3.55
N SER A 40 13.48 -11.10 2.35
CA SER A 40 14.50 -10.27 1.72
C SER A 40 13.97 -9.71 0.40
N LYS A 41 13.01 -10.41 -0.19
CA LYS A 41 12.43 -9.99 -1.46
C LYS A 41 11.17 -9.14 -1.23
N VAL A 42 10.95 -8.16 -2.11
CA VAL A 42 9.78 -7.30 -2.00
C VAL A 42 8.53 -8.03 -2.47
N GLU A 43 7.50 -8.03 -1.63
CA GLU A 43 6.24 -8.71 -1.94
C GLU A 43 5.06 -7.77 -1.68
N VAL A 44 4.19 -7.64 -2.68
CA VAL A 44 3.03 -6.78 -2.55
C VAL A 44 1.74 -7.58 -2.36
N VAL A 45 1.21 -7.50 -1.14
CA VAL A 45 -0.05 -8.18 -0.78
C VAL A 45 -1.26 -7.22 -0.95
N ALA A 46 -2.40 -7.81 -1.25
CA ALA A 46 -3.65 -7.05 -1.45
C ALA A 46 -4.85 -7.79 -0.83
N SER A 47 -5.86 -7.01 -0.47
CA SER A 47 -7.11 -7.54 0.08
C SER A 47 -8.31 -7.05 -0.75
N LEU A 48 -9.18 -8.00 -1.09
CA LEU A 48 -10.37 -7.70 -1.88
C LEU A 48 -11.47 -7.14 -1.00
N LYS A 49 -12.60 -6.78 -1.61
CA LYS A 49 -13.74 -6.22 -0.88
C LYS A 49 -14.50 -7.32 -0.14
N ASN A 50 -14.36 -8.56 -0.61
CA ASN A 50 -15.03 -9.71 0.00
C ASN A 50 -14.30 -10.17 1.26
N GLY A 51 -13.05 -9.72 1.43
CA GLY A 51 -12.27 -10.10 2.59
C GLY A 51 -11.23 -11.15 2.28
N LYS A 52 -10.80 -11.20 1.03
CA LYS A 52 -9.79 -12.16 0.59
C LYS A 52 -8.43 -11.50 0.47
N GLU A 53 -7.37 -12.26 0.63
CA GLU A 53 -6.00 -11.72 0.52
C GLU A 53 -5.13 -12.67 -0.31
N ILE A 54 -4.46 -12.09 -1.28
CA ILE A 54 -3.54 -12.86 -2.14
C ILE A 54 -2.17 -12.17 -2.18
N CYS A 55 -1.27 -12.78 -2.92
CA CYS A 55 0.09 -12.26 -3.13
C CYS A 55 0.38 -12.18 -4.62
N LEU A 56 1.00 -11.08 -4.99
CA LEU A 56 1.34 -10.83 -6.38
C LEU A 56 2.86 -10.83 -6.53
N ASP A 57 3.35 -11.16 -7.73
CA ASP A 57 4.78 -11.14 -7.97
C ASP A 57 5.18 -9.80 -8.60
N PRO A 58 5.87 -8.91 -7.83
CA PRO A 58 6.32 -7.60 -8.32
C PRO A 58 7.28 -7.72 -9.50
N GLU A 59 7.80 -8.93 -9.65
CA GLU A 59 8.73 -9.27 -10.74
C GLU A 59 8.09 -9.20 -12.15
N ALA A 60 6.77 -9.16 -12.20
CA ALA A 60 6.03 -9.11 -13.47
C ALA A 60 5.57 -7.67 -13.77
N PRO A 61 5.76 -7.21 -15.01
CA PRO A 61 5.39 -5.85 -15.45
C PRO A 61 3.88 -5.59 -15.41
N PHE A 62 3.10 -6.58 -15.86
CA PHE A 62 1.62 -6.50 -15.83
C PHE A 62 1.09 -6.35 -14.41
N LEU A 63 1.86 -6.83 -13.45
CA LEU A 63 1.49 -6.73 -12.05
C LEU A 63 1.71 -5.32 -11.52
N LYS A 64 2.63 -4.59 -12.16
CA LYS A 64 2.93 -3.21 -11.78
C LYS A 64 1.86 -2.26 -12.34
N LYS A 65 1.07 -2.77 -13.26
CA LYS A 65 -0.03 -2.02 -13.90
C LYS A 65 -1.25 -1.88 -13.00
N VAL A 66 -1.79 -3.02 -12.57
CA VAL A 66 -2.97 -3.06 -11.70
C VAL A 66 -2.75 -2.30 -10.38
N ILE A 67 -1.50 -2.20 -9.92
CA ILE A 67 -1.19 -1.48 -8.67
C ILE A 67 -1.04 0.02 -8.91
N GLN A 68 -0.91 0.38 -10.18
CA GLN A 68 -0.77 1.78 -10.58
C GLN A 68 -2.13 2.36 -10.94
N LYS A 69 -3.08 1.49 -11.24
CA LYS A 69 -4.44 1.89 -11.59
C LYS A 69 -5.26 2.23 -10.36
N ILE A 70 -4.92 1.61 -9.22
CA ILE A 70 -5.63 1.85 -7.97
C ILE A 70 -5.14 3.15 -7.32
N LEU A 71 -3.93 3.55 -7.68
CA LEU A 71 -3.34 4.78 -7.16
C LEU A 71 -3.42 5.89 -8.21
N ASP A 72 -4.37 5.74 -9.13
CA ASP A 72 -4.57 6.70 -10.20
C ASP A 72 -6.06 7.03 -10.34
N GLY A 73 -6.84 6.03 -10.76
CA GLY A 73 -8.26 6.22 -10.92
C GLY A 73 -8.98 6.49 -9.61
N GLY A 74 -8.49 5.86 -8.54
CA GLY A 74 -9.08 6.05 -7.23
C GLY A 74 -8.42 7.18 -6.46
N ASN A 75 -7.25 7.61 -6.93
CA ASN A 75 -6.51 8.69 -6.28
C ASN A 75 -7.08 10.07 -6.65
N LYS A 76 -8.06 10.06 -7.56
CA LYS A 76 -8.71 11.29 -8.01
C LYS A 76 -9.64 11.84 -6.92
N GLU A 77 -10.02 10.99 -5.97
CA GLU A 77 -10.91 11.40 -4.87
C GLU A 77 -10.22 12.43 -3.97
N ASN A 78 -10.74 13.65 -3.97
CA ASN A 78 -10.19 14.73 -3.16
C ASN A 78 -11.28 15.37 -2.29
N LEU B 8 -24.53 -0.08 12.01
CA LEU B 8 -24.71 0.98 11.00
C LEU B 8 -25.32 2.23 11.66
N ARG B 9 -24.44 2.96 12.32
CA ARG B 9 -24.83 4.19 13.03
C ARG B 9 -23.88 5.35 12.69
N GLU B 10 -22.62 5.20 13.10
CA GLU B 10 -21.60 6.24 13.00
C GLU B 10 -20.21 5.62 12.89
N LEU B 11 -19.60 5.85 11.74
CA LEU B 11 -18.25 5.36 11.43
C LEU B 11 -17.36 6.52 10.98
N ARG B 12 -16.12 6.45 11.46
CA ARG B 12 -15.13 7.51 11.22
C ARG B 12 -14.11 7.01 10.19
N CYS B 13 -13.62 7.92 9.37
CA CYS B 13 -12.53 7.60 8.43
C CYS B 13 -11.33 7.01 9.21
N VAL B 14 -10.56 6.16 8.53
CA VAL B 14 -9.35 5.55 9.14
C VAL B 14 -8.33 6.63 9.55
N CYS B 15 -8.34 7.72 8.79
CA CYS B 15 -7.47 8.89 8.99
C CYS B 15 -8.30 10.15 9.27
N LEU B 16 -8.32 10.54 10.54
CA LEU B 16 -8.97 11.79 10.95
C LEU B 16 -8.11 13.05 10.75
N GLN B 17 -6.81 12.88 10.92
CA GLN B 17 -5.81 13.93 10.80
C GLN B 17 -4.93 13.68 9.56
N THR B 18 -3.97 14.58 9.40
CA THR B 18 -2.99 14.53 8.31
C THR B 18 -1.55 14.65 8.83
N THR B 19 -0.61 14.79 7.91
CA THR B 19 0.83 14.92 8.16
C THR B 19 1.53 15.60 6.97
N GLN B 20 2.62 16.27 7.29
CA GLN B 20 3.51 16.96 6.35
C GLN B 20 4.97 16.55 6.54
N GLY B 21 5.23 15.32 6.11
CA GLY B 21 6.60 14.81 6.10
C GLY B 21 7.35 15.26 4.83
N VAL B 22 8.60 14.89 4.57
CA VAL B 22 9.59 13.95 5.17
C VAL B 22 10.27 13.23 3.98
N HIS B 23 11.09 12.22 4.27
CA HIS B 23 11.72 11.40 3.23
C HIS B 23 11.25 9.93 3.38
N PRO B 24 11.05 9.26 2.23
CA PRO B 24 10.73 7.81 2.15
C PRO B 24 11.69 6.95 2.96
N LYS B 25 12.89 7.46 3.24
CA LYS B 25 13.93 6.76 4.01
C LYS B 25 13.41 6.23 5.36
N MET B 26 12.40 6.92 5.90
CA MET B 26 11.72 6.50 7.14
C MET B 26 10.54 5.53 6.90
N ILE B 27 10.04 5.51 5.67
CA ILE B 27 8.91 4.65 5.32
C ILE B 27 9.38 3.27 4.87
N SER B 28 8.63 2.23 5.24
CA SER B 28 8.96 0.86 4.88
C SER B 28 7.71 0.06 4.51
N ASN B 29 6.54 0.65 4.76
CA ASN B 29 5.27 -0.02 4.44
C ASN B 29 4.22 1.00 4.00
N LEU B 30 3.45 0.64 2.97
CA LEU B 30 2.41 1.52 2.45
C LEU B 30 1.08 0.77 2.32
N GLN B 31 0.03 1.32 2.92
CA GLN B 31 -1.29 0.70 2.85
C GLN B 31 -2.28 1.64 2.15
N VAL B 32 -2.80 1.18 1.01
CA VAL B 32 -3.76 1.97 0.24
C VAL B 32 -5.18 1.47 0.45
N PHE B 33 -6.04 2.36 0.94
CA PHE B 33 -7.44 2.01 1.19
C PHE B 33 -8.36 2.79 0.25
N ALA B 34 -9.22 2.07 -0.47
CA ALA B 34 -10.16 2.69 -1.41
C ALA B 34 -11.41 3.20 -0.68
N ILE B 35 -12.47 3.45 -1.46
CA ILE B 35 -13.73 3.95 -0.92
C ILE B 35 -14.42 2.87 -0.06
N GLY B 36 -14.70 3.21 1.19
CA GLY B 36 -15.35 2.26 2.09
C GLY B 36 -16.66 2.78 2.65
N PRO B 37 -17.31 2.01 3.54
CA PRO B 37 -18.58 2.38 4.16
C PRO B 37 -18.41 3.42 5.26
N GLN B 38 -17.17 3.69 5.63
CA GLN B 38 -16.87 4.67 6.69
C GLN B 38 -16.22 5.95 6.16
N CYS B 39 -15.64 5.87 4.96
CA CYS B 39 -14.95 7.01 4.35
C CYS B 39 -15.17 7.03 2.84
N SER B 40 -15.62 8.17 2.32
CA SER B 40 -15.86 8.32 0.88
C SER B 40 -14.56 8.61 0.15
N LYS B 41 -13.74 9.47 0.73
CA LYS B 41 -12.45 9.85 0.14
C LYS B 41 -11.40 8.79 0.45
N VAL B 42 -10.52 8.51 -0.52
CA VAL B 42 -9.47 7.53 -0.32
C VAL B 42 -8.33 8.12 0.51
N GLU B 43 -7.81 7.32 1.44
CA GLU B 43 -6.74 7.77 2.31
C GLU B 43 -5.57 6.79 2.27
N VAL B 44 -4.35 7.33 2.20
CA VAL B 44 -3.16 6.50 2.14
C VAL B 44 -2.36 6.54 3.43
N VAL B 45 -2.40 5.44 4.15
CA VAL B 45 -1.67 5.30 5.43
C VAL B 45 -0.32 4.58 5.22
N ALA B 46 0.65 4.91 6.06
CA ALA B 46 2.00 4.33 5.99
C ALA B 46 2.54 4.05 7.39
N SER B 47 3.43 3.08 7.47
CA SER B 47 4.12 2.71 8.73
C SER B 47 5.64 2.78 8.54
N LEU B 48 6.28 3.42 9.51
CA LEU B 48 7.74 3.58 9.51
C LEU B 48 8.43 2.29 9.92
N LYS B 49 9.76 2.27 9.84
CA LYS B 49 10.55 1.11 10.21
C LYS B 49 10.70 1.04 11.74
N ASN B 50 10.47 2.16 12.39
CA ASN B 50 10.57 2.25 13.85
C ASN B 50 9.36 1.59 14.52
N GLY B 51 8.25 1.53 13.81
CA GLY B 51 7.04 0.93 14.36
C GLY B 51 5.96 1.96 14.64
N LYS B 52 5.77 2.90 13.72
CA LYS B 52 4.75 3.94 13.87
C LYS B 52 3.89 4.04 12.63
N GLU B 53 2.66 4.53 12.79
CA GLU B 53 1.71 4.69 11.68
C GLU B 53 1.15 6.12 11.69
N ILE B 54 1.22 6.73 10.52
CA ILE B 54 0.69 8.09 10.34
C ILE B 54 -0.27 8.13 9.14
N CYS B 55 -0.81 9.31 8.89
CA CYS B 55 -1.70 9.55 7.76
C CYS B 55 -1.20 10.75 6.96
N LEU B 56 -1.26 10.59 5.66
CA LEU B 56 -0.78 11.62 4.75
C LEU B 56 -1.98 12.17 3.97
N ASP B 57 -1.90 13.43 3.55
CA ASP B 57 -2.97 14.04 2.77
C ASP B 57 -2.62 14.00 1.28
N PRO B 58 -3.38 13.20 0.50
CA PRO B 58 -3.13 13.07 -0.95
C PRO B 58 -3.44 14.35 -1.73
N GLU B 59 -3.90 15.37 -1.01
CA GLU B 59 -4.22 16.65 -1.61
C GLU B 59 -2.97 17.51 -1.75
N ALA B 60 -1.86 17.07 -1.15
CA ALA B 60 -0.60 17.82 -1.24
C ALA B 60 0.33 17.19 -2.29
N PRO B 61 0.95 18.02 -3.14
CA PRO B 61 1.85 17.58 -4.21
C PRO B 61 3.14 16.92 -3.70
N PHE B 62 3.72 17.52 -2.65
CA PHE B 62 4.93 16.97 -1.99
C PHE B 62 4.67 15.57 -1.42
N LEU B 63 3.42 15.29 -1.12
CA LEU B 63 3.02 14.00 -0.60
C LEU B 63 2.98 12.96 -1.72
N LYS B 64 2.71 13.43 -2.94
CA LYS B 64 2.65 12.56 -4.12
C LYS B 64 4.06 12.17 -4.58
N LYS B 65 5.04 12.90 -4.06
CA LYS B 65 6.46 12.66 -4.37
C LYS B 65 7.06 11.51 -3.56
N VAL B 66 6.97 11.65 -2.24
CA VAL B 66 7.47 10.63 -1.31
C VAL B 66 6.80 9.27 -1.55
N ILE B 67 5.56 9.28 -2.08
CA ILE B 67 4.86 8.03 -2.37
C ILE B 67 5.36 7.43 -3.69
N GLN B 68 5.84 8.29 -4.60
CA GLN B 68 6.40 7.79 -5.86
C GLN B 68 7.74 7.08 -5.60
N LYS B 69 8.57 7.68 -4.76
CA LYS B 69 9.90 7.13 -4.44
C LYS B 69 9.86 5.78 -3.72
N ILE B 70 8.79 5.52 -2.94
CA ILE B 70 8.70 4.24 -2.22
C ILE B 70 8.26 3.10 -3.13
N LEU B 71 7.81 3.45 -4.34
CA LEU B 71 7.37 2.44 -5.31
C LEU B 71 8.39 2.29 -6.43
N ASP B 72 9.34 3.22 -6.48
CA ASP B 72 10.39 3.22 -7.50
C ASP B 72 11.69 2.71 -6.92
N GLY B 73 11.96 3.08 -5.66
CA GLY B 73 13.19 2.66 -5.00
C GLY B 73 13.12 1.20 -4.57
N GLY B 74 11.92 0.73 -4.24
CA GLY B 74 11.73 -0.64 -3.82
C GLY B 74 11.73 -1.61 -5.00
N ASN B 75 11.35 -1.11 -6.17
CA ASN B 75 11.32 -1.93 -7.38
C ASN B 75 12.69 -1.97 -8.04
N LYS B 76 13.48 -0.91 -7.82
CA LYS B 76 14.82 -0.82 -8.39
C LYS B 76 15.80 -1.69 -7.58
N GLU B 77 15.52 -1.84 -6.29
CA GLU B 77 16.36 -2.65 -5.41
C GLU B 77 16.21 -4.13 -5.75
N ASN B 78 17.30 -4.72 -6.24
CA ASN B 78 17.29 -6.13 -6.63
C ASN B 78 18.03 -6.99 -5.63
N LEU A 8 14.31 -15.01 17.44
CA LEU A 8 15.22 -14.94 16.27
C LEU A 8 15.73 -16.35 15.90
N ARG A 9 14.85 -17.07 15.23
CA ARG A 9 15.14 -18.45 14.80
C ARG A 9 14.79 -18.65 13.32
N GLU A 10 13.49 -18.55 13.02
CA GLU A 10 12.94 -18.84 11.68
C GLU A 10 11.68 -18.02 11.45
N LEU A 11 11.79 -17.14 10.47
CA LEU A 11 10.67 -16.27 10.06
C LEU A 11 10.42 -16.41 8.56
N ARG A 12 9.14 -16.41 8.22
CA ARG A 12 8.69 -16.62 6.84
C ARG A 12 8.20 -15.28 6.29
N CYS A 13 8.40 -15.08 4.99
CA CYS A 13 7.86 -13.90 4.29
C CYS A 13 6.34 -13.82 4.51
N VAL A 14 5.81 -12.60 4.48
CA VAL A 14 4.34 -12.39 4.63
C VAL A 14 3.55 -13.10 3.51
N CYS A 15 4.20 -13.19 2.35
CA CYS A 15 3.66 -13.83 1.14
C CYS A 15 4.54 -15.00 0.70
N LEU A 16 4.04 -16.19 0.98
CA LEU A 16 4.71 -17.44 0.54
C LEU A 16 4.39 -17.82 -0.92
N GLN A 17 3.17 -17.52 -1.33
CA GLN A 17 2.64 -17.81 -2.67
C GLN A 17 2.44 -16.50 -3.45
N THR A 18 1.94 -16.68 -4.66
CA THR A 18 1.63 -15.57 -5.58
C THR A 18 0.20 -15.68 -6.12
N THR A 19 -0.12 -14.83 -7.09
CA THR A 19 -1.43 -14.74 -7.77
C THR A 19 -1.26 -14.06 -9.15
N GLN A 20 -2.17 -14.44 -10.03
CA GLN A 20 -2.29 -13.91 -11.40
C GLN A 20 -3.71 -13.43 -11.70
N GLY A 21 -4.04 -12.30 -11.08
CA GLY A 21 -5.31 -11.65 -11.37
C GLY A 21 -5.20 -10.76 -12.63
N VAL A 22 -6.22 -10.03 -13.06
CA VAL A 22 -7.57 -9.65 -12.55
C VAL A 22 -7.76 -8.15 -12.86
N HIS A 23 -8.84 -7.55 -12.36
CA HIS A 23 -9.07 -6.12 -12.50
C HIS A 23 -9.11 -5.45 -11.11
N PRO A 24 -8.56 -4.23 -11.02
CA PRO A 24 -8.61 -3.38 -9.80
C PRO A 24 -10.02 -3.22 -9.24
N LYS A 25 -11.04 -3.44 -10.08
CA LYS A 25 -12.45 -3.34 -9.71
C LYS A 25 -12.80 -4.17 -8.46
N MET A 26 -12.06 -5.25 -8.23
CA MET A 26 -12.29 -6.10 -7.07
C MET A 26 -11.45 -5.65 -5.86
N ILE A 27 -10.40 -4.88 -6.13
CA ILE A 27 -9.50 -4.38 -5.09
C ILE A 27 -10.04 -3.10 -4.44
N SER A 28 -9.71 -2.89 -3.17
CA SER A 28 -10.15 -1.70 -2.43
C SER A 28 -9.12 -1.31 -1.37
N ASN A 29 -7.97 -1.99 -1.38
CA ASN A 29 -6.90 -1.70 -0.42
C ASN A 29 -5.58 -2.33 -0.90
N LEU A 30 -4.51 -1.54 -0.85
CA LEU A 30 -3.19 -2.00 -1.26
C LEU A 30 -2.20 -1.88 -0.10
N GLN A 31 -1.21 -2.77 -0.07
CA GLN A 31 -0.21 -2.75 0.98
C GLN A 31 1.16 -3.14 0.43
N VAL A 32 2.11 -2.22 0.49
CA VAL A 32 3.46 -2.45 -0.02
C VAL A 32 4.45 -2.66 1.12
N PHE A 33 4.95 -3.89 1.24
CA PHE A 33 5.90 -4.26 2.27
C PHE A 33 7.31 -4.37 1.69
N ALA A 34 8.27 -3.71 2.34
CA ALA A 34 9.66 -3.75 1.88
C ALA A 34 10.45 -4.82 2.63
N ILE A 35 11.77 -4.66 2.63
CA ILE A 35 12.67 -5.61 3.30
C ILE A 35 12.51 -5.52 4.83
N GLY A 36 12.15 -6.63 5.44
CA GLY A 36 11.97 -6.66 6.89
C GLY A 36 12.76 -7.79 7.53
N PRO A 37 12.47 -8.10 8.81
CA PRO A 37 13.15 -9.17 9.55
C PRO A 37 12.65 -10.57 9.18
N GLN A 38 11.58 -10.62 8.39
CA GLN A 38 11.01 -11.91 7.97
C GLN A 38 11.17 -12.19 6.47
N CYS A 39 11.40 -11.12 5.71
CA CYS A 39 11.53 -11.23 4.26
C CYS A 39 12.61 -10.31 3.73
N SER A 40 13.44 -10.82 2.82
CA SER A 40 14.51 -10.02 2.23
C SER A 40 14.14 -9.58 0.82
N LYS A 41 12.85 -9.66 0.51
CA LYS A 41 12.34 -9.28 -0.81
C LYS A 41 11.06 -8.46 -0.68
N VAL A 42 10.79 -7.62 -1.68
CA VAL A 42 9.59 -6.79 -1.70
C VAL A 42 8.39 -7.58 -2.21
N GLU A 43 7.28 -7.51 -1.48
CA GLU A 43 6.07 -8.22 -1.87
C GLU A 43 4.86 -7.30 -1.76
N VAL A 44 4.06 -7.25 -2.83
CA VAL A 44 2.88 -6.38 -2.85
C VAL A 44 1.59 -7.15 -2.56
N VAL A 45 1.07 -6.95 -1.36
CA VAL A 45 -0.19 -7.57 -0.92
C VAL A 45 -1.39 -6.63 -1.19
N ALA A 46 -2.54 -7.25 -1.42
CA ALA A 46 -3.78 -6.51 -1.69
C ALA A 46 -4.98 -7.16 -0.99
N SER A 47 -5.99 -6.35 -0.70
CA SER A 47 -7.25 -6.82 -0.10
C SER A 47 -8.43 -6.42 -0.97
N LEU A 48 -9.32 -7.38 -1.18
CA LEU A 48 -10.53 -7.16 -1.98
C LEU A 48 -11.62 -6.50 -1.16
N LYS A 49 -12.68 -6.06 -1.85
CA LYS A 49 -13.81 -5.40 -1.19
C LYS A 49 -14.71 -6.44 -0.52
N ASN A 50 -14.61 -7.68 -0.98
CA ASN A 50 -15.42 -8.77 -0.44
C ASN A 50 -14.86 -9.27 0.89
N GLY A 51 -13.58 -8.99 1.14
CA GLY A 51 -12.95 -9.40 2.38
C GLY A 51 -11.94 -10.51 2.17
N LYS A 52 -11.17 -10.41 1.09
CA LYS A 52 -10.17 -11.42 0.76
C LYS A 52 -8.78 -10.80 0.65
N GLU A 53 -7.78 -11.50 1.20
CA GLU A 53 -6.41 -11.02 1.15
C GLU A 53 -5.53 -11.98 0.36
N ILE A 54 -4.92 -11.47 -0.71
CA ILE A 54 -4.04 -12.29 -1.56
C ILE A 54 -2.66 -11.65 -1.66
N CYS A 55 -1.78 -12.31 -2.40
CA CYS A 55 -0.42 -11.83 -2.66
C CYS A 55 -0.17 -11.82 -4.16
N LEU A 56 0.47 -10.76 -4.60
CA LEU A 56 0.77 -10.57 -6.01
C LEU A 56 2.29 -10.61 -6.20
N ASP A 57 2.74 -11.00 -7.39
CA ASP A 57 4.17 -11.04 -7.67
C ASP A 57 4.56 -9.90 -8.62
N PRO A 58 5.43 -8.97 -8.18
CA PRO A 58 5.88 -7.83 -9.00
C PRO A 58 6.57 -8.30 -10.28
N GLU A 59 6.95 -9.57 -10.28
CA GLU A 59 7.61 -10.22 -11.41
C GLU A 59 6.72 -10.33 -12.67
N ALA A 60 5.41 -10.15 -12.49
CA ALA A 60 4.46 -10.25 -13.60
C ALA A 60 4.06 -8.85 -14.11
N PRO A 61 4.03 -8.66 -15.43
CA PRO A 61 3.70 -7.37 -16.07
C PRO A 61 2.24 -6.93 -15.82
N PHE A 62 1.32 -7.88 -15.90
CA PHE A 62 -0.12 -7.63 -15.63
C PHE A 62 -0.34 -7.15 -14.20
N LEU A 63 0.56 -7.53 -13.32
CA LEU A 63 0.49 -7.13 -11.94
C LEU A 63 0.85 -5.66 -11.80
N LYS A 64 1.87 -5.23 -12.55
CA LYS A 64 2.33 -3.84 -12.53
C LYS A 64 1.32 -2.92 -13.23
N LYS A 65 0.49 -3.51 -14.08
CA LYS A 65 -0.54 -2.79 -14.85
C LYS A 65 -1.77 -2.45 -14.01
N VAL A 66 -2.37 -3.46 -13.39
CA VAL A 66 -3.53 -3.27 -12.53
C VAL A 66 -3.17 -2.39 -11.32
N ILE A 67 -1.91 -2.44 -10.86
CA ILE A 67 -1.49 -1.61 -9.73
C ILE A 67 -1.08 -0.23 -10.21
N GLN A 68 -0.75 -0.11 -11.50
CA GLN A 68 -0.42 1.20 -12.08
C GLN A 68 -1.69 2.03 -12.30
N LYS A 69 -2.74 1.36 -12.79
CA LYS A 69 -4.03 2.00 -13.07
C LYS A 69 -4.71 2.57 -11.82
N ILE A 70 -4.49 1.94 -10.66
CA ILE A 70 -5.11 2.43 -9.41
C ILE A 70 -4.51 3.75 -8.95
N LEU A 71 -3.31 4.06 -9.45
CA LEU A 71 -2.62 5.30 -9.10
C LEU A 71 -3.15 6.43 -9.97
N ASP A 72 -3.86 6.08 -11.04
CA ASP A 72 -4.42 7.07 -11.95
C ASP A 72 -5.89 7.31 -11.63
N GLY A 73 -6.62 6.23 -11.37
CA GLY A 73 -8.03 6.34 -11.04
C GLY A 73 -8.25 6.86 -9.62
N GLY A 74 -7.30 6.56 -8.74
CA GLY A 74 -7.40 7.00 -7.36
C GLY A 74 -7.08 8.48 -7.22
N ASN A 75 -6.34 9.02 -8.18
CA ASN A 75 -5.97 10.43 -8.19
C ASN A 75 -7.12 11.28 -8.73
N LYS A 76 -7.97 10.65 -9.52
CA LYS A 76 -9.12 11.33 -10.12
C LYS A 76 -10.25 11.49 -9.09
N GLU A 77 -10.25 10.61 -8.09
CA GLU A 77 -11.26 10.64 -7.04
C GLU A 77 -10.95 11.77 -6.05
N ASN A 78 -11.73 12.84 -6.13
CA ASN A 78 -11.52 14.00 -5.26
C ASN A 78 -12.70 14.16 -4.29
N LEU B 8 -24.03 -1.51 11.33
CA LEU B 8 -24.22 -0.40 10.37
C LEU B 8 -24.89 0.80 11.07
N ARG B 9 -24.05 1.53 11.79
CA ARG B 9 -24.50 2.71 12.54
C ARG B 9 -23.59 3.91 12.29
N GLU B 10 -22.33 3.78 12.71
CA GLU B 10 -21.34 4.86 12.69
C GLU B 10 -19.92 4.29 12.59
N LEU B 11 -19.31 4.60 11.46
CA LEU B 11 -17.93 4.17 11.17
C LEU B 11 -17.07 5.38 10.80
N ARG B 12 -15.84 5.33 11.30
CA ARG B 12 -14.87 6.44 11.14
C ARG B 12 -13.83 6.01 10.12
N CYS B 13 -13.33 6.98 9.34
CA CYS B 13 -12.21 6.73 8.43
C CYS B 13 -11.01 6.14 9.20
N VAL B 14 -10.21 5.35 8.51
CA VAL B 14 -8.99 4.76 9.12
C VAL B 14 -8.01 5.85 9.61
N CYS B 15 -8.04 6.98 8.90
CA CYS B 15 -7.22 8.16 9.18
C CYS B 15 -8.09 9.38 9.49
N LEU B 16 -8.16 9.70 10.78
CA LEU B 16 -8.87 10.92 11.23
C LEU B 16 -8.05 12.20 11.11
N GLN B 17 -6.76 12.07 11.31
CA GLN B 17 -5.78 13.17 11.26
C GLN B 17 -4.85 13.00 10.04
N THR B 18 -3.93 13.95 9.94
CA THR B 18 -2.92 13.97 8.87
C THR B 18 -1.50 14.12 9.44
N THR B 19 -0.54 14.33 8.55
CA THR B 19 0.89 14.50 8.85
C THR B 19 1.59 15.25 7.70
N GLN B 20 2.65 15.94 8.09
CA GLN B 20 3.54 16.70 7.20
C GLN B 20 5.02 16.34 7.41
N GLY B 21 5.33 15.13 6.93
CA GLY B 21 6.72 14.69 6.94
C GLY B 21 7.48 15.20 5.71
N VAL B 22 8.74 14.89 5.46
CA VAL B 22 9.75 13.95 6.04
C VAL B 22 10.49 13.31 4.85
N HIS B 23 11.33 12.32 5.11
CA HIS B 23 12.01 11.57 4.06
C HIS B 23 11.59 10.09 4.12
N PRO B 24 11.45 9.45 2.94
CA PRO B 24 11.18 8.01 2.78
C PRO B 24 12.14 7.13 3.58
N LYS B 25 13.31 7.67 3.91
CA LYS B 25 14.37 6.99 4.68
C LYS B 25 13.83 6.37 6.00
N MET B 26 12.78 7.00 6.53
CA MET B 26 12.08 6.51 7.74
C MET B 26 10.95 5.51 7.43
N ILE B 27 10.48 5.51 6.18
CA ILE B 27 9.39 4.62 5.77
C ILE B 27 9.91 3.26 5.30
N SER B 28 9.10 2.21 5.53
CA SER B 28 9.47 0.86 5.14
C SER B 28 8.24 0.05 4.69
N ASN B 29 7.07 0.68 4.77
CA ASN B 29 5.81 0.04 4.38
C ASN B 29 4.74 1.10 4.08
N LEU B 30 4.05 0.95 2.95
CA LEU B 30 3.01 1.90 2.54
C LEU B 30 1.70 1.19 2.25
N GLN B 31 0.67 1.47 3.04
CA GLN B 31 -0.64 0.86 2.84
C GLN B 31 -1.63 1.90 2.31
N VAL B 32 -2.09 1.68 1.07
CA VAL B 32 -3.03 2.60 0.43
C VAL B 32 -4.47 2.08 0.55
N PHE B 33 -5.28 2.82 1.30
CA PHE B 33 -6.68 2.45 1.50
C PHE B 33 -7.57 3.22 0.52
N ALA B 34 -8.43 2.51 -0.19
CA ALA B 34 -9.34 3.16 -1.15
C ALA B 34 -10.72 3.38 -0.53
N ILE B 35 -11.74 3.49 -1.39
CA ILE B 35 -13.11 3.71 -0.94
C ILE B 35 -13.68 2.45 -0.28
N GLY B 36 -14.04 2.57 0.99
CA GLY B 36 -14.60 1.45 1.72
C GLY B 36 -15.92 1.79 2.40
N PRO B 37 -16.40 0.92 3.30
CA PRO B 37 -17.66 1.15 4.02
C PRO B 37 -17.52 2.12 5.19
N GLN B 38 -16.28 2.50 5.49
CA GLN B 38 -16.01 3.43 6.59
C GLN B 38 -15.50 4.81 6.13
N CYS B 39 -14.96 4.85 4.91
CA CYS B 39 -14.39 6.06 4.36
C CYS B 39 -14.58 6.12 2.85
N SER B 40 -15.14 7.22 2.36
CA SER B 40 -15.37 7.38 0.93
C SER B 40 -14.27 8.26 0.31
N LYS B 41 -13.04 8.07 0.78
CA LYS B 41 -11.90 8.84 0.30
C LYS B 41 -10.62 8.01 0.34
N VAL B 42 -9.66 8.35 -0.52
CA VAL B 42 -8.39 7.63 -0.56
C VAL B 42 -7.39 8.25 0.42
N GLU B 43 -6.80 7.41 1.26
CA GLU B 43 -5.84 7.87 2.26
C GLU B 43 -4.61 6.97 2.25
N VAL B 44 -3.42 7.57 2.18
CA VAL B 44 -2.19 6.81 2.15
C VAL B 44 -1.50 6.77 3.51
N VAL B 45 -1.58 5.61 4.15
CA VAL B 45 -0.94 5.38 5.47
C VAL B 45 0.46 4.75 5.29
N ALA B 46 1.32 5.04 6.23
CA ALA B 46 2.71 4.53 6.23
C ALA B 46 3.16 4.14 7.65
N SER B 47 4.09 3.19 7.70
CA SER B 47 4.70 2.73 8.96
C SER B 47 6.22 2.90 8.91
N LEU B 48 6.76 3.45 10.00
CA LEU B 48 8.20 3.67 10.12
C LEU B 48 8.90 2.37 10.52
N LYS B 49 10.22 2.34 10.39
CA LYS B 49 11.00 1.17 10.75
C LYS B 49 11.07 1.02 12.27
N ASN B 50 10.74 2.10 12.97
CA ASN B 50 10.76 2.11 14.43
C ASN B 50 9.50 1.46 14.99
N GLY B 51 8.44 1.43 14.18
CA GLY B 51 7.19 0.83 14.60
C GLY B 51 6.13 1.86 14.92
N LYS B 52 6.04 2.88 14.07
CA LYS B 52 5.05 3.95 14.27
C LYS B 52 4.24 4.18 12.99
N GLU B 53 2.94 3.96 13.09
CA GLU B 53 2.04 4.16 11.93
C GLU B 53 1.43 5.56 11.97
N ILE B 54 1.50 6.23 10.85
CA ILE B 54 0.91 7.58 10.71
C ILE B 54 0.00 7.63 9.49
N CYS B 55 -0.58 8.80 9.28
CA CYS B 55 -1.45 9.07 8.14
C CYS B 55 -0.97 10.32 7.41
N LEU B 56 -0.99 10.22 6.10
CA LEU B 56 -0.53 11.31 5.25
C LEU B 56 -1.73 11.86 4.46
N ASP B 57 -1.71 13.12 4.09
CA ASP B 57 -2.81 13.68 3.29
C ASP B 57 -2.42 13.79 1.81
N PRO B 58 -3.06 12.99 0.91
CA PRO B 58 -2.76 13.02 -0.54
C PRO B 58 -2.87 14.41 -1.15
N GLU B 59 -3.54 15.29 -0.41
CA GLU B 59 -3.74 16.69 -0.80
C GLU B 59 -2.43 17.51 -0.90
N ALA B 60 -1.35 16.99 -0.31
CA ALA B 60 -0.06 17.67 -0.32
C ALA B 60 0.87 17.07 -1.39
N PRO B 61 1.55 17.94 -2.16
CA PRO B 61 2.46 17.53 -3.25
C PRO B 61 3.70 16.75 -2.75
N PHE B 62 4.28 17.23 -1.65
CA PHE B 62 5.43 16.57 -1.01
C PHE B 62 5.10 15.15 -0.55
N LEU B 63 3.82 14.93 -0.27
CA LEU B 63 3.32 13.64 0.15
C LEU B 63 3.42 12.64 -1.00
N LYS B 64 3.08 13.10 -2.20
CA LYS B 64 3.11 12.27 -3.41
C LYS B 64 4.55 11.90 -3.77
N LYS B 65 5.49 12.73 -3.33
CA LYS B 65 6.92 12.54 -3.57
C LYS B 65 7.55 11.43 -2.71
N VAL B 66 7.39 11.56 -1.40
CA VAL B 66 7.90 10.56 -0.46
C VAL B 66 7.21 9.19 -0.69
N ILE B 67 5.95 9.19 -1.17
CA ILE B 67 5.24 7.94 -1.44
C ILE B 67 5.60 7.44 -2.84
N GLN B 68 6.08 8.33 -3.69
CA GLN B 68 6.51 7.92 -5.05
C GLN B 68 7.87 7.23 -4.97
N LYS B 69 8.79 7.79 -4.19
CA LYS B 69 10.14 7.24 -4.03
C LYS B 69 10.13 5.81 -3.48
N ILE B 70 9.16 5.48 -2.64
CA ILE B 70 9.08 4.14 -2.05
C ILE B 70 8.38 3.16 -3.00
N LEU B 71 7.55 3.69 -3.90
CA LEU B 71 6.84 2.85 -4.87
C LEU B 71 7.75 2.51 -6.05
N ASP B 72 8.62 3.44 -6.40
CA ASP B 72 9.56 3.25 -7.50
C ASP B 72 10.78 2.48 -7.03
N GLY B 73 11.15 2.70 -5.76
CA GLY B 73 12.29 2.02 -5.18
C GLY B 73 12.01 0.56 -4.90
N GLY B 74 10.74 0.24 -4.64
CA GLY B 74 10.34 -1.13 -4.37
C GLY B 74 10.32 -1.97 -5.64
N ASN B 75 10.14 -1.31 -6.77
CA ASN B 75 10.11 -1.97 -8.07
C ASN B 75 11.52 -2.10 -8.63
N LYS B 76 12.45 -1.35 -8.05
CA LYS B 76 13.84 -1.37 -8.49
C LYS B 76 14.67 -2.38 -7.69
N GLU B 77 14.08 -2.88 -6.61
CA GLU B 77 14.76 -3.87 -5.75
C GLU B 77 14.88 -5.21 -6.48
N ASN B 78 16.11 -5.60 -6.79
CA ASN B 78 16.35 -6.86 -7.49
C ASN B 78 17.11 -7.84 -6.60
N LEU A 8 14.41 -14.46 17.19
CA LEU A 8 15.32 -14.38 16.03
C LEU A 8 15.87 -15.79 15.69
N ARG A 9 15.01 -16.54 15.01
CA ARG A 9 15.34 -17.90 14.59
C ARG A 9 15.01 -18.13 13.12
N GLU A 10 13.72 -18.06 12.79
CA GLU A 10 13.20 -18.38 11.46
C GLU A 10 11.90 -17.60 11.21
N LEU A 11 12.00 -16.74 10.22
CA LEU A 11 10.87 -15.89 9.78
C LEU A 11 10.64 -16.05 8.28
N ARG A 12 9.37 -16.09 7.94
CA ARG A 12 8.93 -16.33 6.54
C ARG A 12 8.43 -15.01 5.97
N CYS A 13 8.64 -14.81 4.67
CA CYS A 13 8.07 -13.66 3.96
C CYS A 13 6.54 -13.62 4.16
N VAL A 14 5.98 -12.41 4.13
CA VAL A 14 4.51 -12.23 4.25
C VAL A 14 3.75 -12.97 3.13
N CYS A 15 4.41 -13.05 1.97
CA CYS A 15 3.90 -13.72 0.77
C CYS A 15 4.81 -14.88 0.36
N LEU A 16 4.34 -16.08 0.64
CA LEU A 16 5.04 -17.31 0.21
C LEU A 16 4.74 -17.72 -1.24
N GLN A 17 3.53 -17.45 -1.67
CA GLN A 17 3.02 -17.76 -3.01
C GLN A 17 2.79 -16.47 -3.81
N THR A 18 2.30 -16.68 -5.02
CA THR A 18 1.98 -15.58 -5.95
C THR A 18 0.55 -15.73 -6.51
N THR A 19 0.23 -14.90 -7.50
CA THR A 19 -1.06 -14.84 -8.19
C THR A 19 -0.90 -14.18 -9.56
N GLN A 20 -1.79 -14.59 -10.46
CA GLN A 20 -1.92 -14.08 -11.83
C GLN A 20 -3.35 -13.64 -12.15
N GLY A 21 -3.71 -12.51 -11.55
CA GLY A 21 -4.99 -11.89 -11.85
C GLY A 21 -4.90 -11.01 -13.12
N VAL A 22 -5.93 -10.31 -13.57
CA VAL A 22 -7.30 -9.97 -13.08
C VAL A 22 -7.52 -8.47 -13.41
N HIS A 23 -8.61 -7.90 -12.93
CA HIS A 23 -8.87 -6.47 -13.08
C HIS A 23 -8.94 -5.79 -11.70
N PRO A 24 -8.43 -4.55 -11.61
CA PRO A 24 -8.51 -3.69 -10.41
C PRO A 24 -9.93 -3.56 -9.87
N LYS A 25 -10.93 -3.81 -10.70
CA LYS A 25 -12.36 -3.75 -10.36
C LYS A 25 -12.69 -4.57 -9.10
N MET A 26 -11.92 -5.62 -8.88
CA MET A 26 -12.03 -6.47 -7.68
C MET A 26 -11.19 -5.98 -6.49
N ILE A 27 -10.21 -5.12 -6.76
CA ILE A 27 -9.34 -4.58 -5.72
C ILE A 27 -9.90 -3.27 -5.14
N SER A 28 -9.85 -3.14 -3.81
CA SER A 28 -10.35 -1.94 -3.14
C SER A 28 -9.43 -1.54 -1.99
N ASN A 29 -8.26 -2.17 -1.92
CA ASN A 29 -7.28 -1.89 -0.87
C ASN A 29 -5.90 -2.40 -1.30
N LEU A 30 -4.91 -1.52 -1.22
CA LEU A 30 -3.55 -1.89 -1.60
C LEU A 30 -2.61 -1.80 -0.40
N GLN A 31 -1.61 -2.67 -0.36
CA GLN A 31 -0.63 -2.69 0.73
C GLN A 31 0.77 -3.00 0.19
N VAL A 32 1.67 -2.04 0.30
CA VAL A 32 3.04 -2.21 -0.18
C VAL A 32 4.00 -2.50 0.96
N PHE A 33 4.70 -3.62 0.86
CA PHE A 33 5.67 -4.01 1.88
C PHE A 33 7.08 -3.96 1.32
N ALA A 34 7.97 -3.23 1.99
CA ALA A 34 9.35 -3.10 1.53
C ALA A 34 10.26 -4.10 2.26
N ILE A 35 11.55 -3.76 2.35
CA ILE A 35 12.53 -4.60 3.01
C ILE A 35 12.27 -4.70 4.51
N GLY A 36 12.12 -5.92 5.01
CA GLY A 36 11.86 -6.12 6.42
C GLY A 36 12.79 -7.16 7.04
N PRO A 37 12.59 -7.50 8.34
CA PRO A 37 13.40 -8.49 9.04
C PRO A 37 13.01 -9.93 8.71
N GLN A 38 11.91 -10.08 7.98
CA GLN A 38 11.42 -11.42 7.61
C GLN A 38 11.56 -11.70 6.10
N CYS A 39 11.66 -10.64 5.31
CA CYS A 39 11.74 -10.77 3.86
C CYS A 39 12.70 -9.73 3.28
N SER A 40 13.53 -10.15 2.32
CA SER A 40 14.50 -9.26 1.68
C SER A 40 13.85 -8.51 0.52
N LYS A 41 13.20 -9.25 -0.37
CA LYS A 41 12.54 -8.66 -1.53
C LYS A 41 11.19 -8.09 -1.13
N VAL A 42 10.77 -7.01 -1.82
CA VAL A 42 9.50 -6.39 -1.53
C VAL A 42 8.35 -7.22 -2.11
N GLU A 43 7.20 -7.16 -1.43
CA GLU A 43 6.02 -7.91 -1.86
C GLU A 43 4.78 -7.03 -1.77
N VAL A 44 3.99 -6.99 -2.84
CA VAL A 44 2.79 -6.18 -2.86
C VAL A 44 1.53 -6.99 -2.62
N VAL A 45 0.97 -6.83 -1.43
CA VAL A 45 -0.28 -7.51 -1.02
C VAL A 45 -1.50 -6.62 -1.29
N ALA A 46 -2.62 -7.27 -1.56
CA ALA A 46 -3.89 -6.57 -1.84
C ALA A 46 -5.07 -7.29 -1.18
N SER A 47 -6.11 -6.52 -0.89
CA SER A 47 -7.36 -7.05 -0.33
C SER A 47 -8.55 -6.67 -1.20
N LEU A 48 -9.39 -7.66 -1.48
CA LEU A 48 -10.58 -7.47 -2.30
C LEU A 48 -11.71 -6.87 -1.48
N LYS A 49 -12.80 -6.50 -2.15
CA LYS A 49 -13.96 -5.92 -1.49
C LYS A 49 -14.83 -7.01 -0.86
N ASN A 50 -14.56 -8.25 -1.23
CA ASN A 50 -15.32 -9.39 -0.71
C ASN A 50 -14.75 -9.85 0.64
N GLY A 51 -13.59 -9.33 1.00
CA GLY A 51 -12.96 -9.70 2.26
C GLY A 51 -11.91 -10.79 2.09
N LYS A 52 -11.07 -10.63 1.07
CA LYS A 52 -10.02 -11.60 0.78
C LYS A 52 -8.67 -10.90 0.61
N GLU A 53 -7.59 -11.67 0.76
CA GLU A 53 -6.23 -11.13 0.61
C GLU A 53 -5.37 -12.12 -0.18
N ILE A 54 -4.72 -11.59 -1.19
CA ILE A 54 -3.81 -12.40 -2.03
C ILE A 54 -2.44 -11.72 -2.12
N CYS A 55 -1.55 -12.38 -2.85
CA CYS A 55 -0.19 -11.86 -3.10
C CYS A 55 0.07 -11.86 -4.59
N LEU A 56 0.69 -10.79 -5.04
CA LEU A 56 0.99 -10.61 -6.45
C LEU A 56 2.52 -10.63 -6.63
N ASP A 57 2.99 -11.01 -7.80
CA ASP A 57 4.43 -11.02 -8.08
C ASP A 57 4.81 -9.79 -8.90
N PRO A 58 5.56 -8.85 -8.30
CA PRO A 58 5.99 -7.61 -8.97
C PRO A 58 6.95 -7.88 -10.13
N GLU A 59 7.41 -9.12 -10.23
CA GLU A 59 8.33 -9.53 -11.28
C GLU A 59 7.61 -9.66 -12.62
N ALA A 60 6.27 -9.68 -12.59
CA ALA A 60 5.51 -9.82 -13.84
C ALA A 60 5.02 -8.44 -14.33
N PRO A 61 5.18 -8.18 -15.64
CA PRO A 61 4.79 -6.90 -16.27
C PRO A 61 3.28 -6.64 -16.23
N PHE A 62 2.49 -7.69 -16.50
CA PHE A 62 1.01 -7.62 -16.44
C PHE A 62 0.51 -7.26 -15.05
N LEU A 63 1.30 -7.62 -14.05
CA LEU A 63 0.96 -7.32 -12.67
C LEU A 63 1.25 -5.85 -12.35
N LYS A 64 2.27 -5.30 -13.03
CA LYS A 64 2.66 -3.90 -12.85
C LYS A 64 1.59 -2.96 -13.42
N LYS A 65 0.79 -3.48 -14.32
CA LYS A 65 -0.30 -2.74 -14.98
C LYS A 65 -1.52 -2.54 -14.07
N VAL A 66 -2.07 -3.67 -13.59
CA VAL A 66 -3.21 -3.65 -12.68
C VAL A 66 -2.89 -2.89 -11.39
N ILE A 67 -1.61 -2.90 -10.97
CA ILE A 67 -1.21 -2.17 -9.77
C ILE A 67 -0.92 -0.70 -10.10
N GLN A 68 -0.54 -0.45 -11.35
CA GLN A 68 -0.29 0.93 -11.80
C GLN A 68 -1.61 1.71 -11.89
N LYS A 69 -2.64 1.07 -12.43
CA LYS A 69 -3.96 1.69 -12.60
C LYS A 69 -4.59 2.10 -11.27
N ILE A 70 -4.33 1.34 -10.19
CA ILE A 70 -4.90 1.66 -8.89
C ILE A 70 -4.09 2.73 -8.15
N LEU A 71 -2.94 3.10 -8.72
CA LEU A 71 -2.08 4.13 -8.13
C LEU A 71 -2.37 5.48 -8.75
N ASP A 72 -2.61 5.48 -10.06
CA ASP A 72 -2.91 6.71 -10.79
C ASP A 72 -4.38 7.07 -10.64
N GLY A 73 -5.24 6.05 -10.71
CA GLY A 73 -6.67 6.25 -10.58
C GLY A 73 -7.07 6.70 -9.18
N GLY A 74 -6.23 6.37 -8.19
CA GLY A 74 -6.52 6.75 -6.82
C GLY A 74 -6.29 8.23 -6.58
N ASN A 75 -5.42 8.83 -7.38
CA ASN A 75 -5.11 10.25 -7.28
C ASN A 75 -6.12 11.07 -8.08
N LYS A 76 -6.67 10.46 -9.13
CA LYS A 76 -7.64 11.12 -9.98
C LYS A 76 -9.04 11.05 -9.36
N GLU A 77 -9.22 10.13 -8.41
CA GLU A 77 -10.51 9.95 -7.74
C GLU A 77 -10.80 11.15 -6.83
N ASN A 78 -11.93 11.81 -7.07
CA ASN A 78 -12.32 12.98 -6.28
C ASN A 78 -13.54 12.67 -5.42
N LEU B 8 -24.27 -0.97 11.84
CA LEU B 8 -24.45 0.11 10.85
C LEU B 8 -25.09 1.34 11.51
N ARG B 9 -24.23 2.07 12.20
CA ARG B 9 -24.66 3.29 12.91
C ARG B 9 -23.72 4.47 12.62
N GLU B 10 -22.46 4.32 13.06
CA GLU B 10 -21.45 5.38 12.99
C GLU B 10 -20.05 4.78 12.91
N LEU B 11 -19.42 5.03 11.78
CA LEU B 11 -18.06 4.56 11.49
C LEU B 11 -17.17 5.74 11.08
N ARG B 12 -15.95 5.68 11.58
CA ARG B 12 -14.96 6.76 11.38
C ARG B 12 -13.92 6.28 10.38
N CYS B 13 -13.41 7.21 9.58
CA CYS B 13 -12.29 6.92 8.65
C CYS B 13 -11.11 6.34 9.45
N VAL B 14 -10.32 5.50 8.79
CA VAL B 14 -9.11 4.90 9.42
C VAL B 14 -8.11 5.99 9.86
N CYS B 15 -8.11 7.09 9.13
CA CYS B 15 -7.27 8.28 9.37
C CYS B 15 -8.12 9.51 9.63
N LEU B 16 -8.18 9.89 10.90
CA LEU B 16 -8.86 11.12 11.32
C LEU B 16 -8.01 12.39 11.16
N GLN B 17 -6.72 12.23 11.35
CA GLN B 17 -5.72 13.31 11.27
C GLN B 17 -4.80 13.08 10.05
N THR B 18 -3.86 14.00 9.92
CA THR B 18 -2.85 13.97 8.85
C THR B 18 -1.42 14.10 9.42
N THR B 19 -0.46 14.26 8.51
CA THR B 19 0.98 14.42 8.81
C THR B 19 1.69 15.12 7.63
N GLN B 20 2.76 15.80 7.99
CA GLN B 20 3.67 16.51 7.09
C GLN B 20 5.13 16.11 7.31
N GLY B 21 5.42 14.89 6.87
CA GLY B 21 6.80 14.41 6.90
C GLY B 21 7.56 14.88 5.64
N VAL B 22 8.82 14.53 5.40
CA VAL B 22 9.81 13.59 6.02
C VAL B 22 10.54 12.90 4.84
N HIS B 23 11.35 11.89 5.14
CA HIS B 23 12.02 11.10 4.12
C HIS B 23 11.56 9.62 4.22
N PRO B 24 11.41 8.96 3.06
CA PRO B 24 11.11 7.51 2.96
C PRO B 24 12.06 6.64 3.78
N LYS B 25 13.24 7.17 4.10
CA LYS B 25 14.27 6.49 4.89
C LYS B 25 13.73 5.93 6.21
N MET B 26 12.70 6.59 6.74
CA MET B 26 11.98 6.15 7.95
C MET B 26 10.83 5.18 7.67
N ILE B 27 10.36 5.15 6.43
CA ILE B 27 9.24 4.30 6.03
C ILE B 27 9.74 2.95 5.49
N SER B 28 8.95 1.88 5.74
CA SER B 28 9.30 0.55 5.27
C SER B 28 8.06 -0.23 4.87
N ASN B 29 6.90 0.44 4.87
CA ASN B 29 5.63 -0.19 4.52
C ASN B 29 4.55 0.88 4.27
N LEU B 30 3.81 0.71 3.18
CA LEU B 30 2.74 1.63 2.83
C LEU B 30 1.40 0.89 2.72
N GLN B 31 0.30 1.58 3.04
CA GLN B 31 -1.02 0.99 2.97
C GLN B 31 -2.03 1.99 2.37
N VAL B 32 -2.72 1.57 1.33
CA VAL B 32 -3.70 2.42 0.66
C VAL B 32 -5.12 1.90 0.91
N PHE B 33 -6.06 2.82 1.05
CA PHE B 33 -7.46 2.48 1.30
C PHE B 33 -8.38 3.24 0.35
N ALA B 34 -9.36 2.54 -0.22
CA ALA B 34 -10.30 3.18 -1.14
C ALA B 34 -11.61 3.52 -0.43
N ILE B 35 -12.68 3.68 -1.20
CA ILE B 35 -14.00 4.01 -0.65
C ILE B 35 -14.62 2.79 0.05
N GLY B 36 -15.00 2.98 1.30
CA GLY B 36 -15.61 1.92 2.08
C GLY B 36 -16.82 2.38 2.87
N PRO B 37 -17.32 1.55 3.81
CA PRO B 37 -18.47 1.88 4.65
C PRO B 37 -18.12 2.82 5.80
N GLN B 38 -16.82 3.06 5.99
CA GLN B 38 -16.35 3.94 7.07
C GLN B 38 -15.74 5.25 6.56
N CYS B 39 -15.31 5.25 5.30
CA CYS B 39 -14.67 6.42 4.71
C CYS B 39 -15.03 6.57 3.24
N SER B 40 -15.00 7.80 2.75
CA SER B 40 -15.31 8.08 1.35
C SER B 40 -14.19 8.90 0.72
N LYS B 41 -12.98 8.75 1.25
CA LYS B 41 -11.82 9.48 0.76
C LYS B 41 -10.58 8.59 0.77
N VAL B 42 -9.71 8.78 -0.22
CA VAL B 42 -8.47 8.02 -0.32
C VAL B 42 -7.42 8.58 0.64
N GLU B 43 -6.89 7.71 1.50
CA GLU B 43 -5.90 8.12 2.49
C GLU B 43 -4.74 7.13 2.49
N VAL B 44 -3.51 7.66 2.42
CA VAL B 44 -2.32 6.81 2.39
C VAL B 44 -1.63 6.74 3.75
N VAL B 45 -1.78 5.59 4.39
CA VAL B 45 -1.17 5.32 5.71
C VAL B 45 0.19 4.60 5.53
N ALA B 46 1.08 4.85 6.48
CA ALA B 46 2.42 4.25 6.47
C ALA B 46 2.85 3.83 7.88
N SER B 47 3.73 2.83 7.93
CA SER B 47 4.30 2.35 9.20
C SER B 47 5.83 2.41 9.16
N LEU B 48 6.40 2.94 10.23
CA LEU B 48 7.86 3.08 10.34
C LEU B 48 8.51 1.76 10.77
N LYS B 49 9.84 1.74 10.75
CA LYS B 49 10.58 0.54 11.13
C LYS B 49 10.68 0.41 12.65
N ASN B 50 10.37 1.50 13.36
CA ASN B 50 10.43 1.51 14.83
C ASN B 50 9.14 0.94 15.42
N GLY B 51 8.16 0.68 14.58
CA GLY B 51 6.90 0.14 15.04
C GLY B 51 5.85 1.21 15.26
N LYS B 52 5.84 2.20 14.38
CA LYS B 52 4.89 3.31 14.46
C LYS B 52 3.98 3.34 13.25
N GLU B 53 2.86 4.03 13.37
CA GLU B 53 1.90 4.16 12.27
C GLU B 53 1.29 5.55 12.23
N ILE B 54 1.41 6.20 11.08
CA ILE B 54 0.86 7.57 10.90
C ILE B 54 -0.07 7.60 9.68
N CYS B 55 -0.62 8.77 9.43
CA CYS B 55 -1.49 9.01 8.28
C CYS B 55 -0.98 10.23 7.51
N LEU B 56 -1.00 10.09 6.21
CA LEU B 56 -0.53 11.14 5.32
C LEU B 56 -1.70 11.68 4.51
N ASP B 57 -1.64 12.94 4.09
CA ASP B 57 -2.72 13.50 3.28
C ASP B 57 -2.26 13.69 1.84
N PRO B 58 -2.90 12.96 0.87
CA PRO B 58 -2.56 13.06 -0.56
C PRO B 58 -2.65 14.49 -1.10
N GLU B 59 -3.34 15.33 -0.34
CA GLU B 59 -3.53 16.75 -0.65
C GLU B 59 -2.21 17.56 -0.66
N ALA B 60 -1.16 17.00 -0.06
CA ALA B 60 0.14 17.67 0.01
C ALA B 60 1.10 17.13 -1.06
N PRO B 61 1.81 18.04 -1.75
CA PRO B 61 2.75 17.69 -2.83
C PRO B 61 3.96 16.88 -2.34
N PHE B 62 4.52 17.29 -1.17
CA PHE B 62 5.65 16.58 -0.55
C PHE B 62 5.28 15.14 -0.18
N LEU B 63 4.00 14.91 0.03
CA LEU B 63 3.49 13.61 0.35
C LEU B 63 3.57 12.71 -0.88
N LYS B 64 3.17 13.26 -2.03
CA LYS B 64 3.19 12.53 -3.31
C LYS B 64 4.61 12.05 -3.65
N LYS B 65 5.60 12.78 -3.17
CA LYS B 65 7.02 12.46 -3.39
C LYS B 65 7.52 11.30 -2.51
N VAL B 66 7.35 11.45 -1.20
CA VAL B 66 7.75 10.42 -0.26
C VAL B 66 6.96 9.12 -0.49
N ILE B 67 5.72 9.24 -0.99
CA ILE B 67 4.91 8.05 -1.26
C ILE B 67 5.23 7.49 -2.65
N GLN B 68 5.80 8.34 -3.51
CA GLN B 68 6.22 7.90 -4.84
C GLN B 68 7.52 7.08 -4.74
N LYS B 69 8.47 7.55 -3.94
CA LYS B 69 9.76 6.87 -3.78
C LYS B 69 9.62 5.47 -3.16
N ILE B 70 8.55 5.24 -2.40
CA ILE B 70 8.34 3.93 -1.77
C ILE B 70 7.44 3.03 -2.61
N LEU B 71 7.14 3.46 -3.83
CA LEU B 71 6.30 2.68 -4.74
C LEU B 71 7.14 2.09 -5.87
N ASP B 72 7.90 2.96 -6.54
CA ASP B 72 8.74 2.53 -7.65
C ASP B 72 10.10 2.05 -7.14
N GLY B 73 10.49 2.53 -5.96
CA GLY B 73 11.76 2.15 -5.37
C GLY B 73 11.80 0.68 -4.97
N GLY B 74 10.64 0.13 -4.62
CA GLY B 74 10.56 -1.26 -4.23
C GLY B 74 10.50 -2.19 -5.43
N ASN B 75 9.96 -1.69 -6.55
CA ASN B 75 9.85 -2.48 -7.77
C ASN B 75 11.22 -2.86 -8.32
N LYS B 76 12.25 -2.14 -7.89
CA LYS B 76 13.62 -2.40 -8.32
C LYS B 76 14.20 -3.59 -7.56
N GLU B 77 13.78 -3.77 -6.31
CA GLU B 77 14.26 -4.88 -5.49
C GLU B 77 13.75 -6.22 -6.00
N ASN B 78 14.69 -7.08 -6.38
CA ASN B 78 14.36 -8.41 -6.90
C ASN B 78 15.13 -9.49 -6.16
N LEU A 8 14.64 -15.68 17.00
CA LEU A 8 15.55 -15.60 15.83
C LEU A 8 16.06 -17.01 15.46
N ARG A 9 15.18 -17.72 14.77
CA ARG A 9 15.49 -19.10 14.33
C ARG A 9 15.15 -19.29 12.85
N GLU A 10 13.85 -19.20 12.54
CA GLU A 10 13.30 -19.48 11.21
C GLU A 10 12.02 -18.67 10.98
N LEU A 11 12.13 -17.78 10.02
CA LEU A 11 11.00 -16.91 9.60
C LEU A 11 10.76 -17.05 8.10
N ARG A 12 9.48 -17.06 7.77
CA ARG A 12 9.02 -17.26 6.37
C ARG A 12 8.53 -15.92 5.84
N CYS A 13 8.73 -15.71 4.54
CA CYS A 13 8.18 -14.53 3.85
C CYS A 13 6.65 -14.46 4.07
N VAL A 14 6.12 -13.25 4.06
CA VAL A 14 4.65 -13.05 4.21
C VAL A 14 3.86 -13.75 3.08
N CYS A 15 4.50 -13.83 1.92
CA CYS A 15 3.97 -14.46 0.71
C CYS A 15 4.86 -15.63 0.27
N LEU A 16 4.38 -16.83 0.53
CA LEU A 16 5.05 -18.06 0.07
C LEU A 16 4.73 -18.44 -1.37
N GLN A 17 3.52 -18.14 -1.79
CA GLN A 17 3.00 -18.42 -3.13
C GLN A 17 2.78 -17.12 -3.91
N THR A 18 2.28 -17.29 -5.12
CA THR A 18 1.96 -16.17 -6.03
C THR A 18 0.53 -16.29 -6.57
N THR A 19 0.21 -15.43 -7.53
CA THR A 19 -1.10 -15.35 -8.21
C THR A 19 -0.94 -14.67 -9.58
N GLN A 20 -1.85 -15.03 -10.48
CA GLN A 20 -1.98 -14.50 -11.84
C GLN A 20 -3.40 -14.03 -12.14
N GLY A 21 -3.73 -12.90 -11.50
CA GLY A 21 -5.01 -12.27 -11.79
C GLY A 21 -4.92 -11.37 -13.04
N VAL A 22 -5.93 -10.63 -13.46
CA VAL A 22 -7.29 -10.28 -12.96
C VAL A 22 -7.49 -8.77 -13.26
N HIS A 23 -8.58 -8.19 -12.75
CA HIS A 23 -8.81 -6.75 -12.87
C HIS A 23 -8.85 -6.10 -11.48
N PRO A 24 -8.32 -4.87 -11.37
CA PRO A 24 -8.37 -4.03 -10.16
C PRO A 24 -9.79 -3.89 -9.59
N LYS A 25 -10.80 -4.11 -10.43
CA LYS A 25 -12.22 -4.03 -10.07
C LYS A 25 -12.56 -4.87 -8.82
N MET A 26 -11.79 -5.93 -8.62
CA MET A 26 -11.91 -6.81 -7.44
C MET A 26 -11.05 -6.35 -6.25
N ILE A 27 -10.05 -5.51 -6.53
CA ILE A 27 -9.14 -5.01 -5.49
C ILE A 27 -9.66 -3.70 -4.88
N SER A 28 -9.45 -3.54 -3.57
CA SER A 28 -9.89 -2.34 -2.87
C SER A 28 -8.84 -1.86 -1.86
N ASN A 29 -7.97 -2.77 -1.43
CA ASN A 29 -6.93 -2.44 -0.46
C ASN A 29 -5.56 -2.93 -0.94
N LEU A 30 -4.53 -2.14 -0.68
CA LEU A 30 -3.16 -2.48 -1.07
C LEU A 30 -2.21 -2.36 0.11
N GLN A 31 -1.29 -3.30 0.22
CA GLN A 31 -0.30 -3.31 1.30
C GLN A 31 1.10 -3.57 0.74
N VAL A 32 1.93 -2.53 0.73
CA VAL A 32 3.28 -2.65 0.21
C VAL A 32 4.30 -2.90 1.33
N PHE A 33 4.73 -4.15 1.45
CA PHE A 33 5.69 -4.53 2.47
C PHE A 33 7.10 -4.59 1.89
N ALA A 34 8.03 -3.84 2.51
CA ALA A 34 9.41 -3.81 2.04
C ALA A 34 10.25 -4.93 2.66
N ILE A 35 11.56 -4.74 2.67
CA ILE A 35 12.49 -5.72 3.23
C ILE A 35 12.40 -5.77 4.76
N GLY A 36 12.15 -6.95 5.29
CA GLY A 36 12.05 -7.13 6.73
C GLY A 36 12.96 -8.23 7.23
N PRO A 37 12.79 -8.67 8.50
CA PRO A 37 13.60 -9.71 9.11
C PRO A 37 13.18 -11.13 8.67
N GLN A 38 12.09 -11.21 7.91
CA GLN A 38 11.59 -12.51 7.44
C GLN A 38 11.69 -12.68 5.92
N CYS A 39 11.78 -11.55 5.21
CA CYS A 39 11.86 -11.57 3.75
C CYS A 39 12.69 -10.40 3.24
N SER A 40 13.65 -10.70 2.37
CA SER A 40 14.51 -9.65 1.81
C SER A 40 14.05 -9.26 0.42
N LYS A 41 12.77 -9.44 0.14
CA LYS A 41 12.19 -9.11 -1.16
C LYS A 41 10.94 -8.24 -1.01
N VAL A 42 10.63 -7.49 -2.06
CA VAL A 42 9.44 -6.62 -2.06
C VAL A 42 8.26 -7.35 -2.70
N GLU A 43 7.14 -7.42 -1.97
CA GLU A 43 5.96 -8.12 -2.47
C GLU A 43 4.72 -7.28 -2.20
N VAL A 44 3.89 -7.09 -3.24
CA VAL A 44 2.69 -6.29 -3.12
C VAL A 44 1.43 -7.15 -2.95
N VAL A 45 0.92 -7.15 -1.73
CA VAL A 45 -0.31 -7.90 -1.39
C VAL A 45 -1.55 -6.99 -1.49
N ALA A 46 -2.68 -7.60 -1.82
CA ALA A 46 -3.96 -6.89 -1.96
C ALA A 46 -5.12 -7.69 -1.37
N SER A 47 -6.15 -6.99 -0.96
CA SER A 47 -7.39 -7.60 -0.42
C SER A 47 -8.60 -7.11 -1.21
N LEU A 48 -9.44 -8.08 -1.57
CA LEU A 48 -10.67 -7.83 -2.32
C LEU A 48 -11.73 -7.20 -1.43
N LYS A 49 -12.84 -6.82 -2.04
CA LYS A 49 -13.95 -6.22 -1.30
C LYS A 49 -14.77 -7.30 -0.60
N ASN A 50 -14.61 -8.54 -1.07
CA ASN A 50 -15.33 -9.68 -0.50
C ASN A 50 -14.74 -10.08 0.85
N GLY A 51 -13.44 -9.85 1.02
CA GLY A 51 -12.78 -10.19 2.27
C GLY A 51 -11.74 -11.29 2.10
N LYS A 52 -10.93 -11.18 1.04
CA LYS A 52 -9.89 -12.17 0.77
C LYS A 52 -8.54 -11.50 0.55
N GLU A 53 -7.48 -12.22 0.86
CA GLU A 53 -6.11 -11.70 0.71
C GLU A 53 -5.27 -12.69 -0.12
N ILE A 54 -4.62 -12.16 -1.12
CA ILE A 54 -3.73 -12.97 -1.99
C ILE A 54 -2.35 -12.30 -2.08
N CYS A 55 -1.48 -12.97 -2.82
CA CYS A 55 -0.12 -12.47 -3.09
C CYS A 55 0.13 -12.45 -4.58
N LEU A 56 0.76 -11.38 -5.01
CA LEU A 56 1.05 -11.18 -6.43
C LEU A 56 2.58 -11.21 -6.61
N ASP A 57 3.06 -11.61 -7.78
CA ASP A 57 4.51 -11.62 -8.02
C ASP A 57 4.93 -10.40 -8.85
N PRO A 58 5.64 -9.42 -8.23
CA PRO A 58 6.10 -8.18 -8.92
C PRO A 58 6.91 -8.49 -10.18
N GLU A 59 7.38 -9.72 -10.27
CA GLU A 59 8.17 -10.22 -11.40
C GLU A 59 7.39 -10.24 -12.74
N ALA A 60 6.07 -10.15 -12.66
CA ALA A 60 5.22 -10.18 -13.86
C ALA A 60 4.78 -8.76 -14.25
N PRO A 61 4.86 -8.43 -15.55
CA PRO A 61 4.51 -7.10 -16.08
C PRO A 61 3.01 -6.76 -15.92
N PHE A 62 2.16 -7.75 -16.19
CA PHE A 62 0.69 -7.60 -16.03
C PHE A 62 0.31 -7.28 -14.58
N LEU A 63 1.16 -7.71 -13.66
CA LEU A 63 0.96 -7.48 -12.25
C LEU A 63 1.24 -6.01 -11.91
N LYS A 64 2.25 -5.44 -12.58
CA LYS A 64 2.63 -4.05 -12.37
C LYS A 64 1.55 -3.09 -12.91
N LYS A 65 0.72 -3.62 -13.79
CA LYS A 65 -0.37 -2.86 -14.43
C LYS A 65 -1.58 -2.67 -13.49
N VAL A 66 -2.11 -3.78 -12.99
CA VAL A 66 -3.22 -3.73 -12.05
C VAL A 66 -2.83 -3.01 -10.75
N ILE A 67 -1.55 -3.05 -10.38
CA ILE A 67 -1.10 -2.37 -9.16
C ILE A 67 -0.83 -0.90 -9.46
N GLN A 68 -0.67 -0.57 -10.73
CA GLN A 68 -0.49 0.85 -11.13
C GLN A 68 -1.83 1.59 -11.08
N LYS A 69 -2.87 0.96 -11.61
CA LYS A 69 -4.22 1.55 -11.66
C LYS A 69 -4.78 1.84 -10.27
N ILE A 70 -4.48 0.97 -9.30
CA ILE A 70 -4.99 1.16 -7.93
C ILE A 70 -4.21 2.23 -7.18
N LEU A 71 -3.03 2.57 -7.69
CA LEU A 71 -2.19 3.60 -7.06
C LEU A 71 -2.47 4.98 -7.66
N ASP A 72 -3.26 5.02 -8.74
CA ASP A 72 -3.59 6.27 -9.40
C ASP A 72 -4.93 6.79 -8.90
N GLY A 73 -5.86 5.88 -8.63
CA GLY A 73 -7.18 6.26 -8.15
C GLY A 73 -7.15 6.77 -6.71
N GLY A 74 -6.16 6.32 -5.96
CA GLY A 74 -6.02 6.74 -4.57
C GLY A 74 -5.12 7.95 -4.40
N ASN A 75 -5.04 8.76 -5.46
CA ASN A 75 -4.20 9.95 -5.45
C ASN A 75 -4.86 11.08 -6.23
N LYS A 76 -5.45 10.73 -7.37
CA LYS A 76 -6.13 11.69 -8.23
C LYS A 76 -7.40 12.23 -7.57
N GLU A 77 -8.12 11.36 -6.86
CA GLU A 77 -9.35 11.76 -6.19
C GLU A 77 -9.02 12.57 -4.94
N ASN A 78 -9.43 13.85 -4.94
CA ASN A 78 -9.18 14.73 -3.81
C ASN A 78 -10.41 14.83 -2.91
N LEU B 8 -24.73 -0.24 11.95
CA LEU B 8 -24.91 0.84 10.93
C LEU B 8 -25.53 2.08 11.60
N ARG B 9 -24.65 2.81 12.27
CA ARG B 9 -25.04 4.04 12.98
C ARG B 9 -24.10 5.19 12.66
N GLU B 10 -22.84 5.04 13.08
CA GLU B 10 -21.81 6.09 12.98
C GLU B 10 -20.43 5.47 12.88
N LEU B 11 -19.82 5.71 11.73
CA LEU B 11 -18.46 5.22 11.43
C LEU B 11 -17.57 6.37 11.00
N ARG B 12 -16.34 6.31 11.48
CA ARG B 12 -15.34 7.38 11.25
C ARG B 12 -14.32 6.87 10.24
N CYS B 13 -13.81 7.80 9.42
CA CYS B 13 -12.71 7.48 8.49
C CYS B 13 -11.53 6.89 9.27
N VAL B 14 -10.75 6.04 8.59
CA VAL B 14 -9.54 5.44 9.20
C VAL B 14 -8.53 6.51 9.63
N CYS B 15 -8.54 7.61 8.88
CA CYS B 15 -7.67 8.79 9.10
C CYS B 15 -8.49 10.04 9.37
N LEU B 16 -8.53 10.42 10.63
CA LEU B 16 -9.20 11.66 11.05
C LEU B 16 -8.33 12.92 10.86
N GLN B 17 -7.03 12.75 11.04
CA GLN B 17 -6.03 13.81 10.94
C GLN B 17 -5.13 13.58 9.71
N THR B 18 -4.18 14.47 9.55
CA THR B 18 -3.19 14.43 8.46
C THR B 18 -1.76 14.55 9.01
N THR B 19 -0.80 14.69 8.08
CA THR B 19 0.63 14.83 8.35
C THR B 19 1.33 15.50 7.16
N GLN B 20 2.43 16.18 7.50
CA GLN B 20 3.32 16.87 6.56
C GLN B 20 4.79 16.46 6.76
N GLY B 21 5.05 15.23 6.33
CA GLY B 21 6.42 14.74 6.34
C GLY B 21 7.17 15.19 5.06
N VAL B 22 8.42 14.82 4.81
CA VAL B 22 9.41 13.88 5.41
C VAL B 22 10.11 13.17 4.24
N HIS B 23 10.93 12.16 4.52
CA HIS B 23 11.55 11.34 3.49
C HIS B 23 11.09 9.88 3.61
N PRO B 24 10.91 9.20 2.47
CA PRO B 24 10.58 7.76 2.38
C PRO B 24 11.54 6.89 3.19
N LYS B 25 12.73 7.40 3.48
CA LYS B 25 13.77 6.71 4.26
C LYS B 25 13.24 6.17 5.60
N MET B 26 12.23 6.85 6.13
CA MET B 26 11.54 6.43 7.37
C MET B 26 10.36 5.46 7.12
N ILE B 27 9.87 5.43 5.89
CA ILE B 27 8.75 4.57 5.53
C ILE B 27 9.22 3.22 4.98
N SER B 28 8.56 2.14 5.42
CA SER B 28 8.90 0.80 4.98
C SER B 28 7.63 -0.01 4.65
N ASN B 29 6.48 0.65 4.73
CA ASN B 29 5.19 0.02 4.44
C ASN B 29 4.18 1.06 3.98
N LEU B 30 3.58 0.82 2.82
CA LEU B 30 2.58 1.74 2.27
C LEU B 30 1.25 1.03 2.04
N GLN B 31 0.25 1.37 2.84
CA GLN B 31 -1.07 0.77 2.72
C GLN B 31 -2.07 1.76 2.11
N VAL B 32 -2.67 1.36 0.99
CA VAL B 32 -3.63 2.21 0.30
C VAL B 32 -5.04 1.64 0.40
N PHE B 33 -5.91 2.38 1.09
CA PHE B 33 -7.30 1.97 1.27
C PHE B 33 -8.22 2.82 0.39
N ALA B 34 -9.10 2.16 -0.36
CA ALA B 34 -10.03 2.86 -1.23
C ALA B 34 -11.27 3.32 -0.47
N ILE B 35 -12.33 3.66 -1.20
CA ILE B 35 -13.58 4.11 -0.60
C ILE B 35 -14.31 2.94 0.07
N GLY B 36 -14.58 3.10 1.36
CA GLY B 36 -15.27 2.07 2.11
C GLY B 36 -16.61 2.52 2.65
N PRO B 37 -17.22 1.73 3.55
CA PRO B 37 -18.53 2.05 4.15
C PRO B 37 -18.43 3.11 5.25
N GLN B 38 -17.21 3.46 5.62
CA GLN B 38 -16.99 4.45 6.69
C GLN B 38 -16.38 5.77 6.17
N CYS B 39 -15.75 5.70 5.00
CA CYS B 39 -15.08 6.86 4.43
C CYS B 39 -15.31 6.92 2.91
N SER B 40 -15.76 8.07 2.43
CA SER B 40 -16.02 8.25 1.00
C SER B 40 -14.83 8.95 0.33
N LYS B 41 -13.68 8.92 0.99
CA LYS B 41 -12.47 9.54 0.47
C LYS B 41 -11.28 8.59 0.57
N VAL B 42 -10.38 8.66 -0.41
CA VAL B 42 -9.19 7.83 -0.41
C VAL B 42 -8.12 8.40 0.51
N GLU B 43 -7.64 7.56 1.43
CA GLU B 43 -6.63 7.99 2.39
C GLU B 43 -5.42 7.06 2.33
N VAL B 44 -4.22 7.65 2.37
CA VAL B 44 -2.99 6.86 2.31
C VAL B 44 -2.29 6.82 3.66
N VAL B 45 -2.18 5.61 4.19
CA VAL B 45 -1.52 5.35 5.49
C VAL B 45 -0.11 4.72 5.28
N ALA B 46 0.77 5.01 6.21
CA ALA B 46 2.16 4.48 6.16
C ALA B 46 2.64 4.08 7.55
N SER B 47 3.58 3.14 7.58
CA SER B 47 4.21 2.67 8.82
C SER B 47 5.73 2.82 8.74
N LEU B 48 6.30 3.38 9.80
CA LEU B 48 7.72 3.61 9.89
C LEU B 48 8.45 2.34 10.34
N LYS B 49 9.78 2.37 10.27
CA LYS B 49 10.60 1.23 10.67
C LYS B 49 10.68 1.15 12.20
N ASN B 50 10.32 2.24 12.86
CA ASN B 50 10.35 2.30 14.32
C ASN B 50 9.12 1.63 14.92
N GLY B 51 8.08 1.47 14.10
CA GLY B 51 6.86 0.84 14.56
C GLY B 51 5.75 1.85 14.84
N LYS B 52 5.55 2.76 13.90
CA LYS B 52 4.51 3.79 14.05
C LYS B 52 3.65 3.88 12.79
N GLU B 53 2.45 4.42 12.96
CA GLU B 53 1.51 4.58 11.83
C GLU B 53 0.94 6.01 11.83
N ILE B 54 1.01 6.63 10.68
CA ILE B 54 0.47 7.99 10.50
C ILE B 54 -0.47 8.02 9.29
N CYS B 55 -1.01 9.21 9.05
CA CYS B 55 -1.90 9.45 7.91
C CYS B 55 -1.39 10.65 7.13
N LEU B 56 -1.43 10.50 5.82
CA LEU B 56 -0.96 11.54 4.91
C LEU B 56 -2.15 12.09 4.13
N ASP B 57 -2.07 13.34 3.70
CA ASP B 57 -3.14 13.94 2.90
C ASP B 57 -2.76 13.93 1.42
N PRO B 58 -3.49 13.15 0.59
CA PRO B 58 -3.21 13.05 -0.86
C PRO B 58 -3.49 14.36 -1.61
N GLU B 59 -4.06 15.32 -0.89
CA GLU B 59 -4.38 16.62 -1.47
C GLU B 59 -3.13 17.49 -1.59
N ALA B 60 -2.04 17.10 -0.92
CA ALA B 60 -0.81 17.88 -0.98
C ALA B 60 0.16 17.30 -2.02
N PRO B 61 0.76 18.17 -2.84
CA PRO B 61 1.70 17.76 -3.92
C PRO B 61 2.99 17.14 -3.38
N PHE B 62 3.54 17.72 -2.31
CA PHE B 62 4.75 17.20 -1.65
C PHE B 62 4.54 15.78 -1.11
N LEU B 63 3.29 15.46 -0.82
CA LEU B 63 2.94 14.16 -0.32
C LEU B 63 2.93 13.14 -1.47
N LYS B 64 2.59 13.61 -2.67
CA LYS B 64 2.56 12.77 -3.86
C LYS B 64 3.98 12.45 -4.34
N LYS B 65 4.92 13.28 -3.93
CA LYS B 65 6.34 13.12 -4.29
C LYS B 65 7.04 12.04 -3.46
N VAL B 66 7.00 12.22 -2.14
CA VAL B 66 7.60 11.27 -1.21
C VAL B 66 7.00 9.86 -1.38
N ILE B 67 5.73 9.77 -1.80
CA ILE B 67 5.12 8.45 -2.02
C ILE B 67 5.56 7.90 -3.36
N GLN B 68 5.92 8.78 -4.31
CA GLN B 68 6.42 8.33 -5.61
C GLN B 68 7.80 7.67 -5.46
N LYS B 69 8.64 8.28 -4.63
CA LYS B 69 10.00 7.80 -4.38
C LYS B 69 10.05 6.36 -3.84
N ILE B 70 9.04 5.94 -3.09
CA ILE B 70 9.04 4.57 -2.55
C ILE B 70 8.65 3.54 -3.61
N LEU B 71 8.13 4.02 -4.73
CA LEU B 71 7.74 3.16 -5.83
C LEU B 71 8.81 3.13 -6.92
N ASP B 72 9.59 4.21 -6.98
CA ASP B 72 10.67 4.32 -7.96
C ASP B 72 11.98 3.79 -7.38
N GLY B 73 12.32 4.26 -6.18
CA GLY B 73 13.54 3.81 -5.54
C GLY B 73 13.41 2.39 -5.00
N GLY B 74 12.18 1.97 -4.72
CA GLY B 74 11.93 0.63 -4.22
C GLY B 74 12.00 -0.41 -5.33
N ASN B 75 11.86 0.06 -6.58
CA ASN B 75 11.91 -0.82 -7.73
C ASN B 75 13.36 -1.07 -8.15
N LYS B 76 14.25 -0.18 -7.71
CA LYS B 76 15.68 -0.29 -8.01
C LYS B 76 16.32 -1.41 -7.18
N GLU B 77 15.73 -1.71 -6.02
CA GLU B 77 16.24 -2.76 -5.15
C GLU B 77 16.07 -4.12 -5.82
N ASN B 78 17.19 -4.80 -6.07
CA ASN B 78 17.17 -6.10 -6.70
C ASN B 78 17.58 -7.20 -5.73
N LEU A 8 14.29 -15.34 17.33
CA LEU A 8 15.23 -15.26 16.19
C LEU A 8 15.75 -16.67 15.83
N ARG A 9 14.90 -17.38 15.12
CA ARG A 9 15.22 -18.75 14.68
C ARG A 9 14.92 -18.95 13.19
N GLU A 10 13.64 -18.85 12.84
CA GLU A 10 13.14 -19.13 11.49
C GLU A 10 11.87 -18.32 11.22
N LEU A 11 12.00 -17.43 10.25
CA LEU A 11 10.90 -16.56 9.81
C LEU A 11 10.70 -16.68 8.30
N ARG A 12 9.44 -16.70 7.93
CA ARG A 12 9.02 -16.89 6.52
C ARG A 12 8.55 -15.56 5.97
N CYS A 13 8.79 -15.34 4.67
CA CYS A 13 8.27 -14.16 3.97
C CYS A 13 6.74 -14.09 4.14
N VAL A 14 6.20 -12.88 4.11
CA VAL A 14 4.73 -12.67 4.22
C VAL A 14 3.98 -13.37 3.06
N CYS A 15 4.67 -13.45 1.92
CA CYS A 15 4.17 -14.09 0.69
C CYS A 15 5.07 -15.25 0.27
N LEU A 16 4.58 -16.45 0.52
CA LEU A 16 5.26 -17.67 0.09
C LEU A 16 4.99 -18.04 -1.38
N GLN A 17 3.80 -17.75 -1.83
CA GLN A 17 3.31 -18.03 -3.18
C GLN A 17 3.12 -16.72 -3.96
N THR A 18 2.67 -16.89 -5.19
CA THR A 18 2.37 -15.77 -6.11
C THR A 18 0.96 -15.89 -6.70
N THR A 19 0.67 -15.02 -7.67
CA THR A 19 -0.61 -14.93 -8.40
C THR A 19 -0.40 -14.25 -9.76
N GLN A 20 -1.27 -14.61 -10.68
CA GLN A 20 -1.36 -14.08 -12.04
C GLN A 20 -2.78 -13.60 -12.39
N GLY A 21 -3.12 -12.49 -11.76
CA GLY A 21 -4.40 -11.84 -12.09
C GLY A 21 -4.25 -10.94 -13.34
N VAL A 22 -5.26 -10.20 -13.79
CA VAL A 22 -6.64 -9.85 -13.33
C VAL A 22 -6.82 -8.35 -13.62
N HIS A 23 -7.92 -7.76 -13.16
CA HIS A 23 -8.15 -6.32 -13.29
C HIS A 23 -8.24 -5.67 -11.89
N PRO A 24 -7.71 -4.44 -11.76
CA PRO A 24 -7.80 -3.60 -10.55
C PRO A 24 -9.23 -3.46 -10.03
N LYS A 25 -10.22 -3.68 -10.91
CA LYS A 25 -11.64 -3.60 -10.59
C LYS A 25 -12.03 -4.44 -9.35
N MET A 26 -11.27 -5.51 -9.14
CA MET A 26 -11.43 -6.38 -7.95
C MET A 26 -10.61 -5.93 -6.74
N ILE A 27 -9.59 -5.10 -6.98
CA ILE A 27 -8.73 -4.60 -5.91
C ILE A 27 -9.25 -3.29 -5.32
N SER A 28 -9.20 -3.17 -4.00
CA SER A 28 -9.66 -1.97 -3.32
C SER A 28 -8.64 -1.50 -2.26
N ASN A 29 -7.68 -2.37 -1.96
CA ASN A 29 -6.64 -2.05 -0.98
C ASN A 29 -5.28 -2.58 -1.42
N LEU A 30 -4.24 -1.75 -1.35
CA LEU A 30 -2.90 -2.15 -1.74
C LEU A 30 -1.90 -1.93 -0.60
N GLN A 31 -1.12 -2.96 -0.31
CA GLN A 31 -0.11 -2.90 0.75
C GLN A 31 1.28 -3.20 0.20
N VAL A 32 2.18 -2.23 0.32
CA VAL A 32 3.54 -2.39 -0.17
C VAL A 32 4.50 -2.68 0.98
N PHE A 33 4.98 -3.92 1.05
CA PHE A 33 5.90 -4.34 2.10
C PHE A 33 7.34 -4.33 1.61
N ALA A 34 8.23 -3.67 2.35
CA ALA A 34 9.64 -3.61 1.99
C ALA A 34 10.43 -4.75 2.64
N ILE A 35 11.75 -4.58 2.73
CA ILE A 35 12.62 -5.58 3.33
C ILE A 35 12.50 -5.58 4.86
N GLY A 36 12.20 -6.74 5.43
CA GLY A 36 12.06 -6.85 6.87
C GLY A 36 12.94 -7.93 7.47
N PRO A 37 12.67 -8.34 8.72
CA PRO A 37 13.44 -9.38 9.42
C PRO A 37 13.04 -10.80 9.00
N GLN A 38 11.98 -10.89 8.20
CA GLN A 38 11.50 -12.20 7.73
C GLN A 38 11.68 -12.41 6.21
N CYS A 39 11.83 -11.31 5.48
CA CYS A 39 11.97 -11.37 4.04
C CYS A 39 12.98 -10.32 3.54
N SER A 40 13.78 -10.71 2.55
CA SER A 40 14.78 -9.81 1.99
C SER A 40 14.37 -9.37 0.59
N LYS A 41 13.06 -9.36 0.34
CA LYS A 41 12.53 -8.98 -0.96
C LYS A 41 11.23 -8.19 -0.81
N VAL A 42 10.97 -7.29 -1.75
CA VAL A 42 9.75 -6.49 -1.73
C VAL A 42 8.58 -7.27 -2.33
N GLU A 43 7.46 -7.31 -1.61
CA GLU A 43 6.28 -8.04 -2.08
C GLU A 43 5.04 -7.16 -1.95
N VAL A 44 4.27 -7.08 -3.04
CA VAL A 44 3.06 -6.25 -3.04
C VAL A 44 1.79 -7.08 -2.85
N VAL A 45 1.23 -6.97 -1.64
CA VAL A 45 -0.01 -7.67 -1.28
C VAL A 45 -1.25 -6.76 -1.53
N ALA A 46 -2.36 -7.39 -1.83
CA ALA A 46 -3.63 -6.68 -2.09
C ALA A 46 -4.82 -7.43 -1.48
N SER A 47 -5.85 -6.67 -1.18
CA SER A 47 -7.12 -7.22 -0.63
C SER A 47 -8.30 -6.81 -1.51
N LEU A 48 -9.13 -7.79 -1.83
CA LEU A 48 -10.32 -7.56 -2.66
C LEU A 48 -11.44 -6.94 -1.85
N LYS A 49 -12.49 -6.50 -2.53
CA LYS A 49 -13.64 -5.89 -1.86
C LYS A 49 -14.51 -6.94 -1.19
N ASN A 50 -14.31 -8.21 -1.58
CA ASN A 50 -15.06 -9.32 -1.02
C ASN A 50 -14.48 -9.73 0.34
N GLY A 51 -13.22 -9.36 0.58
CA GLY A 51 -12.57 -9.70 1.82
C GLY A 51 -11.56 -10.82 1.66
N LYS A 52 -10.73 -10.71 0.63
CA LYS A 52 -9.70 -11.71 0.36
C LYS A 52 -8.33 -11.06 0.20
N GLU A 53 -7.27 -11.82 0.47
CA GLU A 53 -5.91 -11.31 0.35
C GLU A 53 -5.04 -12.29 -0.43
N ILE A 54 -4.35 -11.76 -1.42
CA ILE A 54 -3.44 -12.57 -2.25
C ILE A 54 -2.06 -11.91 -2.30
N CYS A 55 -1.16 -12.57 -3.01
CA CYS A 55 0.20 -12.07 -3.23
C CYS A 55 0.51 -12.05 -4.72
N LEU A 56 1.15 -10.98 -5.12
CA LEU A 56 1.50 -10.78 -6.52
C LEU A 56 3.02 -10.81 -6.66
N ASP A 57 3.50 -11.18 -7.84
CA ASP A 57 4.94 -11.19 -8.09
C ASP A 57 5.36 -9.95 -8.88
N PRO A 58 6.12 -9.02 -8.25
CA PRO A 58 6.58 -7.78 -8.91
C PRO A 58 7.49 -8.08 -10.10
N GLU A 59 7.95 -9.33 -10.13
CA GLU A 59 8.83 -9.85 -11.19
C GLU A 59 8.14 -9.93 -12.58
N ALA A 60 6.81 -9.87 -12.59
CA ALA A 60 6.04 -9.96 -13.83
C ALA A 60 5.60 -8.55 -14.30
N PRO A 61 5.75 -8.28 -15.60
CA PRO A 61 5.40 -6.98 -16.21
C PRO A 61 3.90 -6.68 -16.16
N PHE A 62 3.08 -7.68 -16.44
CA PHE A 62 1.60 -7.57 -16.38
C PHE A 62 1.13 -7.22 -14.96
N LEU A 63 1.91 -7.62 -13.98
CA LEU A 63 1.58 -7.33 -12.59
C LEU A 63 1.82 -5.85 -12.28
N LYS A 64 2.78 -5.25 -12.99
CA LYS A 64 3.11 -3.83 -12.81
C LYS A 64 1.99 -2.94 -13.35
N LYS A 65 1.20 -3.51 -14.26
CA LYS A 65 0.06 -2.81 -14.88
C LYS A 65 -1.15 -2.67 -13.95
N VAL A 66 -1.61 -3.81 -13.44
CA VAL A 66 -2.73 -3.84 -12.52
C VAL A 66 -2.42 -3.06 -11.22
N ILE A 67 -1.13 -2.98 -10.85
CA ILE A 67 -0.74 -2.23 -9.65
C ILE A 67 -0.52 -0.76 -10.01
N GLN A 68 -0.17 -0.50 -11.28
CA GLN A 68 0.01 0.89 -11.75
C GLN A 68 -1.35 1.61 -11.81
N LYS A 69 -2.36 0.94 -12.34
CA LYS A 69 -3.70 1.51 -12.50
C LYS A 69 -4.34 1.93 -11.16
N ILE A 70 -4.02 1.21 -10.08
CA ILE A 70 -4.61 1.54 -8.77
C ILE A 70 -3.86 2.67 -8.07
N LEU A 71 -2.80 3.17 -8.71
CA LEU A 71 -2.01 4.27 -8.15
C LEU A 71 -2.45 5.61 -8.75
N ASP A 72 -2.79 5.58 -10.03
CA ASP A 72 -3.24 6.78 -10.74
C ASP A 72 -4.70 7.06 -10.43
N GLY A 73 -5.51 6.00 -10.42
CA GLY A 73 -6.92 6.15 -10.12
C GLY A 73 -7.18 6.33 -8.63
N GLY A 74 -6.24 5.87 -7.82
CA GLY A 74 -6.36 5.99 -6.38
C GLY A 74 -6.08 7.40 -5.89
N ASN A 75 -5.21 8.11 -6.61
CA ASN A 75 -4.86 9.48 -6.26
C ASN A 75 -5.86 10.47 -6.87
N LYS A 76 -6.56 10.02 -7.90
CA LYS A 76 -7.56 10.84 -8.58
C LYS A 76 -8.88 10.83 -7.82
N GLU A 77 -9.03 9.86 -6.91
CA GLU A 77 -10.24 9.73 -6.10
C GLU A 77 -10.32 10.87 -5.09
N ASN A 78 -11.21 11.83 -5.34
CA ASN A 78 -11.37 12.97 -4.45
C ASN A 78 -12.77 12.99 -3.83
N LEU B 8 -24.66 0.05 12.61
CA LEU B 8 -24.82 1.10 11.58
C LEU B 8 -25.42 2.37 12.23
N ARG B 9 -24.53 3.10 12.88
CA ARG B 9 -24.90 4.35 13.57
C ARG B 9 -23.94 5.48 13.22
N GLU B 10 -22.68 5.32 13.62
CA GLU B 10 -21.64 6.35 13.50
C GLU B 10 -20.25 5.70 13.39
N LEU B 11 -19.65 5.91 12.24
CA LEU B 11 -18.31 5.40 11.93
C LEU B 11 -17.40 6.54 11.47
N ARG B 12 -16.17 6.47 11.94
CA ARG B 12 -15.16 7.51 11.68
C ARG B 12 -14.16 6.97 10.67
N CYS B 13 -13.64 7.87 9.82
CA CYS B 13 -12.57 7.52 8.89
C CYS B 13 -11.38 6.92 9.66
N VAL B 14 -10.62 6.05 9.00
CA VAL B 14 -9.41 5.44 9.61
C VAL B 14 -8.38 6.51 10.02
N CYS B 15 -8.37 7.60 9.23
CA CYS B 15 -7.49 8.76 9.42
C CYS B 15 -8.29 10.03 9.68
N LEU B 16 -8.31 10.44 10.94
CA LEU B 16 -8.96 11.71 11.34
C LEU B 16 -8.08 12.94 11.12
N GLN B 17 -6.78 12.76 11.29
CA GLN B 17 -5.76 13.80 11.15
C GLN B 17 -4.88 13.53 9.92
N THR B 18 -3.91 14.40 9.74
CA THR B 18 -2.94 14.33 8.64
C THR B 18 -1.50 14.44 9.16
N THR B 19 -0.55 14.55 8.23
CA THR B 19 0.89 14.67 8.48
C THR B 19 1.59 15.31 7.27
N GLN B 20 2.69 15.97 7.58
CA GLN B 20 3.59 16.63 6.63
C GLN B 20 5.05 16.21 6.82
N GLY B 21 5.29 14.96 6.41
CA GLY B 21 6.66 14.46 6.41
C GLY B 21 7.40 14.87 5.13
N VAL B 22 8.65 14.48 4.87
CA VAL B 22 9.62 13.53 5.48
C VAL B 22 10.30 12.78 4.31
N HIS B 23 11.11 11.77 4.61
CA HIS B 23 11.72 10.92 3.59
C HIS B 23 11.23 9.47 3.74
N PRO B 24 11.03 8.78 2.61
CA PRO B 24 10.68 7.34 2.55
C PRO B 24 11.63 6.47 3.37
N LYS B 25 12.83 6.97 3.64
CA LYS B 25 13.87 6.28 4.42
C LYS B 25 13.34 5.78 5.77
N MET B 26 12.35 6.48 6.31
CA MET B 26 11.66 6.09 7.56
C MET B 26 10.48 5.14 7.34
N ILE B 27 9.97 5.10 6.11
CA ILE B 27 8.82 4.26 5.77
C ILE B 27 9.28 2.88 5.30
N SER B 28 8.49 1.84 5.66
CA SER B 28 8.82 0.47 5.28
C SER B 28 7.56 -0.31 4.87
N ASN B 29 6.39 0.26 5.12
CA ASN B 29 5.13 -0.39 4.77
C ASN B 29 4.09 0.64 4.32
N LEU B 30 3.33 0.30 3.29
CA LEU B 30 2.30 1.19 2.76
C LEU B 30 0.93 0.52 2.78
N GLN B 31 -0.13 1.32 2.94
CA GLN B 31 -1.50 0.83 2.98
C GLN B 31 -2.44 1.80 2.27
N VAL B 32 -2.94 1.39 1.11
CA VAL B 32 -3.85 2.21 0.31
C VAL B 32 -5.29 1.73 0.48
N PHE B 33 -6.08 2.50 1.22
CA PHE B 33 -7.47 2.16 1.47
C PHE B 33 -8.43 3.00 0.62
N ALA B 34 -9.39 2.34 -0.01
CA ALA B 34 -10.37 3.03 -0.86
C ALA B 34 -11.62 3.43 -0.06
N ILE B 35 -12.77 3.35 -0.73
CA ILE B 35 -14.06 3.71 -0.11
C ILE B 35 -14.57 2.60 0.80
N GLY B 36 -15.17 3.01 1.93
CA GLY B 36 -15.70 2.04 2.88
C GLY B 36 -16.93 2.55 3.60
N PRO B 37 -17.41 1.81 4.62
CA PRO B 37 -18.60 2.20 5.40
C PRO B 37 -18.29 3.26 6.46
N GLN B 38 -17.01 3.54 6.65
CA GLN B 38 -16.56 4.53 7.63
C GLN B 38 -15.98 5.80 6.98
N CYS B 39 -15.56 5.70 5.73
CA CYS B 39 -14.96 6.84 5.04
C CYS B 39 -15.36 6.85 3.56
N SER B 40 -15.22 8.01 2.94
CA SER B 40 -15.58 8.16 1.52
C SER B 40 -14.34 8.47 0.68
N LYS B 41 -13.50 9.38 1.18
CA LYS B 41 -12.29 9.76 0.46
C LYS B 41 -11.15 8.77 0.76
N VAL B 42 -10.25 8.62 -0.19
CA VAL B 42 -9.11 7.71 -0.03
C VAL B 42 -8.05 8.31 0.87
N GLU B 43 -7.51 7.47 1.75
CA GLU B 43 -6.46 7.90 2.68
C GLU B 43 -5.32 6.88 2.68
N VAL B 44 -4.09 7.38 2.54
CA VAL B 44 -2.92 6.50 2.50
C VAL B 44 -2.19 6.46 3.83
N VAL B 45 -2.35 5.35 4.53
CA VAL B 45 -1.68 5.12 5.83
C VAL B 45 -0.35 4.36 5.64
N ALA B 46 0.58 4.62 6.54
CA ALA B 46 1.91 3.99 6.51
C ALA B 46 2.38 3.61 7.92
N SER B 47 3.23 2.61 7.98
CA SER B 47 3.84 2.15 9.24
C SER B 47 5.37 2.17 9.13
N LEU B 48 6.00 2.74 10.16
CA LEU B 48 7.47 2.84 10.21
C LEU B 48 8.07 1.50 10.62
N LYS B 49 9.38 1.36 10.42
CA LYS B 49 10.09 0.14 10.79
C LYS B 49 10.28 0.05 12.31
N ASN B 50 10.15 1.19 12.98
CA ASN B 50 10.30 1.25 14.42
C ASN B 50 9.06 0.70 15.14
N GLY B 51 7.90 0.88 14.51
CA GLY B 51 6.65 0.40 15.09
C GLY B 51 5.64 1.50 15.31
N LYS B 52 5.52 2.39 14.32
CA LYS B 52 4.58 3.50 14.42
C LYS B 52 3.68 3.56 13.18
N GLU B 53 2.60 4.32 13.27
CA GLU B 53 1.65 4.48 12.16
C GLU B 53 1.11 5.92 12.14
N ILE B 54 1.18 6.50 10.97
CA ILE B 54 0.65 7.88 10.76
C ILE B 54 -0.30 7.90 9.56
N CYS B 55 -0.83 9.08 9.30
CA CYS B 55 -1.72 9.32 8.17
C CYS B 55 -1.20 10.50 7.35
N LEU B 56 -1.26 10.32 6.06
CA LEU B 56 -0.78 11.34 5.12
C LEU B 56 -1.97 11.89 4.34
N ASP B 57 -1.87 13.14 3.90
CA ASP B 57 -2.94 13.75 3.11
C ASP B 57 -2.58 13.73 1.63
N PRO B 58 -3.29 12.91 0.81
CA PRO B 58 -3.02 12.80 -0.63
C PRO B 58 -3.35 14.08 -1.40
N GLU B 59 -3.94 15.05 -0.70
CA GLU B 59 -4.31 16.32 -1.31
C GLU B 59 -3.10 17.24 -1.43
N ALA B 60 -1.98 16.87 -0.78
CA ALA B 60 -0.78 17.71 -0.85
C ALA B 60 0.22 17.15 -1.88
N PRO B 61 0.78 18.03 -2.72
CA PRO B 61 1.73 17.65 -3.79
C PRO B 61 3.05 17.08 -3.24
N PHE B 62 3.57 17.70 -2.19
CA PHE B 62 4.80 17.24 -1.51
C PHE B 62 4.64 15.82 -0.95
N LEU B 63 3.41 15.47 -0.63
CA LEU B 63 3.11 14.16 -0.11
C LEU B 63 3.05 13.13 -1.24
N LYS B 64 2.68 13.59 -2.44
CA LYS B 64 2.60 12.74 -3.62
C LYS B 64 4.00 12.36 -4.13
N LYS B 65 4.99 13.16 -3.72
CA LYS B 65 6.40 12.94 -4.08
C LYS B 65 7.05 11.79 -3.30
N VAL B 66 7.01 11.90 -1.98
CA VAL B 66 7.57 10.88 -1.10
C VAL B 66 6.85 9.53 -1.28
N ILE B 67 5.57 9.55 -1.69
CA ILE B 67 4.84 8.31 -1.92
C ILE B 67 5.16 7.76 -3.31
N GLN B 68 5.54 8.64 -4.24
CA GLN B 68 5.94 8.18 -5.58
C GLN B 68 7.27 7.40 -5.52
N LYS B 69 8.22 7.94 -4.74
CA LYS B 69 9.55 7.32 -4.59
C LYS B 69 9.50 5.87 -4.09
N ILE B 70 8.48 5.51 -3.31
CA ILE B 70 8.38 4.15 -2.78
C ILE B 70 7.66 3.20 -3.75
N LEU B 71 7.23 3.73 -4.87
CA LEU B 71 6.54 2.93 -5.88
C LEU B 71 7.50 2.50 -6.99
N ASP B 72 8.18 3.47 -7.59
CA ASP B 72 9.14 3.20 -8.64
C ASP B 72 10.43 2.66 -8.06
N GLY B 73 10.73 3.06 -6.83
CA GLY B 73 11.94 2.60 -6.16
C GLY B 73 11.82 1.15 -5.71
N GLY B 74 10.58 0.70 -5.48
CA GLY B 74 10.34 -0.66 -5.06
C GLY B 74 10.49 -1.66 -6.20
N ASN B 75 10.15 -1.22 -7.40
CA ASN B 75 10.24 -2.06 -8.59
C ASN B 75 11.68 -2.10 -9.10
N LYS B 76 12.42 -1.02 -8.84
CA LYS B 76 13.82 -0.92 -9.27
C LYS B 76 14.72 -1.76 -8.37
N GLU B 77 14.33 -1.89 -7.10
CA GLU B 77 15.10 -2.69 -6.14
C GLU B 77 14.83 -4.18 -6.34
N ASN B 78 15.90 -4.94 -6.50
CA ASN B 78 15.78 -6.38 -6.71
C ASN B 78 16.19 -7.15 -5.47
N LEU A 8 14.82 -15.62 16.90
CA LEU A 8 15.72 -15.53 15.73
C LEU A 8 16.22 -16.94 15.33
N ARG A 9 15.33 -17.64 14.65
CA ARG A 9 15.62 -19.02 14.19
C ARG A 9 15.26 -19.19 12.71
N GLU A 10 13.97 -19.08 12.41
CA GLU A 10 13.39 -19.35 11.08
C GLU A 10 12.12 -18.52 10.88
N LEU A 11 12.23 -17.62 9.92
CA LEU A 11 11.10 -16.75 9.53
C LEU A 11 10.85 -16.85 8.03
N ARG A 12 9.56 -16.84 7.70
CA ARG A 12 9.10 -17.02 6.32
C ARG A 12 8.60 -15.68 5.79
N CYS A 13 8.79 -15.45 4.51
CA CYS A 13 8.24 -14.27 3.84
C CYS A 13 6.72 -14.19 4.07
N VAL A 14 6.20 -12.97 4.08
CA VAL A 14 4.73 -12.76 4.24
C VAL A 14 3.93 -13.44 3.11
N CYS A 15 4.56 -13.51 1.94
CA CYS A 15 4.02 -14.13 0.73
C CYS A 15 4.89 -15.29 0.26
N LEU A 16 4.39 -16.49 0.52
CA LEU A 16 5.05 -17.72 0.04
C LEU A 16 4.72 -18.08 -1.41
N GLN A 17 3.50 -17.76 -1.81
CA GLN A 17 2.96 -18.04 -3.15
C GLN A 17 2.75 -16.72 -3.91
N THR A 18 2.24 -16.87 -5.11
CA THR A 18 1.93 -15.74 -6.01
C THR A 18 0.48 -15.84 -6.54
N THR A 19 0.16 -14.97 -7.49
CA THR A 19 -1.15 -14.86 -8.16
C THR A 19 -1.00 -14.16 -9.52
N GLN A 20 -1.92 -14.51 -10.40
CA GLN A 20 -2.05 -13.96 -11.76
C GLN A 20 -3.47 -13.48 -12.04
N GLY A 21 -3.79 -12.36 -11.40
CA GLY A 21 -5.07 -11.70 -11.66
C GLY A 21 -4.97 -10.79 -12.89
N VAL A 22 -6.00 -10.05 -13.31
CA VAL A 22 -7.35 -9.69 -12.77
C VAL A 22 -7.54 -8.18 -13.05
N HIS A 23 -8.61 -7.59 -12.54
CA HIS A 23 -8.84 -6.16 -12.64
C HIS A 23 -8.87 -5.51 -11.23
N PRO A 24 -8.32 -4.29 -11.12
CA PRO A 24 -8.36 -3.47 -9.89
C PRO A 24 -9.76 -3.33 -9.32
N LYS A 25 -10.78 -3.53 -10.15
CA LYS A 25 -12.21 -3.44 -9.77
C LYS A 25 -12.53 -4.29 -8.53
N MET A 26 -11.77 -5.37 -8.35
CA MET A 26 -11.88 -6.25 -7.18
C MET A 26 -11.02 -5.81 -5.98
N ILE A 27 -10.01 -4.99 -6.28
CA ILE A 27 -9.08 -4.52 -5.26
C ILE A 27 -9.57 -3.22 -4.62
N SER A 28 -9.41 -3.12 -3.29
CA SER A 28 -9.84 -1.93 -2.56
C SER A 28 -8.69 -1.40 -1.69
N ASN A 29 -7.71 -2.25 -1.42
CA ASN A 29 -6.57 -1.87 -0.60
C ASN A 29 -5.27 -2.48 -1.13
N LEU A 30 -4.21 -1.67 -1.17
CA LEU A 30 -2.91 -2.13 -1.65
C LEU A 30 -1.84 -1.92 -0.58
N GLN A 31 -0.95 -2.91 -0.44
CA GLN A 31 0.12 -2.83 0.54
C GLN A 31 1.49 -2.96 -0.13
N VAL A 32 2.43 -2.13 0.30
CA VAL A 32 3.78 -2.13 -0.26
C VAL A 32 4.80 -2.55 0.80
N PHE A 33 5.61 -3.55 0.45
CA PHE A 33 6.64 -4.04 1.37
C PHE A 33 8.03 -3.89 0.74
N ALA A 34 8.87 -3.08 1.37
CA ALA A 34 10.22 -2.86 0.85
C ALA A 34 11.21 -3.89 1.39
N ILE A 35 11.67 -3.67 2.62
CA ILE A 35 12.64 -4.56 3.25
C ILE A 35 12.09 -5.16 4.54
N GLY A 36 12.70 -6.25 5.00
CA GLY A 36 12.26 -6.90 6.22
C GLY A 36 13.29 -7.89 6.75
N PRO A 37 13.21 -8.26 8.04
CA PRO A 37 14.13 -9.20 8.67
C PRO A 37 13.77 -10.67 8.39
N GLN A 38 12.63 -10.88 7.75
CA GLN A 38 12.15 -12.23 7.42
C GLN A 38 12.17 -12.54 5.92
N CYS A 39 12.16 -11.47 5.11
CA CYS A 39 12.13 -11.61 3.66
C CYS A 39 13.16 -10.69 3.00
N SER A 40 13.61 -11.08 1.81
CA SER A 40 14.60 -10.30 1.06
C SER A 40 14.08 -9.99 -0.34
N LYS A 41 12.76 -9.91 -0.48
CA LYS A 41 12.14 -9.63 -1.78
C LYS A 41 10.90 -8.75 -1.62
N VAL A 42 10.73 -7.80 -2.54
CA VAL A 42 9.58 -6.91 -2.52
C VAL A 42 8.34 -7.66 -3.02
N GLU A 43 7.24 -7.56 -2.29
CA GLU A 43 6.02 -8.26 -2.65
C GLU A 43 4.82 -7.35 -2.41
N VAL A 44 3.94 -7.24 -3.42
CA VAL A 44 2.77 -6.38 -3.30
C VAL A 44 1.51 -7.18 -2.99
N VAL A 45 1.05 -7.06 -1.76
CA VAL A 45 -0.17 -7.73 -1.29
C VAL A 45 -1.40 -6.79 -1.42
N ALA A 46 -2.55 -7.39 -1.62
CA ALA A 46 -3.82 -6.65 -1.76
C ALA A 46 -4.96 -7.37 -1.05
N SER A 47 -5.96 -6.58 -0.65
CA SER A 47 -7.17 -7.10 -0.01
C SER A 47 -8.41 -6.66 -0.78
N LEU A 48 -9.30 -7.62 -1.02
CA LEU A 48 -10.54 -7.37 -1.73
C LEU A 48 -11.60 -6.80 -0.81
N LYS A 49 -12.75 -6.41 -1.38
CA LYS A 49 -13.85 -5.84 -0.61
C LYS A 49 -14.63 -6.94 0.11
N ASN A 50 -14.48 -8.18 -0.37
CA ASN A 50 -15.17 -9.32 0.22
C ASN A 50 -14.47 -9.79 1.50
N GLY A 51 -13.25 -9.31 1.71
CA GLY A 51 -12.50 -9.69 2.90
C GLY A 51 -11.49 -10.78 2.61
N LYS A 52 -10.85 -10.70 1.46
CA LYS A 52 -9.84 -11.68 1.06
C LYS A 52 -8.48 -11.02 0.87
N GLU A 53 -7.42 -11.80 1.02
CA GLU A 53 -6.05 -11.29 0.85
C GLU A 53 -5.22 -12.28 0.01
N ILE A 54 -4.58 -11.74 -1.00
CA ILE A 54 -3.71 -12.55 -1.87
C ILE A 54 -2.32 -11.89 -1.97
N CYS A 55 -1.46 -12.55 -2.73
CA CYS A 55 -0.10 -12.05 -3.00
C CYS A 55 0.14 -12.02 -4.50
N LEU A 56 0.77 -10.95 -4.92
CA LEU A 56 1.05 -10.73 -6.34
C LEU A 56 2.57 -10.77 -6.54
N ASP A 57 3.00 -11.14 -7.74
CA ASP A 57 4.41 -11.16 -8.06
C ASP A 57 4.79 -9.90 -8.84
N PRO A 58 5.58 -8.99 -8.23
CA PRO A 58 6.02 -7.73 -8.87
C PRO A 58 6.92 -8.01 -10.07
N GLU A 59 7.39 -9.24 -10.13
CA GLU A 59 8.25 -9.73 -11.22
C GLU A 59 7.54 -9.81 -12.58
N ALA A 60 6.21 -9.76 -12.56
CA ALA A 60 5.41 -9.84 -13.80
C ALA A 60 4.95 -8.44 -14.24
N PRO A 61 5.07 -8.14 -15.54
CA PRO A 61 4.70 -6.84 -16.12
C PRO A 61 3.20 -6.54 -16.04
N PHE A 62 2.38 -7.56 -16.32
CA PHE A 62 0.91 -7.46 -16.23
C PHE A 62 0.45 -7.13 -14.80
N LEU A 63 1.27 -7.51 -13.84
CA LEU A 63 0.98 -7.23 -12.45
C LEU A 63 1.40 -5.81 -12.08
N LYS A 64 2.44 -5.31 -12.76
CA LYS A 64 2.96 -3.96 -12.53
C LYS A 64 1.96 -2.91 -13.05
N LYS A 65 1.11 -3.33 -13.95
CA LYS A 65 0.06 -2.46 -14.54
C LYS A 65 -1.14 -2.27 -13.61
N VAL A 66 -1.78 -3.38 -13.24
CA VAL A 66 -2.93 -3.35 -12.35
C VAL A 66 -2.59 -2.68 -11.00
N ILE A 67 -1.33 -2.79 -10.56
CA ILE A 67 -0.92 -2.15 -9.31
C ILE A 67 -0.71 -0.66 -9.53
N GLN A 68 -0.27 -0.27 -10.73
CA GLN A 68 -0.11 1.16 -11.05
C GLN A 68 -1.49 1.85 -11.06
N LYS A 69 -2.47 1.19 -11.67
CA LYS A 69 -3.84 1.73 -11.76
C LYS A 69 -4.45 2.04 -10.39
N ILE A 70 -4.08 1.27 -9.36
CA ILE A 70 -4.62 1.49 -8.02
C ILE A 70 -3.75 2.44 -7.20
N LEU A 71 -2.86 3.16 -7.87
CA LEU A 71 -1.98 4.12 -7.21
C LEU A 71 -2.18 5.51 -7.78
N ASP A 72 -2.21 5.61 -9.11
CA ASP A 72 -2.40 6.88 -9.78
C ASP A 72 -3.89 7.16 -9.97
N GLY A 73 -4.68 6.10 -10.13
CA GLY A 73 -6.11 6.24 -10.29
C GLY A 73 -6.81 6.60 -8.99
N GLY A 74 -6.16 6.28 -7.87
CA GLY A 74 -6.73 6.60 -6.57
C GLY A 74 -6.71 8.09 -6.27
N ASN A 75 -5.74 8.78 -6.86
CA ASN A 75 -5.59 10.22 -6.67
C ASN A 75 -6.61 10.96 -7.54
N LYS A 76 -6.98 10.35 -8.65
CA LYS A 76 -7.95 10.93 -9.58
C LYS A 76 -9.37 10.75 -9.06
N GLU A 77 -9.61 9.65 -8.35
CA GLU A 77 -10.92 9.36 -7.79
C GLU A 77 -11.22 10.27 -6.61
N ASN A 78 -12.43 10.83 -6.58
CA ASN A 78 -12.83 11.72 -5.50
C ASN A 78 -13.84 11.03 -4.57
N LEU B 8 -24.84 -0.20 12.11
CA LEU B 8 -25.01 0.87 11.11
C LEU B 8 -25.62 2.13 11.78
N ARG B 9 -24.74 2.85 12.46
CA ARG B 9 -25.12 4.08 13.17
C ARG B 9 -24.17 5.23 12.85
N GLU B 10 -22.91 5.07 13.26
CA GLU B 10 -21.88 6.11 13.18
C GLU B 10 -20.49 5.47 13.06
N LEU B 11 -19.88 5.72 11.91
CA LEU B 11 -18.52 5.22 11.61
C LEU B 11 -17.63 6.38 11.17
N ARG B 12 -16.40 6.30 11.66
CA ARG B 12 -15.39 7.36 11.43
C ARG B 12 -14.39 6.86 10.40
N CYS B 13 -13.88 7.77 9.59
CA CYS B 13 -12.77 7.45 8.65
C CYS B 13 -11.60 6.85 9.43
N VAL B 14 -10.83 6.00 8.74
CA VAL B 14 -9.62 5.39 9.35
C VAL B 14 -8.60 6.45 9.78
N CYS B 15 -8.59 7.55 9.03
CA CYS B 15 -7.72 8.71 9.26
C CYS B 15 -8.54 9.98 9.53
N LEU B 16 -8.56 10.35 10.80
CA LEU B 16 -9.22 11.61 11.23
C LEU B 16 -8.34 12.86 11.04
N GLN B 17 -7.05 12.68 11.21
CA GLN B 17 -6.04 13.73 11.11
C GLN B 17 -5.15 13.50 9.87
N THR B 18 -4.19 14.39 9.72
CA THR B 18 -3.21 14.33 8.63
C THR B 18 -1.77 14.45 9.16
N THR B 19 -0.82 14.58 8.25
CA THR B 19 0.62 14.71 8.51
C THR B 19 1.33 15.39 7.32
N GLN B 20 2.42 16.06 7.66
CA GLN B 20 3.32 16.74 6.72
C GLN B 20 4.77 16.33 6.92
N GLY B 21 5.04 15.09 6.47
CA GLY B 21 6.41 14.60 6.47
C GLY B 21 7.16 15.04 5.20
N VAL B 22 8.40 14.66 4.94
CA VAL B 22 9.38 13.71 5.54
C VAL B 22 10.07 13.00 4.35
N HIS B 23 10.88 11.98 4.64
CA HIS B 23 11.50 11.16 3.60
C HIS B 23 11.03 9.71 3.72
N PRO B 24 10.83 9.04 2.57
CA PRO B 24 10.51 7.60 2.47
C PRO B 24 11.45 6.72 3.28
N LYS B 25 12.65 7.22 3.57
CA LYS B 25 13.69 6.52 4.34
C LYS B 25 13.16 5.97 5.69
N MET B 26 12.18 6.66 6.27
CA MET B 26 11.61 6.24 7.54
C MET B 26 10.44 5.26 7.34
N ILE B 27 9.90 5.25 6.12
CA ILE B 27 8.78 4.38 5.77
C ILE B 27 9.26 3.02 5.24
N SER B 28 8.47 1.98 5.45
CA SER B 28 8.80 0.64 4.99
C SER B 28 7.58 -0.07 4.41
N ASN B 29 6.39 0.37 4.82
CA ASN B 29 5.14 -0.21 4.35
C ASN B 29 4.11 0.86 4.03
N LEU B 30 3.38 0.67 2.93
CA LEU B 30 2.35 1.63 2.51
C LEU B 30 1.00 0.92 2.30
N GLN B 31 -0.07 1.59 2.69
CA GLN B 31 -1.41 1.04 2.54
C GLN B 31 -2.32 2.03 1.82
N VAL B 32 -2.92 1.61 0.72
CA VAL B 32 -3.80 2.47 -0.05
C VAL B 32 -5.26 2.09 0.17
N PHE B 33 -5.96 2.91 0.95
CA PHE B 33 -7.36 2.66 1.25
C PHE B 33 -8.28 3.57 0.42
N ALA B 34 -9.17 2.94 -0.34
CA ALA B 34 -10.10 3.68 -1.18
C ALA B 34 -11.38 4.06 -0.43
N ILE B 35 -12.50 4.07 -1.14
CA ILE B 35 -13.79 4.43 -0.53
C ILE B 35 -14.45 3.20 0.09
N GLY B 36 -14.76 3.29 1.37
CA GLY B 36 -15.40 2.19 2.07
C GLY B 36 -16.72 2.58 2.71
N PRO B 37 -17.27 1.73 3.60
CA PRO B 37 -18.55 1.99 4.29
C PRO B 37 -18.40 2.98 5.45
N GLN B 38 -17.17 3.33 5.78
CA GLN B 38 -16.89 4.26 6.89
C GLN B 38 -16.31 5.61 6.41
N CYS B 39 -15.75 5.62 5.20
CA CYS B 39 -15.13 6.83 4.66
C CYS B 39 -15.40 6.95 3.16
N SER B 40 -15.66 8.18 2.72
CA SER B 40 -15.93 8.43 1.30
C SER B 40 -14.79 9.24 0.67
N LYS B 41 -13.60 9.13 1.26
CA LYS B 41 -12.43 9.85 0.78
C LYS B 41 -11.22 8.93 0.75
N VAL B 42 -10.38 9.09 -0.28
CA VAL B 42 -9.18 8.28 -0.41
C VAL B 42 -8.08 8.78 0.54
N GLU B 43 -7.53 7.87 1.33
CA GLU B 43 -6.49 8.23 2.29
C GLU B 43 -5.34 7.23 2.22
N VAL B 44 -4.11 7.74 2.27
CA VAL B 44 -2.92 6.89 2.22
C VAL B 44 -2.21 6.80 3.56
N VAL B 45 -2.30 5.63 4.17
CA VAL B 45 -1.66 5.35 5.47
C VAL B 45 -0.32 4.60 5.27
N ALA B 46 0.59 4.83 6.20
CA ALA B 46 1.93 4.19 6.18
C ALA B 46 2.36 3.77 7.58
N SER B 47 3.21 2.76 7.63
CA SER B 47 3.81 2.26 8.88
C SER B 47 5.33 2.29 8.81
N LEU B 48 5.94 2.82 9.86
CA LEU B 48 7.39 2.92 9.95
C LEU B 48 8.00 1.61 10.42
N LYS B 49 9.34 1.55 10.42
CA LYS B 49 10.04 0.34 10.84
C LYS B 49 10.10 0.25 12.37
N ASN B 50 9.83 1.38 13.03
CA ASN B 50 9.85 1.44 14.50
C ASN B 50 8.53 0.92 15.08
N GLY B 51 7.53 0.73 14.22
CA GLY B 51 6.24 0.25 14.67
C GLY B 51 5.26 1.38 14.90
N LYS B 52 5.32 2.39 14.04
CA LYS B 52 4.42 3.55 14.14
C LYS B 52 3.54 3.65 12.90
N GLU B 53 2.37 4.27 13.06
CA GLU B 53 1.44 4.44 11.94
C GLU B 53 0.88 5.88 11.95
N ILE B 54 0.95 6.50 10.80
CA ILE B 54 0.42 7.87 10.63
C ILE B 54 -0.52 7.91 9.42
N CYS B 55 -1.06 9.10 9.18
CA CYS B 55 -1.95 9.36 8.05
C CYS B 55 -1.44 10.55 7.27
N LEU B 56 -1.49 10.41 5.96
CA LEU B 56 -1.01 11.45 5.06
C LEU B 56 -2.19 12.02 4.28
N ASP B 57 -2.10 13.26 3.83
CA ASP B 57 -3.17 13.86 3.05
C ASP B 57 -2.80 13.84 1.56
N PRO B 58 -3.52 13.03 0.73
CA PRO B 58 -3.27 12.93 -0.72
C PRO B 58 -3.43 14.28 -1.42
N GLU B 59 -4.08 15.20 -0.72
CA GLU B 59 -4.34 16.56 -1.20
C GLU B 59 -3.04 17.40 -1.37
N ALA B 60 -1.95 16.95 -0.78
CA ALA B 60 -0.67 17.67 -0.86
C ALA B 60 0.25 17.02 -1.91
N PRO B 61 0.89 17.85 -2.74
CA PRO B 61 1.79 17.40 -3.82
C PRO B 61 3.06 16.70 -3.30
N PHE B 62 3.65 17.26 -2.24
CA PHE B 62 4.84 16.67 -1.59
C PHE B 62 4.54 15.27 -1.04
N LEU B 63 3.28 15.03 -0.74
CA LEU B 63 2.84 13.74 -0.25
C LEU B 63 2.84 12.70 -1.37
N LYS B 64 2.57 13.16 -2.60
CA LYS B 64 2.56 12.29 -3.78
C LYS B 64 3.98 11.97 -4.24
N LYS B 65 4.94 12.74 -3.72
CA LYS B 65 6.36 12.55 -4.03
C LYS B 65 7.01 11.42 -3.24
N VAL B 66 6.89 11.51 -1.92
CA VAL B 66 7.43 10.49 -1.02
C VAL B 66 6.78 9.12 -1.27
N ILE B 67 5.54 9.11 -1.78
CA ILE B 67 4.86 7.85 -2.08
C ILE B 67 5.36 7.28 -3.40
N GLN B 68 5.84 8.16 -4.29
CA GLN B 68 6.42 7.70 -5.57
C GLN B 68 7.79 7.05 -5.33
N LYS B 69 8.60 7.69 -4.47
CA LYS B 69 9.94 7.20 -4.16
C LYS B 69 9.96 5.81 -3.54
N ILE B 70 8.94 5.44 -2.76
CA ILE B 70 8.89 4.12 -2.13
C ILE B 70 8.55 3.03 -3.14
N LEU B 71 8.10 3.44 -4.32
CA LEU B 71 7.74 2.50 -5.38
C LEU B 71 8.92 2.30 -6.34
N ASP B 72 9.73 3.34 -6.49
CA ASP B 72 10.90 3.29 -7.37
C ASP B 72 12.08 2.69 -6.63
N GLY B 73 12.25 3.07 -5.37
CA GLY B 73 13.33 2.54 -4.56
C GLY B 73 13.08 1.13 -4.11
N GLY B 74 11.80 0.79 -3.96
CA GLY B 74 11.43 -0.55 -3.55
C GLY B 74 11.16 -1.47 -4.72
N ASN B 75 12.02 -1.37 -5.74
CA ASN B 75 11.91 -2.18 -6.94
C ASN B 75 13.29 -2.40 -7.57
N LYS B 76 14.18 -1.43 -7.35
CA LYS B 76 15.53 -1.49 -7.90
C LYS B 76 16.44 -2.30 -6.99
N GLU B 77 16.11 -2.35 -5.69
CA GLU B 77 16.91 -3.08 -4.72
C GLU B 77 16.93 -4.57 -5.03
N ASN B 78 18.11 -5.18 -4.95
CA ASN B 78 18.26 -6.60 -5.22
C ASN B 78 18.14 -7.43 -3.94
#